data_6T7G
#
_entry.id   6T7G
#
_cell.length_a   69.710
_cell.length_b   104.743
_cell.length_c   170.568
_cell.angle_alpha   92.290
_cell.angle_beta   97.273
_cell.angle_gamma   106.301
#
_symmetry.space_group_name_H-M   'P 1'
#
loop_
_entity.id
_entity.type
_entity.pdbx_description
1 polymer 'Glyco_hydro_42M domain-containing protein'
2 non-polymer 1,2-ETHANEDIOL
3 non-polymer (5R,6R,7S,8R)-5-(HYDROXYMETHYL)-5,6,7,8-TETRAHYDROIMIDAZO[1,2-A]PYRIDINE-6,7,8-TRIOL
4 non-polymer 'CHLORIDE ION'
5 water water
#
_entity_poly.entity_id   1
_entity_poly.type   'polypeptide(L)'
_entity_poly.pdbx_seq_one_letter_code
;MGSSHHHHHHSSGLEVLFQGPAERISKQSTPFVGAQIFIEPGQTQEQIEQWFKLLAESNMTTCRIRMFGKYMKTPSGTYD
FTLFDRAFKLADKYHIKVYATLFPDTEFTDVGGFKFPHSREHQKEVEDYIKNVVSHFSQYKNLAAWVLINEPGTPNLPFN
EPFTKERFSDWKKEHNFSEYNEKGYPVLNFEKENFIIDYHNWYLNWLANQVRLYDKQHDLHVNPHNVFKLSGLYDFPTWR
TFLNSLGGSAHASWHFGYFPRKAYTVAMSANAELIRSGAGELPWLMTELQGGNNLYSGANPLCPTAEEIIQWLWINFATE
AKGGIFWSFNARSTAAEAGEWAMINFKNKSSDRLIAAATIGKFITENVKMMSNIKTLNSGISILYNHESMWVEAAQTRGK
LNGNGRSIGAVMCSPLSYFEALSETGLQANFKEIKEFDFSLNDYTDQVIILSHQIALDNKVIKQLESFVEKGGTLIADGL
TGYYDYQAHSTVVSGFALENLFGSYPIEYKIKENLFSLDFEKDNYKLPAHLWKGTIETSKATPIMDKEGECIACINQYGK
GKVFWIPSPIALGARESKDFSELSKLTVSLLPNKILNDNPHFDKHYKDVMMKSFKSNGTMYSLIINKSASVQTVDIVGGK
GKAFILFANKNAHSTANKLTISPEETVIIKWKNN
;
_entity_poly.pdbx_strand_id   AAA,DDD,CCC,BBB,FFF,EEE
#
# COMPACT_ATOMS: atom_id res chain seq x y z
N SER A 11 -61.11 -38.75 41.08
CA SER A 11 -59.75 -39.22 41.40
C SER A 11 -59.33 -38.77 42.81
N SER A 12 -59.75 -37.59 43.27
CA SER A 12 -59.33 -36.95 44.55
C SER A 12 -59.71 -37.81 45.77
N GLY A 13 -61.01 -38.10 45.97
CA GLY A 13 -61.53 -39.01 47.01
C GLY A 13 -61.04 -40.45 46.86
N LEU A 14 -60.83 -40.90 45.61
CA LEU A 14 -60.36 -42.27 45.25
C LEU A 14 -58.85 -42.45 45.56
N GLU A 15 -57.99 -41.50 45.16
CA GLU A 15 -56.51 -41.62 45.41
C GLU A 15 -56.23 -41.44 46.91
N VAL A 16 -57.09 -40.72 47.65
CA VAL A 16 -57.01 -40.57 49.13
C VAL A 16 -57.28 -41.92 49.82
N LEU A 17 -58.16 -42.76 49.24
CA LEU A 17 -58.49 -44.13 49.75
C LEU A 17 -57.39 -45.11 49.38
N PHE A 18 -56.74 -44.95 48.21
CA PHE A 18 -55.49 -45.64 47.85
C PHE A 18 -54.39 -45.24 48.83
N GLN A 19 -54.24 -43.94 49.05
CA GLN A 19 -53.08 -43.37 49.79
C GLN A 19 -52.96 -44.06 51.16
N GLY A 20 -54.10 -44.25 51.86
CA GLY A 20 -54.13 -44.97 53.15
C GLY A 20 -53.29 -44.25 54.20
N PRO A 21 -52.45 -44.97 54.99
CA PRO A 21 -51.60 -44.33 56.00
C PRO A 21 -50.25 -43.76 55.50
N ALA A 22 -49.85 -44.08 54.27
CA ALA A 22 -48.61 -43.58 53.62
C ALA A 22 -48.76 -42.09 53.35
N GLU A 23 -47.70 -41.31 53.60
CA GLU A 23 -47.57 -39.89 53.18
C GLU A 23 -47.61 -39.85 51.64
N ARG A 24 -48.37 -38.91 51.07
CA ARG A 24 -48.31 -38.52 49.65
C ARG A 24 -47.57 -37.20 49.63
N ILE A 25 -46.37 -37.14 49.07
CA ILE A 25 -45.62 -35.86 48.94
C ILE A 25 -46.46 -34.92 48.06
N SER A 26 -46.38 -33.62 48.32
CA SER A 26 -47.13 -32.60 47.55
C SER A 26 -46.29 -31.32 47.53
N LYS A 27 -46.74 -30.32 46.79
CA LYS A 27 -46.06 -29.01 46.69
C LYS A 27 -46.20 -28.26 48.02
N GLN A 28 -47.01 -28.75 48.98
CA GLN A 28 -47.17 -28.14 50.33
C GLN A 28 -46.43 -28.95 51.41
N SER A 29 -45.73 -30.03 51.06
CA SER A 29 -44.99 -30.85 52.07
C SER A 29 -43.90 -30.00 52.73
N THR A 30 -43.62 -30.28 54.00
CA THR A 30 -42.47 -29.72 54.73
C THR A 30 -41.22 -30.35 54.14
N PRO A 31 -40.24 -29.54 53.66
CA PRO A 31 -39.01 -30.12 53.13
C PRO A 31 -38.21 -30.79 54.27
N PHE A 32 -37.39 -31.77 53.89
CA PHE A 32 -36.53 -32.51 54.85
C PHE A 32 -35.07 -32.49 54.37
N VAL A 33 -34.19 -32.74 55.32
CA VAL A 33 -32.77 -33.07 55.06
C VAL A 33 -32.62 -34.54 55.46
N GLY A 34 -31.95 -35.32 54.61
CA GLY A 34 -31.79 -36.77 54.79
C GLY A 34 -30.43 -37.25 54.29
N ALA A 35 -30.18 -38.55 54.39
CA ALA A 35 -28.90 -39.15 53.98
C ALA A 35 -29.12 -40.63 53.66
N GLN A 36 -28.36 -41.14 52.71
CA GLN A 36 -28.26 -42.58 52.43
C GLN A 36 -27.76 -43.27 53.70
N ILE A 37 -28.40 -44.37 54.07
CA ILE A 37 -27.87 -45.31 55.10
C ILE A 37 -27.41 -46.54 54.32
N PHE A 38 -26.10 -46.76 54.28
CA PHE A 38 -25.50 -47.84 53.47
C PHE A 38 -25.51 -49.12 54.30
N ILE A 39 -26.30 -50.09 53.83
CA ILE A 39 -26.51 -51.39 54.51
C ILE A 39 -25.87 -52.48 53.68
N GLU A 40 -24.96 -53.24 54.29
CA GLU A 40 -24.30 -54.41 53.67
C GLU A 40 -24.01 -55.41 54.78
N PRO A 41 -23.80 -56.69 54.43
CA PRO A 41 -23.49 -57.70 55.44
C PRO A 41 -22.19 -57.39 56.17
N GLY A 42 -22.14 -57.77 57.45
CA GLY A 42 -20.95 -57.63 58.33
C GLY A 42 -21.11 -56.49 59.30
N GLN A 43 -21.98 -55.53 59.04
CA GLN A 43 -22.30 -54.43 59.99
C GLN A 43 -22.97 -55.06 61.22
N THR A 44 -22.77 -54.46 62.41
CA THR A 44 -23.39 -54.91 63.68
C THR A 44 -24.63 -54.06 63.98
N GLN A 45 -25.59 -54.63 64.72
CA GLN A 45 -26.78 -53.93 65.28
C GLN A 45 -26.34 -52.60 65.92
N GLU A 46 -25.25 -52.62 66.69
CA GLU A 46 -24.78 -51.47 67.50
C GLU A 46 -24.31 -50.33 66.57
N GLN A 47 -23.58 -50.67 65.50
CA GLN A 47 -23.11 -49.69 64.47
C GLN A 47 -24.34 -49.03 63.83
N ILE A 48 -25.33 -49.81 63.41
CA ILE A 48 -26.51 -49.31 62.65
C ILE A 48 -27.33 -48.40 63.56
N GLU A 49 -27.48 -48.76 64.84
CA GLU A 49 -28.25 -47.95 65.81
C GLU A 49 -27.53 -46.61 66.02
N GLN A 50 -26.20 -46.63 66.15
CA GLN A 50 -25.36 -45.39 66.27
C GLN A 50 -25.67 -44.44 65.09
N TRP A 51 -25.79 -44.96 63.86
CA TRP A 51 -26.07 -44.14 62.65
C TRP A 51 -27.45 -43.48 62.77
N PHE A 52 -28.51 -44.26 63.00
CA PHE A 52 -29.89 -43.72 63.10
C PHE A 52 -30.01 -42.74 64.25
N LYS A 53 -29.35 -43.00 65.39
CA LYS A 53 -29.40 -42.10 66.57
C LYS A 53 -28.80 -40.75 66.19
N LEU A 54 -27.60 -40.74 65.57
CA LEU A 54 -26.91 -39.48 65.18
C LEU A 54 -27.70 -38.80 64.04
N LEU A 55 -28.32 -39.58 63.15
CA LEU A 55 -29.11 -39.03 62.03
C LEU A 55 -30.29 -38.25 62.61
N ALA A 56 -31.07 -38.84 63.52
CA ALA A 56 -32.18 -38.17 64.24
C ALA A 56 -31.67 -36.94 65.00
N GLU A 57 -30.55 -37.03 65.72
CA GLU A 57 -29.97 -35.89 66.50
C GLU A 57 -29.45 -34.78 65.58
N SER A 58 -29.24 -35.06 64.29
CA SER A 58 -28.74 -34.07 63.31
C SER A 58 -29.91 -33.41 62.55
N ASN A 59 -31.14 -33.52 63.08
CA ASN A 59 -32.38 -32.89 62.55
C ASN A 59 -32.68 -33.42 61.14
N MET A 60 -32.23 -34.62 60.82
CA MET A 60 -32.59 -35.33 59.56
C MET A 60 -33.78 -36.22 59.89
N THR A 61 -34.75 -36.32 58.98
CA THR A 61 -36.02 -37.05 59.22
C THR A 61 -36.10 -38.23 58.27
N THR A 62 -35.17 -38.36 57.32
CA THR A 62 -35.34 -39.28 56.17
C THR A 62 -34.02 -39.96 55.86
N CYS A 63 -34.06 -41.20 55.44
CA CYS A 63 -32.88 -41.92 54.92
C CYS A 63 -33.26 -42.56 53.60
N ARG A 64 -32.27 -42.96 52.83
CA ARG A 64 -32.44 -43.75 51.59
C ARG A 64 -31.61 -45.02 51.75
N ILE A 65 -32.17 -46.15 51.33
CA ILE A 65 -31.52 -47.48 51.49
C ILE A 65 -31.60 -48.21 50.16
N ARG A 66 -30.45 -48.69 49.70
CA ARG A 66 -30.30 -49.51 48.47
C ARG A 66 -30.70 -50.94 48.85
N MET A 67 -31.79 -51.43 48.31
CA MET A 67 -32.38 -52.75 48.69
C MET A 67 -31.69 -53.84 47.87
N PHE A 68 -30.37 -54.01 48.05
CA PHE A 68 -29.53 -54.94 47.26
C PHE A 68 -30.16 -56.34 47.20
N GLY A 69 -30.53 -56.77 46.00
CA GLY A 69 -30.93 -58.17 45.73
C GLY A 69 -29.84 -59.15 46.18
N LYS A 70 -28.58 -58.79 45.94
CA LYS A 70 -27.42 -59.65 46.29
C LYS A 70 -27.48 -60.03 47.78
N TYR A 71 -27.93 -59.13 48.66
CA TYR A 71 -27.83 -59.33 50.13
C TYR A 71 -29.18 -59.82 50.69
N MET A 72 -30.08 -60.28 49.84
CA MET A 72 -31.32 -60.97 50.27
C MET A 72 -31.41 -62.36 49.67
N LYS A 73 -30.67 -62.67 48.60
CA LYS A 73 -30.81 -63.94 47.86
C LYS A 73 -30.16 -65.05 48.69
N THR A 74 -30.86 -66.17 48.90
CA THR A 74 -30.32 -67.38 49.59
C THR A 74 -29.87 -68.36 48.52
N PRO A 75 -29.00 -69.34 48.87
CA PRO A 75 -28.59 -70.37 47.92
C PRO A 75 -29.73 -71.02 47.11
N SER A 76 -30.87 -71.30 47.75
CA SER A 76 -32.02 -72.02 47.15
C SER A 76 -32.86 -71.09 46.25
N GLY A 77 -32.66 -69.76 46.35
CA GLY A 77 -33.33 -68.76 45.49
C GLY A 77 -34.47 -68.03 46.20
N THR A 78 -34.78 -68.38 47.44
CA THR A 78 -35.77 -67.68 48.31
C THR A 78 -35.17 -66.36 48.79
N TYR A 79 -35.99 -65.44 49.30
CA TYR A 79 -35.57 -64.08 49.74
C TYR A 79 -35.51 -64.07 51.27
N ASP A 80 -34.37 -63.66 51.83
CA ASP A 80 -34.18 -63.44 53.29
C ASP A 80 -34.00 -61.93 53.50
N PHE A 81 -34.91 -61.32 54.23
CA PHE A 81 -35.10 -59.86 54.35
C PHE A 81 -34.39 -59.33 55.61
N THR A 82 -33.74 -60.20 56.38
CA THR A 82 -33.27 -59.94 57.77
C THR A 82 -32.39 -58.71 57.84
N LEU A 83 -31.44 -58.59 56.92
CA LEU A 83 -30.46 -57.48 56.92
C LEU A 83 -31.22 -56.16 56.80
N PHE A 84 -32.21 -56.11 55.92
CA PHE A 84 -32.98 -54.86 55.67
C PHE A 84 -34.05 -54.65 56.76
N ASP A 85 -34.66 -55.72 57.28
CA ASP A 85 -35.60 -55.64 58.44
C ASP A 85 -34.93 -54.90 59.59
N ARG A 86 -33.70 -55.30 59.92
CA ARG A 86 -32.92 -54.74 61.04
C ARG A 86 -32.81 -53.22 60.85
N ALA A 87 -32.54 -52.77 59.63
CA ALA A 87 -32.33 -51.34 59.31
C ALA A 87 -33.68 -50.59 59.36
N PHE A 88 -34.72 -51.15 58.76
CA PHE A 88 -36.07 -50.50 58.74
C PHE A 88 -36.59 -50.35 60.17
N LYS A 89 -36.35 -51.36 61.02
CA LYS A 89 -36.82 -51.36 62.44
C LYS A 89 -36.08 -50.30 63.23
N LEU A 90 -34.77 -50.11 62.99
CA LEU A 90 -34.00 -49.06 63.69
C LEU A 90 -34.43 -47.68 63.17
N ALA A 91 -34.65 -47.53 61.86
CA ALA A 91 -35.19 -46.26 61.31
C ALA A 91 -36.49 -45.93 62.04
N ASP A 92 -37.40 -46.89 62.13
CA ASP A 92 -38.76 -46.72 62.73
C ASP A 92 -38.61 -46.30 64.19
N LYS A 93 -37.71 -46.96 64.94
CA LYS A 93 -37.44 -46.66 66.36
C LYS A 93 -37.06 -45.19 66.52
N TYR A 94 -36.29 -44.62 65.58
CA TYR A 94 -35.80 -43.22 65.65
C TYR A 94 -36.68 -42.28 64.81
N HIS A 95 -37.84 -42.74 64.36
CA HIS A 95 -38.88 -41.94 63.66
C HIS A 95 -38.33 -41.42 62.32
N ILE A 96 -37.47 -42.21 61.67
CA ILE A 96 -36.83 -41.88 60.36
C ILE A 96 -37.61 -42.61 59.26
N LYS A 97 -38.10 -41.86 58.27
CA LYS A 97 -38.79 -42.46 57.10
C LYS A 97 -37.75 -42.88 56.05
N VAL A 98 -38.10 -43.84 55.21
CA VAL A 98 -37.16 -44.53 54.28
C VAL A 98 -37.61 -44.32 52.83
N TYR A 99 -36.69 -43.85 51.98
CA TYR A 99 -36.75 -44.00 50.51
C TYR A 99 -36.05 -45.32 50.15
N ALA A 100 -36.78 -46.31 49.65
CA ALA A 100 -36.26 -47.66 49.33
C ALA A 100 -35.97 -47.77 47.84
N THR A 101 -34.70 -47.94 47.48
CA THR A 101 -34.32 -48.08 46.05
C THR A 101 -34.37 -49.54 45.63
N LEU A 102 -35.13 -49.82 44.58
CA LEU A 102 -35.13 -51.15 43.93
C LEU A 102 -33.81 -51.35 43.18
N PHE A 103 -33.03 -52.32 43.63
CA PHE A 103 -31.65 -52.59 43.16
C PHE A 103 -31.46 -54.09 43.07
N PRO A 104 -31.88 -54.73 41.95
CA PRO A 104 -31.78 -56.19 41.84
C PRO A 104 -30.32 -56.65 41.84
N ASP A 105 -30.15 -57.96 42.00
CA ASP A 105 -28.81 -58.61 42.07
C ASP A 105 -27.99 -58.14 40.86
N THR A 106 -26.72 -57.83 41.08
CA THR A 106 -25.75 -57.43 40.04
C THR A 106 -24.34 -57.68 40.60
N GLU A 107 -23.31 -57.64 39.76
CA GLU A 107 -21.91 -57.83 40.18
C GLU A 107 -21.59 -56.87 41.33
N PHE A 108 -20.80 -57.34 42.29
CA PHE A 108 -20.30 -56.54 43.43
C PHE A 108 -19.59 -55.28 42.90
N THR A 109 -18.91 -55.37 41.76
CA THR A 109 -18.10 -54.28 41.16
C THR A 109 -18.99 -53.28 40.40
N ASP A 110 -20.27 -53.59 40.17
CA ASP A 110 -21.22 -52.69 39.47
C ASP A 110 -21.79 -51.68 40.48
N VAL A 111 -21.14 -50.53 40.63
CA VAL A 111 -21.48 -49.54 41.70
C VAL A 111 -22.90 -48.97 41.46
N GLY A 112 -23.23 -48.56 40.23
CA GLY A 112 -24.43 -47.74 39.93
C GLY A 112 -25.68 -48.57 39.63
N GLY A 113 -25.48 -49.84 39.26
CA GLY A 113 -26.56 -50.77 38.90
C GLY A 113 -26.78 -50.79 37.40
N PHE A 114 -27.29 -51.90 36.85
CA PHE A 114 -27.65 -52.02 35.42
C PHE A 114 -28.85 -51.11 35.14
N LYS A 115 -28.97 -50.64 33.91
CA LYS A 115 -29.95 -49.62 33.48
C LYS A 115 -31.12 -50.24 32.72
N PHE A 116 -30.94 -51.45 32.20
CA PHE A 116 -31.96 -52.20 31.44
C PHE A 116 -31.74 -53.69 31.64
N PRO A 117 -32.77 -54.54 31.45
CA PRO A 117 -32.57 -55.99 31.51
C PRO A 117 -31.58 -56.45 30.43
N HIS A 118 -30.73 -57.43 30.76
CA HIS A 118 -29.71 -58.03 29.86
C HIS A 118 -30.41 -58.97 28.87
N SER A 119 -31.53 -59.58 29.29
CA SER A 119 -32.24 -60.68 28.57
C SER A 119 -33.68 -60.82 29.10
N ARG A 120 -34.52 -61.59 28.40
CA ARG A 120 -35.90 -61.89 28.83
C ARG A 120 -35.85 -62.62 30.18
N GLU A 121 -34.86 -63.50 30.37
CA GLU A 121 -34.71 -64.30 31.61
C GLU A 121 -34.39 -63.33 32.76
N HIS A 122 -33.50 -62.38 32.51
CA HIS A 122 -33.13 -61.36 33.52
C HIS A 122 -34.37 -60.54 33.86
N GLN A 123 -35.19 -60.17 32.86
CA GLN A 123 -36.42 -59.38 33.14
C GLN A 123 -37.30 -60.14 34.16
N LYS A 124 -37.39 -61.46 34.02
CA LYS A 124 -38.22 -62.31 34.93
C LYS A 124 -37.60 -62.34 36.33
N GLU A 125 -36.27 -62.34 36.45
CA GLU A 125 -35.61 -62.28 37.78
C GLU A 125 -35.93 -60.94 38.43
N VAL A 126 -35.98 -59.86 37.63
CA VAL A 126 -36.30 -58.51 38.17
C VAL A 126 -37.76 -58.50 38.64
N GLU A 127 -38.67 -59.12 37.89
CA GLU A 127 -40.11 -59.23 38.27
C GLU A 127 -40.22 -59.86 39.66
N ASP A 128 -39.47 -60.94 39.87
CA ASP A 128 -39.47 -61.76 41.11
C ASP A 128 -38.91 -60.92 42.25
N TYR A 129 -37.81 -60.20 42.00
CA TYR A 129 -37.20 -59.29 42.99
C TYR A 129 -38.26 -58.28 43.44
N ILE A 130 -38.93 -57.62 42.50
CA ILE A 130 -39.90 -56.54 42.85
C ILE A 130 -41.04 -57.15 43.69
N LYS A 131 -41.59 -58.28 43.23
CA LYS A 131 -42.70 -58.98 43.95
C LYS A 131 -42.32 -59.14 45.43
N ASN A 132 -41.14 -59.70 45.68
CA ASN A 132 -40.67 -60.11 47.02
C ASN A 132 -40.43 -58.87 47.87
N VAL A 133 -39.66 -57.92 47.33
CA VAL A 133 -39.20 -56.75 48.13
C VAL A 133 -40.38 -55.83 48.43
N VAL A 134 -41.17 -55.49 47.42
CA VAL A 134 -42.30 -54.53 47.60
C VAL A 134 -43.37 -55.16 48.52
N SER A 135 -43.69 -56.44 48.35
CA SER A 135 -44.73 -57.13 49.17
C SER A 135 -44.32 -57.07 50.64
N HIS A 136 -43.03 -57.26 50.93
CA HIS A 136 -42.51 -57.30 52.31
C HIS A 136 -42.41 -55.88 52.86
N PHE A 137 -41.66 -54.98 52.22
CA PHE A 137 -41.26 -53.70 52.87
C PHE A 137 -42.40 -52.70 52.82
N SER A 138 -43.38 -52.88 51.94
CA SER A 138 -44.60 -52.01 51.89
C SER A 138 -45.35 -52.03 53.22
N GLN A 139 -45.11 -53.04 54.07
CA GLN A 139 -45.83 -53.23 55.36
C GLN A 139 -45.21 -52.37 56.47
N TYR A 140 -44.04 -51.77 56.26
CA TYR A 140 -43.42 -50.88 57.29
C TYR A 140 -44.08 -49.51 57.21
N LYS A 141 -44.50 -48.98 58.36
CA LYS A 141 -45.24 -47.71 58.44
C LYS A 141 -44.28 -46.54 58.17
N ASN A 142 -42.96 -46.74 58.22
CA ASN A 142 -41.98 -45.63 58.00
C ASN A 142 -41.42 -45.64 56.56
N LEU A 143 -41.98 -46.45 55.64
CA LEU A 143 -41.63 -46.36 54.20
C LEU A 143 -42.25 -45.11 53.59
N ALA A 144 -41.45 -44.23 52.98
CA ALA A 144 -41.94 -42.95 52.41
C ALA A 144 -42.04 -43.04 50.88
N ALA A 145 -41.18 -43.83 50.24
CA ALA A 145 -41.15 -43.87 48.76
C ALA A 145 -40.37 -45.05 48.24
N TRP A 146 -40.77 -45.54 47.06
CA TRP A 146 -40.03 -46.50 46.22
C TRP A 146 -39.22 -45.71 45.18
N VAL A 147 -37.92 -45.92 45.11
CA VAL A 147 -37.10 -45.40 43.98
C VAL A 147 -37.01 -46.53 42.96
N LEU A 148 -37.64 -46.33 41.79
CA LEU A 148 -37.90 -47.39 40.78
C LEU A 148 -36.61 -48.02 40.28
N ILE A 149 -35.57 -47.18 40.12
CA ILE A 149 -34.23 -47.63 39.67
C ILE A 149 -33.24 -46.54 40.10
N ASN A 150 -32.04 -46.94 40.52
CA ASN A 150 -30.98 -45.95 40.80
C ASN A 150 -30.47 -45.38 39.46
N GLU A 151 -30.55 -44.07 39.27
CA GLU A 151 -29.83 -43.36 38.18
C GLU A 151 -30.10 -43.99 36.81
N PRO A 152 -31.33 -43.87 36.29
CA PRO A 152 -31.63 -44.37 34.95
C PRO A 152 -30.72 -43.61 33.97
N GLY A 153 -30.34 -44.28 32.89
CA GLY A 153 -29.51 -43.67 31.83
C GLY A 153 -28.04 -43.89 32.06
N THR A 154 -27.29 -43.97 30.97
CA THR A 154 -25.83 -44.18 30.99
C THR A 154 -25.26 -43.67 29.66
N PRO A 155 -24.01 -43.15 29.64
CA PRO A 155 -23.35 -42.84 28.37
C PRO A 155 -23.02 -44.10 27.55
N ASN A 156 -23.01 -45.29 28.16
CA ASN A 156 -22.61 -46.57 27.49
C ASN A 156 -23.83 -47.50 27.42
N LEU A 157 -24.77 -47.23 26.51
CA LEU A 157 -26.03 -47.99 26.44
C LEU A 157 -25.73 -49.38 25.86
N PRO A 158 -26.40 -50.44 26.36
CA PRO A 158 -26.02 -51.81 26.04
C PRO A 158 -26.62 -52.33 24.73
N PHE A 159 -26.28 -51.71 23.58
CA PHE A 159 -26.78 -52.16 22.25
C PHE A 159 -26.20 -53.52 21.87
N ASN A 160 -25.15 -54.00 22.55
CA ASN A 160 -24.53 -55.34 22.32
C ASN A 160 -25.43 -56.47 22.87
N GLU A 161 -26.27 -56.20 23.89
CA GLU A 161 -27.02 -57.23 24.64
C GLU A 161 -28.29 -57.63 23.89
N PRO A 162 -28.71 -58.91 23.98
CA PRO A 162 -29.86 -59.39 23.21
C PRO A 162 -31.19 -58.67 23.49
N PHE A 163 -31.48 -58.32 24.75
CA PHE A 163 -32.77 -57.67 25.13
C PHE A 163 -32.86 -56.32 24.41
N THR A 164 -31.82 -55.48 24.52
CA THR A 164 -31.80 -54.13 23.91
C THR A 164 -31.78 -54.24 22.38
N LYS A 165 -30.95 -55.11 21.81
CA LYS A 165 -30.87 -55.32 20.34
C LYS A 165 -32.26 -55.65 19.77
N GLU A 166 -32.98 -56.57 20.40
CA GLU A 166 -34.31 -57.03 19.96
C GLU A 166 -35.31 -55.87 20.08
N ARG A 167 -35.30 -55.16 21.20
CA ARG A 167 -36.20 -54.00 21.44
C ARG A 167 -35.99 -52.95 20.34
N PHE A 168 -34.73 -52.70 19.95
CA PHE A 168 -34.38 -51.69 18.93
C PHE A 168 -34.85 -52.16 17.55
N SER A 169 -34.65 -53.43 17.22
CA SER A 169 -35.15 -54.05 15.95
C SER A 169 -36.66 -53.87 15.84
N ASP A 170 -37.42 -54.25 16.88
CA ASP A 170 -38.90 -54.13 16.93
C ASP A 170 -39.31 -52.66 16.74
N TRP A 171 -38.65 -51.75 17.46
CA TRP A 171 -38.99 -50.31 17.41
C TRP A 171 -38.84 -49.80 15.96
N LYS A 172 -37.75 -50.16 15.29
CA LYS A 172 -37.45 -49.73 13.90
C LYS A 172 -38.53 -50.26 12.95
N LYS A 173 -38.96 -51.52 13.12
CA LYS A 173 -40.02 -52.13 12.28
C LYS A 173 -41.36 -51.43 12.48
N GLU A 174 -41.64 -50.88 13.68
CA GLU A 174 -42.93 -50.21 13.96
C GLU A 174 -42.88 -48.73 13.57
N HIS A 175 -41.71 -48.22 13.16
CA HIS A 175 -41.56 -46.81 12.67
C HIS A 175 -41.25 -46.85 11.17
N ASN A 176 -41.82 -45.93 10.40
CA ASN A 176 -41.64 -45.86 8.93
C ASN A 176 -40.92 -44.56 8.60
N PHE A 177 -39.60 -44.64 8.45
CA PHE A 177 -38.72 -43.50 8.09
C PHE A 177 -38.38 -43.57 6.60
N SER A 178 -38.31 -42.40 5.96
CA SER A 178 -37.81 -42.24 4.57
C SER A 178 -36.38 -41.66 4.60
N GLU A 179 -35.59 -41.97 3.58
CA GLU A 179 -34.19 -41.44 3.44
C GLU A 179 -34.23 -40.00 2.88
N TYR A 180 -35.41 -39.48 2.51
CA TYR A 180 -35.60 -38.13 1.89
C TYR A 180 -36.76 -37.41 2.58
N ASN A 181 -36.71 -36.08 2.66
CA ASN A 181 -37.78 -35.24 3.27
C ASN A 181 -38.79 -34.88 2.15
N GLU A 182 -39.82 -34.11 2.49
CA GLU A 182 -40.94 -33.81 1.56
C GLU A 182 -40.39 -33.12 0.31
N LYS A 183 -39.45 -32.18 0.45
CA LYS A 183 -38.87 -31.43 -0.70
C LYS A 183 -37.95 -32.34 -1.53
N GLY A 184 -37.45 -33.44 -0.96
CA GLY A 184 -36.67 -34.46 -1.69
C GLY A 184 -35.23 -34.55 -1.25
N TYR A 185 -34.79 -33.72 -0.30
CA TYR A 185 -33.40 -33.70 0.24
C TYR A 185 -33.15 -34.93 1.10
N PRO A 186 -31.90 -35.44 1.11
CA PRO A 186 -31.49 -36.47 2.06
C PRO A 186 -31.69 -36.02 3.50
N VAL A 187 -31.96 -36.96 4.38
CA VAL A 187 -32.19 -36.71 5.83
C VAL A 187 -31.46 -37.77 6.66
N LEU A 188 -31.15 -37.43 7.92
CA LEU A 188 -30.84 -38.38 9.00
C LEU A 188 -32.13 -38.53 9.83
N ASN A 189 -32.44 -39.72 10.36
CA ASN A 189 -33.69 -39.96 11.13
C ASN A 189 -33.45 -40.17 12.63
N PHE A 190 -32.20 -40.30 13.06
CA PHE A 190 -31.85 -40.42 14.51
C PHE A 190 -32.66 -41.53 15.16
N GLU A 191 -32.72 -42.68 14.50
CA GLU A 191 -33.50 -43.84 15.00
C GLU A 191 -32.98 -44.24 16.39
N LYS A 192 -31.67 -44.38 16.54
CA LYS A 192 -31.04 -44.79 17.82
C LYS A 192 -31.50 -43.87 18.95
N GLU A 193 -31.40 -42.55 18.75
CA GLU A 193 -31.67 -41.55 19.81
C GLU A 193 -33.17 -41.58 20.16
N ASN A 194 -34.04 -41.66 19.16
CA ASN A 194 -35.51 -41.68 19.36
C ASN A 194 -35.92 -43.00 20.05
N PHE A 195 -35.31 -44.12 19.68
CA PHE A 195 -35.53 -45.41 20.38
C PHE A 195 -35.15 -45.26 21.87
N ILE A 196 -34.00 -44.68 22.16
CA ILE A 196 -33.47 -44.60 23.55
C ILE A 196 -34.44 -43.83 24.44
N ILE A 197 -35.04 -42.76 23.93
CA ILE A 197 -36.10 -42.00 24.66
C ILE A 197 -37.23 -42.96 25.02
N ASP A 198 -37.75 -43.65 24.02
CA ASP A 198 -38.93 -44.54 24.16
C ASP A 198 -38.57 -45.72 25.07
N TYR A 199 -37.30 -46.16 25.02
CA TYR A 199 -36.80 -47.34 25.77
C TYR A 199 -36.73 -46.99 27.27
N HIS A 200 -36.21 -45.81 27.63
CA HIS A 200 -36.22 -45.33 29.02
C HIS A 200 -37.67 -45.19 29.50
N ASN A 201 -38.54 -44.56 28.70
CA ASN A 201 -39.98 -44.38 29.04
C ASN A 201 -40.57 -45.76 29.35
N TRP A 202 -40.33 -46.72 28.48
CA TRP A 202 -40.91 -48.09 28.58
C TRP A 202 -40.44 -48.75 29.88
N TYR A 203 -39.12 -48.81 30.15
CA TYR A 203 -38.57 -49.58 31.30
C TYR A 203 -39.01 -48.94 32.61
N LEU A 204 -38.93 -47.62 32.73
CA LEU A 204 -39.34 -46.93 33.98
C LEU A 204 -40.85 -47.16 34.21
N ASN A 205 -41.66 -47.08 33.16
CA ASN A 205 -43.14 -47.25 33.28
C ASN A 205 -43.43 -48.71 33.66
N TRP A 206 -42.68 -49.65 33.12
CA TRP A 206 -42.80 -51.09 33.45
C TRP A 206 -42.42 -51.32 34.93
N LEU A 207 -41.37 -50.67 35.42
CA LEU A 207 -40.96 -50.78 36.84
C LEU A 207 -42.08 -50.22 37.73
N ALA A 208 -42.65 -49.08 37.37
CA ALA A 208 -43.79 -48.46 38.10
C ALA A 208 -44.95 -49.45 38.17
N ASN A 209 -45.32 -50.04 37.02
CA ASN A 209 -46.45 -51.00 36.91
C ASN A 209 -46.15 -52.21 37.82
N GLN A 210 -44.91 -52.68 37.87
CA GLN A 210 -44.52 -53.84 38.72
C GLN A 210 -44.70 -53.48 40.20
N VAL A 211 -44.20 -52.34 40.65
CA VAL A 211 -44.39 -51.91 42.05
C VAL A 211 -45.90 -51.82 42.36
N ARG A 212 -46.69 -51.27 41.43
CA ARG A 212 -48.12 -50.95 41.65
C ARG A 212 -48.94 -52.25 41.73
N LEU A 213 -48.42 -53.38 41.21
CA LEU A 213 -49.07 -54.70 41.39
C LEU A 213 -49.14 -55.03 42.90
N TYR A 214 -48.22 -54.54 43.72
CA TYR A 214 -48.07 -54.97 45.12
C TYR A 214 -48.22 -53.81 46.11
N ASP A 215 -48.13 -52.57 45.67
CA ASP A 215 -48.21 -51.40 46.58
C ASP A 215 -48.75 -50.21 45.79
N LYS A 216 -50.00 -49.79 46.09
CA LYS A 216 -50.65 -48.63 45.45
C LYS A 216 -50.65 -47.45 46.43
N GLN A 217 -49.97 -47.57 47.56
CA GLN A 217 -50.06 -46.57 48.65
C GLN A 217 -48.87 -45.60 48.59
N HIS A 218 -47.66 -46.09 48.33
CA HIS A 218 -46.43 -45.29 48.53
C HIS A 218 -46.03 -44.56 47.25
N ASP A 219 -45.41 -43.39 47.41
CA ASP A 219 -44.90 -42.55 46.30
C ASP A 219 -43.90 -43.34 45.46
N LEU A 220 -43.93 -43.15 44.15
CA LEU A 220 -42.89 -43.61 43.19
C LEU A 220 -41.98 -42.44 42.82
N HIS A 221 -40.68 -42.70 42.82
CA HIS A 221 -39.61 -41.70 42.65
C HIS A 221 -38.53 -42.26 41.73
N VAL A 222 -37.78 -41.39 41.06
CA VAL A 222 -36.59 -41.81 40.27
C VAL A 222 -35.63 -40.63 40.23
N ASN A 223 -34.32 -40.90 40.12
CA ASN A 223 -33.22 -39.90 40.20
C ASN A 223 -32.42 -39.90 38.91
N PRO A 224 -32.84 -39.13 37.87
CA PRO A 224 -31.98 -38.88 36.70
C PRO A 224 -30.69 -38.19 37.17
N HIS A 225 -29.61 -38.36 36.42
CA HIS A 225 -28.26 -38.01 36.91
C HIS A 225 -27.44 -37.44 35.75
N ASN A 226 -26.37 -36.72 36.08
CA ASN A 226 -25.42 -36.23 35.03
C ASN A 226 -26.24 -35.51 33.96
N VAL A 227 -27.20 -34.69 34.38
CA VAL A 227 -28.25 -34.16 33.50
C VAL A 227 -27.67 -33.26 32.40
N PHE A 228 -26.54 -32.58 32.63
CA PHE A 228 -25.98 -31.71 31.55
C PHE A 228 -25.41 -32.56 30.40
N LYS A 229 -25.26 -33.87 30.57
CA LYS A 229 -24.80 -34.80 29.53
C LYS A 229 -25.89 -35.75 29.11
N LEU A 230 -26.77 -36.18 30.03
CA LEU A 230 -27.71 -37.31 29.73
C LEU A 230 -29.14 -36.80 29.50
N SER A 231 -29.37 -35.47 29.46
CA SER A 231 -30.74 -34.90 29.28
C SER A 231 -31.35 -35.41 27.95
N GLY A 232 -30.52 -35.74 26.95
CA GLY A 232 -30.99 -36.25 25.66
C GLY A 232 -31.53 -37.67 25.73
N LEU A 233 -31.46 -38.33 26.89
CA LEU A 233 -32.02 -39.69 27.17
C LEU A 233 -33.39 -39.55 27.85
N TYR A 234 -33.72 -38.36 28.36
CA TYR A 234 -34.80 -38.23 29.39
C TYR A 234 -36.00 -37.44 28.85
N ASP A 235 -37.16 -38.10 28.84
CA ASP A 235 -38.47 -37.49 28.46
C ASP A 235 -39.28 -37.25 29.74
N PHE A 236 -38.99 -36.17 30.48
CA PHE A 236 -39.59 -35.95 31.82
C PHE A 236 -41.12 -35.82 31.70
N PRO A 237 -41.69 -35.12 30.68
CA PRO A 237 -43.15 -35.01 30.60
C PRO A 237 -43.83 -36.39 30.54
N THR A 238 -43.29 -37.36 29.84
CA THR A 238 -43.82 -38.75 29.85
C THR A 238 -43.67 -39.38 31.24
N TRP A 239 -42.56 -39.14 31.94
CA TRP A 239 -42.29 -39.79 33.25
C TRP A 239 -43.34 -39.34 34.28
N ARG A 240 -43.85 -38.10 34.14
CA ARG A 240 -44.88 -37.52 35.03
C ARG A 240 -46.09 -38.44 35.11
N THR A 241 -46.38 -39.17 34.03
CA THR A 241 -47.51 -40.13 33.90
C THR A 241 -47.48 -41.20 35.00
N PHE A 242 -46.31 -41.61 35.48
CA PHE A 242 -46.20 -42.78 36.38
C PHE A 242 -45.46 -42.44 37.68
N LEU A 243 -44.94 -41.23 37.86
CA LEU A 243 -44.21 -40.85 39.11
C LEU A 243 -45.14 -40.06 40.02
N ASN A 244 -44.82 -40.02 41.32
CA ASN A 244 -45.41 -39.07 42.30
C ASN A 244 -44.45 -37.92 42.53
N SER A 245 -43.14 -38.15 42.36
CA SER A 245 -42.13 -37.08 42.52
C SER A 245 -40.96 -37.38 41.55
N LEU A 246 -40.29 -36.31 41.13
CA LEU A 246 -39.04 -36.42 40.35
C LEU A 246 -37.88 -36.13 41.29
N GLY A 247 -36.82 -36.90 41.18
CA GLY A 247 -35.59 -36.66 41.94
C GLY A 247 -34.44 -36.32 41.03
N GLY A 248 -33.25 -36.54 41.50
CA GLY A 248 -32.01 -36.17 40.79
C GLY A 248 -30.82 -36.51 41.65
N SER A 249 -29.75 -36.93 40.99
CA SER A 249 -28.39 -36.97 41.57
C SER A 249 -27.66 -35.76 41.01
N ALA A 250 -27.16 -34.92 41.89
CA ALA A 250 -26.35 -33.74 41.56
C ALA A 250 -25.09 -33.81 42.40
N HIS A 251 -24.10 -34.59 41.95
CA HIS A 251 -22.82 -34.81 42.68
C HIS A 251 -21.74 -33.91 42.10
N ALA A 252 -21.15 -33.08 42.96
CA ALA A 252 -20.12 -32.12 42.59
C ALA A 252 -18.96 -32.86 41.92
N SER A 253 -18.65 -34.10 42.30
CA SER A 253 -17.45 -34.83 41.78
C SER A 253 -17.74 -35.56 40.46
N TRP A 254 -18.99 -35.73 40.03
CA TRP A 254 -19.33 -36.49 38.79
C TRP A 254 -19.99 -35.58 37.73
N HIS A 255 -20.82 -34.61 38.12
CA HIS A 255 -21.85 -34.03 37.22
C HIS A 255 -21.56 -32.58 36.82
N PHE A 256 -20.58 -31.94 37.46
CA PHE A 256 -20.38 -30.48 37.33
C PHE A 256 -19.07 -30.18 36.57
N GLY A 257 -18.63 -31.10 35.72
CA GLY A 257 -17.39 -30.94 34.93
C GLY A 257 -17.39 -29.72 34.04
N TYR A 258 -18.53 -29.15 33.68
CA TYR A 258 -18.60 -27.95 32.79
C TYR A 258 -18.29 -26.69 33.60
N PHE A 259 -18.13 -26.78 34.90
CA PHE A 259 -17.95 -25.61 35.81
C PHE A 259 -16.70 -25.76 36.65
N PRO A 260 -16.05 -24.63 37.02
CA PRO A 260 -15.11 -24.63 38.13
C PRO A 260 -15.87 -24.76 39.45
N ARG A 261 -15.17 -25.20 40.50
CA ARG A 261 -15.72 -25.39 41.85
C ARG A 261 -16.40 -24.12 42.37
N LYS A 262 -15.85 -22.94 42.10
CA LYS A 262 -16.41 -21.67 42.63
C LYS A 262 -17.78 -21.37 41.99
N ALA A 263 -18.15 -22.06 40.90
CA ALA A 263 -19.46 -21.90 40.25
C ALA A 263 -20.35 -23.14 40.43
N TYR A 264 -20.06 -24.02 41.37
CA TYR A 264 -20.94 -25.17 41.70
C TYR A 264 -22.26 -24.66 42.28
N THR A 265 -22.32 -23.41 42.76
CA THR A 265 -23.59 -22.72 43.10
C THR A 265 -24.47 -22.62 41.87
N VAL A 266 -23.90 -22.16 40.76
CA VAL A 266 -24.59 -21.99 39.47
C VAL A 266 -24.96 -23.38 38.94
N ALA A 267 -24.05 -24.35 39.01
CA ALA A 267 -24.28 -25.72 38.53
C ALA A 267 -25.48 -26.30 39.28
N MET A 268 -25.49 -26.19 40.60
CA MET A 268 -26.58 -26.77 41.43
C MET A 268 -27.90 -26.05 41.14
N SER A 269 -27.86 -24.74 40.96
CA SER A 269 -29.08 -23.94 40.62
C SER A 269 -29.64 -24.41 39.26
N ALA A 270 -28.77 -24.58 38.26
CA ALA A 270 -29.18 -25.03 36.91
C ALA A 270 -29.73 -26.45 37.01
N ASN A 271 -29.07 -27.33 37.76
CA ASN A 271 -29.49 -28.74 37.88
C ASN A 271 -30.89 -28.76 38.57
N ALA A 272 -31.08 -27.93 39.58
CA ALA A 272 -32.37 -27.81 40.32
C ALA A 272 -33.45 -27.27 39.34
N GLU A 273 -33.14 -26.25 38.56
CA GLU A 273 -34.08 -25.66 37.59
C GLU A 273 -34.45 -26.72 36.55
N LEU A 274 -33.47 -27.50 36.09
CA LEU A 274 -33.70 -28.54 35.06
C LEU A 274 -34.68 -29.59 35.61
N ILE A 275 -34.47 -30.04 36.83
CA ILE A 275 -35.35 -31.07 37.48
C ILE A 275 -36.72 -30.43 37.76
N ARG A 276 -36.75 -29.21 38.30
CA ARG A 276 -38.01 -28.49 38.57
C ARG A 276 -38.87 -28.45 37.28
N SER A 277 -38.26 -28.11 36.15
CA SER A 277 -38.94 -28.06 34.84
C SER A 277 -39.44 -29.45 34.45
N GLY A 278 -38.60 -30.47 34.59
CA GLY A 278 -39.01 -31.85 34.27
C GLY A 278 -40.20 -32.29 35.11
N ALA A 279 -40.23 -31.87 36.37
CA ALA A 279 -41.26 -32.30 37.35
C ALA A 279 -42.63 -31.73 36.93
N GLY A 280 -42.67 -30.53 36.35
CA GLY A 280 -43.94 -29.86 36.00
C GLY A 280 -44.81 -29.72 37.25
N GLU A 281 -45.98 -30.35 37.26
CA GLU A 281 -46.97 -30.25 38.38
C GLU A 281 -46.56 -31.17 39.55
N LEU A 282 -45.66 -32.14 39.34
CA LEU A 282 -45.17 -33.02 40.43
C LEU A 282 -44.20 -32.25 41.32
N PRO A 283 -44.17 -32.57 42.64
CA PRO A 283 -43.07 -32.09 43.49
C PRO A 283 -41.76 -32.79 43.08
N TRP A 284 -40.65 -32.15 43.42
CA TRP A 284 -39.30 -32.73 43.17
C TRP A 284 -38.46 -32.62 44.44
N LEU A 285 -37.42 -33.44 44.53
CA LEU A 285 -36.39 -33.29 45.59
C LEU A 285 -35.07 -33.82 45.04
N MET A 286 -33.96 -33.45 45.66
CA MET A 286 -32.62 -33.94 45.24
C MET A 286 -32.31 -35.20 46.04
N THR A 287 -32.47 -36.35 45.38
CA THR A 287 -32.29 -37.71 45.90
C THR A 287 -30.82 -37.96 46.31
N GLU A 288 -29.85 -37.34 45.63
CA GLU A 288 -28.40 -37.51 45.92
C GLU A 288 -27.66 -36.17 45.79
N LEU A 289 -27.04 -35.76 46.89
CA LEU A 289 -26.03 -34.68 46.99
C LEU A 289 -24.76 -35.29 47.57
N GLN A 290 -23.59 -34.76 47.23
CA GLN A 290 -22.31 -35.34 47.73
C GLN A 290 -22.15 -34.98 49.21
N GLY A 291 -22.03 -35.99 50.07
CA GLY A 291 -21.96 -35.83 51.54
C GLY A 291 -20.55 -35.88 52.10
N GLY A 292 -19.55 -36.19 51.29
CA GLY A 292 -18.20 -36.47 51.83
C GLY A 292 -17.12 -36.62 50.77
N ASN A 293 -16.04 -37.25 51.19
CA ASN A 293 -14.71 -37.22 50.55
C ASN A 293 -14.61 -38.22 49.40
N ASN A 294 -13.94 -37.80 48.34
CA ASN A 294 -13.41 -38.67 47.26
C ASN A 294 -11.96 -39.03 47.61
N LEU A 295 -11.69 -40.32 47.76
CA LEU A 295 -10.31 -40.83 47.89
C LEU A 295 -9.88 -41.23 46.47
N TYR A 296 -10.34 -42.36 45.97
CA TYR A 296 -10.05 -42.84 44.59
C TYR A 296 -11.21 -42.59 43.61
N SER A 297 -12.44 -42.32 44.08
CA SER A 297 -13.64 -42.17 43.23
C SER A 297 -13.78 -40.74 42.72
N GLY A 298 -14.71 -40.55 41.79
CA GLY A 298 -15.09 -39.21 41.28
C GLY A 298 -14.24 -38.82 40.08
N ALA A 299 -14.77 -37.98 39.20
CA ALA A 299 -14.06 -37.38 38.05
C ALA A 299 -13.36 -36.10 38.50
N ASN A 300 -14.02 -35.29 39.31
CA ASN A 300 -13.52 -33.97 39.79
C ASN A 300 -13.53 -34.05 41.31
N PRO A 301 -12.58 -34.79 41.94
CA PRO A 301 -12.73 -35.15 43.34
C PRO A 301 -12.63 -33.94 44.29
N LEU A 302 -13.40 -34.01 45.37
CA LEU A 302 -13.37 -32.99 46.45
C LEU A 302 -13.92 -33.63 47.73
N CYS A 303 -13.78 -32.90 48.81
CA CYS A 303 -14.54 -33.09 50.06
C CYS A 303 -15.31 -31.80 50.26
N PRO A 304 -16.65 -31.80 50.10
CA PRO A 304 -17.47 -30.60 50.28
C PRO A 304 -17.12 -29.87 51.59
N THR A 305 -17.03 -28.56 51.54
CA THR A 305 -16.89 -27.73 52.76
C THR A 305 -18.24 -27.68 53.46
N ALA A 306 -18.23 -27.39 54.76
CA ALA A 306 -19.47 -27.07 55.52
C ALA A 306 -20.25 -25.98 54.76
N GLU A 307 -19.55 -24.98 54.20
CA GLU A 307 -20.20 -23.82 53.50
C GLU A 307 -20.92 -24.32 52.25
N GLU A 308 -20.34 -25.27 51.53
CA GLU A 308 -20.92 -25.85 50.27
C GLU A 308 -22.20 -26.62 50.61
N ILE A 309 -22.18 -27.38 51.71
CA ILE A 309 -23.39 -28.15 52.17
C ILE A 309 -24.57 -27.19 52.35
N ILE A 310 -24.33 -26.05 53.00
CA ILE A 310 -25.39 -25.05 53.29
C ILE A 310 -25.86 -24.40 51.98
N GLN A 311 -24.92 -24.06 51.10
CA GLN A 311 -25.20 -23.44 49.78
C GLN A 311 -26.10 -24.38 48.98
N TRP A 312 -25.78 -25.66 48.92
CA TRP A 312 -26.52 -26.63 48.08
C TRP A 312 -27.94 -26.83 48.62
N LEU A 313 -28.10 -26.98 49.94
CA LEU A 313 -29.44 -27.18 50.54
C LEU A 313 -30.32 -25.96 50.26
N TRP A 314 -29.81 -24.75 50.46
CA TRP A 314 -30.63 -23.52 50.26
C TRP A 314 -30.94 -23.34 48.78
N ILE A 315 -29.99 -23.58 47.87
CA ILE A 315 -30.26 -23.42 46.41
C ILE A 315 -31.41 -24.34 46.03
N ASN A 316 -31.38 -25.59 46.47
CA ASN A 316 -32.41 -26.59 46.12
C ASN A 316 -33.78 -26.18 46.71
N PHE A 317 -33.83 -25.81 47.99
CA PHE A 317 -35.12 -25.44 48.65
C PHE A 317 -35.68 -24.19 47.97
N ALA A 318 -34.82 -23.24 47.59
CA ALA A 318 -35.24 -21.97 46.93
C ALA A 318 -35.78 -22.28 45.54
N THR A 319 -35.49 -23.46 44.99
CA THR A 319 -35.91 -23.92 43.65
C THR A 319 -37.01 -24.98 43.82
N GLU A 320 -37.69 -24.98 44.97
CA GLU A 320 -38.93 -25.75 45.27
C GLU A 320 -38.63 -27.21 45.65
N ALA A 321 -37.38 -27.59 45.90
CA ALA A 321 -37.06 -28.97 46.32
C ALA A 321 -37.82 -29.28 47.62
N LYS A 322 -38.38 -30.47 47.73
CA LYS A 322 -39.08 -30.94 48.96
C LYS A 322 -38.13 -31.78 49.81
N GLY A 323 -36.86 -31.89 49.40
CA GLY A 323 -35.87 -32.62 50.19
C GLY A 323 -34.50 -32.51 49.58
N GLY A 324 -33.48 -32.75 50.42
CA GLY A 324 -32.09 -32.97 50.01
C GLY A 324 -31.56 -34.18 50.75
N ILE A 325 -31.21 -35.24 50.02
CA ILE A 325 -30.64 -36.48 50.60
C ILE A 325 -29.16 -36.56 50.18
N PHE A 326 -28.28 -36.71 51.16
CA PHE A 326 -26.82 -36.83 50.93
C PHE A 326 -26.42 -38.28 50.74
N TRP A 327 -25.66 -38.54 49.67
CA TRP A 327 -24.85 -39.76 49.50
C TRP A 327 -23.49 -39.44 50.10
N SER A 328 -23.15 -39.96 51.30
CA SER A 328 -23.90 -40.92 52.09
C SER A 328 -23.72 -40.58 53.58
N PHE A 329 -24.59 -41.08 54.47
CA PHE A 329 -24.41 -40.88 55.92
C PHE A 329 -23.13 -41.62 56.36
N ASN A 330 -23.09 -42.92 56.09
CA ASN A 330 -21.95 -43.84 56.43
C ASN A 330 -21.35 -44.37 55.12
N ALA A 331 -20.15 -44.96 55.17
CA ALA A 331 -19.41 -45.39 53.95
C ALA A 331 -19.59 -46.88 53.70
N ARG A 332 -19.47 -47.30 52.45
CA ARG A 332 -19.13 -48.68 52.05
C ARG A 332 -17.80 -49.08 52.73
N SER A 333 -17.56 -50.37 52.94
CA SER A 333 -16.35 -50.85 53.66
C SER A 333 -15.34 -51.53 52.72
N THR A 334 -15.74 -51.98 51.52
CA THR A 334 -14.87 -52.86 50.69
C THR A 334 -14.77 -52.32 49.26
N ALA A 335 -13.55 -52.26 48.73
CA ALA A 335 -13.24 -51.95 47.31
C ALA A 335 -13.83 -50.57 46.94
N ALA A 336 -14.55 -50.46 45.82
CA ALA A 336 -14.99 -49.16 45.28
C ALA A 336 -15.70 -48.34 46.36
N GLU A 337 -15.17 -47.14 46.64
CA GLU A 337 -15.74 -46.11 47.52
C GLU A 337 -15.69 -46.53 48.98
N ALA A 338 -14.80 -47.46 49.35
CA ALA A 338 -14.63 -47.88 50.76
C ALA A 338 -14.13 -46.68 51.57
N GLY A 339 -14.87 -46.27 52.60
CA GLY A 339 -14.54 -45.12 53.46
C GLY A 339 -14.65 -43.78 52.75
N GLU A 340 -15.33 -43.73 51.61
CA GLU A 340 -15.55 -42.48 50.83
C GLU A 340 -17.02 -42.03 50.95
N TRP A 341 -17.26 -40.73 50.71
CA TRP A 341 -18.60 -40.08 50.52
C TRP A 341 -19.33 -39.81 51.86
N ALA A 342 -18.81 -40.22 53.01
CA ALA A 342 -19.59 -40.26 54.27
C ALA A 342 -19.64 -38.89 54.95
N MET A 343 -20.79 -38.57 55.56
CA MET A 343 -21.01 -37.35 56.36
C MET A 343 -20.46 -37.56 57.78
N ILE A 344 -20.44 -38.82 58.25
CA ILE A 344 -19.83 -39.15 59.58
C ILE A 344 -18.35 -39.46 59.35
N ASN A 345 -17.55 -39.30 60.38
CA ASN A 345 -16.09 -39.59 60.38
C ASN A 345 -15.91 -41.07 60.76
N PHE A 346 -14.65 -41.54 60.82
CA PHE A 346 -14.39 -42.99 61.04
C PHE A 346 -14.70 -43.41 62.49
N LYS A 347 -14.94 -42.48 63.40
CA LYS A 347 -15.46 -42.75 64.78
C LYS A 347 -17.00 -42.68 64.80
N ASN A 348 -17.67 -42.57 63.65
CA ASN A 348 -19.15 -42.51 63.55
C ASN A 348 -19.69 -41.26 64.25
N LYS A 349 -18.91 -40.19 64.33
CA LYS A 349 -19.34 -38.88 64.87
C LYS A 349 -19.45 -37.86 63.72
N SER A 350 -20.03 -36.70 64.00
CA SER A 350 -20.37 -35.66 63.01
C SER A 350 -19.10 -35.04 62.42
N SER A 351 -19.00 -35.00 61.09
CA SER A 351 -18.07 -34.09 60.39
C SER A 351 -18.65 -32.67 60.42
N ASP A 352 -17.87 -31.68 59.99
CA ASP A 352 -18.36 -30.28 59.85
C ASP A 352 -19.49 -30.22 58.80
N ARG A 353 -19.57 -31.19 57.89
CA ARG A 353 -20.63 -31.29 56.87
C ARG A 353 -21.96 -31.69 57.52
N LEU A 354 -21.93 -32.68 58.42
CA LEU A 354 -23.16 -33.09 59.15
C LEU A 354 -23.61 -31.99 60.11
N ILE A 355 -22.68 -31.32 60.80
CA ILE A 355 -23.02 -30.19 61.71
C ILE A 355 -23.72 -29.09 60.87
N ALA A 356 -23.20 -28.77 59.68
CA ALA A 356 -23.78 -27.75 58.77
C ALA A 356 -25.19 -28.18 58.32
N ALA A 357 -25.35 -29.42 57.84
CA ALA A 357 -26.65 -29.91 57.36
C ALA A 357 -27.67 -29.83 58.51
N ALA A 358 -27.25 -30.14 59.74
CA ALA A 358 -28.12 -30.13 60.94
C ALA A 358 -28.67 -28.72 61.18
N THR A 359 -27.92 -27.66 60.88
CA THR A 359 -28.42 -26.26 61.06
C THR A 359 -29.59 -26.03 60.12
N ILE A 360 -29.60 -26.66 58.94
CA ILE A 360 -30.68 -26.44 57.94
C ILE A 360 -31.93 -27.23 58.39
N GLY A 361 -31.76 -28.48 58.84
CA GLY A 361 -32.86 -29.25 59.43
C GLY A 361 -33.51 -28.53 60.61
N LYS A 362 -32.69 -27.91 61.48
CA LYS A 362 -33.15 -27.11 62.64
C LYS A 362 -33.93 -25.88 62.14
N PHE A 363 -33.39 -25.16 61.15
CA PHE A 363 -34.07 -23.98 60.57
C PHE A 363 -35.47 -24.36 60.08
N ILE A 364 -35.60 -25.51 59.41
CA ILE A 364 -36.89 -25.97 58.86
C ILE A 364 -37.88 -26.13 60.02
N THR A 365 -37.49 -26.84 61.09
CA THR A 365 -38.39 -27.14 62.23
C THR A 365 -38.88 -25.83 62.88
N GLU A 366 -38.06 -24.78 62.90
CA GLU A 366 -38.38 -23.47 63.52
C GLU A 366 -39.13 -22.56 62.54
N ASN A 367 -39.27 -22.94 61.27
CA ASN A 367 -39.84 -22.06 60.22
C ASN A 367 -40.72 -22.88 59.29
N VAL A 368 -41.55 -23.77 59.83
CA VAL A 368 -42.28 -24.82 59.06
C VAL A 368 -43.18 -24.18 58.01
N LYS A 369 -43.97 -23.18 58.36
CA LYS A 369 -45.00 -22.61 57.44
C LYS A 369 -44.28 -21.98 56.22
N MET A 370 -43.27 -21.14 56.47
CA MET A 370 -42.44 -20.55 55.37
C MET A 370 -41.85 -21.68 54.50
N MET A 371 -41.17 -22.65 55.11
CA MET A 371 -40.35 -23.63 54.35
C MET A 371 -41.24 -24.62 53.60
N SER A 372 -42.50 -24.82 54.00
CA SER A 372 -43.42 -25.80 53.36
C SER A 372 -44.08 -25.22 52.10
N ASN A 373 -44.02 -23.92 51.87
CA ASN A 373 -44.88 -23.26 50.84
C ASN A 373 -44.04 -22.47 49.83
N ILE A 374 -42.76 -22.81 49.67
CA ILE A 374 -41.85 -22.09 48.76
C ILE A 374 -42.32 -22.25 47.31
N LYS A 375 -42.42 -21.10 46.62
CA LYS A 375 -42.64 -21.03 45.16
C LYS A 375 -41.54 -20.16 44.61
N THR A 376 -40.76 -20.68 43.66
CA THR A 376 -39.69 -19.88 43.03
C THR A 376 -40.32 -18.64 42.42
N LEU A 377 -39.70 -17.48 42.57
CA LEU A 377 -40.17 -16.25 41.88
C LEU A 377 -39.67 -16.30 40.42
N ASN A 378 -40.51 -16.74 39.51
CA ASN A 378 -40.20 -16.82 38.06
C ASN A 378 -40.04 -15.40 37.55
N SER A 379 -38.86 -15.07 37.04
CA SER A 379 -38.57 -13.76 36.41
C SER A 379 -39.42 -13.60 35.15
N GLY A 380 -39.85 -14.70 34.52
CA GLY A 380 -40.35 -14.69 33.13
C GLY A 380 -39.27 -15.01 32.07
N ILE A 381 -38.03 -15.24 32.49
CA ILE A 381 -36.91 -15.69 31.59
C ILE A 381 -36.87 -17.21 31.60
N SER A 382 -36.97 -17.83 30.43
CA SER A 382 -36.80 -19.29 30.22
C SER A 382 -35.62 -19.53 29.25
N ILE A 383 -34.57 -20.22 29.72
CA ILE A 383 -33.48 -20.72 28.85
C ILE A 383 -33.86 -22.13 28.40
N LEU A 384 -34.02 -22.35 27.10
CA LEU A 384 -34.58 -23.60 26.54
C LEU A 384 -33.49 -24.41 25.83
N TYR A 385 -33.51 -25.73 26.04
CA TYR A 385 -32.59 -26.70 25.39
C TYR A 385 -33.50 -27.72 24.73
N ASN A 386 -33.04 -28.41 23.71
CA ASN A 386 -33.86 -29.52 23.16
C ASN A 386 -32.98 -30.74 22.92
N HIS A 387 -33.60 -31.91 23.00
CA HIS A 387 -32.91 -33.20 22.75
C HIS A 387 -32.22 -33.15 21.39
N GLU A 388 -32.90 -32.61 20.38
CA GLU A 388 -32.50 -32.74 18.96
C GLU A 388 -31.22 -31.96 18.70
N SER A 389 -31.02 -30.83 19.37
CA SER A 389 -29.75 -30.06 19.23
C SER A 389 -28.61 -30.95 19.73
N MET A 390 -28.80 -31.65 20.85
CA MET A 390 -27.75 -32.53 21.40
C MET A 390 -27.49 -33.69 20.42
N TRP A 391 -28.53 -34.26 19.83
CA TRP A 391 -28.37 -35.41 18.89
C TRP A 391 -27.66 -34.97 17.62
N VAL A 392 -28.06 -33.84 17.05
CA VAL A 392 -27.45 -33.34 15.79
C VAL A 392 -25.99 -32.99 16.06
N GLU A 393 -25.70 -32.33 17.20
CA GLU A 393 -24.31 -32.00 17.60
C GLU A 393 -23.48 -33.28 17.66
N ALA A 394 -24.00 -34.37 18.24
CA ALA A 394 -23.25 -35.63 18.38
C ALA A 394 -22.93 -36.20 16.99
N ALA A 395 -23.81 -36.03 16.01
CA ALA A 395 -23.58 -36.51 14.63
C ALA A 395 -22.53 -35.63 13.95
N GLN A 396 -22.56 -34.32 14.14
CA GLN A 396 -21.69 -33.36 13.42
C GLN A 396 -20.28 -33.35 14.02
N THR A 397 -20.11 -33.55 15.33
CA THR A 397 -18.79 -33.43 15.98
C THR A 397 -18.12 -34.82 16.05
N ARG A 398 -18.80 -35.86 15.55
CA ARG A 398 -18.31 -37.27 15.54
C ARG A 398 -17.65 -37.59 16.89
N GLY A 399 -18.25 -37.15 18.00
CA GLY A 399 -17.89 -37.53 19.39
C GLY A 399 -16.60 -36.89 19.89
N LYS A 400 -16.12 -35.78 19.29
CA LYS A 400 -14.91 -35.05 19.77
C LYS A 400 -15.13 -34.42 21.17
N LEU A 401 -14.14 -34.53 22.06
CA LEU A 401 -14.29 -34.28 23.52
C LEU A 401 -13.31 -33.19 24.00
N ASN A 402 -13.46 -32.00 23.46
CA ASN A 402 -12.89 -30.73 24.03
C ASN A 402 -13.88 -30.16 25.08
N ASN A 404 -15.93 -26.54 23.98
CA ASN A 404 -15.56 -26.06 22.61
C ASN A 404 -16.69 -26.32 21.61
N GLY A 405 -16.97 -25.40 20.69
CA GLY A 405 -18.12 -25.49 19.78
C GLY A 405 -18.04 -26.73 18.92
N ARG A 406 -16.82 -27.22 18.60
CA ARG A 406 -16.66 -28.39 17.68
C ARG A 406 -16.58 -29.69 18.49
N SER A 407 -17.14 -29.72 19.70
CA SER A 407 -17.09 -30.89 20.60
C SER A 407 -18.48 -31.15 21.20
N ILE A 408 -18.68 -32.35 21.72
CA ILE A 408 -19.91 -32.71 22.48
C ILE A 408 -19.99 -31.76 23.67
N GLY A 409 -21.17 -31.15 23.92
CA GLY A 409 -21.40 -30.37 25.15
C GLY A 409 -21.60 -28.89 24.88
N ALA A 410 -21.25 -28.36 23.70
CA ALA A 410 -21.41 -26.92 23.40
C ALA A 410 -22.91 -26.53 23.49
N VAL A 411 -23.80 -27.41 23.08
CA VAL A 411 -25.28 -27.12 23.07
C VAL A 411 -25.81 -27.04 24.52
N MET A 412 -25.08 -27.56 25.52
CA MET A 412 -25.52 -27.39 26.93
C MET A 412 -24.69 -26.30 27.60
N CYS A 413 -23.39 -26.19 27.28
CA CYS A 413 -22.52 -25.14 27.90
C CYS A 413 -23.02 -23.74 27.50
N SER A 414 -23.52 -23.56 26.28
CA SER A 414 -24.02 -22.26 25.79
C SER A 414 -25.18 -21.78 26.67
N PRO A 415 -26.32 -22.52 26.79
CA PRO A 415 -27.40 -22.10 27.69
C PRO A 415 -26.99 -21.99 29.17
N LEU A 416 -26.04 -22.82 29.64
CA LEU A 416 -25.55 -22.73 31.04
C LEU A 416 -24.78 -21.43 31.25
N SER A 417 -24.12 -20.91 30.21
CA SER A 417 -23.38 -19.64 30.25
C SER A 417 -24.35 -18.48 30.42
N TYR A 418 -25.44 -18.45 29.67
CA TYR A 418 -26.52 -17.45 29.84
C TYR A 418 -27.07 -17.52 31.26
N PHE A 419 -27.29 -18.74 31.73
CA PHE A 419 -27.79 -19.02 33.10
C PHE A 419 -26.86 -18.39 34.15
N GLU A 420 -25.55 -18.57 33.97
CA GLU A 420 -24.53 -18.04 34.89
C GLU A 420 -24.53 -16.52 34.84
N ALA A 421 -24.67 -15.94 33.64
CA ALA A 421 -24.68 -14.47 33.44
C ALA A 421 -25.85 -13.89 34.23
N LEU A 422 -27.01 -14.51 34.14
CA LEU A 422 -28.25 -14.07 34.85
C LEU A 422 -28.10 -14.27 36.36
N SER A 423 -27.50 -15.39 36.82
CA SER A 423 -27.24 -15.65 38.26
C SER A 423 -26.39 -14.50 38.85
N GLU A 424 -25.37 -14.06 38.12
CA GLU A 424 -24.43 -13.00 38.56
C GLU A 424 -25.09 -11.61 38.43
N THR A 425 -26.29 -11.55 37.87
CA THR A 425 -27.15 -10.33 37.83
C THR A 425 -28.23 -10.42 38.93
N GLY A 426 -28.29 -11.55 39.62
CA GLY A 426 -29.25 -11.83 40.70
C GLY A 426 -30.65 -12.11 40.17
N LEU A 427 -30.77 -12.54 38.92
CA LEU A 427 -32.05 -12.83 38.26
C LEU A 427 -32.25 -14.35 38.17
N GLN A 428 -33.42 -14.82 38.58
CA GLN A 428 -33.88 -16.19 38.34
C GLN A 428 -34.05 -16.41 36.83
N ALA A 429 -33.81 -17.63 36.36
CA ALA A 429 -34.16 -18.07 35.01
C ALA A 429 -34.55 -19.55 35.07
N ASN A 430 -35.58 -19.90 34.34
CA ASN A 430 -35.97 -21.32 34.13
C ASN A 430 -34.94 -21.95 33.18
N PHE A 431 -34.76 -23.25 33.29
CA PHE A 431 -33.87 -24.05 32.43
C PHE A 431 -34.69 -25.28 32.05
N LYS A 432 -35.18 -25.33 30.82
CA LYS A 432 -36.29 -26.22 30.43
C LYS A 432 -36.02 -26.87 29.09
N GLU A 433 -36.41 -28.12 28.92
CA GLU A 433 -36.52 -28.74 27.59
C GLU A 433 -37.66 -28.03 26.87
N ILE A 434 -37.52 -27.81 25.57
CA ILE A 434 -38.50 -27.01 24.77
C ILE A 434 -39.91 -27.61 24.91
N LYS A 435 -40.06 -28.92 25.03
CA LYS A 435 -41.39 -29.56 25.19
C LYS A 435 -42.00 -29.28 26.57
N GLU A 436 -41.22 -28.77 27.52
CA GLU A 436 -41.71 -28.44 28.89
C GLU A 436 -42.22 -27.01 28.94
N PHE A 437 -41.96 -26.21 27.90
CA PHE A 437 -42.40 -24.79 27.85
C PHE A 437 -43.86 -24.77 27.38
N ASP A 438 -44.70 -24.00 28.06
CA ASP A 438 -46.15 -23.88 27.71
C ASP A 438 -46.31 -22.84 26.58
N PHE A 439 -46.51 -23.30 25.34
CA PHE A 439 -46.69 -22.43 24.14
C PHE A 439 -48.18 -22.16 23.85
N SER A 440 -49.09 -22.45 24.78
CA SER A 440 -50.56 -22.46 24.53
C SER A 440 -51.24 -21.18 25.08
N LEU A 441 -50.50 -20.25 25.69
CA LEU A 441 -51.07 -19.02 26.30
C LEU A 441 -51.41 -18.01 25.20
N ASN A 442 -52.21 -17.01 25.56
CA ASN A 442 -52.72 -15.96 24.63
C ASN A 442 -51.83 -14.72 24.72
N ASP A 443 -51.05 -14.61 25.80
CA ASP A 443 -50.27 -13.39 26.12
C ASP A 443 -48.90 -13.81 26.66
N TYR A 444 -47.82 -13.27 26.08
CA TYR A 444 -46.42 -13.56 26.49
C TYR A 444 -45.69 -12.24 26.73
N THR A 445 -46.43 -11.15 26.90
CA THR A 445 -45.88 -9.84 27.34
C THR A 445 -44.99 -10.11 28.55
N ASP A 446 -43.81 -9.51 28.58
CA ASP A 446 -42.88 -9.62 29.74
C ASP A 446 -42.39 -11.08 29.96
N GLN A 447 -42.60 -12.01 29.03
CA GLN A 447 -41.88 -13.31 29.00
C GLN A 447 -40.68 -13.24 28.05
N VAL A 448 -39.61 -13.97 28.36
CA VAL A 448 -38.37 -14.02 27.52
C VAL A 448 -37.94 -15.47 27.35
N ILE A 449 -37.69 -15.87 26.11
CA ILE A 449 -37.04 -17.17 25.77
C ILE A 449 -35.64 -16.87 25.25
N ILE A 450 -34.66 -17.60 25.77
CA ILE A 450 -33.25 -17.55 25.30
C ILE A 450 -32.98 -18.90 24.64
N LEU A 451 -32.66 -18.89 23.34
CA LEU A 451 -32.24 -20.07 22.56
C LEU A 451 -30.77 -19.86 22.20
N SER A 452 -29.88 -20.48 22.98
CA SER A 452 -28.42 -20.26 22.88
C SER A 452 -27.80 -21.51 22.28
N HIS A 453 -27.38 -21.41 21.02
CA HIS A 453 -26.71 -22.48 20.27
C HIS A 453 -27.59 -23.74 20.27
N GLN A 454 -28.91 -23.59 20.12
CA GLN A 454 -29.82 -24.74 19.95
C GLN A 454 -29.90 -25.02 18.45
N ILE A 455 -28.93 -25.77 17.96
CA ILE A 455 -28.56 -25.86 16.51
C ILE A 455 -29.66 -26.56 15.71
N ALA A 456 -30.57 -27.29 16.35
CA ALA A 456 -31.64 -28.05 15.67
C ALA A 456 -33.04 -27.55 16.11
N LEU A 457 -33.79 -26.98 15.16
CA LEU A 457 -35.19 -26.55 15.37
C LEU A 457 -36.03 -27.03 14.19
N ASP A 458 -37.23 -27.59 14.44
CA ASP A 458 -38.11 -28.06 13.33
C ASP A 458 -39.21 -27.02 13.06
N ASN A 459 -39.96 -27.21 11.99
CA ASN A 459 -41.07 -26.32 11.53
C ASN A 459 -42.10 -26.14 12.65
N LYS A 460 -42.46 -27.21 13.35
CA LYS A 460 -43.48 -27.16 14.45
C LYS A 460 -42.98 -26.18 15.54
N VAL A 461 -41.73 -26.31 15.99
CA VAL A 461 -41.22 -25.46 17.11
C VAL A 461 -41.08 -24.03 16.60
N ILE A 462 -40.68 -23.81 15.34
CA ILE A 462 -40.56 -22.44 14.77
C ILE A 462 -41.97 -21.77 14.78
N LYS A 463 -43.03 -22.50 14.47
CA LYS A 463 -44.42 -21.96 14.53
C LYS A 463 -44.77 -21.58 15.98
N GLN A 464 -44.35 -22.38 16.97
CA GLN A 464 -44.60 -22.08 18.39
C GLN A 464 -43.86 -20.81 18.77
N LEU A 465 -42.60 -20.64 18.34
CA LEU A 465 -41.80 -19.43 18.62
C LEU A 465 -42.43 -18.20 17.95
N GLU A 466 -42.91 -18.32 16.70
CA GLU A 466 -43.61 -17.23 15.96
C GLU A 466 -44.82 -16.76 16.78
N SER A 467 -45.62 -17.72 17.25
CA SER A 467 -46.83 -17.44 18.08
C SER A 467 -46.41 -16.74 19.37
N PHE A 468 -45.36 -17.25 20.03
CA PHE A 468 -44.83 -16.69 21.30
C PHE A 468 -44.45 -15.21 21.09
N VAL A 469 -43.68 -14.92 20.04
CA VAL A 469 -43.18 -13.53 19.81
C VAL A 469 -44.36 -12.62 19.41
N GLU A 470 -45.20 -13.10 18.51
CA GLU A 470 -46.36 -12.35 17.97
C GLU A 470 -47.25 -11.87 19.14
N LYS A 471 -47.39 -12.71 20.16
CA LYS A 471 -48.22 -12.44 21.37
C LYS A 471 -47.42 -11.73 22.47
N GLY A 472 -46.25 -11.15 22.16
CA GLY A 472 -45.57 -10.21 23.06
C GLY A 472 -44.28 -10.72 23.65
N GLY A 473 -43.93 -11.98 23.36
CA GLY A 473 -42.67 -12.60 23.81
C GLY A 473 -41.44 -11.93 23.23
N THR A 474 -40.35 -11.95 23.99
CA THR A 474 -39.00 -11.55 23.56
C THR A 474 -38.17 -12.82 23.35
N LEU A 475 -37.59 -12.98 22.16
CA LEU A 475 -36.76 -14.15 21.81
C LEU A 475 -35.34 -13.66 21.59
N ILE A 476 -34.38 -14.22 22.34
CA ILE A 476 -32.92 -13.95 22.18
C ILE A 476 -32.30 -15.24 21.65
N ALA A 477 -31.64 -15.16 20.50
CA ALA A 477 -31.03 -16.32 19.82
C ALA A 477 -29.59 -15.98 19.50
N ASP A 478 -28.63 -16.79 19.96
CA ASP A 478 -27.20 -16.61 19.63
C ASP A 478 -26.62 -17.96 19.16
N GLY A 479 -25.39 -17.92 18.66
CA GLY A 479 -24.70 -19.10 18.12
C GLY A 479 -25.42 -19.66 16.90
N LEU A 480 -25.32 -20.97 16.67
CA LEU A 480 -25.88 -21.62 15.44
C LEU A 480 -27.33 -22.03 15.66
N THR A 481 -28.07 -21.35 16.54
CA THR A 481 -29.51 -21.65 16.76
C THR A 481 -30.25 -21.75 15.40
N GLY A 482 -30.92 -22.87 15.16
CA GLY A 482 -31.75 -23.10 13.96
C GLY A 482 -30.98 -23.34 12.67
N TYR A 483 -29.68 -23.67 12.74
CA TYR A 483 -28.87 -23.94 11.54
C TYR A 483 -29.38 -25.22 10.86
N TYR A 484 -29.79 -26.19 11.67
CA TYR A 484 -30.32 -27.49 11.21
C TYR A 484 -31.77 -27.66 11.69
N ASP A 485 -32.46 -28.60 11.03
CA ASP A 485 -33.78 -29.12 11.47
C ASP A 485 -33.52 -30.43 12.22
N TYR A 486 -34.58 -31.12 12.60
CA TYR A 486 -34.50 -32.36 13.42
C TYR A 486 -33.98 -33.54 12.60
N GLN A 487 -33.84 -33.41 11.28
CA GLN A 487 -33.23 -34.46 10.40
C GLN A 487 -31.80 -34.07 9.96
N ALA A 488 -31.17 -33.10 10.63
CA ALA A 488 -29.81 -32.58 10.34
C ALA A 488 -29.75 -31.98 8.95
N HIS A 489 -30.90 -31.57 8.41
CA HIS A 489 -30.99 -30.85 7.13
C HIS A 489 -30.89 -29.36 7.45
N SER A 490 -29.97 -28.65 6.83
CA SER A 490 -29.78 -27.20 7.08
C SER A 490 -30.70 -26.41 6.17
N THR A 491 -31.73 -25.78 6.74
CA THR A 491 -32.61 -24.87 5.95
C THR A 491 -31.80 -23.59 5.65
N VAL A 492 -30.70 -23.33 6.36
CA VAL A 492 -29.79 -22.20 5.99
C VAL A 492 -29.35 -22.36 4.54
N VAL A 493 -29.18 -23.61 4.10
CA VAL A 493 -28.75 -23.94 2.71
C VAL A 493 -29.96 -24.02 1.79
N SER A 494 -31.04 -24.70 2.17
CA SER A 494 -32.17 -24.99 1.26
C SER A 494 -33.21 -23.85 1.23
N GLY A 495 -33.24 -22.93 2.22
CA GLY A 495 -34.34 -21.95 2.39
C GLY A 495 -34.73 -21.75 3.84
N PHE A 496 -34.20 -20.70 4.49
CA PHE A 496 -34.08 -20.58 5.97
C PHE A 496 -35.46 -20.52 6.62
N ALA A 497 -35.77 -21.47 7.49
CA ALA A 497 -37.09 -21.65 8.12
C ALA A 497 -37.36 -20.53 9.14
N LEU A 498 -36.33 -19.88 9.68
CA LEU A 498 -36.50 -18.76 10.66
C LEU A 498 -36.47 -17.38 9.97
N GLU A 499 -36.44 -17.30 8.64
CA GLU A 499 -36.36 -15.99 7.94
C GLU A 499 -37.52 -15.08 8.38
N ASN A 500 -38.74 -15.60 8.39
N ASN A 500 -38.74 -15.60 8.39
CA ASN A 500 -39.97 -14.84 8.75
CA ASN A 500 -39.97 -14.84 8.76
C ASN A 500 -39.81 -14.25 10.16
C ASN A 500 -39.80 -14.26 10.17
N LEU A 501 -39.47 -15.09 11.15
CA LEU A 501 -39.36 -14.64 12.58
C LEU A 501 -38.19 -13.68 12.77
N PHE A 502 -37.03 -13.96 12.16
CA PHE A 502 -35.80 -13.16 12.40
C PHE A 502 -35.79 -11.91 11.52
N GLY A 503 -36.62 -11.88 10.46
CA GLY A 503 -36.67 -10.78 9.49
C GLY A 503 -35.32 -10.58 8.84
N SER A 504 -34.57 -11.67 8.64
CA SER A 504 -33.17 -11.65 8.18
C SER A 504 -32.76 -13.06 7.76
N TYR A 505 -31.59 -13.17 7.15
CA TYR A 505 -31.08 -14.39 6.48
C TYR A 505 -29.59 -14.47 6.77
N PRO A 506 -29.06 -15.67 7.11
CA PRO A 506 -27.62 -15.84 7.28
C PRO A 506 -26.93 -15.63 5.91
N ILE A 507 -25.73 -15.06 5.94
CA ILE A 507 -24.85 -14.87 4.75
C ILE A 507 -23.68 -15.86 4.84
N GLU A 508 -22.89 -15.79 5.90
CA GLU A 508 -21.68 -16.66 6.08
C GLU A 508 -21.50 -16.96 7.57
N TYR A 509 -20.88 -18.10 7.86
CA TYR A 509 -20.05 -18.33 9.06
C TYR A 509 -18.59 -18.39 8.59
N LYS A 510 -17.71 -17.75 9.34
CA LYS A 510 -16.25 -17.85 9.15
C LYS A 510 -15.66 -18.29 10.47
N ILE A 511 -14.97 -19.43 10.48
CA ILE A 511 -14.23 -19.87 11.70
C ILE A 511 -13.12 -18.88 12.01
N LYS A 512 -12.94 -18.60 13.29
CA LYS A 512 -11.90 -17.74 13.90
C LYS A 512 -11.21 -18.54 15.01
N GLU A 513 -10.61 -17.87 15.98
CA GLU A 513 -9.95 -18.54 17.13
C GLU A 513 -11.03 -18.89 18.17
N ASN A 514 -10.64 -19.64 19.19
CA ASN A 514 -11.51 -20.05 20.33
C ASN A 514 -12.10 -18.80 20.99
N LEU A 515 -11.33 -17.70 21.04
CA LEU A 515 -11.83 -16.42 21.60
C LEU A 515 -11.49 -15.31 20.61
N PHE A 516 -12.50 -14.61 20.13
CA PHE A 516 -12.32 -13.40 19.30
C PHE A 516 -13.29 -12.36 19.84
N SER A 517 -13.14 -11.14 19.33
CA SER A 517 -13.93 -9.97 19.71
C SER A 517 -14.86 -9.61 18.53
N LEU A 518 -16.14 -9.42 18.81
CA LEU A 518 -17.10 -8.75 17.90
C LEU A 518 -17.04 -7.24 18.20
N ASP A 519 -16.49 -6.45 17.25
CA ASP A 519 -16.27 -4.99 17.44
C ASP A 519 -17.37 -4.25 16.69
N PHE A 520 -18.36 -3.73 17.39
CA PHE A 520 -19.56 -3.10 16.80
C PHE A 520 -19.13 -1.74 16.23
N GLU A 521 -19.80 -1.31 15.16
CA GLU A 521 -19.61 -0.02 14.43
C GLU A 521 -19.71 1.16 15.41
N LYS A 522 -20.65 1.09 16.36
CA LYS A 522 -21.05 2.20 17.26
C LYS A 522 -20.51 2.00 18.68
N ASP A 523 -20.28 3.09 19.41
CA ASP A 523 -20.08 3.11 20.88
C ASP A 523 -18.75 2.44 21.25
N ASN A 524 -17.91 2.04 20.28
CA ASN A 524 -16.67 1.22 20.50
C ASN A 524 -17.01 -0.10 21.25
N TYR A 525 -18.25 -0.59 21.16
CA TYR A 525 -18.79 -1.73 21.93
C TYR A 525 -18.16 -3.04 21.46
N LYS A 526 -17.82 -3.91 22.40
CA LYS A 526 -17.08 -5.19 22.17
C LYS A 526 -17.74 -6.38 22.87
N LEU A 527 -17.97 -7.52 22.17
CA LEU A 527 -18.49 -8.79 22.78
C LEU A 527 -17.50 -9.92 22.55
N PRO A 528 -17.06 -10.63 23.61
CA PRO A 528 -16.34 -11.88 23.43
C PRO A 528 -17.24 -12.86 22.65
N ALA A 529 -16.66 -13.54 21.68
CA ALA A 529 -17.32 -14.60 20.89
C ALA A 529 -16.40 -15.80 20.73
N HIS A 530 -16.99 -16.96 20.50
CA HIS A 530 -16.27 -18.25 20.41
C HIS A 530 -16.36 -18.85 19.00
N LEU A 531 -15.22 -19.04 18.37
CA LEU A 531 -15.00 -19.97 17.23
C LEU A 531 -15.55 -19.48 15.88
N TRP A 532 -16.81 -19.09 15.78
CA TRP A 532 -17.44 -18.77 14.47
C TRP A 532 -18.03 -17.36 14.49
N LYS A 533 -17.75 -16.56 13.47
CA LYS A 533 -18.40 -15.25 13.26
C LYS A 533 -19.49 -15.40 12.19
N GLY A 534 -20.74 -15.17 12.59
CA GLY A 534 -21.91 -15.14 11.70
C GLY A 534 -22.13 -13.76 11.14
N THR A 535 -22.42 -13.67 9.84
CA THR A 535 -22.90 -12.42 9.20
C THR A 535 -24.26 -12.70 8.58
N ILE A 536 -25.09 -11.67 8.51
CA ILE A 536 -26.49 -11.78 8.06
C ILE A 536 -26.81 -10.64 7.10
N GLU A 537 -27.94 -10.77 6.44
CA GLU A 537 -28.59 -9.71 5.64
C GLU A 537 -30.02 -9.51 6.19
N THR A 538 -30.37 -8.29 6.55
CA THR A 538 -31.71 -7.95 7.10
C THR A 538 -32.66 -7.66 5.94
N SER A 539 -33.92 -8.06 6.06
CA SER A 539 -35.06 -7.61 5.24
C SER A 539 -35.92 -6.70 6.14
N LYS A 540 -36.75 -7.28 6.99
CA LYS A 540 -37.66 -6.54 7.91
C LYS A 540 -36.94 -6.12 9.20
N ALA A 541 -35.86 -6.78 9.62
CA ALA A 541 -35.17 -6.49 10.89
C ALA A 541 -34.31 -5.24 10.73
N THR A 542 -33.96 -4.61 11.85
CA THR A 542 -32.99 -3.50 11.94
C THR A 542 -31.59 -4.08 12.07
N PRO A 543 -30.66 -3.80 11.14
CA PRO A 543 -29.31 -4.34 11.23
C PRO A 543 -28.44 -3.66 12.30
N ILE A 544 -27.52 -4.44 12.89
CA ILE A 544 -26.43 -3.94 13.77
C ILE A 544 -25.10 -4.29 13.09
N MET A 545 -24.26 -3.32 12.79
CA MET A 545 -23.04 -3.53 11.93
C MET A 545 -21.80 -3.62 12.81
N ASP A 546 -20.73 -4.25 12.33
CA ASP A 546 -19.39 -4.24 12.99
C ASP A 546 -18.49 -3.24 12.26
N LYS A 547 -17.28 -3.04 12.75
CA LYS A 547 -16.30 -2.04 12.23
C LYS A 547 -15.90 -2.41 10.79
N GLU A 548 -16.01 -3.68 10.40
CA GLU A 548 -15.63 -4.14 9.04
C GLU A 548 -16.78 -3.91 8.06
N GLY A 549 -17.91 -3.34 8.53
CA GLY A 549 -19.07 -3.03 7.69
C GLY A 549 -19.91 -4.26 7.38
N GLU A 550 -19.79 -5.32 8.19
CA GLU A 550 -20.62 -6.55 8.04
C GLU A 550 -21.76 -6.47 9.05
N CYS A 551 -22.92 -7.01 8.72
CA CYS A 551 -24.07 -7.09 9.65
C CYS A 551 -23.92 -8.34 10.55
N ILE A 552 -23.74 -8.14 11.85
CA ILE A 552 -23.44 -9.26 12.81
C ILE A 552 -24.60 -9.52 13.75
N ALA A 553 -25.67 -8.71 13.72
CA ALA A 553 -26.85 -8.94 14.59
C ALA A 553 -28.04 -8.11 14.10
N CYS A 554 -29.23 -8.38 14.61
CA CYS A 554 -30.43 -7.58 14.26
C CYS A 554 -31.49 -7.72 15.34
N ILE A 555 -32.44 -6.77 15.31
CA ILE A 555 -33.67 -6.75 16.12
C ILE A 555 -34.84 -6.72 15.15
N ASN A 556 -35.70 -7.72 15.25
CA ASN A 556 -36.94 -7.81 14.46
C ASN A 556 -38.11 -7.53 15.41
N GLN A 557 -38.95 -6.55 15.04
CA GLN A 557 -40.22 -6.26 15.76
C GLN A 557 -41.26 -7.09 15.03
N TYR A 558 -41.87 -8.04 15.72
CA TYR A 558 -42.75 -9.08 15.11
C TYR A 558 -44.01 -9.13 15.96
N GLY A 559 -45.11 -8.61 15.43
CA GLY A 559 -46.36 -8.45 16.22
C GLY A 559 -46.08 -7.63 17.46
N LYS A 560 -46.49 -8.09 18.64
CA LYS A 560 -46.30 -7.33 19.91
C LYS A 560 -44.91 -7.62 20.51
N GLY A 561 -44.17 -8.61 20.00
CA GLY A 561 -42.88 -9.02 20.59
C GLY A 561 -41.67 -8.59 19.79
N LYS A 562 -40.49 -9.05 20.19
CA LYS A 562 -39.23 -8.77 19.46
C LYS A 562 -38.30 -9.97 19.48
N VAL A 563 -37.41 -9.99 18.50
CA VAL A 563 -36.33 -10.99 18.37
C VAL A 563 -35.02 -10.24 18.34
N PHE A 564 -34.06 -10.66 19.17
CA PHE A 564 -32.64 -10.29 19.04
C PHE A 564 -31.91 -11.53 18.53
N TRP A 565 -31.24 -11.42 17.38
CA TRP A 565 -30.47 -12.52 16.76
C TRP A 565 -29.03 -12.06 16.58
N ILE A 566 -28.09 -12.82 17.12
CA ILE A 566 -26.64 -12.64 16.92
C ILE A 566 -26.04 -14.02 16.68
N PRO A 567 -25.83 -14.40 15.40
CA PRO A 567 -25.43 -15.77 15.06
C PRO A 567 -23.97 -16.16 15.35
N SER A 568 -23.23 -15.32 16.08
CA SER A 568 -21.93 -15.70 16.69
C SER A 568 -22.21 -16.26 18.09
N PRO A 569 -21.42 -17.25 18.59
CA PRO A 569 -21.61 -17.75 19.94
C PRO A 569 -21.08 -16.82 21.04
N ILE A 570 -21.93 -15.94 21.55
CA ILE A 570 -21.48 -14.91 22.55
C ILE A 570 -21.59 -15.47 23.97
N ALA A 571 -22.49 -16.42 24.24
CA ALA A 571 -22.55 -17.10 25.55
C ALA A 571 -21.28 -17.97 25.72
N LEU A 572 -20.89 -18.69 24.69
CA LEU A 572 -19.64 -19.49 24.71
C LEU A 572 -18.42 -18.55 24.73
N GLY A 573 -18.54 -17.37 24.15
CA GLY A 573 -17.51 -16.31 24.18
C GLY A 573 -17.27 -15.82 25.61
N ALA A 574 -18.37 -15.57 26.34
CA ALA A 574 -18.35 -15.25 27.78
C ALA A 574 -17.69 -16.41 28.56
N ARG A 575 -18.08 -17.65 28.29
CA ARG A 575 -17.50 -18.84 28.97
C ARG A 575 -15.99 -18.92 28.72
N GLU A 576 -15.54 -18.78 27.47
CA GLU A 576 -14.11 -18.89 27.10
C GLU A 576 -13.31 -17.76 27.75
N SER A 577 -13.86 -16.55 27.81
CA SER A 577 -13.17 -15.37 28.38
C SER A 577 -13.26 -15.40 29.92
N LYS A 578 -14.09 -16.27 30.50
CA LYS A 578 -14.35 -16.39 31.95
C LYS A 578 -14.89 -15.07 32.49
N ASP A 579 -15.67 -14.36 31.67
CA ASP A 579 -16.21 -13.02 32.02
C ASP A 579 -17.63 -12.91 31.47
N PHE A 580 -18.62 -12.94 32.36
CA PHE A 580 -20.06 -12.90 32.00
C PHE A 580 -20.62 -11.47 32.12
N SER A 581 -19.80 -10.47 32.42
CA SER A 581 -20.29 -9.09 32.68
C SER A 581 -20.97 -8.52 31.43
N GLU A 582 -20.35 -8.61 30.24
CA GLU A 582 -20.93 -8.01 29.01
C GLU A 582 -22.20 -8.78 28.63
N LEU A 583 -22.20 -10.08 28.75
CA LEU A 583 -23.41 -10.89 28.42
C LEU A 583 -24.55 -10.47 29.36
N SER A 584 -24.26 -10.25 30.64
CA SER A 584 -25.21 -9.72 31.67
C SER A 584 -25.80 -8.39 31.20
N LYS A 585 -24.94 -7.41 30.89
CA LYS A 585 -25.35 -6.04 30.51
C LYS A 585 -26.22 -6.10 29.24
N LEU A 586 -25.79 -6.84 28.22
CA LEU A 586 -26.57 -6.96 26.96
C LEU A 586 -27.92 -7.59 27.26
N THR A 587 -27.98 -8.68 28.03
CA THR A 587 -29.25 -9.39 28.27
C THR A 587 -30.23 -8.46 29.01
N VAL A 588 -29.74 -7.76 30.04
CA VAL A 588 -30.57 -6.82 30.84
C VAL A 588 -31.17 -5.77 29.90
N SER A 589 -30.41 -5.25 28.96
CA SER A 589 -30.86 -4.19 28.01
C SER A 589 -31.99 -4.70 27.13
N LEU A 590 -32.13 -6.03 26.96
CA LEU A 590 -33.15 -6.65 26.06
C LEU A 590 -34.40 -7.05 26.85
N LEU A 591 -34.36 -7.04 28.18
CA LEU A 591 -35.47 -7.54 29.04
C LEU A 591 -36.60 -6.51 29.07
N PRO A 592 -37.87 -6.95 29.08
CA PRO A 592 -38.99 -6.06 29.36
C PRO A 592 -38.84 -5.36 30.73
N ASN A 593 -39.20 -4.08 30.81
CA ASN A 593 -39.08 -3.25 32.04
C ASN A 593 -39.75 -3.95 33.22
N LYS A 594 -40.89 -4.62 32.98
CA LYS A 594 -41.68 -5.24 34.08
C LYS A 594 -40.80 -6.23 34.85
N ILE A 595 -39.94 -6.98 34.15
CA ILE A 595 -39.09 -8.01 34.82
C ILE A 595 -38.17 -7.30 35.82
N LEU A 596 -37.52 -6.22 35.41
CA LEU A 596 -36.53 -5.51 36.27
C LEU A 596 -37.26 -4.74 37.39
N ASN A 597 -38.49 -4.30 37.16
CA ASN A 597 -39.27 -3.55 38.19
C ASN A 597 -39.79 -4.50 39.28
N ASP A 598 -40.25 -5.71 38.92
CA ASP A 598 -41.00 -6.62 39.82
C ASP A 598 -40.09 -7.62 40.53
N ASN A 599 -38.88 -7.88 40.04
CA ASN A 599 -38.00 -8.95 40.59
C ASN A 599 -36.81 -8.32 41.28
N PRO A 600 -36.51 -8.68 42.54
CA PRO A 600 -35.25 -8.24 43.15
C PRO A 600 -34.10 -8.80 42.28
N HIS A 601 -33.09 -7.98 42.07
CA HIS A 601 -31.88 -8.31 41.28
C HIS A 601 -30.79 -7.38 41.75
N PHE A 602 -29.58 -7.53 41.22
CA PHE A 602 -28.42 -6.68 41.59
C PHE A 602 -28.49 -5.42 40.74
N ASP A 603 -28.07 -4.27 41.29
CA ASP A 603 -28.05 -2.98 40.56
C ASP A 603 -27.03 -3.07 39.42
N LYS A 604 -26.08 -4.01 39.49
CA LYS A 604 -25.08 -4.25 38.44
C LYS A 604 -24.61 -5.70 38.53
N HIS A 605 -23.80 -6.13 37.57
CA HIS A 605 -23.21 -7.49 37.51
C HIS A 605 -22.22 -7.64 38.67
N TYR A 606 -22.28 -8.76 39.38
CA TYR A 606 -21.32 -9.13 40.45
C TYR A 606 -20.71 -10.50 40.11
N LYS A 607 -19.43 -10.50 39.77
CA LYS A 607 -18.66 -11.74 39.50
C LYS A 607 -18.72 -12.64 40.73
N ASP A 608 -19.14 -13.91 40.55
CA ASP A 608 -19.04 -14.96 41.58
C ASP A 608 -19.98 -14.66 42.76
N VAL A 609 -21.08 -13.96 42.50
CA VAL A 609 -22.19 -13.82 43.46
C VAL A 609 -23.45 -14.31 42.77
N MET A 610 -24.34 -14.94 43.53
CA MET A 610 -25.63 -15.36 42.97
C MET A 610 -26.75 -14.93 43.92
N MET A 611 -27.88 -14.64 43.31
CA MET A 611 -29.15 -14.44 44.02
C MET A 611 -30.26 -15.09 43.22
N LYS A 612 -31.18 -15.69 43.96
CA LYS A 612 -32.44 -16.24 43.45
C LYS A 612 -33.52 -15.89 44.48
N SER A 613 -34.69 -15.48 44.03
CA SER A 613 -35.79 -15.05 44.93
C SER A 613 -36.90 -16.08 44.87
N PHE A 614 -37.71 -16.14 45.93
CA PHE A 614 -38.83 -17.09 46.05
C PHE A 614 -39.88 -16.44 46.97
N LYS A 615 -41.07 -17.01 46.95
CA LYS A 615 -42.23 -16.50 47.73
C LYS A 615 -42.75 -17.66 48.56
N SER A 616 -43.26 -17.37 49.76
CA SER A 616 -43.99 -18.34 50.60
C SER A 616 -45.12 -17.60 51.33
N ASN A 617 -46.36 -18.02 51.09
CA ASN A 617 -47.58 -17.45 51.73
C ASN A 617 -47.57 -15.92 51.61
N GLY A 618 -47.32 -15.40 50.39
CA GLY A 618 -47.39 -13.96 50.10
C GLY A 618 -46.14 -13.18 50.47
N THR A 619 -45.20 -13.72 51.24
CA THR A 619 -43.93 -13.02 51.60
C THR A 619 -42.84 -13.38 50.59
N MET A 620 -42.06 -12.39 50.17
CA MET A 620 -40.95 -12.58 49.21
C MET A 620 -39.65 -12.74 50.01
N TYR A 621 -38.77 -13.61 49.53
CA TYR A 621 -37.42 -13.86 50.11
C TYR A 621 -36.40 -13.86 48.98
N SER A 622 -35.15 -13.62 49.33
CA SER A 622 -34.01 -13.72 48.40
C SER A 622 -32.92 -14.59 49.03
N LEU A 623 -32.32 -15.47 48.21
CA LEU A 623 -31.13 -16.26 48.59
C LEU A 623 -29.91 -15.61 47.95
N ILE A 624 -28.90 -15.25 48.72
CA ILE A 624 -27.65 -14.65 48.20
C ILE A 624 -26.48 -15.50 48.67
N ILE A 625 -25.57 -15.79 47.75
CA ILE A 625 -24.35 -16.58 48.04
C ILE A 625 -23.18 -15.87 47.39
N ASN A 626 -22.13 -15.64 48.18
CA ASN A 626 -20.88 -15.00 47.74
C ASN A 626 -19.83 -16.11 47.56
N LYS A 627 -19.37 -16.30 46.32
CA LYS A 627 -18.35 -17.32 45.96
C LYS A 627 -17.06 -16.62 45.54
N SER A 628 -17.01 -15.29 45.68
CA SER A 628 -15.77 -14.50 45.44
C SER A 628 -14.83 -14.67 46.62
N ALA A 629 -13.58 -14.27 46.44
CA ALA A 629 -12.51 -14.31 47.47
C ALA A 629 -12.67 -13.14 48.46
N SER A 630 -13.55 -12.19 48.20
CA SER A 630 -13.66 -10.91 48.95
C SER A 630 -15.06 -10.71 49.51
N VAL A 631 -15.16 -10.00 50.64
CA VAL A 631 -16.44 -9.44 51.16
C VAL A 631 -17.03 -8.58 50.04
N GLN A 632 -18.33 -8.65 49.84
CA GLN A 632 -19.04 -7.91 48.76
C GLN A 632 -20.16 -7.12 49.43
N THR A 633 -20.41 -5.91 48.94
CA THR A 633 -21.63 -5.14 49.26
C THR A 633 -22.51 -5.16 48.00
N VAL A 634 -23.61 -5.90 48.06
CA VAL A 634 -24.51 -6.06 46.89
C VAL A 634 -25.71 -5.14 47.10
N ASP A 635 -25.97 -4.27 46.13
CA ASP A 635 -27.12 -3.34 46.12
C ASP A 635 -28.26 -4.06 45.42
N ILE A 636 -29.29 -4.42 46.18
CA ILE A 636 -30.48 -5.14 45.65
C ILE A 636 -31.55 -4.09 45.29
N VAL A 637 -32.05 -4.16 44.04
CA VAL A 637 -33.11 -3.26 43.51
C VAL A 637 -34.22 -4.14 42.92
N GLY A 638 -35.40 -3.57 42.71
CA GLY A 638 -36.56 -4.26 42.13
C GLY A 638 -37.40 -4.92 43.20
N GLY A 639 -38.65 -5.24 42.85
CA GLY A 639 -39.71 -5.63 43.81
C GLY A 639 -39.92 -4.55 44.87
N LYS A 640 -40.41 -4.94 46.04
CA LYS A 640 -40.78 -4.02 47.14
C LYS A 640 -40.32 -4.62 48.47
N GLY A 641 -40.08 -3.78 49.48
CA GLY A 641 -39.88 -4.21 50.88
C GLY A 641 -38.52 -3.82 51.40
N LYS A 642 -38.30 -4.02 52.69
CA LYS A 642 -37.03 -3.71 53.39
C LYS A 642 -36.37 -5.03 53.79
N ALA A 643 -35.06 -5.13 53.61
CA ALA A 643 -34.26 -6.35 53.88
C ALA A 643 -34.27 -6.64 55.37
N PHE A 644 -34.72 -7.83 55.77
CA PHE A 644 -34.45 -8.43 57.09
C PHE A 644 -33.69 -9.74 56.87
N ILE A 645 -32.50 -9.87 57.43
CA ILE A 645 -31.66 -11.11 57.34
C ILE A 645 -32.24 -12.18 58.27
N LEU A 646 -32.85 -13.21 57.68
CA LEU A 646 -33.50 -14.35 58.37
C LEU A 646 -32.47 -15.47 58.61
N PHE A 647 -31.51 -15.65 57.70
CA PHE A 647 -30.45 -16.69 57.78
C PHE A 647 -29.14 -16.10 57.26
N ALA A 648 -28.05 -16.34 57.98
CA ALA A 648 -26.68 -15.97 57.59
C ALA A 648 -25.71 -16.78 58.45
N ASN A 649 -24.75 -17.47 57.82
CA ASN A 649 -23.84 -18.37 58.56
C ASN A 649 -22.52 -17.67 58.83
N LYS A 650 -22.33 -16.41 58.43
CA LYS A 650 -21.09 -15.65 58.75
C LYS A 650 -21.41 -14.19 59.09
N ASN A 651 -22.55 -13.92 59.73
CA ASN A 651 -22.84 -12.58 60.32
C ASN A 651 -22.94 -11.49 59.24
N ALA A 652 -23.54 -11.78 58.09
CA ALA A 652 -23.94 -10.77 57.10
C ALA A 652 -24.75 -9.68 57.80
N HIS A 653 -24.72 -8.44 57.27
CA HIS A 653 -25.54 -7.30 57.75
C HIS A 653 -26.01 -6.48 56.53
N SER A 654 -27.17 -5.83 56.62
CA SER A 654 -27.71 -4.97 55.54
C SER A 654 -27.92 -3.56 56.08
N THR A 655 -27.74 -2.56 55.21
CA THR A 655 -28.19 -1.15 55.40
C THR A 655 -29.05 -0.80 54.19
N ALA A 656 -30.37 -0.70 54.36
CA ALA A 656 -31.32 -0.28 53.31
C ALA A 656 -31.05 -1.04 51.99
N ASN A 657 -31.16 -2.37 52.01
CA ASN A 657 -31.14 -3.21 50.78
C ASN A 657 -29.72 -3.25 50.15
N LYS A 658 -28.68 -2.80 50.86
CA LYS A 658 -27.27 -3.06 50.52
C LYS A 658 -26.77 -4.14 51.48
N LEU A 659 -26.55 -5.36 50.99
CA LEU A 659 -26.15 -6.52 51.81
C LEU A 659 -24.62 -6.65 51.79
N THR A 660 -24.02 -6.71 52.96
CA THR A 660 -22.58 -7.02 53.14
C THR A 660 -22.46 -8.51 53.46
N ILE A 661 -21.83 -9.27 52.57
CA ILE A 661 -21.82 -10.77 52.63
C ILE A 661 -20.38 -11.27 52.44
N SER A 662 -19.94 -12.15 53.34
CA SER A 662 -18.57 -12.70 53.40
C SER A 662 -18.38 -13.83 52.38
N PRO A 663 -17.11 -14.13 52.01
CA PRO A 663 -16.80 -15.28 51.16
C PRO A 663 -17.40 -16.58 51.70
N GLU A 664 -18.14 -17.29 50.85
CA GLU A 664 -18.70 -18.65 51.07
C GLU A 664 -19.95 -18.56 51.97
N GLU A 665 -20.37 -17.34 52.34
CA GLU A 665 -21.59 -17.13 53.16
C GLU A 665 -22.85 -17.34 52.31
N THR A 666 -23.86 -17.93 52.93
CA THR A 666 -25.23 -18.07 52.40
C THR A 666 -26.15 -17.19 53.25
N VAL A 667 -26.93 -16.34 52.59
CA VAL A 667 -27.86 -15.39 53.27
C VAL A 667 -29.28 -15.59 52.72
N ILE A 668 -30.26 -15.64 53.62
CA ILE A 668 -31.69 -15.47 53.26
C ILE A 668 -32.18 -14.12 53.80
N ILE A 669 -32.67 -13.28 52.90
CA ILE A 669 -33.38 -12.01 53.22
C ILE A 669 -34.87 -12.27 53.14
N LYS A 670 -35.60 -11.84 54.18
CA LYS A 670 -37.08 -11.68 54.18
C LYS A 670 -37.37 -10.22 53.85
N TRP A 671 -38.20 -9.98 52.84
CA TRP A 671 -38.61 -8.62 52.41
C TRP A 671 -39.85 -8.22 53.22
N LYS A 672 -39.76 -7.27 54.15
CA LYS A 672 -40.87 -6.90 55.08
C LYS A 672 -41.79 -5.86 54.43
N GLY B 13 -32.75 0.98 26.24
CA GLY B 13 -32.77 0.46 24.85
C GLY B 13 -31.38 0.06 24.37
N LEU B 14 -31.32 -0.64 23.23
CA LEU B 14 -30.08 -1.12 22.55
C LEU B 14 -29.92 -0.39 21.20
N GLU B 15 -30.59 0.76 21.06
CA GLU B 15 -30.72 1.52 19.79
C GLU B 15 -29.36 2.07 19.33
N VAL B 16 -28.46 2.39 20.28
CA VAL B 16 -27.14 3.06 20.04
C VAL B 16 -26.29 2.23 19.08
N LEU B 17 -26.58 0.93 18.94
CA LEU B 17 -25.83 -0.01 18.07
C LEU B 17 -26.34 0.06 16.63
N PHE B 18 -27.60 0.44 16.38
CA PHE B 18 -28.20 0.43 15.01
C PHE B 18 -27.51 1.47 14.12
N GLN B 19 -27.36 1.16 12.83
CA GLN B 19 -26.72 2.13 11.89
C GLN B 19 -27.72 3.30 11.74
N GLY B 20 -27.30 4.50 12.16
CA GLY B 20 -28.07 5.75 11.97
C GLY B 20 -28.09 6.17 10.50
N PRO B 21 -29.02 7.07 10.11
CA PRO B 21 -28.92 7.75 8.81
C PRO B 21 -27.65 8.62 8.80
N ALA B 22 -27.01 8.79 7.65
CA ALA B 22 -25.99 9.83 7.38
C ALA B 22 -26.61 11.23 7.50
N GLU B 23 -25.91 12.16 8.16
CA GLU B 23 -26.38 13.55 8.36
C GLU B 23 -26.38 14.28 7.00
N ARG B 24 -27.47 14.99 6.69
CA ARG B 24 -27.71 15.69 5.40
C ARG B 24 -27.55 17.18 5.68
N ILE B 25 -26.68 17.87 4.92
CA ILE B 25 -26.50 19.34 5.07
C ILE B 25 -27.83 20.04 4.78
N SER B 26 -28.08 21.18 5.44
CA SER B 26 -29.27 22.03 5.19
C SER B 26 -28.88 23.48 5.48
N LYS B 27 -29.80 24.42 5.21
CA LYS B 27 -29.60 25.86 5.50
C LYS B 27 -29.59 26.11 7.01
N GLN B 28 -29.90 25.11 7.83
CA GLN B 28 -29.84 25.21 9.32
C GLN B 28 -28.61 24.47 9.90
N SER B 29 -27.75 23.88 9.07
CA SER B 29 -26.54 23.17 9.57
C SER B 29 -25.61 24.17 10.28
N THR B 30 -24.89 23.68 11.28
CA THR B 30 -23.81 24.40 11.95
C THR B 30 -22.65 24.48 10.97
N PRO B 31 -22.14 25.69 10.66
CA PRO B 31 -21.00 25.81 9.75
C PRO B 31 -19.74 25.19 10.38
N PHE B 32 -18.82 24.77 9.53
CA PHE B 32 -17.54 24.16 9.97
C PHE B 32 -16.38 24.84 9.27
N VAL B 33 -15.22 24.69 9.87
CA VAL B 33 -13.90 25.00 9.30
C VAL B 33 -13.23 23.64 9.08
N GLY B 34 -12.63 23.45 7.92
CA GLY B 34 -12.02 22.18 7.51
C GLY B 34 -10.78 22.41 6.68
N ALA B 35 -10.13 21.33 6.27
CA ALA B 35 -8.91 21.40 5.43
C ALA B 35 -8.80 20.10 4.62
N GLN B 36 -8.22 20.22 3.44
CA GLN B 36 -7.79 19.06 2.63
C GLN B 36 -6.76 18.28 3.46
N ILE B 37 -6.90 16.97 3.51
CA ILE B 37 -5.85 16.05 4.01
C ILE B 37 -5.29 15.35 2.77
N PHE B 38 -4.05 15.67 2.43
CA PHE B 38 -3.42 15.18 1.20
C PHE B 38 -2.81 13.80 1.48
N ILE B 39 -3.38 12.78 0.84
CA ILE B 39 -2.99 11.36 1.02
C ILE B 39 -2.36 10.86 -0.27
N GLU B 40 -1.13 10.36 -0.16
CA GLU B 40 -0.38 9.77 -1.29
C GLU B 40 0.49 8.67 -0.69
N PRO B 41 0.95 7.71 -1.52
CA PRO B 41 1.84 6.65 -1.05
C PRO B 41 3.14 7.23 -0.52
N GLY B 42 3.73 6.54 0.47
CA GLY B 42 4.99 6.90 1.10
C GLY B 42 4.79 7.49 2.47
N GLN B 43 3.62 8.07 2.75
CA GLN B 43 3.34 8.69 4.09
C GLN B 43 3.30 7.55 5.13
N THR B 44 3.66 7.82 6.37
CA THR B 44 3.60 6.83 7.49
C THR B 44 2.31 7.01 8.30
N GLN B 45 1.80 5.94 8.91
CA GLN B 45 0.66 5.95 9.86
C GLN B 45 0.84 7.08 10.88
N GLU B 46 2.05 7.27 11.40
CA GLU B 46 2.37 8.23 12.49
C GLU B 46 2.19 9.67 11.96
N GLN B 47 2.65 9.95 10.73
CA GLN B 47 2.49 11.27 10.08
C GLN B 47 0.99 11.57 9.95
N ILE B 48 0.20 10.62 9.44
CA ILE B 48 -1.24 10.86 9.14
C ILE B 48 -1.99 11.10 10.46
N GLU B 49 -1.64 10.35 11.51
CA GLU B 49 -2.28 10.50 12.84
C GLU B 49 -1.97 11.90 13.40
N GLN B 50 -0.73 12.35 13.28
CA GLN B 50 -0.29 13.72 13.67
C GLN B 50 -1.19 14.78 13.01
N TRP B 51 -1.52 14.61 11.71
CA TRP B 51 -2.35 15.58 10.96
C TRP B 51 -3.77 15.61 11.54
N PHE B 52 -4.43 14.45 11.65
CA PHE B 52 -5.82 14.38 12.16
C PHE B 52 -5.88 14.88 13.62
N LYS B 53 -4.88 14.58 14.43
CA LYS B 53 -4.84 15.01 15.86
C LYS B 53 -4.79 16.55 15.91
N LEU B 54 -3.90 17.18 15.14
CA LEU B 54 -3.77 18.65 15.11
C LEU B 54 -5.01 19.27 14.46
N LEU B 55 -5.61 18.61 13.47
CA LEU B 55 -6.81 19.10 12.78
C LEU B 55 -7.96 19.18 13.81
N ALA B 56 -8.22 18.09 14.55
CA ALA B 56 -9.21 18.07 15.65
C ALA B 56 -8.89 19.14 16.71
N GLU B 57 -7.63 19.28 17.13
CA GLU B 57 -7.20 20.28 18.15
C GLU B 57 -7.34 21.72 17.64
N SER B 58 -7.46 21.92 16.32
CA SER B 58 -7.58 23.26 15.71
C SER B 58 -9.06 23.61 15.48
N ASN B 59 -10.00 22.91 16.13
CA ASN B 59 -11.46 23.16 16.11
C ASN B 59 -12.00 22.97 14.68
N MET B 60 -11.33 22.17 13.87
CA MET B 60 -11.81 21.79 12.52
C MET B 60 -12.55 20.46 12.67
N THR B 61 -13.67 20.29 11.99
CA THR B 61 -14.54 19.10 12.17
C THR B 61 -14.55 18.28 10.88
N THR B 62 -13.95 18.79 9.80
CA THR B 62 -14.16 18.22 8.45
C THR B 62 -12.83 18.23 7.70
N CYS B 63 -12.63 17.21 6.88
CA CYS B 63 -11.48 17.19 5.95
C CYS B 63 -12.03 16.85 4.56
N ARG B 64 -11.21 17.10 3.55
CA ARG B 64 -11.51 16.68 2.17
C ARG B 64 -10.33 15.83 1.70
N ILE B 65 -10.63 14.75 1.01
CA ILE B 65 -9.61 13.78 0.56
C ILE B 65 -9.88 13.47 -0.92
N ARG B 66 -8.83 13.62 -1.72
CA ARG B 66 -8.80 13.29 -3.15
C ARG B 66 -8.64 11.76 -3.27
N MET B 67 -9.66 11.09 -3.76
CA MET B 67 -9.70 9.60 -3.76
C MET B 67 -8.97 9.09 -5.02
N PHE B 68 -7.67 9.38 -5.12
CA PHE B 68 -6.87 9.11 -6.36
C PHE B 68 -7.05 7.65 -6.83
N GLY B 69 -7.66 7.45 -7.99
CA GLY B 69 -7.69 6.14 -8.68
C GLY B 69 -6.29 5.61 -8.88
N LYS B 70 -5.30 6.47 -9.19
CA LYS B 70 -3.92 6.05 -9.40
C LYS B 70 -3.41 5.24 -8.19
N TYR B 71 -3.81 5.59 -6.97
CA TYR B 71 -3.23 5.02 -5.74
C TYR B 71 -4.13 3.91 -5.19
N MET B 72 -5.10 3.43 -5.96
CA MET B 72 -5.95 2.29 -5.55
C MET B 72 -5.92 1.19 -6.62
N LYS B 73 -5.88 1.54 -7.90
CA LYS B 73 -5.97 0.57 -9.02
C LYS B 73 -4.61 -0.16 -9.09
N THR B 74 -4.66 -1.49 -9.19
CA THR B 74 -3.52 -2.42 -9.31
C THR B 74 -3.29 -2.71 -10.80
N PRO B 75 -2.12 -3.25 -11.18
CA PRO B 75 -1.85 -3.60 -12.57
C PRO B 75 -2.96 -4.41 -13.27
N SER B 76 -3.61 -5.34 -12.57
CA SER B 76 -4.67 -6.24 -13.14
C SER B 76 -6.01 -5.51 -13.27
N GLY B 77 -6.17 -4.36 -12.62
CA GLY B 77 -7.38 -3.51 -12.72
C GLY B 77 -8.28 -3.59 -11.50
N THR B 78 -7.94 -4.43 -10.51
CA THR B 78 -8.68 -4.56 -9.23
C THR B 78 -8.32 -3.35 -8.35
N TYR B 79 -9.17 -3.02 -7.37
CA TYR B 79 -8.99 -1.82 -6.50
C TYR B 79 -8.52 -2.30 -5.13
N ASP B 80 -7.43 -1.75 -4.63
CA ASP B 80 -6.97 -1.92 -3.22
C ASP B 80 -7.12 -0.57 -2.49
N PHE B 81 -7.95 -0.54 -1.45
CA PHE B 81 -8.48 0.66 -0.79
C PHE B 81 -7.63 1.05 0.43
N THR B 82 -6.59 0.27 0.73
CA THR B 82 -5.81 0.32 1.99
C THR B 82 -5.34 1.74 2.34
N LEU B 83 -4.77 2.45 1.36
CA LEU B 83 -4.19 3.79 1.58
C LEU B 83 -5.29 4.71 2.10
N PHE B 84 -6.49 4.64 1.52
CA PHE B 84 -7.60 5.54 1.89
C PHE B 84 -8.33 5.02 3.13
N ASP B 85 -8.43 3.70 3.32
CA ASP B 85 -8.97 3.10 4.58
C ASP B 85 -8.21 3.67 5.79
N ARG B 86 -6.89 3.68 5.72
CA ARG B 86 -6.00 4.16 6.81
C ARG B 86 -6.41 5.59 7.18
N ALA B 87 -6.66 6.43 6.18
CA ALA B 87 -6.99 7.86 6.39
C ALA B 87 -8.42 7.97 6.95
N PHE B 88 -9.39 7.27 6.39
CA PHE B 88 -10.80 7.33 6.84
C PHE B 88 -10.89 6.84 8.29
N LYS B 89 -10.12 5.82 8.67
CA LYS B 89 -10.14 5.23 10.03
C LYS B 89 -9.54 6.23 11.01
N LEU B 90 -8.47 6.95 10.64
CA LEU B 90 -7.88 7.98 11.53
C LEU B 90 -8.83 9.18 11.63
N ALA B 91 -9.46 9.60 10.54
CA ALA B 91 -10.47 10.68 10.59
C ALA B 91 -11.56 10.27 11.60
N ASP B 92 -12.08 9.05 11.49
CA ASP B 92 -13.18 8.54 12.34
C ASP B 92 -12.74 8.55 13.81
N LYS B 93 -11.52 8.10 14.09
CA LYS B 93 -10.93 8.05 15.44
C LYS B 93 -10.96 9.46 16.07
N TYR B 94 -10.70 10.51 15.27
CA TYR B 94 -10.65 11.91 15.77
C TYR B 94 -11.96 12.65 15.50
N HIS B 95 -13.03 11.93 15.12
CA HIS B 95 -14.41 12.45 14.94
C HIS B 95 -14.45 13.49 13.82
N ILE B 96 -13.64 13.28 12.78
CA ILE B 96 -13.54 14.18 11.59
C ILE B 96 -14.36 13.56 10.46
N LYS B 97 -15.31 14.32 9.91
CA LYS B 97 -16.11 13.87 8.74
C LYS B 97 -15.32 14.18 7.45
N VAL B 98 -15.61 13.44 6.39
CA VAL B 98 -14.81 13.45 5.14
C VAL B 98 -15.71 13.87 3.97
N TYR B 99 -15.24 14.87 3.21
CA TYR B 99 -15.67 15.14 1.81
C TYR B 99 -14.75 14.34 0.90
N ALA B 100 -15.29 13.35 0.20
CA ALA B 100 -14.52 12.42 -0.67
C ALA B 100 -14.67 12.86 -2.12
N THR B 101 -13.58 13.28 -2.75
CA THR B 101 -13.60 13.72 -4.15
C THR B 101 -13.34 12.52 -5.06
N LEU B 102 -14.25 12.29 -6.00
CA LEU B 102 -14.09 11.29 -7.06
C LEU B 102 -13.04 11.80 -8.05
N PHE B 103 -11.91 11.11 -8.11
CA PHE B 103 -10.71 11.53 -8.88
C PHE B 103 -10.12 10.29 -9.53
N PRO B 104 -10.66 9.85 -10.70
CA PRO B 104 -10.16 8.66 -11.35
C PRO B 104 -8.70 8.80 -11.78
N ASP B 105 -8.10 7.66 -12.14
CA ASP B 105 -6.70 7.57 -12.59
C ASP B 105 -6.46 8.65 -13.65
N THR B 106 -5.32 9.35 -13.55
CA THR B 106 -4.86 10.37 -14.54
C THR B 106 -3.36 10.52 -14.36
N GLU B 107 -2.69 11.20 -15.29
CA GLU B 107 -1.22 11.42 -15.22
C GLU B 107 -0.88 12.08 -13.88
N PHE B 108 0.24 11.71 -13.28
CA PHE B 108 0.80 12.32 -12.06
C PHE B 108 0.94 13.84 -12.24
N THR B 109 1.26 14.30 -13.45
CA THR B 109 1.49 15.75 -13.75
C THR B 109 0.15 16.50 -13.92
N ASP B 110 -0.98 15.81 -13.99
CA ASP B 110 -2.33 16.43 -14.10
C ASP B 110 -2.81 16.81 -12.70
N VAL B 111 -2.50 18.04 -12.25
CA VAL B 111 -2.78 18.49 -10.85
C VAL B 111 -4.30 18.54 -10.61
N GLY B 112 -5.09 19.11 -11.52
CA GLY B 112 -6.51 19.47 -11.27
C GLY B 112 -7.50 18.37 -11.62
N GLY B 113 -7.07 17.41 -12.46
CA GLY B 113 -7.89 16.29 -12.94
C GLY B 113 -8.54 16.61 -14.27
N PHE B 114 -8.85 15.56 -15.06
CA PHE B 114 -9.54 15.75 -16.35
C PHE B 114 -11.00 16.17 -16.05
N LYS B 115 -11.60 16.89 -16.99
CA LYS B 115 -12.92 17.55 -16.84
C LYS B 115 -14.03 16.78 -17.57
N PHE B 116 -13.65 15.95 -18.53
CA PHE B 116 -14.57 15.11 -19.32
C PHE B 116 -13.83 13.84 -19.71
N PRO B 117 -14.55 12.72 -19.96
CA PRO B 117 -13.90 11.52 -20.49
C PRO B 117 -13.18 11.80 -21.83
N HIS B 118 -12.03 11.17 -22.04
CA HIS B 118 -11.18 11.27 -23.26
C HIS B 118 -11.83 10.46 -24.39
N SER B 119 -12.56 9.40 -24.05
CA SER B 119 -13.10 8.38 -25.00
C SER B 119 -14.23 7.57 -24.34
N ARG B 120 -14.99 6.79 -25.12
CA ARG B 120 -16.05 5.90 -24.58
C ARG B 120 -15.39 4.86 -23.66
N GLU B 121 -14.20 4.39 -24.01
CA GLU B 121 -13.45 3.38 -23.21
C GLU B 121 -13.08 4.02 -21.86
N HIS B 122 -12.61 5.26 -21.88
CA HIS B 122 -12.30 6.01 -20.65
C HIS B 122 -13.57 6.16 -19.82
N GLN B 123 -14.71 6.46 -20.44
CA GLN B 123 -15.99 6.63 -19.69
C GLN B 123 -16.26 5.34 -18.91
N LYS B 124 -16.01 4.17 -19.51
CA LYS B 124 -16.25 2.86 -18.86
C LYS B 124 -15.27 2.66 -17.69
N GLU B 125 -14.03 3.12 -17.82
CA GLU B 125 -13.04 3.06 -16.70
C GLU B 125 -13.54 3.94 -15.56
N VAL B 126 -14.14 5.09 -15.87
CA VAL B 126 -14.68 6.01 -14.82
C VAL B 126 -15.88 5.33 -14.14
N GLU B 127 -16.74 4.65 -14.91
CA GLU B 127 -17.90 3.90 -14.35
C GLU B 127 -17.39 2.89 -13.31
N ASP B 128 -16.29 2.18 -13.65
CA ASP B 128 -15.67 1.11 -12.83
C ASP B 128 -15.09 1.74 -11.57
N TYR B 129 -14.37 2.85 -11.73
CA TYR B 129 -13.83 3.64 -10.59
C TYR B 129 -14.97 3.96 -9.62
N ILE B 130 -16.06 4.54 -10.11
CA ILE B 130 -17.17 5.01 -9.23
C ILE B 130 -17.76 3.78 -8.52
N LYS B 131 -18.03 2.70 -9.25
CA LYS B 131 -18.61 1.45 -8.67
C LYS B 131 -17.77 1.03 -7.47
N ASN B 132 -16.46 0.93 -7.65
CA ASN B 132 -15.52 0.39 -6.64
C ASN B 132 -15.43 1.34 -5.44
N VAL B 133 -15.19 2.61 -5.71
CA VAL B 133 -14.87 3.60 -4.65
C VAL B 133 -16.14 3.90 -3.85
N VAL B 134 -17.25 4.18 -4.52
CA VAL B 134 -18.51 4.53 -3.81
C VAL B 134 -19.02 3.30 -3.02
N SER B 135 -18.99 2.10 -3.60
CA SER B 135 -19.48 0.87 -2.90
C SER B 135 -18.69 0.68 -1.60
N HIS B 136 -17.39 0.93 -1.64
CA HIS B 136 -16.51 0.71 -0.47
C HIS B 136 -16.70 1.85 0.54
N PHE B 137 -16.45 3.10 0.14
CA PHE B 137 -16.28 4.20 1.13
C PHE B 137 -17.65 4.68 1.66
N SER B 138 -18.74 4.38 0.97
CA SER B 138 -20.11 4.71 1.42
C SER B 138 -20.42 4.01 2.76
N GLN B 139 -19.65 2.98 3.13
CA GLN B 139 -19.86 2.18 4.37
C GLN B 139 -19.28 2.90 5.60
N TYR B 140 -18.43 3.91 5.42
CA TYR B 140 -17.83 4.64 6.57
C TYR B 140 -18.85 5.63 7.14
N LYS B 141 -19.02 5.60 8.46
CA LYS B 141 -20.05 6.41 9.14
C LYS B 141 -19.60 7.88 9.18
N ASN B 142 -18.32 8.19 8.90
CA ASN B 142 -17.81 9.60 8.95
C ASN B 142 -17.72 10.21 7.54
N LEU B 143 -18.25 9.55 6.50
CA LEU B 143 -18.37 10.15 5.14
C LEU B 143 -19.49 11.19 5.16
N ALA B 144 -19.20 12.44 4.79
CA ALA B 144 -20.18 13.53 4.83
C ALA B 144 -20.70 13.84 3.43
N ALA B 145 -19.86 13.69 2.40
CA ALA B 145 -20.26 14.10 1.04
C ALA B 145 -19.34 13.49 0.00
N TRP B 146 -19.91 13.24 -1.18
CA TRP B 146 -19.19 12.91 -2.44
C TRP B 146 -19.01 14.21 -3.22
N VAL B 147 -17.79 14.54 -3.58
CA VAL B 147 -17.52 15.63 -4.55
C VAL B 147 -17.42 14.96 -5.93
N LEU B 148 -18.39 15.21 -6.79
CA LEU B 148 -18.63 14.46 -8.06
C LEU B 148 -17.42 14.55 -8.97
N ILE B 149 -16.74 15.70 -8.98
CA ILE B 149 -15.53 15.96 -9.79
C ILE B 149 -14.83 17.16 -9.17
N ASN B 150 -13.51 17.16 -9.15
CA ASN B 150 -12.76 18.36 -8.70
C ASN B 150 -12.84 19.42 -9.80
N GLU B 151 -13.36 20.61 -9.48
CA GLU B 151 -13.24 21.81 -10.34
C GLU B 151 -13.72 21.53 -11.77
N PRO B 152 -15.03 21.30 -11.97
CA PRO B 152 -15.58 21.16 -13.31
C PRO B 152 -15.28 22.45 -14.08
N GLY B 153 -15.06 22.31 -15.38
CA GLY B 153 -14.78 23.43 -16.29
C GLY B 153 -13.30 23.71 -16.40
N THR B 154 -12.89 24.23 -17.54
CA THR B 154 -11.50 24.58 -17.84
C THR B 154 -11.51 25.63 -18.95
N PRO B 155 -10.53 26.55 -18.98
CA PRO B 155 -10.37 27.45 -20.12
C PRO B 155 -9.92 26.72 -21.41
N ASN B 156 -9.42 25.49 -21.30
CA ASN B 156 -8.85 24.69 -22.43
C ASN B 156 -9.72 23.46 -22.65
N LEU B 157 -10.91 23.62 -23.23
CA LEU B 157 -11.87 22.49 -23.35
C LEU B 157 -11.36 21.54 -24.43
N PRO B 158 -11.50 20.21 -24.23
CA PRO B 158 -10.80 19.24 -25.08
C PRO B 158 -11.56 18.91 -26.36
N PHE B 159 -11.75 19.90 -27.24
CA PHE B 159 -12.45 19.71 -28.54
C PHE B 159 -11.62 18.83 -29.49
N ASN B 160 -10.33 18.62 -29.21
CA ASN B 160 -9.42 17.73 -29.99
C ASN B 160 -9.76 16.24 -29.76
N GLU B 161 -10.32 15.88 -28.59
CA GLU B 161 -10.47 14.47 -28.14
C GLU B 161 -11.73 13.86 -28.76
N PRO B 162 -11.71 12.54 -29.07
CA PRO B 162 -12.83 11.89 -29.74
C PRO B 162 -14.17 11.95 -29.00
N PHE B 163 -14.18 11.81 -27.66
CA PHE B 163 -15.44 11.79 -26.87
C PHE B 163 -16.13 13.15 -27.02
N THR B 164 -15.40 14.25 -26.80
CA THR B 164 -15.96 15.62 -26.90
C THR B 164 -16.36 15.95 -28.34
N LYS B 165 -15.51 15.65 -29.31
CA LYS B 165 -15.79 15.88 -30.76
C LYS B 165 -17.12 15.24 -31.15
N GLU B 166 -17.31 13.98 -30.78
CA GLU B 166 -18.53 13.19 -31.13
C GLU B 166 -19.74 13.81 -30.43
N ARG B 167 -19.62 14.13 -29.15
CA ARG B 167 -20.74 14.72 -28.36
C ARG B 167 -21.16 16.04 -29.02
N PHE B 168 -20.22 16.85 -29.49
CA PHE B 168 -20.51 18.17 -30.12
C PHE B 168 -21.18 17.96 -31.48
N SER B 169 -20.71 17.01 -32.28
CA SER B 169 -21.35 16.63 -33.58
C SER B 169 -22.81 16.23 -33.34
N ASP B 170 -23.06 15.32 -32.40
CA ASP B 170 -24.43 14.82 -32.06
C ASP B 170 -25.30 16.00 -31.60
N TRP B 171 -24.78 16.85 -30.74
CA TRP B 171 -25.54 18.02 -30.20
C TRP B 171 -25.99 18.91 -31.37
N LYS B 172 -25.09 19.21 -32.31
CA LYS B 172 -25.37 20.07 -33.49
C LYS B 172 -26.46 19.44 -34.36
N LYS B 173 -26.42 18.13 -34.57
CA LYS B 173 -27.44 17.40 -35.38
C LYS B 173 -28.82 17.44 -34.69
N GLU B 174 -28.88 17.49 -33.36
CA GLU B 174 -30.16 17.50 -32.61
C GLU B 174 -30.69 18.93 -32.47
N HIS B 175 -29.91 19.95 -32.87
CA HIS B 175 -30.34 21.39 -32.82
C HIS B 175 -30.48 21.90 -34.26
N ASN B 176 -31.50 22.71 -34.52
CA ASN B 176 -31.78 23.24 -35.88
C ASN B 176 -31.68 24.76 -35.81
N PHE B 177 -30.51 25.29 -36.18
CA PHE B 177 -30.20 26.75 -36.22
C PHE B 177 -30.29 27.24 -37.66
N SER B 178 -30.75 28.48 -37.87
CA SER B 178 -30.67 29.19 -39.16
C SER B 178 -29.54 30.24 -39.12
N GLU B 179 -28.96 30.54 -40.28
CA GLU B 179 -27.94 31.60 -40.44
C GLU B 179 -28.59 32.99 -40.46
N TYR B 180 -29.92 33.12 -40.40
CA TYR B 180 -30.66 34.41 -40.45
C TYR B 180 -31.74 34.43 -39.37
N ASN B 181 -32.03 35.61 -38.81
CA ASN B 181 -33.07 35.80 -37.78
C ASN B 181 -34.41 36.05 -38.48
N GLU B 182 -35.48 36.25 -37.71
CA GLU B 182 -36.87 36.38 -38.22
C GLU B 182 -36.91 37.52 -39.25
N LYS B 183 -36.28 38.66 -38.98
CA LYS B 183 -36.31 39.85 -39.87
C LYS B 183 -35.47 39.60 -41.12
N GLY B 184 -34.52 38.66 -41.08
CA GLY B 184 -33.72 38.24 -42.25
C GLY B 184 -32.24 38.59 -42.13
N TYR B 185 -31.82 39.22 -41.04
CA TYR B 185 -30.42 39.61 -40.78
C TYR B 185 -29.57 38.37 -40.49
N PRO B 186 -28.28 38.38 -40.89
CA PRO B 186 -27.32 37.36 -40.46
C PRO B 186 -27.24 37.30 -38.93
N VAL B 187 -26.97 36.10 -38.41
CA VAL B 187 -26.83 35.86 -36.94
C VAL B 187 -25.63 34.95 -36.68
N LEU B 188 -25.11 35.01 -35.47
CA LEU B 188 -24.26 33.95 -34.86
C LEU B 188 -25.17 33.17 -33.91
N ASN B 189 -24.97 31.86 -33.80
CA ASN B 189 -25.83 30.97 -32.95
C ASN B 189 -25.04 30.44 -31.72
N PHE B 190 -23.73 30.66 -31.65
CA PHE B 190 -22.91 30.29 -30.47
C PHE B 190 -23.14 28.81 -30.11
N GLU B 191 -23.08 27.95 -31.13
CA GLU B 191 -23.28 26.50 -30.98
C GLU B 191 -22.28 25.94 -29.94
N LYS B 192 -21.00 26.28 -30.06
CA LYS B 192 -19.94 25.78 -29.16
C LYS B 192 -20.30 26.13 -27.72
N GLU B 193 -20.64 27.38 -27.44
CA GLU B 193 -20.89 27.88 -26.06
C GLU B 193 -22.14 27.19 -25.49
N ASN B 194 -23.20 27.06 -26.29
CA ASN B 194 -24.47 26.42 -25.85
C ASN B 194 -24.25 24.91 -25.64
N PHE B 195 -23.46 24.26 -26.49
CA PHE B 195 -23.06 22.85 -26.30
C PHE B 195 -22.32 22.70 -24.96
N ILE B 196 -21.37 23.59 -24.67
CA ILE B 196 -20.50 23.47 -23.46
C ILE B 196 -21.37 23.53 -22.20
N ILE B 197 -22.38 24.39 -22.16
CA ILE B 197 -23.36 24.46 -21.03
C ILE B 197 -24.00 23.07 -20.88
N ASP B 198 -24.57 22.55 -21.96
CA ASP B 198 -25.31 21.26 -21.95
C ASP B 198 -24.36 20.12 -21.61
N TYR B 199 -23.11 20.22 -22.03
CA TYR B 199 -22.07 19.16 -21.86
C TYR B 199 -21.68 19.07 -20.38
N HIS B 200 -21.45 20.20 -19.71
CA HIS B 200 -21.20 20.23 -18.25
C HIS B 200 -22.42 19.67 -17.51
N ASN B 201 -23.63 20.12 -17.87
CA ASN B 201 -24.89 19.66 -17.25
C ASN B 201 -24.94 18.12 -17.38
N TRP B 202 -24.69 17.61 -18.58
CA TRP B 202 -24.79 16.16 -18.88
C TRP B 202 -23.77 15.38 -18.02
N TYR B 203 -22.49 15.75 -18.03
CA TYR B 203 -21.43 14.94 -17.37
C TYR B 203 -21.62 14.97 -15.85
N LEU B 204 -21.90 16.15 -15.27
CA LEU B 204 -22.11 16.24 -13.79
C LEU B 204 -23.35 15.41 -13.41
N ASN B 205 -24.42 15.46 -14.20
CA ASN B 205 -25.68 14.74 -13.91
C ASN B 205 -25.42 13.22 -14.04
N TRP B 206 -24.61 12.83 -15.01
CA TRP B 206 -24.20 11.41 -15.23
C TRP B 206 -23.35 10.94 -14.03
N LEU B 207 -22.45 11.77 -13.52
CA LEU B 207 -21.62 11.43 -12.34
C LEU B 207 -22.54 11.23 -11.13
N ALA B 208 -23.52 12.13 -10.93
CA ALA B 208 -24.52 12.03 -9.84
C ALA B 208 -25.27 10.69 -9.94
N ASN B 209 -25.76 10.36 -11.14
CA ASN B 209 -26.53 9.12 -11.41
C ASN B 209 -25.65 7.91 -11.11
N GLN B 210 -24.37 7.93 -11.47
CA GLN B 210 -23.43 6.81 -11.21
C GLN B 210 -23.25 6.62 -9.70
N VAL B 211 -22.98 7.68 -8.94
CA VAL B 211 -22.86 7.59 -7.47
C VAL B 211 -24.15 7.00 -6.90
N ARG B 212 -25.31 7.43 -7.41
CA ARG B 212 -26.64 7.09 -6.82
C ARG B 212 -26.97 5.62 -7.10
N LEU B 213 -26.33 4.98 -8.08
CA LEU B 213 -26.43 3.51 -8.30
C LEU B 213 -25.93 2.76 -7.05
N TYR B 214 -25.01 3.33 -6.26
CA TYR B 214 -24.31 2.61 -5.16
C TYR B 214 -24.52 3.29 -3.80
N ASP B 215 -24.94 4.55 -3.78
CA ASP B 215 -25.08 5.29 -2.49
C ASP B 215 -26.18 6.33 -2.67
N LYS B 216 -27.32 6.11 -1.99
CA LYS B 216 -28.47 7.06 -2.02
C LYS B 216 -28.50 7.87 -0.71
N GLN B 217 -27.50 7.71 0.15
CA GLN B 217 -27.55 8.26 1.52
C GLN B 217 -26.79 9.60 1.60
N HIS B 218 -25.65 9.74 0.93
CA HIS B 218 -24.72 10.86 1.22
C HIS B 218 -24.94 12.02 0.26
N ASP B 219 -24.74 13.24 0.74
CA ASP B 219 -24.80 14.49 -0.04
C ASP B 219 -23.88 14.41 -1.27
N LEU B 220 -24.35 14.95 -2.39
CA LEU B 220 -23.55 15.20 -3.62
C LEU B 220 -23.19 16.68 -3.68
N HIS B 221 -21.93 16.96 -3.98
CA HIS B 221 -21.30 18.31 -3.94
C HIS B 221 -20.43 18.49 -5.20
N VAL B 222 -20.20 19.73 -5.62
CA VAL B 222 -19.22 20.05 -6.69
C VAL B 222 -18.70 21.47 -6.46
N ASN B 223 -17.46 21.74 -6.91
CA ASN B 223 -16.74 23.02 -6.64
C ASN B 223 -16.40 23.71 -7.97
N PRO B 224 -17.32 24.52 -8.54
CA PRO B 224 -16.96 25.41 -9.65
C PRO B 224 -15.87 26.39 -9.20
N HIS B 225 -15.04 26.84 -10.14
CA HIS B 225 -13.76 27.49 -9.82
C HIS B 225 -13.50 28.62 -10.82
N ASN B 226 -12.62 29.55 -10.45
CA ASN B 226 -12.20 30.63 -11.36
C ASN B 226 -13.46 31.29 -11.92
N VAL B 227 -14.44 31.54 -11.06
CA VAL B 227 -15.81 31.86 -11.50
C VAL B 227 -15.87 33.18 -12.28
N PHE B 228 -14.98 34.14 -12.04
CA PHE B 228 -15.05 35.42 -12.80
C PHE B 228 -14.64 35.21 -14.26
N LYS B 229 -14.03 34.07 -14.60
CA LYS B 229 -13.66 33.71 -15.99
C LYS B 229 -14.51 32.56 -16.50
N LEU B 230 -14.92 31.62 -15.66
CA LEU B 230 -15.55 30.35 -16.17
C LEU B 230 -17.07 30.33 -15.93
N SER B 231 -17.67 31.40 -15.42
CA SER B 231 -19.14 31.47 -15.16
C SER B 231 -19.94 31.17 -16.44
N GLY B 232 -19.37 31.46 -17.62
CA GLY B 232 -20.07 31.21 -18.91
C GLY B 232 -20.14 29.72 -19.27
N LEU B 233 -19.50 28.85 -18.48
CA LEU B 233 -19.52 27.35 -18.62
C LEU B 233 -20.62 26.77 -17.69
N TYR B 234 -21.13 27.54 -16.74
CA TYR B 234 -21.86 26.99 -15.58
C TYR B 234 -23.35 27.37 -15.57
N ASP B 235 -24.21 26.36 -15.64
CA ASP B 235 -25.69 26.51 -15.56
C ASP B 235 -26.14 26.06 -14.16
N PHE B 236 -25.98 26.92 -13.14
CA PHE B 236 -26.20 26.52 -11.73
C PHE B 236 -27.65 26.08 -11.51
N PRO B 237 -28.68 26.75 -12.08
CA PRO B 237 -30.06 26.31 -11.85
C PRO B 237 -30.28 24.85 -12.27
N THR B 238 -29.71 24.39 -13.38
CA THR B 238 -29.81 22.96 -13.79
C THR B 238 -29.06 22.08 -12.76
N TRP B 239 -27.91 22.53 -12.25
CA TRP B 239 -27.09 21.67 -11.34
C TRP B 239 -27.86 21.40 -10.04
N ARG B 240 -28.71 22.34 -9.62
CA ARG B 240 -29.55 22.22 -8.40
C ARG B 240 -30.35 20.92 -8.45
N THR B 241 -30.73 20.47 -9.64
CA THR B 241 -31.60 19.26 -9.82
C THR B 241 -30.88 18.00 -9.33
N PHE B 242 -29.54 17.94 -9.27
CA PHE B 242 -28.84 16.69 -8.89
C PHE B 242 -27.87 16.89 -7.73
N LEU B 243 -27.69 18.11 -7.20
CA LEU B 243 -26.78 18.35 -6.06
C LEU B 243 -27.57 18.44 -4.77
N ASN B 244 -26.92 18.20 -3.63
CA ASN B 244 -27.45 18.52 -2.28
C ASN B 244 -26.82 19.82 -1.79
N SER B 245 -25.63 20.17 -2.27
CA SER B 245 -24.97 21.45 -1.92
C SER B 245 -24.10 21.91 -3.09
N LEU B 246 -23.91 23.23 -3.20
CA LEU B 246 -22.99 23.84 -4.20
C LEU B 246 -21.76 24.27 -3.43
N GLY B 247 -20.58 24.05 -4.02
CA GLY B 247 -19.31 24.48 -3.45
C GLY B 247 -18.66 25.49 -4.37
N GLY B 248 -17.35 25.60 -4.22
CA GLY B 248 -16.55 26.61 -4.94
C GLY B 248 -15.12 26.51 -4.50
N SER B 249 -14.22 26.73 -5.44
CA SER B 249 -12.78 27.03 -5.15
C SER B 249 -12.64 28.53 -5.35
N ALA B 250 -12.15 29.21 -4.32
CA ALA B 250 -11.85 30.64 -4.35
C ALA B 250 -10.44 30.84 -3.83
N HIS B 251 -9.45 30.67 -4.69
CA HIS B 251 -8.01 30.75 -4.35
C HIS B 251 -7.45 32.11 -4.73
N ALA B 252 -6.90 32.81 -3.74
CA ALA B 252 -6.33 34.15 -3.93
C ALA B 252 -5.26 34.11 -5.02
N SER B 253 -4.50 33.03 -5.16
CA SER B 253 -3.36 32.97 -6.12
C SER B 253 -3.79 32.60 -7.55
N TRP B 254 -5.01 32.11 -7.78
CA TRP B 254 -5.50 31.67 -9.12
C TRP B 254 -6.65 32.51 -9.65
N HIS B 255 -7.58 32.93 -8.79
CA HIS B 255 -8.95 33.31 -9.19
C HIS B 255 -9.22 34.81 -9.08
N PHE B 256 -8.32 35.57 -8.46
CA PHE B 256 -8.60 36.98 -8.10
C PHE B 256 -7.72 37.93 -8.93
N GLY B 257 -7.27 37.50 -10.11
CA GLY B 257 -6.43 38.31 -11.02
C GLY B 257 -7.06 39.65 -11.38
N TYR B 258 -8.39 39.81 -11.30
CA TYR B 258 -9.06 41.08 -11.65
C TYR B 258 -8.90 42.11 -10.52
N PHE B 259 -8.33 41.73 -9.39
CA PHE B 259 -8.21 42.59 -8.17
C PHE B 259 -6.78 42.71 -7.69
N PRO B 260 -6.39 43.84 -7.08
CA PRO B 260 -5.22 43.89 -6.24
C PRO B 260 -5.49 43.15 -4.91
N ARG B 261 -4.42 42.74 -4.24
CA ARG B 261 -4.47 41.97 -2.98
C ARG B 261 -5.30 42.71 -1.91
N LYS B 262 -5.22 44.04 -1.82
CA LYS B 262 -5.97 44.80 -0.78
C LYS B 262 -7.48 44.71 -1.01
N ALA B 263 -7.94 44.26 -2.20
CA ALA B 263 -9.37 44.10 -2.50
C ALA B 263 -9.76 42.62 -2.63
N TYR B 264 -8.96 41.68 -2.12
CA TYR B 264 -9.34 40.24 -2.10
C TYR B 264 -10.54 40.04 -1.15
N THR B 265 -10.82 40.99 -0.25
CA THR B 265 -12.07 41.03 0.55
C THR B 265 -13.28 41.15 -0.39
N VAL B 266 -13.18 42.09 -1.33
CA VAL B 266 -14.25 42.34 -2.33
C VAL B 266 -14.34 41.11 -3.24
N ALA B 267 -13.21 40.59 -3.69
CA ALA B 267 -13.18 39.40 -4.60
C ALA B 267 -13.89 38.24 -3.90
N MET B 268 -13.53 37.95 -2.65
CA MET B 268 -14.11 36.81 -1.91
C MET B 268 -15.61 37.04 -1.69
N SER B 269 -16.01 38.27 -1.38
CA SER B 269 -17.45 38.59 -1.18
C SER B 269 -18.23 38.38 -2.48
N ALA B 270 -17.68 38.83 -3.61
CA ALA B 270 -18.34 38.65 -4.93
C ALA B 270 -18.39 37.16 -5.26
N ASN B 271 -17.31 36.42 -5.02
CA ASN B 271 -17.25 34.96 -5.33
C ASN B 271 -18.32 34.26 -4.48
N ALA B 272 -18.44 34.62 -3.21
CA ALA B 272 -19.44 34.04 -2.27
C ALA B 272 -20.84 34.38 -2.77
N GLU B 273 -21.08 35.63 -3.17
CA GLU B 273 -22.40 36.05 -3.68
C GLU B 273 -22.73 35.27 -4.94
N LEU B 274 -21.75 35.08 -5.82
CA LEU B 274 -21.97 34.38 -7.11
C LEU B 274 -22.39 32.93 -6.83
N ILE B 275 -21.69 32.26 -5.91
CA ILE B 275 -22.00 30.84 -5.54
C ILE B 275 -23.36 30.80 -4.81
N ARG B 276 -23.57 31.71 -3.87
CA ARG B 276 -24.85 31.78 -3.12
C ARG B 276 -26.02 31.88 -4.11
N SER B 277 -25.91 32.73 -5.13
CA SER B 277 -26.96 32.89 -6.18
C SER B 277 -27.12 31.58 -6.94
N GLY B 278 -26.02 30.96 -7.37
CA GLY B 278 -26.08 29.66 -8.08
C GLY B 278 -26.80 28.59 -7.26
N ALA B 279 -26.55 28.58 -5.95
CA ALA B 279 -27.09 27.56 -5.02
C ALA B 279 -28.62 27.67 -4.95
N GLY B 280 -29.19 28.88 -5.03
CA GLY B 280 -30.65 29.06 -4.89
C GLY B 280 -31.13 28.49 -3.55
N GLU B 281 -32.00 27.47 -3.57
CA GLU B 281 -32.56 26.91 -2.31
C GLU B 281 -31.58 25.91 -1.66
N LEU B 282 -30.53 25.46 -2.37
CA LEU B 282 -29.51 24.54 -1.78
C LEU B 282 -28.60 25.32 -0.86
N PRO B 283 -28.08 24.69 0.23
CA PRO B 283 -26.97 25.25 0.97
C PRO B 283 -25.70 25.27 0.10
N TRP B 284 -24.78 26.16 0.43
CA TRP B 284 -23.46 26.25 -0.23
C TRP B 284 -22.36 26.31 0.82
N LEU B 285 -21.13 25.97 0.43
CA LEU B 285 -19.94 26.18 1.27
C LEU B 285 -18.75 26.34 0.32
N MET B 286 -17.66 26.90 0.82
CA MET B 286 -16.42 27.07 0.04
C MET B 286 -15.54 25.84 0.25
N THR B 287 -15.55 24.96 -0.76
CA THR B 287 -14.81 23.69 -0.81
C THR B 287 -13.29 23.92 -0.77
N GLU B 288 -12.80 25.02 -1.33
CA GLU B 288 -11.35 25.32 -1.39
C GLU B 288 -11.09 26.81 -1.15
N LEU B 289 -10.33 27.10 -0.10
CA LEU B 289 -9.68 28.40 0.21
C LEU B 289 -8.18 28.16 0.29
N GLN B 290 -7.36 29.17 -0.01
CA GLN B 290 -5.89 28.99 -0.02
C GLN B 290 -5.40 28.95 1.43
N GLY B 291 -4.74 27.87 1.81
CA GLY B 291 -4.30 27.61 3.20
C GLY B 291 -2.84 27.94 3.44
N GLY B 292 -2.07 28.30 2.40
CA GLY B 292 -0.62 28.40 2.55
C GLY B 292 0.10 28.97 1.34
N ASN B 293 1.41 28.72 1.35
CA ASN B 293 2.43 29.44 0.56
C ASN B 293 2.50 28.92 -0.87
N ASN B 294 2.66 29.84 -1.81
CA ASN B 294 3.09 29.56 -3.21
C ASN B 294 4.61 29.68 -3.27
N LEU B 295 5.28 28.61 -3.65
CA LEU B 295 6.72 28.64 -3.94
C LEU B 295 6.84 28.85 -5.46
N TYR B 296 6.60 27.83 -6.26
CA TYR B 296 6.63 27.91 -7.74
C TYR B 296 5.21 28.01 -8.33
N SER B 297 4.14 27.63 -7.61
CA SER B 297 2.75 27.54 -8.16
C SER B 297 2.03 28.89 -8.07
N GLY B 298 0.85 28.97 -8.66
CA GLY B 298 -0.05 30.15 -8.58
C GLY B 298 0.24 31.14 -9.68
N ALA B 299 -0.76 31.92 -10.10
CA ALA B 299 -0.63 33.02 -11.08
C ALA B 299 -0.22 34.31 -10.33
N ASN B 300 -0.82 34.56 -9.17
CA ASN B 300 -0.57 35.78 -8.34
C ASN B 300 -0.13 35.26 -6.99
N PRO B 301 1.13 34.79 -6.85
CA PRO B 301 1.49 33.99 -5.69
C PRO B 301 1.51 34.80 -4.40
N LEU B 302 1.06 34.17 -3.29
CA LEU B 302 1.18 34.77 -1.95
C LEU B 302 1.26 33.67 -0.88
N CYS B 303 1.51 34.09 0.34
CA CYS B 303 1.24 33.30 1.56
C CYS B 303 0.19 34.10 2.34
N PRO B 304 -1.07 33.61 2.43
CA PRO B 304 -2.11 34.34 3.15
C PRO B 304 -1.63 34.72 4.55
N THR B 305 -1.95 35.94 4.97
CA THR B 305 -1.70 36.36 6.38
C THR B 305 -2.75 35.71 7.27
N ALA B 306 -2.46 35.57 8.56
CA ALA B 306 -3.46 35.19 9.58
C ALA B 306 -4.71 36.08 9.42
N GLU B 307 -4.52 37.37 9.17
CA GLU B 307 -5.65 38.36 9.08
C GLU B 307 -6.54 38.02 7.87
N GLU B 308 -5.92 37.61 6.75
CA GLU B 308 -6.65 37.25 5.49
C GLU B 308 -7.49 35.99 5.73
N ILE B 309 -6.95 35.00 6.44
CA ILE B 309 -7.68 33.73 6.79
C ILE B 309 -8.99 34.10 7.50
N ILE B 310 -8.92 34.99 8.48
CA ILE B 310 -10.09 35.41 9.29
C ILE B 310 -11.08 36.20 8.42
N GLN B 311 -10.58 37.09 7.57
CA GLN B 311 -11.40 37.91 6.65
C GLN B 311 -12.20 36.96 5.74
N TRP B 312 -11.54 35.97 5.15
CA TRP B 312 -12.18 35.08 4.15
C TRP B 312 -13.24 34.21 4.84
N LEU B 313 -12.94 33.63 6.00
CA LEU B 313 -13.93 32.77 6.71
C LEU B 313 -15.16 33.61 7.07
N TRP B 314 -15.00 34.82 7.60
CA TRP B 314 -16.16 35.64 8.02
C TRP B 314 -16.94 36.11 6.79
N ILE B 315 -16.27 36.51 5.71
CA ILE B 315 -16.99 36.96 4.48
C ILE B 315 -17.90 35.83 4.02
N ASN B 316 -17.36 34.60 3.95
CA ASN B 316 -18.14 33.44 3.44
C ASN B 316 -19.31 33.14 4.39
N PHE B 317 -19.08 33.06 5.70
CA PHE B 317 -20.16 32.73 6.69
C PHE B 317 -21.23 33.82 6.65
N ALA B 318 -20.83 35.09 6.50
CA ALA B 318 -21.77 36.24 6.42
C ALA B 318 -22.60 36.16 5.14
N THR B 319 -22.15 35.37 4.16
CA THR B 319 -22.81 35.19 2.84
C THR B 319 -23.45 33.80 2.81
N GLU B 320 -23.74 33.22 3.98
CA GLU B 320 -24.55 31.98 4.19
C GLU B 320 -23.74 30.69 3.97
N ALA B 321 -22.41 30.75 3.83
CA ALA B 321 -21.60 29.53 3.63
C ALA B 321 -21.81 28.60 4.84
N LYS B 322 -21.93 27.31 4.59
CA LYS B 322 -22.06 26.28 5.65
C LYS B 322 -20.70 25.66 5.96
N GLY B 323 -19.63 26.17 5.33
CA GLY B 323 -18.29 25.64 5.58
C GLY B 323 -17.23 26.41 4.82
N GLY B 324 -16.01 26.36 5.32
CA GLY B 324 -14.79 26.78 4.62
C GLY B 324 -13.76 25.69 4.77
N ILE B 325 -13.36 25.07 3.66
CA ILE B 325 -12.28 24.05 3.63
C ILE B 325 -11.04 24.63 2.96
N PHE B 326 -9.92 24.57 3.63
CA PHE B 326 -8.61 25.08 3.13
C PHE B 326 -7.87 24.01 2.34
N TRP B 327 -7.44 24.36 1.14
CA TRP B 327 -6.37 23.64 0.40
C TRP B 327 -5.05 24.27 0.82
N SER B 328 -4.24 23.61 1.66
CA SER B 328 -4.41 22.25 2.17
C SER B 328 -3.92 22.20 3.62
N PHE B 329 -4.29 21.18 4.39
CA PHE B 329 -3.76 21.00 5.76
C PHE B 329 -2.25 20.73 5.67
N ASN B 330 -1.89 19.68 4.95
CA ASN B 330 -0.49 19.21 4.72
C ASN B 330 -0.17 19.31 3.22
N ALA B 331 1.11 19.22 2.84
CA ALA B 331 1.56 19.48 1.45
C ALA B 331 1.75 18.15 0.70
N ARG B 332 1.64 18.22 -0.62
CA ARG B 332 2.19 17.21 -1.56
C ARG B 332 3.71 17.17 -1.35
N SER B 333 4.37 16.06 -1.70
CA SER B 333 5.81 15.87 -1.40
C SER B 333 6.68 15.93 -2.65
N THR B 334 6.12 15.74 -3.85
CA THR B 334 6.93 15.55 -5.09
C THR B 334 6.44 16.47 -6.21
N ALA B 335 7.38 17.13 -6.89
CA ALA B 335 7.14 17.91 -8.14
C ALA B 335 6.10 19.02 -7.88
N ALA B 336 5.07 19.15 -8.71
CA ALA B 336 4.14 20.31 -8.64
C ALA B 336 3.58 20.44 -7.22
N GLU B 337 3.80 21.62 -6.63
CA GLU B 337 3.22 22.06 -5.34
C GLU B 337 3.82 21.29 -4.17
N ALA B 338 5.00 20.67 -4.34
CA ALA B 338 5.71 19.97 -3.25
C ALA B 338 6.02 20.99 -2.13
N GLY B 339 5.52 20.77 -0.93
CA GLY B 339 5.75 21.66 0.25
C GLY B 339 5.05 22.99 0.12
N GLU B 340 4.06 23.11 -0.77
CA GLU B 340 3.29 24.36 -1.01
C GLU B 340 1.86 24.19 -0.47
N TRP B 341 1.19 25.32 -0.17
CA TRP B 341 -0.27 25.44 0.12
C TRP B 341 -0.64 25.02 1.55
N ALA B 342 0.30 24.52 2.37
CA ALA B 342 -0.03 23.83 3.64
C ALA B 342 -0.29 24.84 4.78
N MET B 343 -1.25 24.51 5.64
CA MET B 343 -1.59 25.28 6.87
C MET B 343 -0.62 24.90 7.98
N ILE B 344 -0.08 23.67 7.96
CA ILE B 344 0.95 23.24 8.94
C ILE B 344 2.33 23.57 8.37
N ASN B 345 3.32 23.72 9.23
CA ASN B 345 4.72 24.00 8.87
C ASN B 345 5.42 22.65 8.63
N PHE B 346 6.68 22.66 8.26
CA PHE B 346 7.40 21.42 7.87
C PHE B 346 7.70 20.55 9.11
N LYS B 347 7.50 21.05 10.34
CA LYS B 347 7.52 20.22 11.58
C LYS B 347 6.11 19.70 11.92
N ASN B 348 5.12 19.89 11.05
CA ASN B 348 3.74 19.40 11.24
C ASN B 348 3.08 20.12 12.43
N LYS B 349 3.51 21.35 12.74
CA LYS B 349 2.88 22.18 13.80
C LYS B 349 2.16 23.36 13.13
N SER B 350 1.35 24.08 13.92
CA SER B 350 0.44 25.14 13.43
C SER B 350 1.24 26.34 12.90
N SER B 351 0.93 26.78 11.68
CA SER B 351 1.31 28.14 11.21
C SER B 351 0.36 29.17 11.85
N ASP B 352 0.65 30.45 11.69
CA ASP B 352 -0.25 31.54 12.18
C ASP B 352 -1.60 31.45 11.43
N ARG B 353 -1.64 30.83 10.25
CA ARG B 353 -2.89 30.64 9.46
C ARG B 353 -3.79 29.61 10.13
N LEU B 354 -3.23 28.51 10.60
CA LEU B 354 -4.00 27.46 11.31
C LEU B 354 -4.45 27.98 12.67
N ILE B 355 -3.61 28.73 13.39
CA ILE B 355 -3.99 29.35 14.69
C ILE B 355 -5.18 30.28 14.46
N ALA B 356 -5.16 31.09 13.39
CA ALA B 356 -6.25 32.02 13.03
C ALA B 356 -7.52 31.23 12.72
N ALA B 357 -7.44 30.22 11.85
CA ALA B 357 -8.63 29.43 11.47
C ALA B 357 -9.25 28.78 12.73
N ALA B 358 -8.41 28.31 13.66
CA ALA B 358 -8.83 27.65 14.91
C ALA B 358 -9.68 28.62 15.77
N THR B 359 -9.38 29.92 15.76
CA THR B 359 -10.19 30.91 16.52
C THR B 359 -11.61 30.94 15.95
N ILE B 360 -11.77 30.72 14.65
CA ILE B 360 -13.11 30.80 13.99
C ILE B 360 -13.88 29.52 14.33
N GLY B 361 -13.23 28.35 14.26
CA GLY B 361 -13.85 27.08 14.68
C GLY B 361 -14.31 27.15 16.13
N LYS B 362 -13.49 27.73 17.01
CA LYS B 362 -13.82 27.93 18.44
C LYS B 362 -15.02 28.87 18.58
N PHE B 363 -15.02 30.00 17.85
CA PHE B 363 -16.16 30.96 17.87
C PHE B 363 -17.45 30.25 17.52
N ILE B 364 -17.43 29.38 16.49
CA ILE B 364 -18.66 28.66 16.04
C ILE B 364 -19.17 27.78 17.19
N THR B 365 -18.30 27.00 17.83
CA THR B 365 -18.70 26.06 18.92
C THR B 365 -19.32 26.84 20.10
N GLU B 366 -18.87 28.07 20.37
CA GLU B 366 -19.37 28.92 21.48
C GLU B 366 -20.60 29.74 21.05
N ASN B 367 -20.98 29.73 19.78
CA ASN B 367 -22.07 30.59 19.26
C ASN B 367 -22.92 29.80 18.26
N VAL B 368 -23.23 28.54 18.57
CA VAL B 368 -23.84 27.56 17.62
C VAL B 368 -25.14 28.09 17.05
N LYS B 369 -26.06 28.59 17.89
CA LYS B 369 -27.43 28.95 17.42
C LYS B 369 -27.32 30.13 16.43
N MET B 370 -26.57 31.18 16.78
CA MET B 370 -26.30 32.32 15.86
C MET B 370 -25.70 31.79 14.55
N MET B 371 -24.61 31.02 14.62
CA MET B 371 -23.81 30.69 13.42
C MET B 371 -24.54 29.69 12.53
N SER B 372 -25.51 28.93 13.04
CA SER B 372 -26.24 27.89 12.27
C SER B 372 -27.38 28.49 11.45
N ASN B 373 -27.77 29.74 11.68
CA ASN B 373 -29.05 30.29 11.13
C ASN B 373 -28.79 31.60 10.38
N ILE B 374 -27.56 31.81 9.89
CA ILE B 374 -27.22 33.07 9.17
C ILE B 374 -28.03 33.18 7.86
N LYS B 375 -28.66 34.32 7.67
CA LYS B 375 -29.33 34.74 6.42
C LYS B 375 -28.75 36.10 6.04
N THR B 376 -28.18 36.21 4.85
CA THR B 376 -27.59 37.50 4.41
C THR B 376 -28.71 38.53 4.41
N LEU B 377 -28.44 39.75 4.87
CA LEU B 377 -29.43 40.87 4.77
C LEU B 377 -29.38 41.42 3.34
N ASN B 378 -30.29 40.97 2.49
CA ASN B 378 -30.39 41.45 1.09
C ASN B 378 -30.79 42.92 1.11
N SER B 379 -29.95 43.81 0.59
CA SER B 379 -30.25 45.24 0.43
C SER B 379 -31.44 45.43 -0.51
N GLY B 380 -31.69 44.47 -1.42
CA GLY B 380 -32.56 44.67 -2.59
C GLY B 380 -31.81 45.10 -3.86
N ILE B 381 -30.49 45.25 -3.79
CA ILE B 381 -29.62 45.56 -4.96
C ILE B 381 -29.11 44.22 -5.52
N SER B 382 -29.38 43.96 -6.80
CA SER B 382 -28.86 42.79 -7.54
C SER B 382 -28.03 43.26 -8.73
N ILE B 383 -26.74 42.90 -8.75
CA ILE B 383 -25.84 43.15 -9.91
C ILE B 383 -25.91 41.89 -10.78
N LEU B 384 -26.39 42.00 -12.01
CA LEU B 384 -26.70 40.84 -12.88
C LEU B 384 -25.66 40.73 -14.01
N TYR B 385 -25.23 39.51 -14.30
CA TYR B 385 -24.32 39.18 -15.43
C TYR B 385 -25.06 38.12 -16.23
N ASN B 386 -24.73 37.95 -17.50
CA ASN B 386 -25.33 36.82 -18.26
C ASN B 386 -24.26 36.13 -19.09
N HIS B 387 -24.46 34.83 -19.31
CA HIS B 387 -23.54 34.03 -20.14
C HIS B 387 -23.35 34.71 -21.49
N GLU B 388 -24.43 35.21 -22.10
CA GLU B 388 -24.44 35.63 -23.52
C GLU B 388 -23.56 36.87 -23.71
N SER B 389 -23.50 37.77 -22.73
CA SER B 389 -22.61 38.94 -22.80
C SER B 389 -21.16 38.44 -22.86
N MET B 390 -20.81 37.45 -22.07
CA MET B 390 -19.44 36.88 -22.07
C MET B 390 -19.17 36.23 -23.44
N TRP B 391 -20.12 35.50 -23.99
CA TRP B 391 -19.92 34.80 -25.29
C TRP B 391 -19.76 35.82 -26.42
N VAL B 392 -20.61 36.83 -26.47
CA VAL B 392 -20.56 37.86 -27.53
C VAL B 392 -19.24 38.63 -27.40
N GLU B 393 -18.82 38.98 -26.17
CA GLU B 393 -17.53 39.66 -25.91
C GLU B 393 -16.39 38.82 -26.50
N ALA B 394 -16.39 37.51 -26.28
CA ALA B 394 -15.32 36.61 -26.77
C ALA B 394 -15.28 36.63 -28.29
N ALA B 395 -16.43 36.74 -28.96
CA ALA B 395 -16.49 36.83 -30.45
C ALA B 395 -15.96 38.19 -30.92
N GLN B 396 -16.30 39.28 -30.24
CA GLN B 396 -15.98 40.65 -30.70
C GLN B 396 -14.51 40.99 -30.41
N THR B 397 -13.93 40.50 -29.32
CA THR B 397 -12.55 40.89 -28.91
C THR B 397 -11.55 39.88 -29.48
N ARG B 398 -12.02 38.86 -30.21
CA ARG B 398 -11.17 37.79 -30.82
C ARG B 398 -10.06 37.37 -29.83
N GLY B 399 -10.41 37.22 -28.54
CA GLY B 399 -9.56 36.63 -27.49
C GLY B 399 -8.43 37.54 -26.99
N LYS B 400 -8.49 38.85 -27.24
CA LYS B 400 -7.46 39.84 -26.80
C LYS B 400 -7.44 39.95 -25.27
N LEU B 401 -6.24 40.05 -24.69
CA LEU B 401 -6.00 39.95 -23.22
C LEU B 401 -5.32 41.22 -22.72
N ASN B 402 -5.72 42.37 -23.27
CA ASN B 402 -5.06 43.69 -23.07
C ASN B 402 -5.67 44.41 -21.85
N GLY B 403 -6.54 43.75 -21.08
CA GLY B 403 -7.14 44.26 -19.82
C GLY B 403 -8.43 45.09 -19.98
N ASN B 404 -8.58 45.83 -21.09
CA ASN B 404 -9.53 46.96 -21.22
C ASN B 404 -10.91 46.50 -21.75
N GLY B 405 -11.76 47.43 -22.14
CA GLY B 405 -13.08 47.14 -22.73
C GLY B 405 -12.96 46.29 -24.00
N ARG B 406 -11.83 46.37 -24.71
CA ARG B 406 -11.62 45.64 -25.99
C ARG B 406 -10.87 44.32 -25.71
N SER B 407 -11.01 43.77 -24.51
CA SER B 407 -10.36 42.51 -24.10
C SER B 407 -11.38 41.62 -23.39
N ILE B 408 -11.08 40.34 -23.33
CA ILE B 408 -11.88 39.36 -22.55
C ILE B 408 -11.85 39.83 -21.09
N GLY B 409 -12.99 39.88 -20.42
CA GLY B 409 -13.03 40.20 -18.98
C GLY B 409 -13.78 41.48 -18.64
N ALA B 410 -13.96 42.39 -19.60
CA ALA B 410 -14.66 43.68 -19.34
C ALA B 410 -16.10 43.43 -18.85
N VAL B 411 -16.78 42.43 -19.38
CA VAL B 411 -18.22 42.16 -19.03
C VAL B 411 -18.32 41.62 -17.59
N MET B 412 -17.23 41.10 -17.00
CA MET B 412 -17.25 40.72 -15.58
C MET B 412 -16.61 41.81 -14.71
N CYS B 413 -15.54 42.46 -15.17
CA CYS B 413 -14.87 43.54 -14.40
C CYS B 413 -15.83 44.73 -14.18
N SER B 414 -16.71 45.02 -15.13
CA SER B 414 -17.67 46.14 -15.01
C SER B 414 -18.61 45.90 -13.82
N PRO B 415 -19.40 44.79 -13.77
CA PRO B 415 -20.25 44.53 -12.61
C PRO B 415 -19.47 44.35 -11.30
N LEU B 416 -18.24 43.83 -11.34
CA LEU B 416 -17.40 43.68 -10.12
C LEU B 416 -16.99 45.07 -9.59
N SER B 417 -16.84 46.06 -10.47
CA SER B 417 -16.51 47.45 -10.11
C SER B 417 -17.67 48.08 -9.34
N TYR B 418 -18.90 47.90 -9.81
CA TYR B 418 -20.12 48.35 -9.11
C TYR B 418 -20.18 47.69 -7.74
N PHE B 419 -19.91 46.38 -7.72
CA PHE B 419 -19.89 45.58 -6.48
C PHE B 419 -18.91 46.19 -5.46
N GLU B 420 -17.70 46.55 -5.91
CA GLU B 420 -16.65 47.14 -5.08
C GLU B 420 -17.12 48.50 -4.56
N ALA B 421 -17.75 49.31 -5.42
CA ALA B 421 -18.24 50.66 -5.06
C ALA B 421 -19.26 50.53 -3.93
N LEU B 422 -20.17 49.58 -4.04
CA LEU B 422 -21.22 49.32 -3.01
C LEU B 422 -20.59 48.76 -1.74
N SER B 423 -19.59 47.87 -1.82
CA SER B 423 -18.87 47.33 -0.64
C SER B 423 -18.24 48.48 0.16
N GLU B 424 -17.64 49.45 -0.52
CA GLU B 424 -16.97 50.63 0.10
C GLU B 424 -18.01 51.64 0.61
N THR B 425 -19.29 51.41 0.33
CA THR B 425 -20.44 52.18 0.89
C THR B 425 -21.09 51.39 2.04
N GLY B 426 -20.61 50.16 2.28
CA GLY B 426 -21.08 49.25 3.34
C GLY B 426 -22.42 48.63 3.00
N LEU B 427 -22.76 48.55 1.71
CA LEU B 427 -24.05 48.01 1.23
C LEU B 427 -23.81 46.61 0.66
N GLN B 428 -24.62 45.65 1.08
CA GLN B 428 -24.71 44.30 0.48
C GLN B 428 -25.23 44.46 -0.96
N ALA B 429 -24.78 43.60 -1.87
CA ALA B 429 -25.38 43.48 -3.21
C ALA B 429 -25.31 42.01 -3.63
N ASN B 430 -26.38 41.53 -4.22
CA ASN B 430 -26.40 40.20 -4.87
C ASN B 430 -25.54 40.29 -6.14
N PHE B 431 -24.99 39.16 -6.55
CA PHE B 431 -24.20 39.03 -7.80
C PHE B 431 -24.70 37.76 -8.43
N LYS B 432 -25.51 37.88 -9.48
CA LYS B 432 -26.38 36.78 -9.96
C LYS B 432 -26.31 36.69 -11.48
N GLU B 433 -26.36 35.48 -12.01
CA GLU B 433 -26.66 35.27 -13.43
C GLU B 433 -28.12 35.69 -13.63
N ILE B 434 -28.43 36.31 -14.77
CA ILE B 434 -29.79 36.88 -15.02
C ILE B 434 -30.87 35.80 -14.83
N LYS B 435 -30.61 34.53 -15.19
CA LYS B 435 -31.60 33.44 -15.06
C LYS B 435 -31.83 33.07 -13.59
N GLU B 436 -30.98 33.53 -12.66
CA GLU B 436 -31.12 33.23 -11.21
C GLU B 436 -31.98 34.31 -10.54
N PHE B 437 -32.28 35.41 -11.22
CA PHE B 437 -33.13 36.49 -10.67
C PHE B 437 -34.61 36.11 -10.86
N ASP B 438 -35.42 36.26 -9.82
CA ASP B 438 -36.87 35.95 -9.84
C ASP B 438 -37.64 37.13 -10.47
N PHE B 439 -38.05 36.99 -11.73
CA PHE B 439 -38.82 38.03 -12.48
C PHE B 439 -40.33 37.80 -12.40
N SER B 440 -40.82 36.96 -11.49
CA SER B 440 -42.24 36.48 -11.46
C SER B 440 -43.08 37.24 -10.41
N LEU B 441 -42.50 38.17 -9.65
CA LEU B 441 -43.20 38.88 -8.54
C LEU B 441 -44.14 39.96 -9.10
N ASN B 442 -45.04 40.45 -8.27
CA ASN B 442 -46.09 41.44 -8.64
C ASN B 442 -45.63 42.84 -8.28
N ASP B 443 -44.64 42.96 -7.40
CA ASP B 443 -44.18 44.25 -6.84
C ASP B 443 -42.64 44.21 -6.72
N TYR B 444 -41.95 45.24 -7.23
CA TYR B 444 -40.47 45.37 -7.16
C TYR B 444 -40.09 46.74 -6.60
N THR B 445 -41.04 47.39 -5.93
CA THR B 445 -40.78 48.64 -5.16
C THR B 445 -39.55 48.42 -4.31
N ASP B 446 -38.63 49.39 -4.31
CA ASP B 446 -37.41 49.34 -3.44
C ASP B 446 -36.48 48.17 -3.82
N GLN B 447 -36.67 47.51 -4.97
CA GLN B 447 -35.64 46.58 -5.54
C GLN B 447 -34.83 47.33 -6.62
N VAL B 448 -33.54 46.99 -6.79
CA VAL B 448 -32.66 47.64 -7.80
C VAL B 448 -31.89 46.56 -8.56
N ILE B 449 -31.91 46.65 -9.89
CA ILE B 449 -31.03 45.84 -10.77
C ILE B 449 -29.98 46.78 -11.39
N ILE B 450 -28.72 46.34 -11.34
CA ILE B 450 -27.59 47.03 -12.03
C ILE B 450 -27.14 46.11 -13.17
N LEU B 451 -27.26 46.59 -14.42
CA LEU B 451 -26.74 45.92 -15.63
C LEU B 451 -25.57 46.75 -16.17
N SER B 452 -24.35 46.34 -15.84
CA SER B 452 -23.12 47.10 -16.13
C SER B 452 -22.36 46.40 -17.25
N HIS B 453 -22.39 46.99 -18.44
CA HIS B 453 -21.66 46.50 -19.63
C HIS B 453 -22.12 45.06 -19.94
N GLN B 454 -23.40 44.76 -19.77
CA GLN B 454 -23.97 43.45 -20.19
C GLN B 454 -24.40 43.60 -21.65
N ILE B 455 -23.43 43.43 -22.55
CA ILE B 455 -23.49 43.87 -23.97
C ILE B 455 -24.54 43.08 -24.75
N ALA B 456 -24.97 41.93 -24.26
CA ALA B 456 -25.95 41.06 -24.97
C ALA B 456 -27.22 40.86 -24.12
N LEU B 457 -28.35 41.33 -24.63
CA LEU B 457 -29.70 41.14 -24.02
C LEU B 457 -30.67 40.76 -25.14
N ASP B 458 -31.54 39.76 -24.93
CA ASP B 458 -32.54 39.34 -25.94
C ASP B 458 -33.93 39.93 -25.60
N ASN B 459 -34.88 39.78 -26.52
CA ASN B 459 -36.27 40.30 -26.38
C ASN B 459 -36.92 39.75 -25.11
N LYS B 460 -36.73 38.47 -24.81
CA LYS B 460 -37.36 37.85 -23.61
C LYS B 460 -36.86 38.53 -22.34
N VAL B 461 -35.56 38.77 -22.19
CA VAL B 461 -35.00 39.40 -20.96
C VAL B 461 -35.44 40.86 -20.92
N ILE B 462 -35.49 41.55 -22.06
CA ILE B 462 -35.96 42.98 -22.10
C ILE B 462 -37.41 43.05 -21.59
N LYS B 463 -38.27 42.10 -21.95
CA LYS B 463 -39.68 42.05 -21.45
C LYS B 463 -39.68 41.84 -19.94
N GLN B 464 -38.79 41.00 -19.41
CA GLN B 464 -38.68 40.78 -17.95
C GLN B 464 -38.23 42.08 -17.26
N LEU B 465 -37.28 42.83 -17.84
CA LEU B 465 -36.81 44.12 -17.28
C LEU B 465 -37.92 45.16 -17.33
N GLU B 466 -38.68 45.23 -18.43
CA GLU B 466 -39.86 46.14 -18.59
C GLU B 466 -40.86 45.86 -17.45
N SER B 467 -41.18 44.58 -17.21
CA SER B 467 -42.10 44.15 -16.14
C SER B 467 -41.53 44.57 -14.78
N PHE B 468 -40.23 44.33 -14.54
CA PHE B 468 -39.55 44.67 -13.28
C PHE B 468 -39.70 46.16 -13.01
N VAL B 469 -39.39 47.02 -14.00
CA VAL B 469 -39.39 48.50 -13.81
C VAL B 469 -40.85 48.98 -13.66
N GLU B 470 -41.74 48.49 -14.50
CA GLU B 470 -43.19 48.85 -14.53
C GLU B 470 -43.78 48.64 -13.12
N LYS B 471 -43.36 47.57 -12.44
CA LYS B 471 -43.88 47.17 -11.10
C LYS B 471 -43.04 47.82 -9.99
N GLY B 472 -42.23 48.85 -10.29
CA GLY B 472 -41.60 49.69 -9.24
C GLY B 472 -40.09 49.51 -9.11
N GLY B 473 -39.51 48.60 -9.87
CA GLY B 473 -38.04 48.39 -9.90
C GLY B 473 -37.28 49.61 -10.41
N THR B 474 -36.05 49.78 -9.91
CA THR B 474 -35.06 50.75 -10.40
C THR B 474 -34.01 49.99 -11.21
N LEU B 475 -33.78 50.40 -12.46
CA LEU B 475 -32.78 49.76 -13.35
C LEU B 475 -31.67 50.77 -13.62
N ILE B 476 -30.43 50.42 -13.30
CA ILE B 476 -29.23 51.23 -13.63
C ILE B 476 -28.44 50.46 -14.70
N ALA B 477 -28.22 51.09 -15.85
CA ALA B 477 -27.52 50.49 -17.00
C ALA B 477 -26.38 51.40 -17.42
N ASP B 478 -25.15 50.90 -17.47
CA ASP B 478 -23.99 51.67 -17.99
C ASP B 478 -23.24 50.84 -19.03
N GLY B 479 -22.25 51.45 -19.69
CA GLY B 479 -21.44 50.79 -20.73
C GLY B 479 -22.29 50.38 -21.91
N LEU B 480 -21.89 49.33 -22.63
CA LEU B 480 -22.58 48.91 -23.87
C LEU B 480 -23.71 47.93 -23.55
N THR B 481 -24.33 48.02 -22.38
CA THR B 481 -25.51 47.19 -22.03
C THR B 481 -26.54 47.21 -23.16
N GLY B 482 -26.90 46.04 -23.68
CA GLY B 482 -27.95 45.87 -24.70
C GLY B 482 -27.56 46.32 -26.10
N TYR B 483 -26.28 46.48 -26.39
CA TYR B 483 -25.81 46.87 -27.75
C TYR B 483 -26.11 45.74 -28.73
N TYR B 484 -25.97 44.51 -28.27
CA TYR B 484 -26.23 43.28 -29.07
C TYR B 484 -27.36 42.48 -28.44
N ASP B 485 -27.92 41.58 -29.24
CA ASP B 485 -28.82 40.50 -28.77
C ASP B 485 -28.00 39.21 -28.62
N TYR B 486 -28.65 38.09 -28.35
CA TYR B 486 -28.00 36.80 -28.04
C TYR B 486 -27.39 36.18 -29.32
N GLN B 487 -27.70 36.72 -30.51
CA GLN B 487 -27.09 36.26 -31.78
C GLN B 487 -26.02 37.25 -32.29
N ALA B 488 -25.54 38.16 -31.45
CA ALA B 488 -24.52 39.19 -31.76
C ALA B 488 -25.05 40.14 -32.84
N HIS B 489 -26.36 40.23 -33.00
CA HIS B 489 -27.03 41.20 -33.88
C HIS B 489 -27.28 42.47 -33.08
N SER B 490 -26.81 43.61 -33.57
CA SER B 490 -27.00 44.90 -32.87
C SER B 490 -28.36 45.51 -33.25
N THR B 491 -29.30 45.55 -32.31
CA THR B 491 -30.58 46.27 -32.51
C THR B 491 -30.29 47.77 -32.48
N VAL B 492 -29.15 48.22 -31.95
CA VAL B 492 -28.75 49.64 -32.03
C VAL B 492 -28.72 50.06 -33.51
N VAL B 493 -28.34 49.14 -34.39
CA VAL B 493 -28.26 49.37 -35.86
C VAL B 493 -29.64 49.12 -36.49
N SER B 494 -30.30 48.02 -36.20
CA SER B 494 -31.53 47.59 -36.93
C SER B 494 -32.81 48.22 -36.34
N GLY B 495 -32.81 48.74 -35.11
CA GLY B 495 -34.04 49.19 -34.39
C GLY B 495 -34.01 48.82 -32.92
N PHE B 496 -33.66 49.76 -32.04
CA PHE B 496 -33.13 49.51 -30.67
C PHE B 496 -34.21 48.88 -29.79
N ALA B 497 -33.94 47.68 -29.28
CA ALA B 497 -34.93 46.85 -28.53
C ALA B 497 -35.22 47.47 -27.16
N LEU B 498 -34.32 48.28 -26.61
CA LEU B 498 -34.51 48.93 -25.28
C LEU B 498 -35.07 50.36 -25.42
N GLU B 499 -35.46 50.81 -26.61
CA GLU B 499 -35.98 52.20 -26.79
C GLU B 499 -37.16 52.46 -25.84
N ASN B 500 -38.12 51.54 -25.82
CA ASN B 500 -39.35 51.63 -24.98
C ASN B 500 -38.96 51.82 -23.51
N LEU B 501 -38.12 50.93 -22.95
CA LEU B 501 -37.75 50.96 -21.52
C LEU B 501 -36.90 52.20 -21.19
N PHE B 502 -35.94 52.56 -22.05
CA PHE B 502 -34.97 53.65 -21.77
C PHE B 502 -35.59 55.02 -22.14
N GLY B 503 -36.66 55.03 -22.93
CA GLY B 503 -37.31 56.26 -23.42
C GLY B 503 -36.31 57.14 -24.17
N SER B 504 -35.39 56.50 -24.88
CA SER B 504 -34.24 57.16 -25.54
C SER B 504 -33.60 56.18 -26.53
N TYR B 505 -32.69 56.69 -27.35
CA TYR B 505 -32.09 55.99 -28.52
C TYR B 505 -30.62 56.37 -28.56
N PRO B 506 -29.71 55.41 -28.77
CA PRO B 506 -28.30 55.74 -28.93
C PRO B 506 -28.12 56.53 -30.24
N ILE B 507 -27.18 57.47 -30.24
CA ILE B 507 -26.80 58.27 -31.43
C ILE B 507 -25.43 57.81 -31.94
N GLU B 508 -24.40 57.87 -31.12
CA GLU B 508 -23.01 57.49 -31.49
C GLU B 508 -22.27 56.94 -30.27
N TYR B 509 -21.30 56.05 -30.52
CA TYR B 509 -20.14 55.81 -29.65
C TYR B 509 -18.91 56.43 -30.35
N LYS B 510 -18.08 57.09 -29.59
CA LYS B 510 -16.77 57.61 -30.06
C LYS B 510 -15.71 57.06 -29.12
N ILE B 511 -14.76 56.31 -29.65
CA ILE B 511 -13.62 55.82 -28.83
C ILE B 511 -12.79 57.02 -28.38
N LYS B 512 -12.33 56.98 -27.14
CA LYS B 512 -11.44 57.97 -26.48
C LYS B 512 -10.24 57.23 -25.89
N GLU B 513 -9.56 57.78 -24.90
CA GLU B 513 -8.45 57.11 -24.20
C GLU B 513 -9.03 56.10 -23.19
N ASN B 514 -8.15 55.29 -22.60
CA ASN B 514 -8.51 54.29 -21.55
C ASN B 514 -9.22 54.99 -20.40
N LEU B 515 -8.82 56.22 -20.06
CA LEU B 515 -9.45 57.00 -18.97
C LEU B 515 -9.74 58.41 -19.50
N PHE B 516 -11.00 58.79 -19.49
CA PHE B 516 -11.45 60.17 -19.83
C PHE B 516 -12.49 60.56 -18.78
N SER B 517 -12.90 61.81 -18.83
CA SER B 517 -13.85 62.42 -17.89
C SER B 517 -15.15 62.76 -18.64
N LEU B 518 -16.30 62.36 -18.08
CA LEU B 518 -17.63 62.87 -18.49
C LEU B 518 -17.93 64.09 -17.61
N ASP B 519 -17.94 65.29 -18.20
CA ASP B 519 -18.06 66.58 -17.49
C ASP B 519 -19.49 67.09 -17.56
N PHE B 520 -20.24 66.96 -16.46
CA PHE B 520 -21.71 67.17 -16.44
C PHE B 520 -22.01 68.66 -16.64
N ASP B 523 -21.37 71.95 -11.69
CA ASP B 523 -20.45 72.17 -10.54
C ASP B 523 -19.06 71.62 -10.87
N ASN B 524 -18.68 71.63 -12.16
CA ASN B 524 -17.49 70.93 -12.73
C ASN B 524 -17.48 69.43 -12.33
N TYR B 525 -18.63 68.81 -12.06
CA TYR B 525 -18.76 67.41 -11.59
C TYR B 525 -18.39 66.46 -12.75
N LYS B 526 -17.58 65.43 -12.43
CA LYS B 526 -16.74 64.69 -13.41
C LYS B 526 -16.81 63.19 -13.07
N LEU B 527 -17.40 62.38 -13.95
CA LEU B 527 -17.37 60.90 -13.86
C LEU B 527 -16.19 60.37 -14.64
N PRO B 528 -15.30 59.58 -14.02
CA PRO B 528 -14.33 58.79 -14.77
C PRO B 528 -15.09 57.83 -15.70
N ALA B 529 -14.62 57.73 -16.94
CA ALA B 529 -15.17 56.79 -17.94
C ALA B 529 -14.04 56.12 -18.71
N HIS B 530 -14.33 54.94 -19.24
CA HIS B 530 -13.33 54.08 -19.92
C HIS B 530 -13.70 53.91 -21.39
N LEU B 531 -12.78 54.35 -22.27
CA LEU B 531 -12.63 53.90 -23.67
C LEU B 531 -13.66 54.53 -24.61
N TRP B 532 -14.97 54.44 -24.34
CA TRP B 532 -16.01 54.86 -25.30
C TRP B 532 -16.94 55.89 -24.65
N LYS B 533 -17.24 56.97 -25.37
CA LYS B 533 -18.27 57.95 -24.97
C LYS B 533 -19.52 57.71 -25.80
N GLY B 534 -20.62 57.34 -25.14
CA GLY B 534 -21.94 57.17 -25.76
C GLY B 534 -22.73 58.48 -25.71
N THR B 535 -23.40 58.81 -26.80
CA THR B 535 -24.38 59.93 -26.85
C THR B 535 -25.73 59.37 -27.26
N ILE B 536 -26.79 59.99 -26.76
CA ILE B 536 -28.18 59.50 -26.94
C ILE B 536 -29.07 60.68 -27.34
N GLU B 537 -30.27 60.33 -27.78
CA GLU B 537 -31.40 61.27 -28.02
C GLU B 537 -32.57 60.77 -27.17
N THR B 538 -33.10 61.62 -26.29
CA THR B 538 -34.25 61.28 -25.41
C THR B 538 -35.54 61.56 -26.16
N SER B 539 -36.56 60.70 -25.97
CA SER B 539 -37.97 60.96 -26.34
C SER B 539 -38.73 61.18 -25.04
N LYS B 540 -39.10 60.11 -24.33
CA LYS B 540 -39.86 60.19 -23.06
C LYS B 540 -38.93 60.43 -21.87
N ALA B 541 -37.63 60.09 -21.95
CA ALA B 541 -36.70 60.23 -20.81
C ALA B 541 -36.29 61.69 -20.66
N THR B 542 -35.82 62.05 -19.46
CA THR B 542 -35.22 63.36 -19.14
C THR B 542 -33.74 63.32 -19.48
N PRO B 543 -33.25 64.17 -20.41
CA PRO B 543 -31.84 64.17 -20.78
C PRO B 543 -30.91 64.76 -19.71
N ILE B 544 -29.69 64.23 -19.64
CA ILE B 544 -28.58 64.77 -18.81
C ILE B 544 -27.45 65.15 -19.77
N MET B 545 -27.08 66.43 -19.81
CA MET B 545 -26.16 66.97 -20.84
C MET B 545 -24.78 67.13 -20.24
N ASP B 546 -23.75 67.08 -21.08
CA ASP B 546 -22.34 67.37 -20.65
C ASP B 546 -21.99 68.80 -21.09
N LYS B 547 -20.80 69.27 -20.78
CA LYS B 547 -20.35 70.66 -21.05
C LYS B 547 -20.23 70.90 -22.55
N GLU B 548 -20.08 69.84 -23.36
CA GLU B 548 -19.98 69.96 -24.85
C GLU B 548 -21.38 70.05 -25.47
N GLY B 549 -22.44 70.01 -24.66
CA GLY B 549 -23.84 70.08 -25.11
C GLY B 549 -24.32 68.78 -25.72
N GLU B 550 -23.67 67.65 -25.40
CA GLU B 550 -24.11 66.32 -25.87
C GLU B 550 -24.92 65.66 -24.75
N CYS B 551 -25.91 64.87 -25.11
CA CYS B 551 -26.73 64.08 -24.15
C CYS B 551 -26.00 62.76 -23.85
N ILE B 552 -25.53 62.58 -22.62
CA ILE B 552 -24.65 61.43 -22.24
C ILE B 552 -25.39 60.48 -21.29
N ALA B 553 -26.61 60.82 -20.84
CA ALA B 553 -27.36 59.97 -19.90
C ALA B 553 -28.81 60.43 -19.85
N CYS B 554 -29.67 59.60 -19.25
CA CYS B 554 -31.08 59.99 -19.03
C CYS B 554 -31.68 59.20 -17.86
N ILE B 555 -32.81 59.71 -17.37
CA ILE B 555 -33.72 59.06 -16.40
C ILE B 555 -35.07 58.92 -17.06
N ASN B 556 -35.55 57.69 -17.20
CA ASN B 556 -36.88 57.39 -17.73
C ASN B 556 -37.77 56.97 -16.55
N GLN B 557 -38.94 57.59 -16.39
CA GLN B 557 -40.01 57.11 -15.49
C GLN B 557 -40.84 56.13 -16.32
N TYR B 558 -40.87 54.87 -15.92
CA TYR B 558 -41.55 53.78 -16.66
C TYR B 558 -42.48 53.04 -15.70
N GLY B 559 -43.78 53.25 -15.81
CA GLY B 559 -44.75 52.76 -14.82
C GLY B 559 -44.38 53.28 -13.44
N LYS B 560 -44.29 52.41 -12.44
CA LYS B 560 -43.99 52.83 -11.04
C LYS B 560 -42.47 52.95 -10.83
N GLY B 561 -41.64 52.46 -11.75
CA GLY B 561 -40.18 52.39 -11.54
C GLY B 561 -39.43 53.45 -12.33
N LYS B 562 -38.10 53.39 -12.28
CA LYS B 562 -37.24 54.32 -13.06
C LYS B 562 -36.04 53.58 -13.66
N VAL B 563 -35.52 54.16 -14.73
CA VAL B 563 -34.28 53.70 -15.41
C VAL B 563 -33.31 54.86 -15.40
N PHE B 564 -32.07 54.60 -14.96
CA PHE B 564 -30.91 55.48 -15.21
C PHE B 564 -30.03 54.80 -16.25
N TRP B 565 -29.82 55.45 -17.39
CA TRP B 565 -28.99 54.92 -18.50
C TRP B 565 -27.85 55.89 -18.77
N ILE B 566 -26.62 55.40 -18.73
CA ILE B 566 -25.40 56.14 -19.12
C ILE B 566 -24.55 55.21 -19.98
N PRO B 567 -24.63 55.31 -21.32
CA PRO B 567 -23.99 54.34 -22.21
C PRO B 567 -22.46 54.43 -22.35
N SER B 568 -21.80 55.24 -21.53
CA SER B 568 -20.33 55.22 -21.35
C SER B 568 -20.00 54.26 -20.22
N PRO B 569 -18.85 53.54 -20.26
CA PRO B 569 -18.47 52.63 -19.17
C PRO B 569 -17.93 53.38 -17.94
N ILE B 570 -18.82 53.70 -17.00
CA ILE B 570 -18.40 54.50 -15.81
C ILE B 570 -17.90 53.56 -14.69
N ALA B 571 -18.38 52.31 -14.61
CA ALA B 571 -17.85 51.32 -13.65
C ALA B 571 -16.42 50.94 -14.06
N LEU B 572 -16.16 50.74 -15.35
CA LEU B 572 -14.78 50.48 -15.83
C LEU B 572 -13.93 51.76 -15.70
N GLY B 573 -14.54 52.93 -15.78
CA GLY B 573 -13.89 54.25 -15.55
C GLY B 573 -13.39 54.33 -14.09
N ALA B 574 -14.24 53.95 -13.14
CA ALA B 574 -13.90 53.83 -11.71
C ALA B 574 -12.75 52.83 -11.55
N ARG B 575 -12.82 51.68 -12.18
CA ARG B 575 -11.75 50.65 -12.10
C ARG B 575 -10.42 51.21 -12.62
N GLU B 576 -10.41 51.83 -13.80
CA GLU B 576 -9.18 52.36 -14.45
C GLU B 576 -8.59 53.48 -13.58
N SER B 577 -9.41 54.33 -12.98
CA SER B 577 -8.94 55.47 -12.16
C SER B 577 -8.58 54.99 -10.74
N LYS B 578 -8.93 53.74 -10.39
CA LYS B 578 -8.73 53.14 -9.02
C LYS B 578 -9.44 53.99 -7.98
N ASP B 579 -10.59 54.57 -8.35
CA ASP B 579 -11.37 55.48 -7.47
C ASP B 579 -12.85 55.19 -7.66
N PHE B 580 -13.48 54.56 -6.66
CA PHE B 580 -14.91 54.15 -6.71
C PHE B 580 -15.79 55.17 -5.97
N SER B 581 -15.24 56.28 -5.46
CA SER B 581 -16.02 57.25 -4.65
C SER B 581 -17.16 57.85 -5.49
N GLU B 582 -16.89 58.30 -6.72
CA GLU B 582 -17.93 58.97 -7.54
C GLU B 582 -19.01 57.97 -7.93
N LEU B 583 -18.60 56.75 -8.30
CA LEU B 583 -19.59 55.71 -8.67
C LEU B 583 -20.48 55.41 -7.46
N SER B 584 -19.90 55.35 -6.26
CA SER B 584 -20.63 55.15 -4.97
C SER B 584 -21.66 56.27 -4.80
N LYS B 585 -21.24 57.53 -4.89
CA LYS B 585 -22.12 58.71 -4.65
C LYS B 585 -23.27 58.68 -5.66
N LEU B 586 -22.98 58.47 -6.95
CA LEU B 586 -24.04 58.43 -8.00
C LEU B 586 -25.02 57.30 -7.67
N THR B 587 -24.52 56.10 -7.37
CA THR B 587 -25.41 54.92 -7.16
C THR B 587 -26.34 55.19 -5.95
N VAL B 588 -25.78 55.69 -4.85
CA VAL B 588 -26.55 56.01 -3.61
C VAL B 588 -27.68 56.99 -3.96
N SER B 589 -27.40 57.99 -4.78
CA SER B 589 -28.39 59.04 -5.15
C SER B 589 -29.55 58.41 -5.94
N LEU B 590 -29.37 57.23 -6.54
CA LEU B 590 -30.39 56.56 -7.38
C LEU B 590 -31.19 55.52 -6.59
N LEU B 591 -30.74 55.15 -5.38
CA LEU B 591 -31.34 54.06 -4.58
C LEU B 591 -32.65 54.53 -3.96
N PRO B 592 -33.69 53.66 -3.90
CA PRO B 592 -34.90 53.97 -3.14
C PRO B 592 -34.59 54.23 -1.65
N ASN B 593 -35.28 55.19 -1.04
CA ASN B 593 -35.06 55.62 0.36
C ASN B 593 -35.12 54.41 1.30
N LYS B 594 -36.04 53.46 1.05
CA LYS B 594 -36.26 52.32 1.96
C LYS B 594 -34.94 51.53 2.12
N ILE B 595 -34.15 51.38 1.06
CA ILE B 595 -32.88 50.60 1.15
C ILE B 595 -31.96 51.30 2.16
N LEU B 596 -31.80 52.62 2.07
CA LEU B 596 -30.85 53.37 2.93
C LEU B 596 -31.40 53.47 4.36
N ASN B 597 -32.72 53.45 4.54
CA ASN B 597 -33.35 53.54 5.89
C ASN B 597 -33.22 52.20 6.63
N ASP B 598 -33.39 51.05 5.93
CA ASP B 598 -33.56 49.72 6.57
C ASP B 598 -32.24 48.96 6.70
N ASN B 599 -31.21 49.31 5.93
CA ASN B 599 -29.95 48.54 5.88
C ASN B 599 -28.83 49.35 6.52
N PRO B 600 -28.07 48.81 7.48
CA PRO B 600 -26.88 49.48 7.96
C PRO B 600 -25.95 49.67 6.75
N HIS B 601 -25.32 50.83 6.66
CA HIS B 601 -24.36 51.20 5.60
C HIS B 601 -23.48 52.31 6.18
N PHE B 602 -22.49 52.76 5.42
CA PHE B 602 -21.58 53.83 5.85
C PHE B 602 -22.25 55.17 5.56
N ASP B 603 -22.02 56.18 6.40
CA ASP B 603 -22.59 57.53 6.20
C ASP B 603 -21.99 58.16 4.94
N LYS B 604 -20.84 57.65 4.48
CA LYS B 604 -20.18 58.10 3.24
C LYS B 604 -19.30 56.98 2.70
N HIS B 605 -18.72 57.18 1.53
CA HIS B 605 -17.77 56.23 0.89
C HIS B 605 -16.49 56.15 1.71
N TYR B 606 -16.00 54.94 1.98
CA TYR B 606 -14.70 54.67 2.64
C TYR B 606 -13.85 53.78 1.72
N LYS B 607 -12.79 54.34 1.17
CA LYS B 607 -11.81 53.60 0.33
C LYS B 607 -11.23 52.42 1.14
N ASP B 608 -11.29 51.22 0.58
CA ASP B 608 -10.59 50.02 1.12
C ASP B 608 -11.21 49.59 2.46
N VAL B 609 -12.48 49.90 2.69
CA VAL B 609 -13.25 49.33 3.83
C VAL B 609 -14.47 48.63 3.26
N MET B 610 -14.88 47.53 3.87
CA MET B 610 -16.11 46.83 3.46
C MET B 610 -16.97 46.54 4.67
N MET B 611 -18.27 46.53 4.44
CA MET B 611 -19.27 46.01 5.41
C MET B 611 -20.34 45.26 4.63
N LYS B 612 -20.79 44.17 5.25
CA LYS B 612 -21.95 43.38 4.82
C LYS B 612 -22.72 42.98 6.08
N SER B 613 -24.04 43.00 6.05
CA SER B 613 -24.87 42.67 7.22
C SER B 613 -25.62 41.37 6.98
N PHE B 614 -26.02 40.72 8.07
CA PHE B 614 -26.76 39.44 8.04
C PHE B 614 -27.67 39.37 9.27
N LYS B 615 -28.59 38.42 9.25
CA LYS B 615 -29.54 38.18 10.36
C LYS B 615 -29.39 36.71 10.78
N SER B 616 -29.59 36.45 12.07
CA SER B 616 -29.73 35.07 12.61
C SER B 616 -30.77 35.09 13.75
N ASN B 617 -31.86 34.34 13.58
CA ASN B 617 -32.95 34.17 14.57
C ASN B 617 -33.41 35.56 15.06
N GLY B 618 -33.70 36.48 14.13
CA GLY B 618 -34.29 37.80 14.45
C GLY B 618 -33.25 38.84 14.85
N THR B 619 -32.00 38.49 15.17
CA THR B 619 -30.95 39.49 15.51
C THR B 619 -30.17 39.88 14.25
N MET B 620 -29.86 41.16 14.09
CA MET B 620 -29.08 41.70 12.95
C MET B 620 -27.61 41.82 13.38
N TYR B 621 -26.69 41.52 12.45
CA TYR B 621 -25.23 41.64 12.65
C TYR B 621 -24.62 42.35 11.44
N SER B 622 -23.44 42.94 11.63
CA SER B 622 -22.64 43.53 10.53
C SER B 622 -21.21 43.00 10.59
N LEU B 623 -20.64 42.72 9.42
CA LEU B 623 -19.22 42.35 9.25
C LEU B 623 -18.49 43.56 8.68
N ILE B 624 -17.46 44.04 9.34
CA ILE B 624 -16.65 45.19 8.84
C ILE B 624 -15.20 44.75 8.75
N ILE B 625 -14.55 45.10 7.66
CA ILE B 625 -13.12 44.78 7.42
C ILE B 625 -12.46 46.04 6.88
N ASN B 626 -11.34 46.40 7.49
CA ASN B 626 -10.51 47.54 7.10
C ASN B 626 -9.29 47.01 6.33
N LYS B 627 -9.16 47.36 5.06
CA LYS B 627 -8.03 46.95 4.18
C LYS B 627 -7.17 48.17 3.84
N SER B 628 -7.47 49.33 4.43
CA SER B 628 -6.65 50.55 4.27
C SER B 628 -5.40 50.42 5.15
N ALA B 629 -4.42 51.29 4.91
CA ALA B 629 -3.15 51.36 5.66
C ALA B 629 -3.34 52.07 7.01
N SER B 630 -4.51 52.66 7.26
CA SER B 630 -4.74 53.51 8.46
C SER B 630 -5.94 53.00 9.28
N VAL B 631 -5.90 53.28 10.59
CA VAL B 631 -7.07 53.14 11.49
C VAL B 631 -8.19 54.00 10.89
N GLN B 632 -9.42 53.50 10.90
CA GLN B 632 -10.59 54.18 10.32
C GLN B 632 -11.63 54.28 11.42
N THR B 633 -12.36 55.38 11.46
CA THR B 633 -13.62 55.52 12.23
C THR B 633 -14.75 55.52 11.22
N VAL B 634 -15.53 54.45 11.19
CA VAL B 634 -16.66 54.33 10.23
C VAL B 634 -17.95 54.63 10.98
N ASP B 635 -18.72 55.59 10.45
CA ASP B 635 -20.04 55.99 10.99
C ASP B 635 -21.07 55.11 10.28
N ILE B 636 -21.70 54.21 11.02
CA ILE B 636 -22.72 53.29 10.50
C ILE B 636 -24.08 53.94 10.74
N VAL B 637 -24.89 54.04 9.68
CA VAL B 637 -26.27 54.60 9.71
C VAL B 637 -27.20 53.58 9.06
N GLY B 638 -28.50 53.71 9.29
CA GLY B 638 -29.53 52.81 8.73
C GLY B 638 -29.77 51.61 9.62
N GLY B 639 -30.93 50.96 9.42
CA GLY B 639 -31.49 49.96 10.34
C GLY B 639 -31.68 50.53 11.74
N LYS B 640 -31.66 49.65 12.74
CA LYS B 640 -31.97 49.97 14.15
C LYS B 640 -30.97 49.25 15.07
N GLY B 641 -30.73 49.80 16.26
CA GLY B 641 -30.03 49.11 17.35
C GLY B 641 -28.75 49.80 17.73
N LYS B 642 -28.11 49.34 18.81
CA LYS B 642 -26.82 49.86 19.30
C LYS B 642 -25.73 48.82 19.06
N ALA B 643 -24.56 49.26 18.59
CA ALA B 643 -23.42 48.39 18.24
C ALA B 643 -22.90 47.72 19.51
N PHE B 644 -22.85 46.39 19.50
CA PHE B 644 -22.05 45.58 20.46
C PHE B 644 -21.03 44.77 19.65
N ILE B 645 -19.74 44.93 19.93
CA ILE B 645 -18.64 44.17 19.26
C ILE B 645 -18.61 42.74 19.79
N LEU B 646 -19.03 41.78 18.96
CA LEU B 646 -19.08 40.34 19.26
C LEU B 646 -17.75 39.67 18.89
N PHE B 647 -17.09 40.12 17.83
CA PHE B 647 -15.79 39.58 17.35
C PHE B 647 -14.92 40.74 16.86
N ALA B 648 -13.66 40.73 17.23
CA ALA B 648 -12.63 41.70 16.78
C ALA B 648 -11.26 41.08 17.07
N ASN B 649 -10.37 41.05 16.09
CA ASN B 649 -9.06 40.38 16.25
C ASN B 649 -7.98 41.43 16.54
N LYS B 650 -8.30 42.72 16.61
CA LYS B 650 -7.30 43.77 16.95
C LYS B 650 -7.89 44.85 17.86
N ASN B 651 -8.82 44.49 18.74
CA ASN B 651 -9.30 45.40 19.83
C ASN B 651 -10.03 46.62 19.26
N ALA B 652 -10.83 46.44 18.21
CA ALA B 652 -11.78 47.48 17.75
C ALA B 652 -12.64 47.95 18.94
N HIS B 653 -13.13 49.18 18.89
CA HIS B 653 -14.09 49.75 19.87
C HIS B 653 -15.11 50.61 19.13
N SER B 654 -16.34 50.72 19.64
CA SER B 654 -17.40 51.59 19.08
C SER B 654 -17.86 52.60 20.13
N THR B 655 -18.25 53.78 19.68
CA THR B 655 -18.95 54.84 20.44
C THR B 655 -20.20 55.20 19.64
N ALA B 656 -21.38 54.78 20.09
CA ALA B 656 -22.67 55.07 19.43
C ALA B 656 -22.60 54.88 17.91
N ASN B 657 -22.31 53.66 17.45
CA ASN B 657 -22.41 53.28 16.01
C ASN B 657 -21.30 53.95 15.16
N LYS B 658 -20.27 54.53 15.79
CA LYS B 658 -19.00 54.91 15.14
C LYS B 658 -17.96 53.85 15.54
N LEU B 659 -17.55 53.01 14.59
CA LEU B 659 -16.60 51.89 14.84
C LEU B 659 -15.18 52.36 14.51
N THR B 660 -14.27 52.21 15.45
CA THR B 660 -12.81 52.42 15.25
C THR B 660 -12.18 51.05 14.98
N ILE B 661 -11.64 50.86 13.77
CA ILE B 661 -11.16 49.54 13.27
C ILE B 661 -9.74 49.70 12.69
N SER B 662 -8.83 48.84 13.11
CA SER B 662 -7.39 48.85 12.71
C SER B 662 -7.21 48.22 11.33
N PRO B 663 -6.08 48.53 10.65
CA PRO B 663 -5.72 47.86 9.40
C PRO B 663 -5.73 46.34 9.53
N GLU B 664 -6.43 45.68 8.62
CA GLU B 664 -6.49 44.19 8.43
C GLU B 664 -7.41 43.56 9.48
N GLU B 665 -8.05 44.37 10.33
CA GLU B 665 -8.96 43.87 11.39
C GLU B 665 -10.29 43.45 10.76
N THR B 666 -10.86 42.38 11.29
CA THR B 666 -12.22 41.89 10.99
C THR B 666 -13.07 42.08 12.25
N VAL B 667 -14.23 42.70 12.10
CA VAL B 667 -15.15 42.99 13.24
C VAL B 667 -16.53 42.44 12.92
N ILE B 668 -17.13 41.76 13.88
CA ILE B 668 -18.60 41.47 13.88
C ILE B 668 -19.28 42.34 14.95
N ILE B 669 -20.23 43.15 14.53
CA ILE B 669 -21.15 43.92 15.43
C ILE B 669 -22.46 43.13 15.53
N LYS B 670 -22.94 42.95 16.76
CA LYS B 670 -24.33 42.54 17.08
C LYS B 670 -25.12 43.83 17.37
N TRP B 671 -26.25 44.01 16.68
CA TRP B 671 -27.14 45.19 16.87
C TRP B 671 -28.16 44.85 17.96
N LYS B 672 -28.11 45.50 19.12
CA LYS B 672 -28.99 45.15 20.30
C LYS B 672 -30.34 45.87 20.20
N GLN C 19 31.85 -83.55 37.91
CA GLN C 19 31.51 -82.17 38.40
C GLN C 19 31.72 -81.14 37.28
N GLY C 20 32.76 -81.31 36.47
CA GLY C 20 33.01 -80.48 35.28
C GLY C 20 33.72 -79.18 35.62
N PRO C 21 34.05 -78.35 34.61
CA PRO C 21 35.08 -77.31 34.76
C PRO C 21 34.65 -75.92 35.29
N ALA C 22 33.35 -75.62 35.25
CA ALA C 22 32.82 -74.25 35.49
C ALA C 22 32.90 -73.95 36.99
N GLU C 23 33.32 -72.74 37.35
CA GLU C 23 33.20 -72.20 38.73
C GLU C 23 31.70 -72.03 39.00
N ARG C 24 31.29 -72.27 40.24
CA ARG C 24 29.94 -71.98 40.79
C ARG C 24 29.96 -70.64 41.51
N ILE C 25 29.06 -69.73 41.14
CA ILE C 25 29.04 -68.36 41.73
C ILE C 25 28.74 -68.49 43.22
N SER C 26 29.29 -67.58 44.04
CA SER C 26 29.02 -67.51 45.49
C SER C 26 29.13 -66.04 45.92
N LYS C 27 28.82 -65.76 47.18
CA LYS C 27 28.96 -64.40 47.78
C LYS C 27 30.44 -64.01 47.90
N GLN C 28 31.38 -64.92 47.64
CA GLN C 28 32.84 -64.64 47.66
C GLN C 28 33.41 -64.58 46.25
N SER C 29 32.60 -64.72 45.19
CA SER C 29 33.10 -64.64 43.79
C SER C 29 33.68 -63.24 43.52
N THR C 30 34.69 -63.18 42.67
CA THR C 30 35.23 -61.93 42.11
C THR C 30 34.17 -61.38 41.15
N PRO C 31 33.71 -60.13 41.34
CA PRO C 31 32.77 -59.53 40.39
C PRO C 31 33.40 -59.34 39.03
N PHE C 32 32.57 -59.33 37.99
CA PHE C 32 33.02 -59.14 36.59
C PHE C 32 32.21 -58.02 35.93
N VAL C 33 32.78 -57.50 34.86
CA VAL C 33 32.08 -56.64 33.87
C VAL C 33 31.95 -57.48 32.60
N GLY C 34 30.80 -57.43 31.95
CA GLY C 34 30.52 -58.24 30.75
C GLY C 34 29.57 -57.54 29.83
N ALA C 35 29.22 -58.21 28.71
CA ALA C 35 28.34 -57.61 27.69
C ALA C 35 27.70 -58.75 26.91
N GLN C 36 26.49 -58.48 26.43
CA GLN C 36 25.80 -59.34 25.46
C GLN C 36 26.65 -59.39 24.20
N ILE C 37 26.81 -60.58 23.63
CA ILE C 37 27.34 -60.75 22.27
C ILE C 37 26.17 -61.20 21.41
N PHE C 38 25.72 -60.33 20.51
CA PHE C 38 24.53 -60.56 19.70
C PHE C 38 24.94 -61.37 18.46
N ILE C 39 24.44 -62.61 18.40
CA ILE C 39 24.75 -63.59 17.33
C ILE C 39 23.49 -63.79 16.49
N GLU C 40 23.62 -63.58 15.20
CA GLU C 40 22.53 -63.83 14.20
C GLU C 40 23.20 -64.24 12.91
N PRO C 41 22.47 -64.90 12.00
CA PRO C 41 23.03 -65.30 10.71
C PRO C 41 23.44 -64.06 9.89
N GLY C 42 24.47 -64.22 9.07
CA GLY C 42 24.99 -63.16 8.19
C GLY C 42 26.31 -62.64 8.68
N GLN C 43 26.55 -62.67 10.00
CA GLN C 43 27.82 -62.20 10.60
C GLN C 43 28.97 -63.08 10.08
N THR C 44 30.18 -62.53 9.95
CA THR C 44 31.38 -63.28 9.49
C THR C 44 32.23 -63.69 10.69
N GLN C 45 33.00 -64.77 10.56
CA GLN C 45 34.01 -65.23 11.55
C GLN C 45 34.88 -64.05 12.00
N GLU C 46 35.32 -63.21 11.06
CA GLU C 46 36.27 -62.09 11.31
C GLU C 46 35.61 -61.04 12.21
N GLN C 47 34.34 -60.70 11.95
CA GLN C 47 33.57 -59.74 12.77
C GLN C 47 33.48 -60.27 14.20
N ILE C 48 33.11 -61.55 14.37
CA ILE C 48 32.85 -62.12 15.72
C ILE C 48 34.16 -62.17 16.50
N GLU C 49 35.26 -62.51 15.84
CA GLU C 49 36.59 -62.57 16.49
C GLU C 49 36.98 -61.16 16.97
N GLN C 50 36.75 -60.14 16.14
CA GLN C 50 36.99 -58.71 16.49
C GLN C 50 36.26 -58.35 17.79
N TRP C 51 34.99 -58.80 17.94
CA TRP C 51 34.18 -58.50 19.16
C TRP C 51 34.83 -59.15 20.39
N PHE C 52 35.09 -60.45 20.36
CA PHE C 52 35.67 -61.17 21.53
C PHE C 52 37.04 -60.62 21.87
N LYS C 53 37.85 -60.26 20.87
CA LYS C 53 39.21 -59.72 21.10
C LYS C 53 39.09 -58.39 21.84
N LEU C 54 38.22 -57.48 21.39
CA LEU C 54 38.03 -56.15 22.04
C LEU C 54 37.37 -56.33 23.41
N LEU C 55 36.49 -57.30 23.55
CA LEU C 55 35.80 -57.59 24.84
C LEU C 55 36.86 -58.01 25.87
N ALA C 56 37.74 -58.96 25.54
CA ALA C 56 38.90 -59.37 26.40
C ALA C 56 39.82 -58.17 26.69
N GLU C 57 40.14 -57.35 25.69
CA GLU C 57 41.03 -56.15 25.85
C GLU C 57 40.38 -55.08 26.72
N SER C 58 39.05 -55.13 26.89
CA SER C 58 38.29 -54.13 27.69
C SER C 58 38.09 -54.61 29.13
N ASN C 59 38.86 -55.62 29.57
CA ASN C 59 38.86 -56.16 30.96
C ASN C 59 37.48 -56.74 31.32
N MET C 60 36.75 -57.19 30.30
CA MET C 60 35.48 -57.93 30.48
C MET C 60 35.83 -59.41 30.44
N THR C 61 35.22 -60.21 31.29
CA THR C 61 35.56 -61.66 31.41
C THR C 61 34.38 -62.52 30.99
N THR C 62 33.22 -61.90 30.70
CA THR C 62 31.94 -62.62 30.59
C THR C 62 31.13 -62.03 29.44
N CYS C 63 30.43 -62.88 28.71
CA CYS C 63 29.46 -62.44 27.72
C CYS C 63 28.14 -63.17 27.99
N ARG C 64 27.06 -62.66 27.41
CA ARG C 64 25.75 -63.34 27.43
C ARG C 64 25.33 -63.50 25.97
N ILE C 65 24.79 -64.67 25.65
CA ILE C 65 24.40 -65.01 24.25
C ILE C 65 22.97 -65.57 24.30
N ARG C 66 22.12 -65.00 23.45
CA ARG C 66 20.73 -65.43 23.26
C ARG C 66 20.77 -66.65 22.32
N MET C 67 20.39 -67.81 22.83
CA MET C 67 20.54 -69.09 22.08
C MET C 67 19.33 -69.29 21.18
N PHE C 68 19.11 -68.39 20.23
CA PHE C 68 17.90 -68.36 19.37
C PHE C 68 17.60 -69.75 18.76
N GLY C 69 16.48 -70.35 19.15
CA GLY C 69 15.95 -71.56 18.48
C GLY C 69 15.76 -71.33 16.99
N LYS C 70 15.34 -70.13 16.58
CA LYS C 70 15.11 -69.82 15.15
C LYS C 70 16.39 -70.07 14.35
N TYR C 71 17.57 -69.83 14.91
CA TYR C 71 18.84 -69.86 14.14
C TYR C 71 19.57 -71.20 14.38
N MET C 72 18.88 -72.19 14.95
CA MET C 72 19.41 -73.57 15.07
C MET C 72 18.48 -74.58 14.37
N LYS C 73 17.22 -74.19 14.12
CA LYS C 73 16.20 -75.09 13.54
C LYS C 73 16.51 -75.28 12.05
N THR C 74 16.55 -76.52 11.58
CA THR C 74 16.69 -76.86 10.14
C THR C 74 15.30 -77.15 9.58
N PRO C 75 15.12 -77.08 8.25
CA PRO C 75 13.83 -77.42 7.64
C PRO C 75 13.19 -78.73 8.15
N SER C 76 13.99 -79.77 8.34
CA SER C 76 13.54 -81.15 8.70
C SER C 76 13.21 -81.23 10.20
N GLY C 77 13.62 -80.26 11.01
CA GLY C 77 13.30 -80.19 12.45
C GLY C 77 14.45 -80.60 13.35
N THR C 78 15.59 -81.02 12.79
CA THR C 78 16.86 -81.32 13.52
C THR C 78 17.47 -79.99 14.00
N TYR C 79 18.40 -80.05 14.94
CA TYR C 79 19.12 -78.87 15.48
C TYR C 79 20.52 -78.81 14.85
N ASP C 80 20.86 -77.66 14.26
CA ASP C 80 22.22 -77.37 13.75
C ASP C 80 22.82 -76.28 14.64
N PHE C 81 23.92 -76.58 15.34
CA PHE C 81 24.45 -75.76 16.44
C PHE C 81 25.58 -74.84 15.92
N THR C 82 25.88 -74.88 14.63
CA THR C 82 27.09 -74.29 13.99
C THR C 82 27.24 -72.81 14.33
N LEU C 83 26.16 -72.03 14.23
CA LEU C 83 26.23 -70.56 14.42
C LEU C 83 26.69 -70.30 15.84
N PHE C 84 26.17 -71.06 16.81
CA PHE C 84 26.49 -70.84 18.25
C PHE C 84 27.83 -71.49 18.60
N ASP C 85 28.16 -72.63 18.01
CA ASP C 85 29.50 -73.27 18.17
C ASP C 85 30.60 -72.24 17.83
N ARG C 86 30.46 -71.56 16.72
CA ARG C 86 31.44 -70.56 16.22
C ARG C 86 31.68 -69.50 17.32
N ALA C 87 30.59 -69.04 17.97
CA ALA C 87 30.65 -67.98 18.99
C ALA C 87 31.27 -68.54 20.28
N PHE C 88 30.82 -69.72 20.73
CA PHE C 88 31.34 -70.35 21.98
C PHE C 88 32.84 -70.62 21.84
N LYS C 89 33.28 -71.07 20.66
CA LYS C 89 34.71 -71.40 20.38
C LYS C 89 35.54 -70.12 20.42
N LEU C 90 35.03 -69.01 19.87
CA LEU C 90 35.77 -67.71 19.92
C LEU C 90 35.80 -67.19 21.35
N ALA C 91 34.69 -67.30 22.09
CA ALA C 91 34.68 -66.90 23.53
C ALA C 91 35.79 -67.68 24.26
N ASP C 92 35.85 -69.00 24.06
CA ASP C 92 36.80 -69.90 24.76
C ASP C 92 38.24 -69.48 24.40
N LYS C 93 38.50 -69.22 23.13
CA LYS C 93 39.82 -68.78 22.63
C LYS C 93 40.28 -67.53 23.39
N TYR C 94 39.37 -66.60 23.72
CA TYR C 94 39.70 -65.33 24.41
C TYR C 94 39.42 -65.42 25.91
N HIS C 95 39.18 -66.62 26.44
CA HIS C 95 39.00 -66.93 27.89
C HIS C 95 37.78 -66.18 28.44
N ILE C 96 36.74 -66.05 27.62
CA ILE C 96 35.46 -65.36 27.99
C ILE C 96 34.44 -66.45 28.36
N LYS C 97 33.88 -66.36 29.56
CA LYS C 97 32.80 -67.30 30.00
C LYS C 97 31.46 -66.77 29.48
N VAL C 98 30.50 -67.69 29.30
CA VAL C 98 29.21 -67.41 28.62
C VAL C 98 28.05 -67.65 29.58
N TYR C 99 27.15 -66.67 29.68
CA TYR C 99 25.77 -66.85 30.20
C TYR C 99 24.90 -67.15 28.98
N ALA C 100 24.35 -68.38 28.90
CA ALA C 100 23.56 -68.84 27.73
C ALA C 100 22.06 -68.72 28.06
N THR C 101 21.35 -67.88 27.32
CA THR C 101 19.92 -67.64 27.57
C THR C 101 19.12 -68.62 26.71
N LEU C 102 18.27 -69.41 27.36
CA LEU C 102 17.32 -70.32 26.66
C LEU C 102 16.22 -69.45 26.02
N PHE C 103 16.17 -69.47 24.71
CA PHE C 103 15.31 -68.59 23.88
C PHE C 103 14.77 -69.40 22.71
N PRO C 104 13.68 -70.17 22.91
CA PRO C 104 13.16 -71.04 21.84
C PRO C 104 12.64 -70.20 20.67
N ASP C 105 12.38 -70.88 19.58
CA ASP C 105 11.89 -70.29 18.32
C ASP C 105 10.70 -69.38 18.63
N THR C 106 10.66 -68.21 18.02
CA THR C 106 9.56 -67.21 18.13
C THR C 106 9.66 -66.28 16.92
N GLU C 107 8.62 -65.49 16.66
CA GLU C 107 8.59 -64.52 15.54
C GLU C 107 9.82 -63.62 15.61
N PHE C 108 10.40 -63.29 14.47
CA PHE C 108 11.55 -62.36 14.33
C PHE C 108 11.21 -61.02 15.00
N THR C 109 9.93 -60.58 14.96
CA THR C 109 9.48 -59.28 15.52
C THR C 109 9.29 -59.36 17.04
N ASP C 110 9.33 -60.54 17.65
CA ASP C 110 9.21 -60.71 19.13
C ASP C 110 10.59 -60.48 19.77
N VAL C 111 10.89 -59.24 20.14
CA VAL C 111 12.24 -58.85 20.64
C VAL C 111 12.54 -59.54 21.98
N GLY C 112 11.59 -59.57 22.92
CA GLY C 112 11.84 -59.95 24.33
C GLY C 112 11.69 -61.45 24.60
N GLY C 113 10.96 -62.14 23.73
CA GLY C 113 10.65 -63.57 23.84
C GLY C 113 9.33 -63.82 24.53
N PHE C 114 8.69 -64.96 24.24
CA PHE C 114 7.41 -65.34 24.91
C PHE C 114 7.71 -65.67 26.36
N LYS C 115 6.72 -65.48 27.24
CA LYS C 115 6.87 -65.58 28.71
C LYS C 115 6.28 -66.90 29.22
N PHE C 116 5.41 -67.55 28.45
CA PHE C 116 4.79 -68.84 28.81
C PHE C 116 4.52 -69.63 27.53
N PRO C 117 4.44 -70.98 27.58
CA PRO C 117 4.04 -71.74 26.41
C PRO C 117 2.64 -71.31 25.90
N HIS C 118 2.45 -71.30 24.58
CA HIS C 118 1.18 -70.92 23.88
C HIS C 118 0.18 -72.08 24.02
N SER C 119 0.66 -73.32 24.10
CA SER C 119 -0.14 -74.57 24.02
C SER C 119 0.65 -75.76 24.56
N ARG C 120 0.00 -76.89 24.81
CA ARG C 120 0.66 -78.16 25.22
C ARG C 120 1.68 -78.56 24.15
N GLU C 121 1.34 -78.37 22.88
CA GLU C 121 2.23 -78.76 21.74
C GLU C 121 3.47 -77.87 21.79
N HIS C 122 3.29 -76.58 22.03
CA HIS C 122 4.42 -75.62 22.15
C HIS C 122 5.27 -76.04 23.35
N GLN C 123 4.67 -76.46 24.47
CA GLN C 123 5.47 -76.88 25.67
C GLN C 123 6.39 -78.03 25.25
N LYS C 124 5.92 -78.95 24.40
CA LYS C 124 6.74 -80.10 23.96
C LYS C 124 7.87 -79.61 23.05
N GLU C 125 7.63 -78.59 22.20
CA GLU C 125 8.70 -78.01 21.35
C GLU C 125 9.76 -77.38 22.27
N VAL C 126 9.34 -76.74 23.36
CA VAL C 126 10.29 -76.10 24.32
C VAL C 126 11.09 -77.21 25.02
N GLU C 127 10.46 -78.33 25.40
CA GLU C 127 11.16 -79.49 26.02
C GLU C 127 12.28 -79.96 25.11
N ASP C 128 11.99 -80.08 23.82
CA ASP C 128 12.90 -80.58 22.77
C ASP C 128 14.04 -79.57 22.58
N TYR C 129 13.72 -78.29 22.53
CA TYR C 129 14.72 -77.19 22.46
C TYR C 129 15.69 -77.33 23.63
N ILE C 130 15.19 -77.47 24.86
CA ILE C 130 16.07 -77.50 26.07
C ILE C 130 16.94 -78.77 25.98
N LYS C 131 16.35 -79.92 25.66
CA LYS C 131 17.10 -81.20 25.55
C LYS C 131 18.32 -80.98 24.64
N ASN C 132 18.10 -80.43 23.46
CA ASN C 132 19.10 -80.30 22.36
C ASN C 132 20.16 -79.29 22.79
N VAL C 133 19.72 -78.12 23.21
CA VAL C 133 20.67 -76.99 23.46
C VAL C 133 21.48 -77.30 24.72
N VAL C 134 20.85 -77.71 25.80
CA VAL C 134 21.56 -77.94 27.09
C VAL C 134 22.51 -79.15 26.92
N SER C 135 22.08 -80.22 26.26
CA SER C 135 22.93 -81.43 26.09
C SER C 135 24.20 -81.05 25.34
N HIS C 136 24.08 -80.20 24.32
CA HIS C 136 25.22 -79.80 23.44
C HIS C 136 26.08 -78.78 24.19
N PHE C 137 25.55 -77.64 24.60
CA PHE C 137 26.40 -76.50 25.04
C PHE C 137 26.94 -76.73 26.45
N SER C 138 26.34 -77.62 27.25
CA SER C 138 26.83 -77.99 28.60
C SER C 138 28.27 -78.55 28.52
N GLN C 139 28.69 -79.02 27.35
CA GLN C 139 30.02 -79.65 27.13
C GLN C 139 31.13 -78.61 26.93
N TYR C 140 30.80 -77.32 26.72
CA TYR C 140 31.83 -76.26 26.61
C TYR C 140 32.33 -75.89 28.00
N LYS C 141 33.65 -75.83 28.16
CA LYS C 141 34.26 -75.57 29.49
C LYS C 141 34.07 -74.10 29.88
N ASN C 142 33.73 -73.21 28.93
CA ASN C 142 33.56 -71.76 29.24
C ASN C 142 32.08 -71.38 29.43
N LEU C 143 31.15 -72.34 29.52
CA LEU C 143 29.74 -72.04 29.94
C LEU C 143 29.72 -71.72 31.44
N ALA C 144 29.19 -70.57 31.83
CA ALA C 144 29.16 -70.14 33.25
C ALA C 144 27.75 -70.32 33.81
N ALA C 145 26.72 -70.16 33.00
CA ALA C 145 25.33 -70.13 33.53
C ALA C 145 24.34 -70.35 32.40
N TRP C 146 23.20 -70.97 32.77
CA TRP C 146 21.96 -71.00 31.98
C TRP C 146 21.06 -69.89 32.49
N VAL C 147 20.60 -69.03 31.59
CA VAL C 147 19.50 -68.08 31.91
C VAL C 147 18.21 -68.75 31.45
N LEU C 148 17.37 -69.13 32.41
CA LEU C 148 16.21 -70.04 32.19
C LEU C 148 15.24 -69.46 31.16
N ILE C 149 15.06 -68.15 31.20
CA ILE C 149 14.18 -67.40 30.27
C ILE C 149 14.63 -65.93 30.31
N ASN C 150 14.58 -65.25 29.18
CA ASN C 150 14.87 -63.79 29.16
C ASN C 150 13.66 -63.07 29.76
N GLU C 151 13.88 -62.28 30.83
CA GLU C 151 12.88 -61.30 31.31
C GLU C 151 11.53 -61.95 31.58
N PRO C 152 11.42 -62.84 32.58
CA PRO C 152 10.12 -63.40 32.95
C PRO C 152 9.21 -62.23 33.36
N GLY C 153 7.93 -62.37 33.09
CA GLY C 153 6.94 -61.35 33.45
C GLY C 153 6.64 -60.45 32.27
N THR C 154 5.38 -60.04 32.17
CA THR C 154 4.93 -59.03 31.19
C THR C 154 3.70 -58.34 31.78
N PRO C 155 3.48 -57.04 31.46
CA PRO C 155 2.21 -56.39 31.81
C PRO C 155 0.99 -56.98 31.07
N ASN C 156 1.21 -57.69 29.95
CA ASN C 156 0.14 -58.18 29.04
C ASN C 156 0.16 -59.71 29.04
N LEU C 157 -0.37 -60.32 30.10
CA LEU C 157 -0.28 -61.80 30.25
C LEU C 157 -1.26 -62.46 29.28
N PRO C 158 -0.89 -63.59 28.66
CA PRO C 158 -1.68 -64.16 27.56
C PRO C 158 -2.86 -65.03 28.04
N PHE C 159 -3.83 -64.42 28.73
CA PHE C 159 -5.06 -65.10 29.22
C PHE C 159 -5.93 -65.58 28.05
N ASN C 160 -5.73 -65.08 26.82
CA ASN C 160 -6.49 -65.53 25.62
C ASN C 160 -6.02 -66.91 25.14
N GLU C 161 -4.77 -67.32 25.42
CA GLU C 161 -4.15 -68.54 24.83
C GLU C 161 -4.57 -69.79 25.59
N PRO C 162 -4.72 -70.95 24.91
CA PRO C 162 -5.23 -72.18 25.53
C PRO C 162 -4.42 -72.68 26.75
N PHE C 163 -3.08 -72.62 26.70
CA PHE C 163 -2.24 -73.14 27.79
C PHE C 163 -2.52 -72.35 29.07
N THR C 164 -2.47 -71.02 29.00
CA THR C 164 -2.69 -70.13 30.16
C THR C 164 -4.16 -70.25 30.63
N LYS C 165 -5.13 -70.22 29.72
CA LYS C 165 -6.58 -70.33 30.06
C LYS C 165 -6.83 -71.58 30.89
N GLU C 166 -6.29 -72.72 30.44
CA GLU C 166 -6.49 -74.03 31.12
C GLU C 166 -5.83 -73.99 32.50
N ARG C 167 -4.60 -73.49 32.57
CA ARG C 167 -3.84 -73.38 33.84
C ARG C 167 -4.65 -72.55 34.85
N PHE C 168 -5.26 -71.44 34.41
CA PHE C 168 -6.01 -70.52 35.31
C PHE C 168 -7.31 -71.22 35.76
N SER C 169 -8.01 -71.91 34.86
CA SER C 169 -9.23 -72.70 35.20
C SER C 169 -8.90 -73.73 36.30
N ASP C 170 -7.86 -74.53 36.09
CA ASP C 170 -7.42 -75.58 37.05
C ASP C 170 -7.08 -74.94 38.40
N TRP C 171 -6.32 -73.83 38.38
CA TRP C 171 -5.89 -73.14 39.62
C TRP C 171 -7.12 -72.73 40.43
N LYS C 172 -8.12 -72.14 39.78
CA LYS C 172 -9.35 -71.64 40.44
C LYS C 172 -10.11 -72.81 41.07
N LYS C 173 -10.20 -73.95 40.39
CA LYS C 173 -10.89 -75.16 40.90
C LYS C 173 -10.17 -75.72 42.13
N GLU C 174 -8.84 -75.55 42.23
CA GLU C 174 -8.05 -76.10 43.37
C GLU C 174 -8.03 -75.09 44.53
N HIS C 175 -8.55 -73.86 44.35
CA HIS C 175 -8.62 -72.83 45.42
C HIS C 175 -10.08 -72.56 45.79
N ASN C 176 -10.37 -72.32 47.06
CA ASN C 176 -11.77 -72.24 47.55
C ASN C 176 -11.98 -70.87 48.18
N PHE C 177 -12.47 -69.91 47.40
CA PHE C 177 -12.63 -68.50 47.83
C PHE C 177 -14.11 -68.23 48.15
N SER C 178 -14.34 -67.46 49.21
CA SER C 178 -15.68 -66.98 49.62
C SER C 178 -15.84 -65.51 49.23
N GLU C 179 -17.06 -65.08 48.94
CA GLU C 179 -17.38 -63.68 48.56
C GLU C 179 -17.47 -62.82 49.83
N TYR C 180 -17.34 -63.39 51.04
CA TYR C 180 -17.49 -62.66 52.34
C TYR C 180 -16.35 -63.10 53.28
N ASN C 181 -15.93 -62.20 54.19
CA ASN C 181 -14.88 -62.48 55.20
C ASN C 181 -15.55 -63.04 56.45
N GLU C 182 -14.76 -63.35 57.48
CA GLU C 182 -15.23 -64.00 58.72
C GLU C 182 -16.32 -63.13 59.37
N LYS C 183 -16.16 -61.81 59.41
CA LYS C 183 -17.14 -60.89 60.05
C LYS C 183 -18.40 -60.77 59.18
N GLY C 184 -18.34 -61.13 57.89
CA GLY C 184 -19.50 -61.20 56.98
C GLY C 184 -19.47 -60.14 55.88
N TYR C 185 -18.45 -59.27 55.85
CA TYR C 185 -18.31 -58.18 54.85
C TYR C 185 -17.95 -58.76 53.50
N PRO C 186 -18.41 -58.12 52.39
CA PRO C 186 -17.95 -58.47 51.05
C PRO C 186 -16.42 -58.31 50.94
N VAL C 187 -15.81 -59.12 50.10
CA VAL C 187 -14.34 -59.11 49.85
C VAL C 187 -14.04 -59.25 48.35
N LEU C 188 -12.86 -58.79 47.94
CA LEU C 188 -12.19 -59.19 46.68
C LEU C 188 -11.13 -60.25 47.03
N ASN C 189 -10.91 -61.23 46.17
CA ASN C 189 -9.97 -62.35 46.42
C ASN C 189 -8.75 -62.29 45.48
N PHE C 190 -8.75 -61.43 44.46
CA PHE C 190 -7.57 -61.22 43.59
C PHE C 190 -7.08 -62.56 43.02
N GLU C 191 -8.00 -63.34 42.49
CA GLU C 191 -7.68 -64.69 41.95
C GLU C 191 -6.64 -64.56 40.83
N LYS C 192 -6.86 -63.65 39.89
CA LYS C 192 -5.96 -63.42 38.72
C LYS C 192 -4.52 -63.14 39.22
N GLU C 193 -4.38 -62.21 40.17
CA GLU C 193 -3.04 -61.78 40.67
C GLU C 193 -2.35 -62.94 41.39
N ASN C 194 -3.09 -63.69 42.22
CA ASN C 194 -2.55 -64.85 42.99
C ASN C 194 -2.18 -65.98 42.03
N PHE C 195 -2.98 -66.23 41.00
CA PHE C 195 -2.65 -67.22 39.94
C PHE C 195 -1.32 -66.81 39.27
N ILE C 196 -1.18 -65.54 38.90
CA ILE C 196 0.00 -65.08 38.12
C ILE C 196 1.28 -65.32 38.90
N ILE C 197 1.29 -65.08 40.21
CA ILE C 197 2.43 -65.41 41.10
C ILE C 197 2.76 -66.90 40.95
N ASP C 198 1.78 -67.75 41.17
CA ASP C 198 1.96 -69.23 41.17
C ASP C 198 2.36 -69.69 39.76
N TYR C 199 1.88 -69.02 38.72
CA TYR C 199 2.11 -69.41 37.31
C TYR C 199 3.58 -69.12 36.95
N HIS C 200 4.11 -67.95 37.33
CA HIS C 200 5.55 -67.63 37.15
C HIS C 200 6.40 -68.63 37.93
N ASN C 201 6.05 -68.90 39.19
CA ASN C 201 6.77 -69.87 40.06
C ASN C 201 6.82 -71.22 39.32
N TRP C 202 5.67 -71.66 38.82
CA TRP C 202 5.54 -72.99 38.15
C TRP C 202 6.44 -73.04 36.91
N TYR C 203 6.35 -72.07 35.99
CA TYR C 203 7.05 -72.14 34.68
C TYR C 203 8.55 -72.03 34.89
N LEU C 204 9.01 -71.11 35.75
CA LEU C 204 10.47 -70.97 35.99
C LEU C 204 11.00 -72.26 36.63
N ASN C 205 10.26 -72.85 37.58
CA ASN C 205 10.69 -74.08 38.29
C ASN C 205 10.71 -75.24 37.27
N TRP C 206 9.75 -75.27 36.36
CA TRP C 206 9.65 -76.30 35.27
C TRP C 206 10.87 -76.15 34.35
N LEU C 207 11.24 -74.92 33.97
CA LEU C 207 12.42 -74.68 33.12
C LEU C 207 13.68 -75.17 33.84
N ALA C 208 13.83 -74.86 35.13
CA ALA C 208 14.97 -75.33 35.95
C ALA C 208 15.03 -76.87 35.93
N ASN C 209 13.91 -77.55 36.17
CA ASN C 209 13.80 -79.03 36.18
C ASN C 209 14.17 -79.59 34.80
N GLN C 210 13.77 -78.94 33.72
CA GLN C 210 14.12 -79.38 32.35
C GLN C 210 15.63 -79.29 32.10
N VAL C 211 16.26 -78.16 32.45
CA VAL C 211 17.72 -78.01 32.32
C VAL C 211 18.41 -79.11 33.16
N ARG C 212 17.89 -79.38 34.35
N ARG C 212 17.89 -79.38 34.35
CA ARG C 212 18.55 -80.28 35.35
CA ARG C 212 18.55 -80.28 35.35
C ARG C 212 18.43 -81.73 34.88
C ARG C 212 18.43 -81.74 34.89
N LEU C 213 17.52 -82.05 33.97
CA LEU C 213 17.46 -83.41 33.33
C LEU C 213 18.78 -83.66 32.58
N TYR C 214 19.47 -82.62 32.09
CA TYR C 214 20.63 -82.78 31.17
C TYR C 214 21.90 -82.15 31.74
N ASP C 215 21.81 -81.24 32.70
CA ASP C 215 23.00 -80.52 33.22
C ASP C 215 22.74 -80.17 34.69
N LYS C 216 23.47 -80.81 35.61
CA LYS C 216 23.40 -80.53 37.07
C LYS C 216 24.60 -79.70 37.51
N GLN C 217 25.44 -79.27 36.56
CA GLN C 217 26.78 -78.71 36.88
C GLN C 217 26.73 -77.18 36.87
N HIS C 218 25.97 -76.57 35.96
CA HIS C 218 26.06 -75.10 35.70
C HIS C 218 25.01 -74.36 36.53
N ASP C 219 25.36 -73.14 36.96
CA ASP C 219 24.46 -72.20 37.64
C ASP C 219 23.21 -71.94 36.80
N LEU C 220 22.05 -71.87 37.45
CA LEU C 220 20.77 -71.40 36.89
C LEU C 220 20.52 -69.96 37.34
N HIS C 221 20.13 -69.13 36.39
CA HIS C 221 19.98 -67.66 36.54
C HIS C 221 18.69 -67.21 35.87
N VAL C 222 18.13 -66.10 36.32
CA VAL C 222 17.00 -65.43 35.61
C VAL C 222 17.06 -63.93 35.90
N ASN C 223 16.54 -63.11 34.97
CA ASN C 223 16.59 -61.62 35.00
C ASN C 223 15.19 -61.02 35.04
N PRO C 224 14.55 -60.87 36.22
CA PRO C 224 13.36 -60.05 36.36
C PRO C 224 13.65 -58.61 35.91
N HIS C 225 12.63 -57.91 35.43
CA HIS C 225 12.82 -56.64 34.67
C HIS C 225 11.69 -55.68 35.03
N ASN C 226 11.90 -54.40 34.78
CA ASN C 226 10.84 -53.38 34.97
C ASN C 226 10.28 -53.55 36.39
N VAL C 227 11.15 -53.71 37.36
CA VAL C 227 10.75 -54.20 38.71
C VAL C 227 9.86 -53.19 39.41
N PHE C 228 9.96 -51.88 39.14
CA PHE C 228 9.08 -50.92 39.87
C PHE C 228 7.64 -51.03 39.37
N LYS C 229 7.38 -51.73 38.26
CA LYS C 229 6.01 -52.00 37.76
C LYS C 229 5.66 -53.49 37.92
N LEU C 230 6.60 -54.43 37.78
CA LEU C 230 6.26 -55.87 37.65
C LEU C 230 6.58 -56.65 38.93
N SER C 231 6.97 -55.99 40.03
CA SER C 231 7.34 -56.67 41.30
C SER C 231 6.13 -57.49 41.81
N GLY C 232 4.91 -57.08 41.48
CA GLY C 232 3.67 -57.78 41.87
C GLY C 232 3.47 -59.10 41.13
N LEU C 233 4.34 -59.46 40.17
CA LEU C 233 4.38 -60.76 39.44
C LEU C 233 5.41 -61.71 40.09
N TYR C 234 6.28 -61.19 40.95
CA TYR C 234 7.54 -61.89 41.32
C TYR C 234 7.55 -62.34 42.77
N ASP C 235 7.67 -63.66 42.98
CA ASP C 235 7.81 -64.28 44.32
C ASP C 235 9.26 -64.72 44.48
N PHE C 236 10.17 -63.80 44.80
CA PHE C 236 11.63 -64.10 44.80
C PHE C 236 11.95 -65.19 45.84
N PRO C 237 11.35 -65.20 47.06
CA PRO C 237 11.69 -66.25 48.03
C PRO C 237 11.44 -67.67 47.47
N THR C 238 10.38 -67.89 46.71
CA THR C 238 10.13 -69.19 46.03
C THR C 238 11.22 -69.44 44.98
N TRP C 239 11.65 -68.43 44.23
CA TRP C 239 12.60 -68.64 43.11
C TRP C 239 13.94 -69.11 43.65
N ARG C 240 14.32 -68.66 44.87
CA ARG C 240 15.57 -69.07 45.55
C ARG C 240 15.68 -70.60 45.59
N THR C 241 14.55 -71.32 45.67
CA THR C 241 14.53 -72.80 45.78
C THR C 241 15.12 -73.45 44.53
N PHE C 242 15.12 -72.83 43.35
CA PHE C 242 15.61 -73.50 42.11
C PHE C 242 16.71 -72.69 41.41
N LEU C 243 17.07 -71.48 41.88
CA LEU C 243 18.15 -70.68 41.23
C LEU C 243 19.46 -70.86 41.98
N ASN C 244 20.59 -70.60 41.31
CA ASN C 244 21.91 -70.44 41.96
C ASN C 244 22.23 -68.94 42.09
N SER C 245 21.64 -68.09 41.26
CA SER C 245 21.81 -66.62 41.36
C SER C 245 20.57 -65.91 40.80
N LEU C 246 20.28 -64.73 41.35
CA LEU C 246 19.21 -63.85 40.85
C LEU C 246 19.87 -62.75 40.02
N GLY C 247 19.26 -62.43 38.89
CA GLY C 247 19.72 -61.32 38.04
C GLY C 247 18.65 -60.25 37.96
N GLY C 248 18.72 -59.46 36.91
CA GLY C 248 17.86 -58.28 36.72
C GLY C 248 18.25 -57.56 35.46
N SER C 249 17.26 -57.01 34.78
CA SER C 249 17.43 -56.00 33.71
C SER C 249 17.06 -54.66 34.36
N ALA C 250 17.97 -53.71 34.32
CA ALA C 250 17.78 -52.34 34.82
C ALA C 250 18.23 -51.40 33.70
N HIS C 251 17.35 -51.13 32.74
CA HIS C 251 17.62 -50.29 31.56
C HIS C 251 17.07 -48.88 31.79
N ALA C 252 17.94 -47.89 31.69
CA ALA C 252 17.59 -46.47 31.90
C ALA C 252 16.45 -46.08 30.94
N SER C 253 16.39 -46.64 29.72
CA SER C 253 15.40 -46.21 28.71
C SER C 253 14.04 -46.94 28.86
N TRP C 254 13.93 -48.01 29.63
CA TRP C 254 12.68 -48.79 29.80
C TRP C 254 12.13 -48.73 31.22
N HIS C 255 12.96 -48.74 32.25
CA HIS C 255 12.57 -49.16 33.62
C HIS C 255 12.56 -48.03 34.64
N PHE C 256 13.05 -46.84 34.27
CA PHE C 256 13.25 -45.75 35.26
C PHE C 256 12.29 -44.58 35.01
N GLY C 257 11.14 -44.85 34.38
CA GLY C 257 10.09 -43.86 34.05
C GLY C 257 9.65 -43.02 35.26
N TYR C 258 9.78 -43.53 36.49
CA TYR C 258 9.32 -42.83 37.71
C TYR C 258 10.32 -41.76 38.12
N PHE C 259 11.49 -41.69 37.46
CA PHE C 259 12.59 -40.77 37.85
C PHE C 259 12.99 -39.88 36.68
N PRO C 260 13.47 -38.65 36.97
CA PRO C 260 14.24 -37.91 35.98
C PRO C 260 15.64 -38.53 35.83
N ARG C 261 16.30 -38.25 34.71
CA ARG C 261 17.64 -38.79 34.39
C ARG C 261 18.64 -38.47 35.51
N LYS C 262 18.59 -37.28 36.12
CA LYS C 262 19.55 -36.89 37.17
C LYS C 262 19.40 -37.77 38.42
N ALA C 263 18.31 -38.52 38.57
CA ALA C 263 18.08 -39.45 39.70
C ALA C 263 18.14 -40.92 39.26
N TYR C 264 18.72 -41.24 38.10
CA TYR C 264 18.91 -42.66 37.68
C TYR C 264 19.93 -43.34 38.62
N THR C 265 20.70 -42.59 39.40
CA THR C 265 21.57 -43.09 40.50
C THR C 265 20.69 -43.73 41.57
N VAL C 266 19.64 -43.01 41.95
CA VAL C 266 18.66 -43.45 42.96
C VAL C 266 17.91 -44.66 42.40
N ALA C 267 17.47 -44.57 41.14
CA ALA C 267 16.72 -45.66 40.48
C ALA C 267 17.57 -46.93 40.51
N MET C 268 18.80 -46.85 40.06
CA MET C 268 19.71 -48.03 39.98
C MET C 268 19.97 -48.58 41.39
N SER C 269 20.15 -47.71 42.39
CA SER C 269 20.39 -48.16 43.77
C SER C 269 19.16 -48.88 44.32
N ALA C 270 17.96 -48.37 44.06
CA ALA C 270 16.70 -48.97 44.52
C ALA C 270 16.55 -50.33 43.78
N ASN C 271 16.83 -50.35 42.48
CA ASN C 271 16.67 -51.58 41.65
C ASN C 271 17.63 -52.64 42.21
N ALA C 272 18.86 -52.25 42.51
CA ALA C 272 19.89 -53.14 43.10
C ALA C 272 19.43 -53.65 44.46
N GLU C 273 18.93 -52.78 45.32
CA GLU C 273 18.44 -53.14 46.66
C GLU C 273 17.28 -54.12 46.53
N LEU C 274 16.37 -53.89 45.57
CA LEU C 274 15.18 -54.75 45.39
C LEU C 274 15.63 -56.15 44.99
N ILE C 275 16.59 -56.26 44.06
CA ILE C 275 17.11 -57.57 43.59
C ILE C 275 17.91 -58.20 44.74
N ARG C 276 18.75 -57.44 45.41
CA ARG C 276 19.54 -57.96 46.55
C ARG C 276 18.61 -58.59 47.59
N SER C 277 17.50 -57.94 47.91
CA SER C 277 16.48 -58.45 48.88
C SER C 277 15.89 -59.75 48.33
N GLY C 278 15.48 -59.76 47.06
CA GLY C 278 14.93 -60.95 46.42
C GLY C 278 15.89 -62.13 46.51
N ALA C 279 17.16 -61.87 46.30
CA ALA C 279 18.21 -62.91 46.24
C ALA C 279 18.34 -63.61 47.61
N GLY C 280 18.16 -62.89 48.72
CA GLY C 280 18.34 -63.47 50.07
C GLY C 280 19.75 -64.04 50.19
N GLU C 281 19.88 -65.35 50.42
CA GLU C 281 21.22 -65.98 50.63
C GLU C 281 21.92 -66.24 49.29
N LEU C 282 21.23 -66.17 48.14
CA LEU C 282 21.84 -66.36 46.82
C LEU C 282 22.65 -65.10 46.45
N PRO C 283 23.76 -65.25 45.70
CA PRO C 283 24.39 -64.11 45.07
C PRO C 283 23.45 -63.53 43.98
N TRP C 284 23.63 -62.26 43.65
CA TRP C 284 22.90 -61.58 42.55
C TRP C 284 23.91 -60.85 41.64
N LEU C 285 23.49 -60.57 40.42
CA LEU C 285 24.24 -59.67 39.51
C LEU C 285 23.23 -59.02 38.57
N MET C 286 23.61 -57.91 37.92
CA MET C 286 22.73 -57.21 36.96
C MET C 286 23.04 -57.77 35.58
N THR C 287 22.15 -58.64 35.11
CA THR C 287 22.20 -59.36 33.82
C THR C 287 22.12 -58.40 32.63
N GLU C 288 21.41 -57.27 32.76
CA GLU C 288 21.26 -56.28 31.68
C GLU C 288 21.33 -54.85 32.24
N LEU C 289 22.32 -54.09 31.76
CA LEU C 289 22.43 -52.62 31.89
C LEU C 289 22.48 -52.04 30.48
N GLN C 290 22.02 -50.80 30.30
CA GLN C 290 21.96 -50.18 28.94
C GLN C 290 23.38 -49.80 28.53
N GLY C 291 23.85 -50.33 27.41
CA GLY C 291 25.23 -50.15 26.93
C GLY C 291 25.36 -49.10 25.84
N GLY C 292 24.26 -48.56 25.33
CA GLY C 292 24.33 -47.72 24.15
C GLY C 292 23.08 -46.97 23.81
N ASN C 293 23.05 -46.49 22.58
CA ASN C 293 22.12 -45.47 22.07
C ASN C 293 20.76 -46.05 21.71
N ASN C 294 19.72 -45.29 22.04
CA ASN C 294 18.35 -45.44 21.51
C ASN C 294 18.20 -44.56 20.27
N LEU C 295 17.91 -45.17 19.13
CA LEU C 295 17.56 -44.43 17.91
C LEU C 295 16.04 -44.37 17.89
N TYR C 296 15.36 -45.45 17.54
CA TYR C 296 13.87 -45.56 17.55
C TYR C 296 13.34 -46.28 18.78
N SER C 297 14.14 -47.06 19.53
CA SER C 297 13.66 -47.92 20.64
C SER C 297 13.65 -47.14 21.97
N GLY C 298 13.09 -47.76 23.01
CA GLY C 298 13.09 -47.19 24.38
C GLY C 298 11.88 -46.32 24.63
N ALA C 299 11.45 -46.22 25.88
CA ALA C 299 10.34 -45.33 26.31
C ALA C 299 10.93 -43.95 26.68
N ASN C 300 12.07 -43.92 27.36
CA ASN C 300 12.76 -42.67 27.81
C ASN C 300 14.14 -42.70 27.17
N PRO C 301 14.26 -42.46 25.85
CA PRO C 301 15.50 -42.78 25.13
C PRO C 301 16.68 -41.91 25.57
N LEU C 302 17.85 -42.52 25.59
CA LEU C 302 19.13 -41.85 25.89
C LEU C 302 20.27 -42.62 25.26
N CYS C 303 21.43 -42.00 25.26
CA CYS C 303 22.73 -42.67 25.09
C CYS C 303 23.46 -42.45 26.40
N PRO C 304 23.66 -43.50 27.24
CA PRO C 304 24.35 -43.33 28.51
C PRO C 304 25.69 -42.60 28.30
N THR C 305 26.01 -41.68 29.21
CA THR C 305 27.33 -41.05 29.23
C THR C 305 28.34 -42.05 29.81
N ALA C 306 29.63 -41.85 29.50
CA ALA C 306 30.73 -42.55 30.18
C ALA C 306 30.53 -42.45 31.69
N GLU C 307 30.14 -41.28 32.21
CA GLU C 307 30.02 -41.04 33.67
C GLU C 307 28.88 -41.94 34.25
N GLU C 308 27.80 -42.12 33.52
CA GLU C 308 26.62 -42.93 33.93
C GLU C 308 27.02 -44.42 33.99
N ILE C 309 27.82 -44.89 33.03
CA ILE C 309 28.34 -46.29 33.01
C ILE C 309 29.11 -46.57 34.33
N ILE C 310 29.95 -45.65 34.73
CA ILE C 310 30.78 -45.78 35.98
C ILE C 310 29.87 -45.77 37.21
N GLN C 311 28.90 -44.84 37.24
CA GLN C 311 27.93 -44.70 38.34
C GLN C 311 27.19 -46.02 38.53
N TRP C 312 26.70 -46.60 37.44
CA TRP C 312 25.83 -47.81 37.51
C TRP C 312 26.65 -49.01 37.99
N LEU C 313 27.87 -49.19 37.45
CA LEU C 313 28.70 -50.35 37.87
C LEU C 313 29.02 -50.23 39.37
N TRP C 314 29.41 -49.05 39.85
CA TRP C 314 29.79 -48.89 41.27
C TRP C 314 28.55 -49.06 42.16
N ILE C 315 27.40 -48.49 41.80
CA ILE C 315 26.18 -48.62 42.64
C ILE C 315 25.86 -50.10 42.82
N ASN C 316 25.91 -50.87 41.73
CA ASN C 316 25.57 -52.31 41.76
C ASN C 316 26.60 -53.07 42.63
N PHE C 317 27.90 -52.87 42.42
CA PHE C 317 28.95 -53.58 43.18
C PHE C 317 28.83 -53.22 44.65
N ALA C 318 28.54 -51.95 44.97
CA ALA C 318 28.42 -51.46 46.36
C ALA C 318 27.17 -52.09 47.02
N THR C 319 26.25 -52.65 46.23
CA THR C 319 24.99 -53.29 46.68
C THR C 319 25.13 -54.81 46.49
N GLU C 320 26.38 -55.31 46.43
CA GLU C 320 26.77 -56.75 46.50
C GLU C 320 26.62 -57.47 45.15
N ALA C 321 26.40 -56.75 44.04
CA ALA C 321 26.31 -57.39 42.71
C ALA C 321 27.62 -58.15 42.43
N LYS C 322 27.52 -59.35 41.87
CA LYS C 322 28.69 -60.17 41.46
C LYS C 322 28.99 -59.95 39.99
N GLY C 323 28.27 -59.04 39.32
CA GLY C 323 28.53 -58.73 37.92
C GLY C 323 27.64 -57.63 37.41
N GLY C 324 28.08 -56.97 36.34
CA GLY C 324 27.26 -56.10 35.48
C GLY C 324 27.47 -56.48 34.04
N ILE C 325 26.41 -56.92 33.37
CA ILE C 325 26.43 -57.26 31.93
C ILE C 325 25.64 -56.20 31.15
N PHE C 326 26.28 -55.60 30.15
CA PHE C 326 25.66 -54.57 29.29
C PHE C 326 24.95 -55.21 28.11
N TRP C 327 23.69 -54.81 27.90
CA TRP C 327 23.01 -54.95 26.59
C TRP C 327 23.31 -53.68 25.80
N SER C 328 24.19 -53.74 24.78
CA SER C 328 24.84 -54.94 24.25
C SER C 328 26.25 -54.56 23.79
N PHE C 329 27.14 -55.54 23.59
CA PHE C 329 28.50 -55.25 23.04
C PHE C 329 28.35 -54.72 21.62
N ASN C 330 27.75 -55.54 20.75
CA ASN C 330 27.47 -55.24 19.33
C ASN C 330 25.93 -55.15 19.11
N ALA C 331 25.50 -54.62 17.98
CA ALA C 331 24.08 -54.32 17.68
C ALA C 331 23.49 -55.42 16.79
N ARG C 332 22.19 -55.62 16.92
CA ARG C 332 21.32 -56.23 15.89
C ARG C 332 21.48 -55.44 14.59
N SER C 333 21.23 -56.07 13.44
CA SER C 333 21.47 -55.45 12.11
C SER C 333 20.16 -55.12 11.39
N THR C 334 19.02 -55.70 11.77
CA THR C 334 17.78 -55.59 10.95
C THR C 334 16.60 -55.21 11.83
N ALA C 335 15.79 -54.23 11.36
CA ALA C 335 14.48 -53.88 11.95
C ALA C 335 14.67 -53.41 13.39
N ALA C 336 13.87 -53.91 14.33
CA ALA C 336 13.87 -53.41 15.73
C ALA C 336 15.30 -53.41 16.29
N GLU C 337 15.75 -52.23 16.72
CA GLU C 337 17.00 -51.99 17.46
C GLU C 337 18.22 -52.21 16.56
N ALA C 338 18.07 -52.15 15.24
CA ALA C 338 19.21 -52.24 14.28
C ALA C 338 20.19 -51.07 14.57
N GLY C 339 21.43 -51.39 14.91
CA GLY C 339 22.50 -50.40 15.21
C GLY C 339 22.27 -49.63 16.50
N GLU C 340 21.40 -50.14 17.38
CA GLU C 340 21.08 -49.51 18.69
C GLU C 340 21.68 -50.35 19.83
N TRP C 341 21.90 -49.70 20.99
CA TRP C 341 22.23 -50.32 22.30
C TRP C 341 23.72 -50.71 22.41
N ALA C 342 24.53 -50.59 21.36
CA ALA C 342 25.89 -51.18 21.30
C ALA C 342 26.91 -50.30 22.05
N MET C 343 27.86 -50.98 22.75
CA MET C 343 28.97 -50.34 23.45
C MET C 343 30.10 -50.04 22.45
N ILE C 344 30.17 -50.80 21.35
CA ILE C 344 31.16 -50.53 20.25
C ILE C 344 30.48 -49.60 19.24
N ASN C 345 31.27 -48.89 18.47
CA ASN C 345 30.81 -47.95 17.42
C ASN C 345 30.68 -48.76 16.13
N PHE C 346 30.28 -48.12 15.03
CA PHE C 346 29.99 -48.83 13.76
C PHE C 346 31.28 -49.31 13.08
N LYS C 347 32.46 -48.87 13.54
CA LYS C 347 33.78 -49.40 13.09
C LYS C 347 34.24 -50.52 14.04
N ASN C 348 33.41 -50.99 14.98
CA ASN C 348 33.74 -52.09 15.91
C ASN C 348 34.89 -51.67 16.84
N LYS C 349 34.99 -50.38 17.14
CA LYS C 349 35.98 -49.86 18.12
C LYS C 349 35.24 -49.34 19.34
N SER C 350 35.99 -49.04 20.41
CA SER C 350 35.45 -48.66 21.74
C SER C 350 34.73 -47.31 21.66
N SER C 351 33.49 -47.24 22.15
CA SER C 351 32.87 -45.95 22.51
C SER C 351 33.45 -45.48 23.85
N ASP C 352 33.14 -44.24 24.25
CA ASP C 352 33.52 -43.72 25.59
C ASP C 352 32.85 -44.57 26.70
N ARG C 353 31.75 -45.25 26.40
CA ARG C 353 31.04 -46.15 27.36
C ARG C 353 31.89 -47.42 27.60
N LEU C 354 32.45 -48.01 26.55
CA LEU C 354 33.31 -49.21 26.69
C LEU C 354 34.63 -48.83 27.37
N ILE C 355 35.21 -47.67 27.05
CA ILE C 355 36.45 -47.18 27.72
C ILE C 355 36.16 -47.04 29.22
N ALA C 356 35.00 -46.48 29.60
CA ALA C 356 34.61 -46.29 31.01
C ALA C 356 34.43 -47.65 31.69
N ALA C 357 33.69 -48.59 31.08
CA ALA C 357 33.47 -49.92 31.68
C ALA C 357 34.83 -50.62 31.89
N ALA C 358 35.75 -50.48 30.93
CA ALA C 358 37.11 -51.12 30.99
C ALA C 358 37.87 -50.62 32.23
N THR C 359 37.69 -49.38 32.65
CA THR C 359 38.38 -48.85 33.85
C THR C 359 37.90 -49.62 35.08
N ILE C 360 36.64 -50.05 35.11
CA ILE C 360 36.06 -50.74 36.28
C ILE C 360 36.57 -52.18 36.29
N GLY C 361 36.58 -52.85 35.14
CA GLY C 361 37.17 -54.20 35.02
C GLY C 361 38.65 -54.20 35.45
N LYS C 362 39.40 -53.17 35.08
CA LYS C 362 40.83 -53.01 35.46
C LYS C 362 40.92 -52.79 36.98
N PHE C 363 40.08 -51.94 37.55
CA PHE C 363 40.06 -51.70 39.02
C PHE C 363 39.85 -53.03 39.75
N ILE C 364 38.92 -53.87 39.27
CA ILE C 364 38.60 -55.16 39.94
C ILE C 364 39.88 -56.02 39.95
N THR C 365 40.56 -56.17 38.81
CA THR C 365 41.77 -57.02 38.70
C THR C 365 42.87 -56.55 39.66
N GLU C 366 42.98 -55.26 39.92
CA GLU C 366 44.02 -54.67 40.81
C GLU C 366 43.57 -54.65 42.27
N ASN C 367 42.31 -55.01 42.55
CA ASN C 367 41.74 -54.92 43.92
C ASN C 367 40.87 -56.15 44.19
N VAL C 368 41.35 -57.34 43.83
CA VAL C 368 40.53 -58.58 43.83
C VAL C 368 39.98 -58.87 45.24
N LYS C 369 40.82 -58.81 46.28
CA LYS C 369 40.39 -59.23 47.64
C LYS C 369 39.26 -58.30 48.13
N MET C 370 39.45 -56.98 48.03
CA MET C 370 38.39 -56.00 48.38
C MET C 370 37.12 -56.29 47.58
N MET C 371 37.21 -56.39 46.27
CA MET C 371 36.01 -56.40 45.38
C MET C 371 35.27 -57.73 45.49
N SER C 372 35.92 -58.82 45.94
CA SER C 372 35.31 -60.18 46.00
C SER C 372 34.49 -60.35 47.28
N ASN C 373 34.63 -59.45 48.28
CA ASN C 373 34.08 -59.71 49.63
C ASN C 373 33.17 -58.55 50.08
N ILE C 374 32.60 -57.80 49.13
CA ILE C 374 31.73 -56.64 49.46
C ILE C 374 30.46 -57.12 50.19
N LYS C 375 30.18 -56.50 51.32
CA LYS C 375 28.92 -56.65 52.09
C LYS C 375 28.37 -55.25 52.29
N THR C 376 27.15 -55.00 51.81
CA THR C 376 26.56 -53.65 51.98
C THR C 376 26.49 -53.37 53.47
N LEU C 377 26.79 -52.13 53.89
CA LEU C 377 26.66 -51.74 55.30
C LEU C 377 25.18 -51.40 55.54
N ASN C 378 24.42 -52.34 56.08
CA ASN C 378 22.97 -52.12 56.38
C ASN C 378 22.87 -51.08 57.48
N SER C 379 22.22 -49.95 57.20
CA SER C 379 21.95 -48.88 58.18
C SER C 379 21.06 -49.43 59.30
N GLY C 380 20.28 -50.47 59.02
CA GLY C 380 19.15 -50.90 59.88
C GLY C 380 17.81 -50.33 59.41
N ILE C 381 17.78 -49.50 58.36
CA ILE C 381 16.54 -48.97 57.76
C ILE C 381 16.12 -49.91 56.63
N SER C 382 14.88 -50.39 56.69
CA SER C 382 14.24 -51.18 55.61
C SER C 382 12.99 -50.47 55.13
N ILE C 383 12.94 -50.15 53.84
CA ILE C 383 11.70 -49.61 53.18
C ILE C 383 10.98 -50.82 52.59
N LEU C 384 9.75 -51.09 53.03
CA LEU C 384 9.03 -52.33 52.66
C LEU C 384 7.87 -52.00 51.69
N TYR C 385 7.70 -52.84 50.67
CA TYR C 385 6.57 -52.80 49.72
C TYR C 385 5.90 -54.17 49.80
N ASN C 386 4.64 -54.27 49.45
CA ASN C 386 4.02 -55.62 49.32
C ASN C 386 3.24 -55.72 48.02
N HIS C 387 3.14 -56.94 47.50
CA HIS C 387 2.35 -57.26 46.29
C HIS C 387 0.92 -56.73 46.47
N GLU C 388 0.34 -56.93 47.66
CA GLU C 388 -1.12 -56.73 47.86
C GLU C 388 -1.47 -55.24 47.76
N SER C 389 -0.57 -54.33 48.21
CA SER C 389 -0.80 -52.88 48.04
C SER C 389 -0.89 -52.57 46.53
N MET C 390 -0.01 -53.15 45.72
CA MET C 390 -0.05 -52.93 44.25
C MET C 390 -1.36 -53.49 43.67
N TRP C 391 -1.79 -54.66 44.11
CA TRP C 391 -3.02 -55.29 43.55
C TRP C 391 -4.26 -54.48 43.94
N VAL C 392 -4.35 -54.04 45.18
CA VAL C 392 -5.51 -53.26 45.69
C VAL C 392 -5.51 -51.91 44.96
N GLU C 393 -4.34 -51.28 44.80
CA GLU C 393 -4.23 -49.99 44.08
C GLU C 393 -4.77 -50.16 42.66
N ALA C 394 -4.42 -51.25 41.97
CA ALA C 394 -4.89 -51.48 40.58
C ALA C 394 -6.42 -51.59 40.55
N ALA C 395 -7.04 -52.17 41.58
CA ALA C 395 -8.52 -52.29 41.67
C ALA C 395 -9.13 -50.90 41.92
N GLN C 396 -8.55 -50.10 42.81
CA GLN C 396 -9.12 -48.82 43.26
C GLN C 396 -8.93 -47.70 42.23
N THR C 397 -7.83 -47.70 41.47
CA THR C 397 -7.54 -46.60 40.52
C THR C 397 -8.10 -46.96 39.13
N ARG C 398 -8.69 -48.14 38.98
CA ARG C 398 -9.26 -48.64 37.69
C ARG C 398 -8.33 -48.28 36.52
N GLY C 399 -7.02 -48.48 36.73
CA GLY C 399 -5.98 -48.40 35.67
C GLY C 399 -5.62 -46.99 35.22
N LYS C 400 -5.95 -45.95 36.00
CA LYS C 400 -5.63 -44.53 35.67
C LYS C 400 -4.11 -44.28 35.72
N LEU C 401 -3.60 -43.51 34.74
CA LEU C 401 -2.14 -43.38 34.47
C LEU C 401 -1.74 -41.90 34.57
N ASN C 402 -2.37 -41.17 35.50
CA ASN C 402 -2.30 -39.69 35.61
C ASN C 402 -1.13 -39.29 36.54
N GLY C 403 -0.26 -40.24 36.94
CA GLY C 403 0.98 -39.98 37.70
C GLY C 403 0.82 -39.98 39.24
N ASN C 404 -0.34 -39.54 39.77
CA ASN C 404 -0.50 -39.06 41.17
C ASN C 404 -0.93 -40.22 42.12
N GLY C 405 -1.36 -39.89 43.33
CA GLY C 405 -1.90 -40.87 44.29
C GLY C 405 -3.06 -41.66 43.72
N ARG C 406 -3.83 -41.09 42.79
CA ARG C 406 -5.05 -41.73 42.22
C ARG C 406 -4.69 -42.46 40.93
N SER C 407 -3.44 -42.90 40.78
CA SER C 407 -2.95 -43.59 39.56
C SER C 407 -2.15 -44.83 39.93
N ILE C 408 -2.07 -45.77 39.00
CA ILE C 408 -1.17 -46.95 39.10
C ILE C 408 0.25 -46.42 39.33
N GLY C 409 0.96 -46.93 40.34
CA GLY C 409 2.37 -46.61 40.58
C GLY C 409 2.62 -45.84 41.87
N ALA C 410 1.60 -45.24 42.49
CA ALA C 410 1.79 -44.45 43.74
C ALA C 410 2.33 -45.34 44.86
N VAL C 411 1.94 -46.61 44.94
CA VAL C 411 2.37 -47.52 46.04
C VAL C 411 3.84 -47.90 45.83
N MET C 412 4.42 -47.71 44.64
CA MET C 412 5.88 -47.90 44.46
C MET C 412 6.61 -46.55 44.49
N CYS C 413 6.04 -45.48 43.94
CA CYS C 413 6.67 -44.14 43.92
C CYS C 413 6.81 -43.60 45.35
N SER C 414 5.87 -43.91 46.25
CA SER C 414 5.93 -43.44 47.65
C SER C 414 7.18 -44.02 48.34
N PRO C 415 7.37 -45.35 48.44
CA PRO C 415 8.57 -45.89 49.06
C PRO C 415 9.88 -45.48 48.32
N LEU C 416 9.84 -45.32 46.99
CA LEU C 416 11.02 -44.86 46.22
C LEU C 416 11.39 -43.41 46.61
N SER C 417 10.39 -42.60 46.99
CA SER C 417 10.59 -41.19 47.39
C SER C 417 11.30 -41.15 48.75
N TYR C 418 10.90 -41.99 49.70
CA TYR C 418 11.60 -42.11 51.00
C TYR C 418 13.05 -42.57 50.74
N PHE C 419 13.21 -43.53 49.84
CA PHE C 419 14.53 -44.07 49.45
C PHE C 419 15.42 -42.92 48.94
N GLU C 420 14.88 -42.06 48.09
CA GLU C 420 15.60 -40.89 47.51
C GLU C 420 15.96 -39.92 48.64
N ALA C 421 15.04 -39.67 49.57
CA ALA C 421 15.27 -38.74 50.71
C ALA C 421 16.46 -39.26 51.55
N LEU C 422 16.49 -40.56 51.82
CA LEU C 422 17.58 -41.19 52.61
C LEU C 422 18.90 -41.17 51.80
N SER C 423 18.87 -41.45 50.49
CA SER C 423 20.06 -41.38 49.60
C SER C 423 20.70 -39.98 49.68
N GLU C 424 19.88 -38.93 49.66
CA GLU C 424 20.33 -37.51 49.69
C GLU C 424 20.77 -37.12 51.12
N THR C 425 20.59 -38.01 52.09
CA THR C 425 21.13 -37.89 53.48
C THR C 425 22.39 -38.74 53.62
N GLY C 426 22.74 -39.51 52.58
CA GLY C 426 23.89 -40.42 52.53
C GLY C 426 23.69 -41.66 53.36
N LEU C 427 22.44 -42.06 53.61
CA LEU C 427 22.09 -43.27 54.39
C LEU C 427 21.64 -44.39 53.42
N GLN C 428 22.23 -45.56 53.56
CA GLN C 428 21.80 -46.84 52.97
C GLN C 428 20.38 -47.15 53.48
N ALA C 429 19.55 -47.75 52.64
CA ALA C 429 18.25 -48.32 53.06
C ALA C 429 18.00 -49.57 52.22
N ASN C 430 17.49 -50.60 52.88
CA ASN C 430 17.00 -51.80 52.18
C ASN C 430 15.69 -51.43 51.47
N PHE C 431 15.38 -52.15 50.39
CA PHE C 431 14.13 -52.00 49.64
C PHE C 431 13.64 -53.42 49.41
N LYS C 432 12.62 -53.84 50.14
CA LYS C 432 12.30 -55.28 50.32
C LYS C 432 10.81 -55.52 50.22
N GLU C 433 10.41 -56.61 49.58
CA GLU C 433 9.02 -57.12 49.73
C GLU C 433 8.85 -57.54 51.17
N ILE C 434 7.68 -57.31 51.76
CA ILE C 434 7.45 -57.53 53.21
C ILE C 434 7.77 -58.99 53.58
N LYS C 435 7.53 -59.97 52.69
CA LYS C 435 7.81 -61.39 53.00
C LYS C 435 9.32 -61.66 53.00
N GLU C 436 10.16 -60.74 52.50
CA GLU C 436 11.64 -60.90 52.48
C GLU C 436 12.24 -60.38 53.80
N PHE C 437 11.47 -59.67 54.61
CA PHE C 437 11.95 -59.14 55.90
C PHE C 437 11.88 -60.24 56.96
N ASP C 438 12.94 -60.42 57.74
CA ASP C 438 13.01 -61.45 58.82
C ASP C 438 12.33 -60.91 60.09
N PHE C 439 11.10 -61.35 60.36
CA PHE C 439 10.29 -60.93 61.54
C PHE C 439 10.45 -61.93 62.71
N SER C 440 11.44 -62.82 62.69
CA SER C 440 11.57 -63.95 63.64
C SER C 440 12.60 -63.66 64.75
N LEU C 441 13.25 -62.49 64.75
CA LEU C 441 14.32 -62.17 65.73
C LEU C 441 13.70 -61.79 67.08
N ASN C 442 14.53 -61.76 68.13
CA ASN C 442 14.13 -61.49 69.53
C ASN C 442 14.35 -60.02 69.87
N ASP C 443 15.16 -59.32 69.08
CA ASP C 443 15.58 -57.93 69.37
C ASP C 443 15.64 -57.13 68.06
N TYR C 444 15.01 -55.95 68.00
CA TYR C 444 14.98 -55.05 66.82
C TYR C 444 15.39 -53.64 67.23
N THR C 445 16.05 -53.52 68.38
CA THR C 445 16.68 -52.25 68.85
C THR C 445 17.46 -51.66 67.68
N ASP C 446 17.31 -50.36 67.43
CA ASP C 446 18.08 -49.64 66.39
C ASP C 446 17.77 -50.17 64.96
N GLN C 447 16.70 -50.95 64.77
CA GLN C 447 16.18 -51.28 63.40
C GLN C 447 14.99 -50.35 63.09
N VAL C 448 14.79 -49.98 61.82
CA VAL C 448 13.68 -49.09 61.37
C VAL C 448 13.00 -49.73 60.16
N ILE C 449 11.66 -49.79 60.20
CA ILE C 449 10.83 -50.13 59.01
C ILE C 449 10.06 -48.86 58.60
N ILE C 450 10.06 -48.58 57.30
CA ILE C 450 9.27 -47.48 56.69
C ILE C 450 8.23 -48.14 55.81
N LEU C 451 6.94 -47.91 56.12
CA LEU C 451 5.78 -48.35 55.31
C LEU C 451 5.12 -47.09 54.74
N SER C 452 5.45 -46.77 53.49
CA SER C 452 5.03 -45.50 52.83
C SER C 452 3.95 -45.81 51.82
N HIS C 453 2.71 -45.47 52.13
CA HIS C 453 1.54 -45.64 51.25
C HIS C 453 1.40 -47.11 50.87
N GLN C 454 1.66 -48.03 51.81
CA GLN C 454 1.41 -49.48 51.60
C GLN C 454 -0.03 -49.72 52.03
N ILE C 455 -0.94 -49.45 51.10
CA ILE C 455 -2.38 -49.26 51.38
C ILE C 455 -3.04 -50.57 51.84
N ALA C 456 -2.43 -51.74 51.59
CA ALA C 456 -2.97 -53.06 52.00
C ALA C 456 -2.06 -53.77 53.00
N LEU C 457 -2.56 -54.02 54.22
CA LEU C 457 -1.88 -54.83 55.27
C LEU C 457 -2.90 -55.79 55.89
N ASP C 458 -2.54 -57.05 56.09
CA ASP C 458 -3.46 -58.05 56.73
C ASP C 458 -3.12 -58.23 58.21
N ASN C 459 -3.97 -58.95 58.94
CA ASN C 459 -3.81 -59.17 60.41
C ASN C 459 -2.47 -59.86 60.69
N LYS C 460 -2.05 -60.81 59.87
CA LYS C 460 -0.77 -61.55 60.07
C LYS C 460 0.40 -60.56 60.04
N VAL C 461 0.46 -59.67 59.05
CA VAL C 461 1.59 -58.70 58.92
C VAL C 461 1.51 -57.69 60.07
N ILE C 462 0.31 -57.27 60.48
CA ILE C 462 0.14 -56.32 61.62
C ILE C 462 0.71 -56.96 62.90
N LYS C 463 0.50 -58.25 63.13
CA LYS C 463 1.06 -58.97 64.31
C LYS C 463 2.59 -58.97 64.22
N GLN C 464 3.15 -59.17 63.04
CA GLN C 464 4.63 -59.12 62.82
C GLN C 464 5.15 -57.71 63.14
N LEU C 465 4.44 -56.66 62.72
CA LEU C 465 4.85 -55.25 62.99
C LEU C 465 4.76 -54.95 64.49
N GLU C 466 3.70 -55.41 65.17
CA GLU C 466 3.53 -55.27 66.65
C GLU C 466 4.73 -55.90 67.36
N SER C 467 5.09 -57.12 66.96
CA SER C 467 6.25 -57.87 67.52
C SER C 467 7.54 -57.07 67.28
N PHE C 468 7.72 -56.56 66.05
CA PHE C 468 8.91 -55.79 65.64
C PHE C 468 9.05 -54.57 66.55
N VAL C 469 7.98 -53.80 66.74
CA VAL C 469 8.04 -52.55 67.53
C VAL C 469 8.23 -52.89 69.01
N GLU C 470 7.48 -53.86 69.53
CA GLU C 470 7.51 -54.30 70.95
C GLU C 470 8.96 -54.63 71.33
N LYS C 471 9.69 -55.26 70.41
CA LYS C 471 11.09 -55.72 70.63
C LYS C 471 12.08 -54.62 70.25
N GLY C 472 11.66 -53.36 70.12
CA GLY C 472 12.58 -52.20 70.04
C GLY C 472 12.65 -51.54 68.67
N GLY C 473 11.94 -52.08 67.69
CA GLY C 473 11.85 -51.52 66.33
C GLY C 473 11.19 -50.15 66.32
N THR C 474 11.59 -49.30 65.37
CA THR C 474 10.96 -48.01 65.03
C THR C 474 10.19 -48.20 63.72
N LEU C 475 8.90 -47.88 63.72
CA LEU C 475 8.02 -47.98 62.54
C LEU C 475 7.61 -46.57 62.11
N ILE C 476 7.88 -46.22 60.85
CA ILE C 476 7.41 -44.95 60.22
C ILE C 476 6.36 -45.35 59.18
N ALA C 477 5.15 -44.82 59.31
CA ALA C 477 4.04 -45.06 58.38
C ALA C 477 3.48 -43.73 57.88
N ASP C 478 3.45 -43.51 56.56
CA ASP C 478 2.83 -42.29 55.97
C ASP C 478 1.85 -42.69 54.88
N GLY C 479 1.09 -41.73 54.37
CA GLY C 479 0.08 -41.95 53.32
C GLY C 479 -1.03 -42.86 53.80
N LEU C 480 -1.66 -43.62 52.91
CA LEU C 480 -2.84 -44.46 53.24
C LEU C 480 -2.40 -45.85 53.73
N THR C 481 -1.20 -45.97 54.31
CA THR C 481 -0.70 -47.28 54.84
C THR C 481 -1.79 -47.91 55.74
N GLY C 482 -2.16 -49.15 55.42
CA GLY C 482 -3.08 -49.95 56.24
C GLY C 482 -4.54 -49.55 56.12
N TYR C 483 -4.89 -48.78 55.10
CA TYR C 483 -6.30 -48.35 54.89
C TYR C 483 -7.16 -49.56 54.54
N TYR C 484 -6.59 -50.49 53.79
CA TYR C 484 -7.23 -51.74 53.34
C TYR C 484 -6.49 -52.95 53.89
N ASP C 485 -7.17 -54.08 53.89
CA ASP C 485 -6.57 -55.41 54.12
C ASP C 485 -6.35 -56.07 52.75
N TYR C 486 -5.95 -57.35 52.73
CA TYR C 486 -5.56 -58.08 51.50
C TYR C 486 -6.77 -58.43 50.65
N GLN C 487 -7.99 -58.22 51.16
CA GLN C 487 -9.24 -58.43 50.37
C GLN C 487 -9.87 -57.10 49.96
N ALA C 488 -9.13 -55.99 50.03
CA ALA C 488 -9.58 -54.62 49.70
C ALA C 488 -10.71 -54.19 50.65
N HIS C 489 -10.81 -54.80 51.83
CA HIS C 489 -11.76 -54.38 52.88
C HIS C 489 -11.08 -53.36 53.78
N SER C 490 -11.69 -52.21 53.99
CA SER C 490 -11.10 -51.15 54.85
C SER C 490 -11.49 -51.36 56.31
N THR C 491 -10.53 -51.73 57.14
CA THR C 491 -10.75 -51.80 58.62
C THR C 491 -10.84 -50.38 59.16
N VAL C 492 -10.40 -49.36 58.42
CA VAL C 492 -10.60 -47.95 58.84
C VAL C 492 -12.11 -47.72 59.02
N VAL C 493 -12.92 -48.36 58.21
CA VAL C 493 -14.41 -48.24 58.26
C VAL C 493 -14.97 -49.24 59.28
N SER C 494 -14.56 -50.51 59.24
CA SER C 494 -15.20 -51.58 60.05
C SER C 494 -14.62 -51.69 61.47
N GLY C 495 -13.44 -51.12 61.78
CA GLY C 495 -12.73 -51.27 63.08
C GLY C 495 -11.22 -51.44 62.90
N PHE C 496 -10.45 -50.37 63.10
CA PHE C 496 -9.09 -50.18 62.52
C PHE C 496 -8.11 -51.20 63.14
N ALA C 497 -7.50 -52.03 62.29
CA ALA C 497 -6.64 -53.16 62.72
C ALA C 497 -5.32 -52.63 63.31
N LEU C 498 -4.89 -51.42 62.98
CA LEU C 498 -3.62 -50.83 63.49
C LEU C 498 -3.87 -49.91 64.70
N GLU C 499 -5.09 -49.85 65.25
CA GLU C 499 -5.37 -48.96 66.41
C GLU C 499 -4.42 -49.28 67.58
N ASN C 500 -4.26 -50.57 67.90
CA ASN C 500 -3.40 -51.04 69.01
C ASN C 500 -1.98 -50.53 68.80
N LEU C 501 -1.38 -50.79 67.63
CA LEU C 501 0.04 -50.41 67.37
C LEU C 501 0.22 -48.88 67.31
N PHE C 502 -0.71 -48.17 66.67
CA PHE C 502 -0.58 -46.72 66.42
C PHE C 502 -1.03 -45.92 67.67
N GLY C 503 -1.78 -46.55 68.57
CA GLY C 503 -2.34 -45.88 69.77
C GLY C 503 -3.21 -44.70 69.39
N SER C 504 -3.92 -44.84 68.28
CA SER C 504 -4.69 -43.75 67.63
C SER C 504 -5.60 -44.34 66.54
N TYR C 505 -6.48 -43.49 66.01
CA TYR C 505 -7.59 -43.89 65.10
C TYR C 505 -7.71 -42.79 64.05
N PRO C 506 -7.88 -43.14 62.77
CA PRO C 506 -8.13 -42.14 61.73
C PRO C 506 -9.51 -41.51 61.99
N ILE C 507 -9.65 -40.23 61.69
CA ILE C 507 -10.92 -39.44 61.78
C ILE C 507 -11.44 -39.19 60.36
N GLU C 508 -10.66 -38.54 59.51
CA GLU C 508 -11.06 -38.18 58.13
C GLU C 508 -9.83 -38.15 57.22
N TYR C 509 -10.03 -38.45 55.94
CA TYR C 509 -9.19 -37.98 54.82
C TYR C 509 -10.00 -36.92 54.06
N LYS C 510 -9.35 -35.80 53.75
CA LYS C 510 -9.95 -34.70 52.95
C LYS C 510 -9.04 -34.47 51.76
N ILE C 511 -9.57 -34.64 50.55
CA ILE C 511 -8.78 -34.39 49.33
C ILE C 511 -8.47 -32.87 49.27
N LYS C 512 -7.26 -32.55 48.87
CA LYS C 512 -6.72 -31.18 48.66
C LYS C 512 -6.14 -31.13 47.22
N GLU C 513 -5.26 -30.20 46.96
CA GLU C 513 -4.55 -30.06 45.67
C GLU C 513 -3.42 -31.10 45.62
N ASN C 514 -2.79 -31.23 44.45
CA ASN C 514 -1.66 -32.17 44.22
C ASN C 514 -0.54 -31.88 45.21
N LEU C 515 -0.35 -30.61 45.58
CA LEU C 515 0.70 -30.18 46.52
C LEU C 515 0.08 -29.23 47.53
N PHE C 516 0.19 -29.56 48.80
CA PHE C 516 -0.19 -28.68 49.94
C PHE C 516 0.89 -28.85 51.00
N SER C 517 0.83 -28.04 52.04
CA SER C 517 1.84 -27.99 53.12
C SER C 517 1.22 -28.47 54.43
N LEU C 518 1.88 -29.38 55.14
CA LEU C 518 1.53 -29.74 56.55
C LEU C 518 2.45 -28.95 57.45
N ASP C 519 1.96 -27.92 58.14
CA ASP C 519 2.81 -27.01 58.97
C ASP C 519 2.64 -27.39 60.43
N PHE C 520 3.62 -28.03 61.05
CA PHE C 520 3.53 -28.49 62.46
C PHE C 520 3.47 -27.28 63.41
N GLU C 521 2.66 -27.39 64.48
CA GLU C 521 2.54 -26.37 65.55
C GLU C 521 3.92 -26.18 66.22
N LYS C 522 4.68 -27.25 66.40
CA LYS C 522 6.16 -27.23 66.58
C LYS C 522 6.73 -28.32 65.66
N ASN C 524 9.78 -27.16 63.91
CA ASN C 524 8.81 -26.35 63.12
C ASN C 524 8.88 -26.80 61.64
N TYR C 525 8.59 -28.08 61.45
CA TYR C 525 8.54 -28.79 60.15
C TYR C 525 7.40 -28.23 59.30
N LYS C 526 7.66 -28.03 58.01
CA LYS C 526 6.64 -27.68 56.98
C LYS C 526 6.83 -28.68 55.85
N LEU C 527 6.06 -29.76 55.91
CA LEU C 527 6.23 -30.95 55.04
C LEU C 527 5.34 -30.79 53.82
N PRO C 528 5.90 -30.81 52.60
CA PRO C 528 5.09 -30.96 51.40
C PRO C 528 4.29 -32.27 51.51
N ALA C 529 3.02 -32.22 51.15
CA ALA C 529 2.10 -33.37 51.15
C ALA C 529 1.31 -33.38 49.84
N HIS C 530 0.89 -34.58 49.43
CA HIS C 530 0.23 -34.82 48.13
C HIS C 530 -1.22 -35.30 48.36
N LEU C 531 -2.18 -34.53 47.84
CA LEU C 531 -3.53 -34.99 47.47
C LEU C 531 -4.47 -35.11 48.68
N TRP C 532 -4.12 -35.85 49.73
CA TRP C 532 -5.06 -36.16 50.84
C TRP C 532 -4.45 -35.72 52.18
N LYS C 533 -5.23 -35.02 53.00
CA LYS C 533 -4.84 -34.67 54.38
C LYS C 533 -5.60 -35.60 55.34
N GLY C 534 -4.85 -36.42 56.08
CA GLY C 534 -5.40 -37.30 57.13
C GLY C 534 -5.43 -36.59 58.47
N THR C 535 -6.53 -36.72 59.21
CA THR C 535 -6.63 -36.28 60.62
C THR C 535 -6.94 -37.52 61.47
N ILE C 536 -6.45 -37.49 62.71
CA ILE C 536 -6.52 -38.66 63.62
C ILE C 536 -6.97 -38.20 65.01
N GLU C 537 -7.32 -39.16 65.84
CA GLU C 537 -7.57 -38.99 67.29
C GLU C 537 -6.64 -39.94 68.04
N THR C 538 -5.87 -39.42 68.99
CA THR C 538 -4.90 -40.21 69.79
C THR C 538 -5.63 -40.76 71.02
N SER C 539 -5.29 -41.98 71.44
CA SER C 539 -5.64 -42.55 72.77
C SER C 539 -4.33 -42.62 73.56
N LYS C 540 -3.50 -43.65 73.32
CA LYS C 540 -2.20 -43.80 74.03
C LYS C 540 -1.09 -42.96 73.35
N ALA C 541 -1.20 -42.60 72.06
CA ALA C 541 -0.11 -41.90 71.34
C ALA C 541 -0.08 -40.42 71.74
N THR C 542 1.05 -39.77 71.54
CA THR C 542 1.23 -38.30 71.73
C THR C 542 0.83 -37.62 70.43
N PRO C 543 -0.17 -36.72 70.43
CA PRO C 543 -0.61 -36.05 69.21
C PRO C 543 0.39 -34.99 68.73
N ILE C 544 0.48 -34.83 67.41
CA ILE C 544 1.24 -33.74 66.73
C ILE C 544 0.19 -32.92 65.97
N MET C 545 0.08 -31.66 66.33
CA MET C 545 -0.96 -30.76 65.78
C MET C 545 -0.32 -29.91 64.69
N ASP C 546 -1.13 -29.48 63.72
CA ASP C 546 -0.68 -28.52 62.69
C ASP C 546 -1.17 -27.11 63.10
N LYS C 547 -0.79 -26.10 62.34
CA LYS C 547 -1.09 -24.68 62.67
C LYS C 547 -2.60 -24.43 62.55
N GLU C 548 -3.34 -25.27 61.83
CA GLU C 548 -4.83 -25.14 61.71
C GLU C 548 -5.53 -25.80 62.90
N GLY C 549 -4.76 -26.33 63.87
CA GLY C 549 -5.28 -26.92 65.11
C GLY C 549 -5.80 -28.34 64.91
N GLU C 550 -5.44 -29.03 63.81
CA GLU C 550 -5.89 -30.42 63.53
C GLU C 550 -4.78 -31.39 63.94
N CYS C 551 -5.15 -32.59 64.39
CA CYS C 551 -4.16 -33.64 64.73
C CYS C 551 -3.80 -34.42 63.46
N ILE C 552 -2.56 -34.27 62.98
CA ILE C 552 -2.14 -34.79 61.64
C ILE C 552 -1.14 -35.93 61.79
N ALA C 553 -0.67 -36.21 63.01
CA ALA C 553 0.36 -37.25 63.21
C ALA C 553 0.44 -37.60 64.69
N CYS C 554 1.15 -38.67 65.01
CA CYS C 554 1.41 -39.04 66.42
C CYS C 554 2.66 -39.91 66.52
N ILE C 555 3.18 -40.00 67.74
CA ILE C 555 4.25 -40.93 68.17
C ILE C 555 3.67 -41.80 69.28
N ASN C 556 3.65 -43.12 69.04
CA ASN C 556 3.20 -44.11 70.04
C ASN C 556 4.46 -44.81 70.57
N GLN C 557 4.61 -44.87 71.89
CA GLN C 557 5.59 -45.77 72.57
C GLN C 557 4.91 -47.11 72.74
N TYR C 558 5.43 -48.15 72.12
CA TYR C 558 4.85 -49.51 72.13
C TYR C 558 5.95 -50.49 72.54
N GLY C 559 5.89 -51.02 73.77
CA GLY C 559 6.98 -51.84 74.33
C GLY C 559 8.28 -51.05 74.29
N LYS C 560 9.35 -51.62 73.75
CA LYS C 560 10.68 -50.96 73.71
C LYS C 560 10.80 -50.05 72.47
N GLY C 561 9.87 -50.14 71.52
CA GLY C 561 9.97 -49.41 70.24
C GLY C 561 9.06 -48.21 70.15
N LYS C 562 9.02 -47.57 68.99
CA LYS C 562 8.12 -46.42 68.74
C LYS C 562 7.53 -46.48 67.34
N VAL C 563 6.39 -45.84 67.17
CA VAL C 563 5.69 -45.67 65.87
C VAL C 563 5.54 -44.19 65.64
N PHE C 564 5.95 -43.72 64.46
CA PHE C 564 5.57 -42.40 63.91
C PHE C 564 4.56 -42.63 62.79
N TRP C 565 3.35 -42.09 62.94
CA TRP C 565 2.26 -42.22 61.96
C TRP C 565 1.86 -40.82 61.50
N ILE C 566 1.89 -40.61 60.19
CA ILE C 566 1.38 -39.38 59.53
C ILE C 566 0.59 -39.80 58.30
N PRO C 567 -0.75 -39.91 58.42
CA PRO C 567 -1.58 -40.45 57.33
C PRO C 567 -1.79 -39.57 56.09
N SER C 568 -1.06 -38.48 55.96
CA SER C 568 -0.94 -37.68 54.71
C SER C 568 0.26 -38.20 53.91
N PRO C 569 0.20 -38.24 52.55
CA PRO C 569 1.34 -38.69 51.75
C PRO C 569 2.47 -37.66 51.68
N ILE C 570 3.43 -37.76 52.59
CA ILE C 570 4.55 -36.79 52.66
C ILE C 570 5.70 -37.23 51.75
N ALA C 571 5.88 -38.53 51.49
CA ALA C 571 6.87 -39.01 50.51
C ALA C 571 6.40 -38.60 49.11
N LEU C 572 5.13 -38.77 48.78
CA LEU C 572 4.60 -38.33 47.46
C LEU C 572 4.59 -36.79 47.39
N GLY C 573 4.48 -36.12 48.55
CA GLY C 573 4.56 -34.65 48.65
C GLY C 573 5.95 -34.18 48.27
N ALA C 574 6.97 -34.85 48.80
CA ALA C 574 8.38 -34.63 48.45
C ALA C 574 8.56 -34.83 46.95
N ARG C 575 8.04 -35.93 46.40
CA ARG C 575 8.14 -36.21 44.95
C ARG C 575 7.51 -35.08 44.11
N GLU C 576 6.30 -34.69 44.45
CA GLU C 576 5.52 -33.66 43.68
C GLU C 576 6.23 -32.30 43.76
N SER C 577 6.80 -31.96 44.92
CA SER C 577 7.47 -30.66 45.13
C SER C 577 8.92 -30.72 44.59
N LYS C 578 9.42 -31.90 44.22
CA LYS C 578 10.84 -32.13 43.81
C LYS C 578 11.81 -31.65 44.91
N ASP C 579 11.41 -31.81 46.17
CA ASP C 579 12.18 -31.33 47.34
C ASP C 579 12.06 -32.36 48.47
N PHE C 580 13.15 -33.09 48.74
CA PHE C 580 13.19 -34.20 49.73
C PHE C 580 13.81 -33.68 51.04
N SER C 581 14.17 -32.39 51.15
CA SER C 581 14.94 -31.88 52.30
C SER C 581 14.13 -32.06 53.59
N GLU C 582 12.87 -31.66 53.62
CA GLU C 582 12.06 -31.72 54.87
C GLU C 582 11.83 -33.17 55.26
N LEU C 583 11.53 -34.05 54.30
CA LEU C 583 11.33 -35.47 54.59
C LEU C 583 12.62 -36.05 55.20
N SER C 584 13.78 -35.66 54.66
CA SER C 584 15.11 -36.07 55.18
C SER C 584 15.25 -35.64 56.65
N LYS C 585 15.04 -34.36 56.94
CA LYS C 585 15.21 -33.79 58.30
C LYS C 585 14.27 -34.50 59.28
N LEU C 586 12.99 -34.66 58.92
CA LEU C 586 12.01 -35.33 59.80
C LEU C 586 12.46 -36.77 60.05
N THR C 587 12.83 -37.51 59.01
CA THR C 587 13.19 -38.95 59.14
C THR C 587 14.41 -39.08 60.07
N VAL C 588 15.45 -38.26 59.86
CA VAL C 588 16.69 -38.27 60.68
C VAL C 588 16.31 -38.05 62.16
N SER C 589 15.38 -37.14 62.45
CA SER C 589 14.95 -36.81 63.83
C SER C 589 14.30 -38.03 64.49
N LEU C 590 13.81 -39.01 63.71
CA LEU C 590 13.09 -40.19 64.24
C LEU C 590 14.01 -41.41 64.36
N LEU C 591 15.21 -41.36 63.77
CA LEU C 591 16.11 -42.53 63.71
C LEU C 591 16.76 -42.77 65.08
N PRO C 592 16.97 -44.04 65.47
CA PRO C 592 17.75 -44.34 66.67
C PRO C 592 19.17 -43.74 66.59
N ASN C 593 19.70 -43.23 67.71
CA ASN C 593 21.04 -42.60 67.79
C ASN C 593 22.09 -43.53 67.19
N LYS C 594 21.97 -44.84 67.44
CA LYS C 594 23.02 -45.82 67.04
C LYS C 594 23.20 -45.75 65.52
N ILE C 595 22.12 -45.59 64.75
CA ILE C 595 22.23 -45.59 63.26
C ILE C 595 23.10 -44.39 62.85
N LEU C 596 22.85 -43.21 63.42
CA LEU C 596 23.57 -41.98 63.02
C LEU C 596 25.01 -42.01 63.54
N ASN C 597 25.26 -42.68 64.67
CA ASN C 597 26.63 -42.79 65.25
C ASN C 597 27.48 -43.77 64.46
N ASP C 598 26.93 -44.90 64.00
CA ASP C 598 27.71 -46.05 63.45
C ASP C 598 27.85 -46.00 61.93
N ASN C 599 26.99 -45.26 61.23
CA ASN C 599 26.95 -45.26 59.74
C ASN C 599 27.45 -43.92 59.23
N PRO C 600 28.42 -43.88 58.31
CA PRO C 600 28.78 -42.63 57.65
C PRO C 600 27.51 -42.13 56.93
N HIS C 601 27.26 -40.83 57.01
CA HIS C 601 26.11 -40.15 56.36
C HIS C 601 26.52 -38.69 56.19
N PHE C 602 25.67 -37.89 55.57
CA PHE C 602 25.94 -36.44 55.34
C PHE C 602 25.54 -35.69 56.61
N ASP C 603 26.25 -34.62 56.93
CA ASP C 603 25.95 -33.76 58.12
C ASP C 603 24.60 -33.08 57.91
N LYS C 604 24.13 -32.98 56.66
CA LYS C 604 22.80 -32.42 56.33
C LYS C 604 22.35 -33.01 54.98
N HIS C 605 21.13 -32.69 54.58
CA HIS C 605 20.55 -33.06 53.27
C HIS C 605 21.33 -32.37 52.12
N TYR C 606 21.68 -33.13 51.09
CA TYR C 606 22.32 -32.63 49.84
C TYR C 606 21.47 -33.06 48.66
N LYS C 607 20.80 -32.09 48.03
CA LYS C 607 20.03 -32.30 46.78
C LYS C 607 20.92 -32.90 45.71
N ASP C 608 20.51 -34.04 45.12
CA ASP C 608 21.12 -34.64 43.91
C ASP C 608 22.51 -35.17 44.23
N VAL C 609 22.76 -35.54 45.47
CA VAL C 609 24.00 -36.28 45.86
C VAL C 609 23.56 -37.57 46.54
N MET C 610 24.31 -38.64 46.34
CA MET C 610 24.02 -39.92 47.01
C MET C 610 25.28 -40.50 47.61
N MET C 611 25.10 -41.20 48.71
CA MET C 611 26.16 -42.02 49.34
C MET C 611 25.52 -43.30 49.88
N LYS C 612 26.26 -44.38 49.73
CA LYS C 612 25.97 -45.71 50.29
C LYS C 612 27.32 -46.28 50.73
N SER C 613 27.35 -46.97 51.87
CA SER C 613 28.60 -47.53 52.42
C SER C 613 28.55 -49.05 52.36
N PHE C 614 29.72 -49.68 52.38
CA PHE C 614 29.87 -51.15 52.33
C PHE C 614 31.13 -51.52 53.09
N LYS C 615 31.28 -52.81 53.39
CA LYS C 615 32.46 -53.37 54.09
C LYS C 615 33.03 -54.47 53.23
N SER C 616 34.35 -54.64 53.28
CA SER C 616 35.05 -55.81 52.69
C SER C 616 36.21 -56.20 53.62
N ASN C 617 36.18 -57.42 54.15
CA ASN C 617 37.24 -57.99 55.02
C ASN C 617 37.56 -57.01 56.15
N GLY C 618 36.56 -56.50 56.85
CA GLY C 618 36.70 -55.63 58.03
C GLY C 618 36.96 -54.16 57.68
N THR C 619 37.26 -53.79 56.44
CA THR C 619 37.47 -52.36 56.06
C THR C 619 36.14 -51.76 55.56
N MET C 620 35.82 -50.55 55.97
CA MET C 620 34.60 -49.83 55.57
C MET C 620 34.94 -48.91 54.39
N TYR C 621 34.02 -48.80 53.44
CA TYR C 621 34.13 -47.93 52.24
C TYR C 621 32.82 -47.16 52.08
N SER C 622 32.87 -46.04 51.38
CA SER C 622 31.68 -45.27 50.97
C SER C 622 31.71 -44.99 49.47
N LEU C 623 30.55 -45.03 48.84
CA LEU C 623 30.36 -44.67 47.41
C LEU C 623 29.62 -43.33 47.41
N ILE C 624 30.20 -42.31 46.78
CA ILE C 624 29.55 -40.98 46.68
C ILE C 624 29.44 -40.62 45.20
N ILE C 625 28.28 -40.10 44.82
CA ILE C 625 28.02 -39.66 43.44
C ILE C 625 27.32 -38.31 43.50
N ASN C 626 27.85 -37.36 42.74
CA ASN C 626 27.27 -36.00 42.63
C ASN C 626 26.51 -35.90 41.30
N LYS C 627 25.20 -35.71 41.36
CA LYS C 627 24.33 -35.57 40.17
C LYS C 627 23.82 -34.13 40.04
N SER C 628 24.26 -33.23 40.92
CA SER C 628 23.96 -31.79 40.80
C SER C 628 24.78 -31.16 39.67
N ALA C 629 24.40 -29.95 39.27
CA ALA C 629 25.06 -29.18 38.19
C ALA C 629 26.36 -28.54 38.69
N SER C 630 26.63 -28.55 40.00
CA SER C 630 27.75 -27.83 40.63
C SER C 630 28.64 -28.78 41.44
N VAL C 631 29.92 -28.42 41.57
CA VAL C 631 30.88 -29.01 42.55
C VAL C 631 30.24 -28.88 43.94
N GLN C 632 30.35 -29.91 44.75
CA GLN C 632 29.74 -29.97 46.10
C GLN C 632 30.84 -30.35 47.08
N THR C 633 30.81 -29.77 48.28
CA THR C 633 31.64 -30.20 49.42
C THR C 633 30.69 -30.86 50.41
N VAL C 634 30.80 -32.18 50.54
CA VAL C 634 29.92 -33.00 51.40
C VAL C 634 30.70 -33.30 52.68
N ASP C 635 30.13 -32.96 53.83
CA ASP C 635 30.70 -33.23 55.17
C ASP C 635 30.15 -34.58 55.61
N ILE C 636 31.01 -35.59 55.67
CA ILE C 636 30.64 -36.96 56.09
C ILE C 636 30.88 -37.09 57.60
N VAL C 637 29.88 -37.53 58.34
CA VAL C 637 29.93 -37.76 59.82
C VAL C 637 29.40 -39.18 60.08
N GLY C 638 29.70 -39.72 61.27
CA GLY C 638 29.30 -41.08 61.66
C GLY C 638 30.33 -42.12 61.26
N GLY C 639 30.24 -43.29 61.89
CA GLY C 639 31.27 -44.33 61.84
C GLY C 639 32.59 -43.81 62.38
N LYS C 640 33.68 -44.41 61.93
CA LYS C 640 35.05 -44.15 62.42
C LYS C 640 36.00 -44.08 61.23
N GLY C 641 37.05 -43.27 61.35
CA GLY C 641 38.22 -43.32 60.45
C GLY C 641 38.41 -42.06 59.64
N LYS C 642 39.45 -42.03 58.83
CA LYS C 642 39.83 -40.89 57.98
C LYS C 642 39.65 -41.30 56.52
N ALA C 643 39.08 -40.39 55.73
CA ALA C 643 38.75 -40.61 54.30
C ALA C 643 40.05 -40.73 53.52
N PHE C 644 40.21 -41.82 52.78
CA PHE C 644 41.23 -41.99 51.70
C PHE C 644 40.49 -42.24 50.39
N ILE C 645 40.71 -41.41 49.37
CA ILE C 645 40.07 -41.58 48.04
C ILE C 645 40.76 -42.73 47.28
N LEU C 646 40.08 -43.86 47.13
CA LEU C 646 40.55 -45.07 46.41
C LEU C 646 40.20 -44.99 44.92
N PHE C 647 39.07 -44.38 44.57
CA PHE C 647 38.58 -44.26 43.17
C PHE C 647 37.90 -42.89 43.01
N ALA C 648 38.23 -42.19 41.94
CA ALA C 648 37.61 -40.90 41.55
C ALA C 648 37.91 -40.66 40.07
N ASN C 649 36.90 -40.37 39.27
CA ASN C 649 37.07 -40.22 37.80
C ASN C 649 37.18 -38.74 37.44
N LYS C 650 37.10 -37.80 38.37
CA LYS C 650 37.28 -36.35 38.08
C LYS C 650 38.10 -35.63 39.16
N ASN C 651 39.07 -36.31 39.76
CA ASN C 651 40.09 -35.67 40.63
C ASN C 651 39.46 -35.11 41.89
N ALA C 652 38.46 -35.78 42.48
CA ALA C 652 37.93 -35.43 43.81
C ALA C 652 39.10 -35.30 44.80
N HIS C 653 38.92 -34.51 45.86
CA HIS C 653 39.85 -34.43 47.01
C HIS C 653 39.04 -34.35 48.30
N SER C 654 39.60 -34.85 49.41
CA SER C 654 39.02 -34.73 50.76
C SER C 654 39.99 -33.99 51.68
N THR C 655 39.43 -33.20 52.58
CA THR C 655 40.12 -32.47 53.67
C THR C 655 39.38 -32.88 54.95
N ALA C 656 40.07 -33.63 55.82
CA ALA C 656 39.49 -34.36 56.96
C ALA C 656 38.45 -35.26 56.31
N ASN C 657 37.19 -35.15 56.69
CA ASN C 657 36.11 -35.98 56.08
C ASN C 657 35.12 -35.11 55.29
N LYS C 658 35.64 -34.05 54.67
CA LYS C 658 34.87 -33.15 53.77
C LYS C 658 35.31 -33.49 52.34
N LEU C 659 34.43 -34.13 51.56
CA LEU C 659 34.75 -34.55 50.17
C LEU C 659 34.28 -33.46 49.19
N THR C 660 35.18 -33.02 48.32
CA THR C 660 34.90 -32.09 47.22
C THR C 660 34.74 -32.96 45.95
N ILE C 661 33.55 -32.97 45.38
CA ILE C 661 33.18 -33.92 44.30
C ILE C 661 32.50 -33.15 43.16
N SER C 662 32.95 -33.37 41.93
CA SER C 662 32.50 -32.68 40.70
C SER C 662 31.19 -33.27 40.19
N PRO C 663 30.44 -32.51 39.36
CA PRO C 663 29.25 -33.03 38.68
C PRO C 663 29.55 -34.32 37.91
N GLU C 664 28.78 -35.36 38.19
CA GLU C 664 28.76 -36.64 37.44
C GLU C 664 29.94 -37.51 37.90
N GLU C 665 30.69 -37.07 38.91
CA GLU C 665 31.86 -37.83 39.45
C GLU C 665 31.34 -38.95 40.34
N THR C 666 32.03 -40.10 40.29
CA THR C 666 31.84 -41.24 41.21
C THR C 666 33.10 -41.37 42.05
N VAL C 667 32.93 -41.41 43.36
CA VAL C 667 34.08 -41.53 44.32
C VAL C 667 33.88 -42.76 45.19
N ILE C 668 34.95 -43.54 45.39
CA ILE C 668 35.05 -44.51 46.51
C ILE C 668 36.04 -43.98 47.57
N ILE C 669 35.55 -43.84 48.78
CA ILE C 669 36.39 -43.55 49.99
C ILE C 669 36.66 -44.88 50.71
N LYS C 670 37.92 -45.13 51.06
CA LYS C 670 38.36 -46.14 52.04
C LYS C 670 38.54 -45.43 53.39
N TRP C 671 37.91 -45.93 54.43
CA TRP C 671 37.99 -45.39 55.80
C TRP C 671 39.17 -46.04 56.52
N LYS C 672 40.21 -45.26 56.82
CA LYS C 672 41.45 -45.74 57.50
C LYS C 672 41.33 -45.46 59.00
N ASN C 673 41.67 -46.37 59.92
CA ASN C 673 41.85 -46.00 61.36
C ASN C 673 42.79 -46.99 62.08
N PRO D 21 -14.15 -35.24 -31.71
CA PRO D 21 -14.60 -33.83 -31.52
C PRO D 21 -14.50 -33.26 -30.10
N ALA D 22 -14.34 -34.09 -29.06
CA ALA D 22 -14.10 -33.64 -27.66
C ALA D 22 -12.67 -33.07 -27.57
N GLU D 23 -12.52 -31.93 -26.88
CA GLU D 23 -11.19 -31.29 -26.64
C GLU D 23 -10.40 -32.18 -25.70
N ARG D 24 -9.12 -32.41 -26.00
CA ARG D 24 -8.16 -33.23 -25.24
C ARG D 24 -7.19 -32.27 -24.55
N ILE D 25 -7.05 -32.36 -23.23
CA ILE D 25 -6.10 -31.47 -22.48
C ILE D 25 -4.67 -31.73 -22.97
N SER D 26 -3.82 -30.71 -22.97
CA SER D 26 -2.38 -30.82 -23.33
C SER D 26 -1.58 -29.82 -22.51
N LYS D 27 -0.26 -29.86 -22.63
CA LYS D 27 0.64 -28.91 -21.92
C LYS D 27 0.51 -27.51 -22.53
N GLN D 28 -0.21 -27.34 -23.64
CA GLN D 28 -0.48 -26.03 -24.29
C GLN D 28 -1.91 -25.55 -24.03
N SER D 29 -2.74 -26.28 -23.27
CA SER D 29 -4.13 -25.85 -22.97
C SER D 29 -4.10 -24.54 -22.17
N THR D 30 -5.11 -23.72 -22.37
CA THR D 30 -5.37 -22.52 -21.56
C THR D 30 -5.82 -23.00 -20.19
N PRO D 31 -5.16 -22.57 -19.10
CA PRO D 31 -5.60 -22.94 -17.76
C PRO D 31 -6.99 -22.35 -17.46
N PHE D 32 -7.73 -23.02 -16.59
CA PHE D 32 -9.10 -22.60 -16.19
C PHE D 32 -9.18 -22.52 -14.66
N VAL D 33 -10.16 -21.76 -14.22
CA VAL D 33 -10.63 -21.78 -12.82
C VAL D 33 -12.01 -22.41 -12.84
N GLY D 34 -12.27 -23.30 -11.90
CA GLY D 34 -13.53 -24.06 -11.85
C GLY D 34 -13.95 -24.34 -10.44
N ALA D 35 -15.08 -25.02 -10.28
CA ALA D 35 -15.64 -25.34 -8.96
C ALA D 35 -16.52 -26.57 -9.06
N GLN D 36 -16.55 -27.34 -7.98
CA GLN D 36 -17.52 -28.41 -7.79
C GLN D 36 -18.92 -27.79 -7.84
N ILE D 37 -19.82 -28.42 -8.59
CA ILE D 37 -21.27 -28.13 -8.49
C ILE D 37 -21.89 -29.32 -7.80
N PHE D 38 -22.36 -29.12 -6.58
CA PHE D 38 -22.85 -30.22 -5.73
C PHE D 38 -24.33 -30.44 -6.05
N ILE D 39 -24.62 -31.60 -6.65
CA ILE D 39 -25.96 -32.00 -7.11
C ILE D 39 -26.45 -33.13 -6.20
N GLU D 40 -27.61 -32.94 -5.61
CA GLU D 40 -28.31 -33.93 -4.77
C GLU D 40 -29.80 -33.69 -4.96
N PRO D 41 -30.65 -34.69 -4.65
CA PRO D 41 -32.10 -34.52 -4.73
C PRO D 41 -32.57 -33.42 -3.77
N GLY D 42 -33.66 -32.76 -4.15
CA GLY D 42 -34.29 -31.69 -3.36
C GLY D 42 -34.03 -30.33 -3.96
N GLN D 43 -32.93 -30.18 -4.71
CA GLN D 43 -32.57 -28.89 -5.36
C GLN D 43 -33.62 -28.58 -6.43
N THR D 44 -33.89 -27.32 -6.69
CA THR D 44 -34.82 -26.85 -7.76
C THR D 44 -34.03 -26.44 -9.01
N GLN D 45 -34.67 -26.54 -10.18
CA GLN D 45 -34.15 -26.02 -11.47
C GLN D 45 -33.62 -24.58 -11.29
N GLU D 46 -34.35 -23.75 -10.57
CA GLU D 46 -34.05 -22.30 -10.39
C GLU D 46 -32.74 -22.14 -9.60
N GLN D 47 -32.56 -22.93 -8.53
CA GLN D 47 -31.33 -22.92 -7.69
C GLN D 47 -30.13 -23.27 -8.57
N ILE D 48 -30.24 -24.34 -9.35
CA ILE D 48 -29.10 -24.90 -10.14
C ILE D 48 -28.74 -23.89 -11.23
N GLU D 49 -29.73 -23.26 -11.85
CA GLU D 49 -29.49 -22.26 -12.92
C GLU D 49 -28.76 -21.06 -12.30
N GLN D 50 -29.17 -20.59 -11.12
CA GLN D 50 -28.50 -19.51 -10.36
C GLN D 50 -27.00 -19.85 -10.19
N TRP D 51 -26.65 -21.10 -9.86
CA TRP D 51 -25.24 -21.50 -9.63
C TRP D 51 -24.46 -21.39 -10.95
N PHE D 52 -24.93 -22.02 -12.02
CA PHE D 52 -24.22 -22.00 -13.32
C PHE D 52 -24.12 -20.57 -13.86
N LYS D 53 -25.15 -19.75 -13.69
CA LYS D 53 -25.14 -18.34 -14.16
C LYS D 53 -24.02 -17.59 -13.44
N LEU D 54 -23.93 -17.69 -12.11
CA LEU D 54 -22.91 -16.99 -11.30
C LEU D 54 -21.53 -17.60 -11.59
N LEU D 55 -21.46 -18.91 -11.85
CA LEU D 55 -20.18 -19.59 -12.14
C LEU D 55 -19.63 -19.01 -13.46
N ALA D 56 -20.42 -18.94 -14.53
CA ALA D 56 -20.04 -18.30 -15.82
C ALA D 56 -19.67 -16.82 -15.60
N GLU D 57 -20.45 -16.07 -14.82
CA GLU D 57 -20.16 -14.62 -14.53
C GLU D 57 -18.89 -14.44 -13.69
N SER D 58 -18.40 -15.49 -13.04
CA SER D 58 -17.19 -15.45 -12.20
C SER D 58 -15.94 -15.88 -13.01
N ASN D 59 -16.03 -15.91 -14.33
CA ASN D 59 -14.92 -16.24 -15.27
C ASN D 59 -14.42 -17.67 -15.03
N MET D 60 -15.28 -18.54 -14.50
CA MET D 60 -15.01 -19.99 -14.39
C MET D 60 -15.58 -20.66 -15.65
N THR D 61 -14.87 -21.63 -16.20
CA THR D 61 -15.25 -22.28 -17.48
C THR D 61 -15.57 -23.75 -17.24
N THR D 62 -15.35 -24.26 -16.03
CA THR D 62 -15.34 -25.71 -15.76
C THR D 62 -16.02 -25.98 -14.42
N CYS D 63 -16.75 -27.08 -14.34
CA CYS D 63 -17.30 -27.55 -13.05
C CYS D 63 -16.93 -29.02 -12.90
N ARG D 64 -17.05 -29.53 -11.69
CA ARG D 64 -16.89 -30.97 -11.40
C ARG D 64 -18.17 -31.43 -10.71
N ILE D 65 -18.65 -32.60 -11.10
CA ILE D 65 -19.95 -33.13 -10.58
C ILE D 65 -19.72 -34.58 -10.16
N ARG D 66 -20.11 -34.88 -8.93
CA ARG D 66 -20.06 -36.22 -8.34
C ARG D 66 -21.28 -36.99 -8.84
N MET D 67 -21.05 -38.00 -9.68
CA MET D 67 -22.13 -38.71 -10.37
C MET D 67 -22.68 -39.81 -9.44
N PHE D 68 -23.23 -39.41 -8.28
CA PHE D 68 -23.69 -40.35 -7.22
C PHE D 68 -24.60 -41.46 -7.81
N GLY D 69 -24.16 -42.70 -7.78
CA GLY D 69 -24.99 -43.89 -8.06
C GLY D 69 -26.25 -43.90 -7.21
N LYS D 70 -26.15 -43.48 -5.95
CA LYS D 70 -27.31 -43.44 -5.02
C LYS D 70 -28.45 -42.63 -5.63
N TYR D 71 -28.16 -41.56 -6.37
CA TYR D 71 -29.19 -40.60 -6.83
C TYR D 71 -29.57 -40.88 -8.29
N MET D 72 -29.19 -42.03 -8.83
CA MET D 72 -29.63 -42.50 -10.17
C MET D 72 -30.34 -43.86 -10.05
N LYS D 73 -30.15 -44.58 -8.95
CA LYS D 73 -30.74 -45.93 -8.74
C LYS D 73 -32.25 -45.76 -8.49
N THR D 74 -33.08 -46.52 -9.22
CA THR D 74 -34.55 -46.60 -8.99
C THR D 74 -34.84 -47.83 -8.15
N PRO D 75 -36.02 -47.90 -7.49
CA PRO D 75 -36.41 -49.08 -6.72
C PRO D 75 -36.19 -50.42 -7.45
N SER D 76 -36.48 -50.49 -8.75
CA SER D 76 -36.43 -51.73 -9.57
C SER D 76 -35.00 -52.08 -9.96
N GLY D 77 -34.05 -51.14 -9.82
CA GLY D 77 -32.62 -51.37 -10.09
C GLY D 77 -32.15 -50.79 -11.42
N THR D 78 -33.04 -50.19 -12.21
CA THR D 78 -32.72 -49.47 -13.47
C THR D 78 -32.08 -48.11 -13.12
N TYR D 79 -31.46 -47.43 -14.08
CA TYR D 79 -30.78 -46.13 -13.89
C TYR D 79 -31.67 -45.01 -14.43
N ASP D 80 -31.94 -44.00 -13.60
CA ASP D 80 -32.68 -42.77 -13.97
C ASP D 80 -31.71 -41.60 -13.89
N PHE D 81 -31.45 -40.95 -15.02
CA PHE D 81 -30.33 -40.00 -15.21
C PHE D 81 -30.82 -38.57 -15.02
N THR D 82 -32.11 -38.36 -14.73
CA THR D 82 -32.80 -37.05 -14.83
C THR D 82 -32.14 -35.99 -13.96
N LEU D 83 -31.76 -36.34 -12.73
CA LEU D 83 -31.14 -35.36 -11.79
C LEU D 83 -29.85 -34.83 -12.43
N PHE D 84 -29.04 -35.70 -13.03
CA PHE D 84 -27.73 -35.30 -13.62
C PHE D 84 -27.93 -34.69 -15.01
N ASP D 85 -28.91 -35.15 -15.79
CA ASP D 85 -29.28 -34.53 -17.09
C ASP D 85 -29.55 -33.03 -16.87
N ARG D 86 -30.36 -32.72 -15.88
CA ARG D 86 -30.76 -31.33 -15.54
C ARG D 86 -29.49 -30.48 -15.36
N ALA D 87 -28.48 -31.00 -14.65
CA ALA D 87 -27.25 -30.25 -14.33
C ALA D 87 -26.38 -30.14 -15.58
N PHE D 88 -26.21 -31.22 -16.35
CA PHE D 88 -25.38 -31.20 -17.58
C PHE D 88 -25.97 -30.22 -18.58
N LYS D 89 -27.30 -30.16 -18.69
CA LYS D 89 -28.01 -29.29 -19.67
C LYS D 89 -27.82 -27.82 -19.25
N LEU D 90 -27.85 -27.52 -17.94
CA LEU D 90 -27.62 -26.13 -17.46
C LEU D 90 -26.15 -25.76 -17.66
N ALA D 91 -25.21 -26.67 -17.39
CA ALA D 91 -23.79 -26.41 -17.66
C ALA D 91 -23.63 -26.04 -19.14
N ASP D 92 -24.22 -26.84 -20.04
CA ASP D 92 -24.10 -26.68 -21.51
C ASP D 92 -24.67 -25.31 -21.91
N LYS D 93 -25.82 -24.95 -21.36
CA LYS D 93 -26.50 -23.65 -21.62
C LYS D 93 -25.55 -22.50 -21.30
N TYR D 94 -24.75 -22.60 -20.24
CA TYR D 94 -23.83 -21.52 -19.81
C TYR D 94 -22.39 -21.78 -20.30
N HIS D 95 -22.20 -22.73 -21.21
CA HIS D 95 -20.91 -23.02 -21.91
C HIS D 95 -19.86 -23.49 -20.88
N ILE D 96 -20.30 -24.22 -19.86
CA ILE D 96 -19.45 -24.78 -18.77
C ILE D 96 -19.17 -26.25 -19.08
N LYS D 97 -17.89 -26.62 -19.16
CA LYS D 97 -17.50 -28.03 -19.38
C LYS D 97 -17.49 -28.76 -18.01
N VAL D 98 -17.67 -30.07 -18.04
CA VAL D 98 -17.88 -30.90 -16.82
C VAL D 98 -16.76 -31.94 -16.69
N TYR D 99 -16.12 -31.98 -15.52
CA TYR D 99 -15.38 -33.16 -14.99
C TYR D 99 -16.37 -34.04 -14.25
N ALA D 100 -16.69 -35.24 -14.78
CA ALA D 100 -17.68 -36.17 -14.19
C ALA D 100 -16.95 -37.22 -13.35
N THR D 101 -17.16 -37.24 -12.04
CA THR D 101 -16.52 -38.22 -11.14
C THR D 101 -17.39 -39.47 -11.03
N LEU D 102 -16.83 -40.61 -11.36
CA LEU D 102 -17.47 -41.93 -11.17
C LEU D 102 -17.51 -42.24 -9.67
N PHE D 103 -18.73 -42.30 -9.14
CA PHE D 103 -19.00 -42.40 -7.69
C PHE D 103 -20.15 -43.36 -7.49
N PRO D 104 -19.89 -44.69 -7.46
CA PRO D 104 -20.98 -45.68 -7.36
C PRO D 104 -21.68 -45.54 -6.01
N ASP D 105 -22.84 -46.19 -5.91
CA ASP D 105 -23.69 -46.19 -4.70
C ASP D 105 -22.82 -46.52 -3.48
N THR D 106 -23.01 -45.78 -2.39
CA THR D 106 -22.32 -45.98 -1.10
C THR D 106 -23.18 -45.32 -0.02
N GLU D 107 -22.92 -45.62 1.25
CA GLU D 107 -23.67 -45.06 2.41
C GLU D 107 -23.67 -43.53 2.30
N PHE D 108 -24.78 -42.90 2.65
CA PHE D 108 -24.94 -41.43 2.69
C PHE D 108 -23.86 -40.83 3.60
N THR D 109 -23.46 -41.54 4.66
CA THR D 109 -22.45 -41.06 5.66
C THR D 109 -21.01 -41.23 5.12
N ASP D 110 -20.81 -41.94 4.01
CA ASP D 110 -19.46 -42.10 3.39
C ASP D 110 -19.17 -40.88 2.50
N VAL D 111 -18.57 -39.84 3.04
CA VAL D 111 -18.31 -38.56 2.35
C VAL D 111 -17.36 -38.76 1.15
N GLY D 112 -16.26 -39.49 1.28
CA GLY D 112 -15.17 -39.50 0.28
C GLY D 112 -15.30 -40.62 -0.75
N GLY D 113 -16.10 -41.63 -0.44
CA GLY D 113 -16.35 -42.79 -1.33
C GLY D 113 -15.44 -43.96 -0.98
N PHE D 114 -15.89 -45.18 -1.31
CA PHE D 114 -15.04 -46.38 -1.09
C PHE D 114 -13.86 -46.35 -2.07
N LYS D 115 -12.75 -46.99 -1.69
CA LYS D 115 -11.45 -46.91 -2.42
C LYS D 115 -11.20 -48.20 -3.23
N PHE D 116 -11.89 -49.29 -2.88
CA PHE D 116 -11.78 -50.61 -3.58
C PHE D 116 -13.11 -51.31 -3.47
N PRO D 117 -13.43 -52.27 -4.38
CA PRO D 117 -14.62 -53.10 -4.19
C PRO D 117 -14.59 -53.86 -2.86
N HIS D 118 -15.76 -54.00 -2.22
CA HIS D 118 -15.97 -54.74 -0.95
C HIS D 118 -15.91 -56.26 -1.21
N SER D 119 -16.29 -56.69 -2.42
CA SER D 119 -16.54 -58.11 -2.78
C SER D 119 -16.62 -58.26 -4.32
N ARG D 120 -16.58 -59.49 -4.82
CA ARG D 120 -16.73 -59.78 -6.29
C ARG D 120 -18.09 -59.29 -6.75
N GLU D 121 -19.13 -59.43 -5.91
CA GLU D 121 -20.51 -59.01 -6.25
C GLU D 121 -20.52 -57.48 -6.40
N HIS D 122 -19.88 -56.78 -5.46
CA HIS D 122 -19.78 -55.31 -5.51
C HIS D 122 -19.00 -54.91 -6.78
N GLN D 123 -17.95 -55.64 -7.15
CA GLN D 123 -17.18 -55.30 -8.39
C GLN D 123 -18.14 -55.31 -9.59
N LYS D 124 -19.06 -56.29 -9.64
CA LYS D 124 -20.02 -56.40 -10.77
C LYS D 124 -21.02 -55.23 -10.72
N GLU D 125 -21.42 -54.76 -9.53
CA GLU D 125 -22.31 -53.57 -9.42
C GLU D 125 -21.58 -52.34 -9.94
N VAL D 126 -20.28 -52.24 -9.69
CA VAL D 126 -19.46 -51.09 -10.17
C VAL D 126 -19.35 -51.17 -11.69
N GLU D 127 -19.18 -52.38 -12.25
CA GLU D 127 -19.12 -52.57 -13.74
C GLU D 127 -20.39 -52.03 -14.37
N ASP D 128 -21.54 -52.35 -13.76
CA ASP D 128 -22.89 -51.98 -14.25
C ASP D 128 -23.05 -50.46 -14.15
N TYR D 129 -22.64 -49.87 -13.02
CA TYR D 129 -22.65 -48.41 -12.82
C TYR D 129 -21.86 -47.74 -13.95
N ILE D 130 -20.64 -48.20 -14.22
CA ILE D 130 -19.77 -47.56 -15.25
C ILE D 130 -20.45 -47.67 -16.62
N LYS D 131 -20.94 -48.87 -16.96
CA LYS D 131 -21.64 -49.10 -18.25
C LYS D 131 -22.72 -48.05 -18.45
N ASN D 132 -23.59 -47.88 -17.47
CA ASN D 132 -24.81 -47.04 -17.54
C ASN D 132 -24.41 -45.57 -17.61
N VAL D 133 -23.54 -45.14 -16.69
CA VAL D 133 -23.20 -43.70 -16.55
C VAL D 133 -22.37 -43.26 -17.75
N VAL D 134 -21.33 -43.99 -18.10
CA VAL D 134 -20.43 -43.58 -19.20
C VAL D 134 -21.19 -43.63 -20.54
N SER D 135 -22.00 -44.68 -20.78
CA SER D 135 -22.76 -44.79 -22.05
C SER D 135 -23.67 -43.57 -22.23
N HIS D 136 -24.31 -43.12 -21.16
CA HIS D 136 -25.28 -42.00 -21.21
C HIS D 136 -24.52 -40.66 -21.30
N PHE D 137 -23.65 -40.34 -20.35
CA PHE D 137 -23.13 -38.95 -20.20
C PHE D 137 -22.03 -38.68 -21.23
N SER D 138 -21.42 -39.70 -21.83
CA SER D 138 -20.42 -39.55 -22.92
C SER D 138 -21.02 -38.81 -24.12
N GLN D 139 -22.35 -38.76 -24.23
CA GLN D 139 -23.09 -38.15 -25.38
C GLN D 139 -23.21 -36.63 -25.20
N TYR D 140 -22.91 -36.07 -24.02
CA TYR D 140 -22.97 -34.61 -23.81
C TYR D 140 -21.70 -33.96 -24.39
N LYS D 141 -21.88 -32.92 -25.20
CA LYS D 141 -20.75 -32.27 -25.91
C LYS D 141 -19.92 -31.44 -24.92
N ASN D 142 -20.43 -31.15 -23.71
CA ASN D 142 -19.69 -30.32 -22.71
C ASN D 142 -19.00 -31.20 -21.65
N LEU D 143 -18.95 -32.52 -21.81
CA LEU D 143 -18.15 -33.41 -20.94
C LEU D 143 -16.66 -33.23 -21.28
N ALA D 144 -15.83 -32.90 -20.29
CA ALA D 144 -14.40 -32.61 -20.51
C ALA D 144 -13.54 -33.78 -20.02
N ALA D 145 -13.97 -34.50 -18.99
CA ALA D 145 -13.14 -35.55 -18.39
C ALA D 145 -13.97 -36.48 -17.51
N TRP D 146 -13.54 -37.74 -17.44
CA TRP D 146 -13.99 -38.75 -16.45
C TRP D 146 -12.98 -38.77 -15.31
N VAL D 147 -13.44 -38.56 -14.07
CA VAL D 147 -12.56 -38.78 -12.89
C VAL D 147 -12.82 -40.21 -12.42
N LEU D 148 -11.83 -41.09 -12.57
CA LEU D 148 -12.00 -42.58 -12.46
C LEU D 148 -12.53 -42.98 -11.08
N ILE D 149 -12.09 -42.25 -10.06
CA ILE D 149 -12.48 -42.48 -8.65
C ILE D 149 -12.14 -41.18 -7.91
N ASN D 150 -12.98 -40.80 -6.95
CA ASN D 150 -12.62 -39.65 -6.07
C ASN D 150 -11.54 -40.12 -5.08
N GLU D 151 -10.40 -39.45 -5.06
CA GLU D 151 -9.40 -39.56 -3.96
C GLU D 151 -9.01 -41.02 -3.71
N PRO D 152 -8.31 -41.67 -4.67
CA PRO D 152 -7.78 -43.01 -4.45
C PRO D 152 -6.89 -42.99 -3.22
N GLY D 153 -6.92 -44.11 -2.47
CA GLY D 153 -6.06 -44.28 -1.29
C GLY D 153 -6.72 -43.77 -0.02
N THR D 154 -6.35 -44.37 1.09
CA THR D 154 -6.90 -44.03 2.42
C THR D 154 -5.89 -44.48 3.46
N PRO D 155 -5.79 -43.78 4.61
CA PRO D 155 -5.01 -44.30 5.74
C PRO D 155 -5.59 -45.60 6.36
N ASN D 156 -6.85 -45.93 6.09
CA ASN D 156 -7.58 -47.10 6.67
C ASN D 156 -7.89 -48.11 5.56
N LEU D 157 -6.90 -48.85 5.07
CA LEU D 157 -7.11 -49.73 3.88
C LEU D 157 -7.94 -50.95 4.32
N PRO D 158 -8.86 -51.45 3.48
CA PRO D 158 -9.84 -52.45 3.92
C PRO D 158 -9.31 -53.89 3.92
N PHE D 159 -8.27 -54.19 4.71
CA PHE D 159 -7.70 -55.55 4.84
C PHE D 159 -8.68 -56.47 5.57
N ASN D 160 -9.73 -55.95 6.21
CA ASN D 160 -10.83 -56.77 6.83
C ASN D 160 -11.73 -57.41 5.76
N GLU D 161 -11.85 -56.82 4.58
CA GLU D 161 -12.85 -57.18 3.54
C GLU D 161 -12.35 -58.36 2.70
N PRO D 162 -13.28 -59.24 2.26
CA PRO D 162 -12.90 -60.46 1.54
C PRO D 162 -12.16 -60.21 0.21
N PHE D 163 -12.55 -59.20 -0.56
CA PHE D 163 -12.01 -58.88 -1.89
C PHE D 163 -10.50 -58.59 -1.72
N THR D 164 -10.17 -57.68 -0.80
CA THR D 164 -8.78 -57.22 -0.54
C THR D 164 -7.97 -58.37 0.07
N LYS D 165 -8.51 -59.09 1.07
CA LYS D 165 -7.83 -60.23 1.74
C LYS D 165 -7.39 -61.25 0.68
N GLU D 166 -8.29 -61.62 -0.24
CA GLU D 166 -8.02 -62.64 -1.28
C GLU D 166 -6.94 -62.12 -2.23
N ARG D 167 -7.07 -60.87 -2.67
CA ARG D 167 -6.10 -60.24 -3.60
C ARG D 167 -4.70 -60.26 -2.96
N PHE D 168 -4.59 -59.97 -1.65
CA PHE D 168 -3.31 -59.91 -0.94
C PHE D 168 -2.71 -61.32 -0.82
N SER D 169 -3.52 -62.33 -0.49
CA SER D 169 -3.07 -63.74 -0.43
C SER D 169 -2.48 -64.16 -1.79
N ASP D 170 -3.22 -63.92 -2.88
CA ASP D 170 -2.78 -64.28 -4.25
C ASP D 170 -1.46 -63.57 -4.58
N TRP D 171 -1.36 -62.27 -4.27
CA TRP D 171 -0.16 -61.46 -4.59
C TRP D 171 1.06 -62.07 -3.89
N LYS D 172 0.93 -62.45 -2.62
CA LYS D 172 2.02 -63.04 -1.81
C LYS D 172 2.50 -64.35 -2.43
N LYS D 173 1.57 -65.19 -2.88
CA LYS D 173 1.88 -66.48 -3.52
C LYS D 173 2.61 -66.28 -4.86
N GLU D 174 2.36 -65.19 -5.58
CA GLU D 174 3.00 -64.92 -6.90
C GLU D 174 4.36 -64.23 -6.72
N HIS D 175 4.71 -63.82 -5.49
CA HIS D 175 6.02 -63.18 -5.18
C HIS D 175 6.84 -64.15 -4.31
N ASN D 176 8.14 -64.21 -4.56
CA ASN D 176 9.01 -65.24 -3.93
C ASN D 176 10.02 -64.55 -3.02
N PHE D 177 9.65 -64.40 -1.75
CA PHE D 177 10.43 -63.66 -0.72
C PHE D 177 11.12 -64.68 0.19
N SER D 178 12.37 -64.39 0.56
CA SER D 178 13.12 -65.16 1.59
C SER D 178 13.18 -64.34 2.89
N GLU D 179 13.29 -65.02 4.03
CA GLU D 179 13.43 -64.40 5.37
C GLU D 179 14.88 -63.93 5.58
N TYR D 180 15.82 -64.21 4.67
CA TYR D 180 17.26 -63.86 4.77
C TYR D 180 17.72 -63.26 3.44
N ASN D 181 18.66 -62.32 3.48
CA ASN D 181 19.25 -61.68 2.28
C ASN D 181 20.45 -62.54 1.81
N GLU D 182 21.12 -62.11 0.74
CA GLU D 182 22.20 -62.88 0.09
C GLU D 182 23.30 -63.19 1.11
N LYS D 183 23.69 -62.21 1.94
CA LYS D 183 24.78 -62.38 2.93
C LYS D 183 24.32 -63.28 4.09
N GLY D 184 23.01 -63.46 4.31
CA GLY D 184 22.44 -64.39 5.28
C GLY D 184 21.72 -63.71 6.44
N TYR D 185 21.70 -62.37 6.47
CA TYR D 185 21.05 -61.57 7.54
C TYR D 185 19.53 -61.67 7.41
N PRO D 186 18.81 -61.59 8.54
CA PRO D 186 17.35 -61.46 8.54
C PRO D 186 16.94 -60.20 7.77
N VAL D 187 15.78 -60.26 7.13
CA VAL D 187 15.18 -59.13 6.35
C VAL D 187 13.69 -59.02 6.67
N LEU D 188 13.14 -57.82 6.47
CA LEU D 188 11.69 -57.58 6.30
C LEU D 188 11.44 -57.40 4.81
N ASN D 189 10.29 -57.86 4.28
CA ASN D 189 10.01 -57.79 2.81
C ASN D 189 8.87 -56.81 2.49
N PHE D 190 8.19 -56.25 3.48
CA PHE D 190 7.17 -55.18 3.26
C PHE D 190 6.15 -55.64 2.21
N GLU D 191 5.64 -56.87 2.40
CA GLU D 191 4.69 -57.48 1.44
C GLU D 191 3.44 -56.60 1.36
N LYS D 192 2.90 -56.17 2.49
CA LYS D 192 1.67 -55.36 2.57
C LYS D 192 1.85 -54.09 1.74
N GLU D 193 2.96 -53.36 1.97
CA GLU D 193 3.17 -52.05 1.32
C GLU D 193 3.32 -52.23 -0.19
N ASN D 194 4.09 -53.23 -0.61
CA ASN D 194 4.32 -53.52 -2.05
C ASN D 194 3.03 -53.99 -2.73
N PHE D 195 2.23 -54.82 -2.04
CA PHE D 195 0.88 -55.21 -2.54
C PHE D 195 0.02 -53.95 -2.76
N ILE D 196 -0.01 -53.03 -1.79
CA ILE D 196 -0.92 -51.86 -1.83
C ILE D 196 -0.61 -51.00 -3.06
N ILE D 197 0.66 -50.83 -3.41
CA ILE D 197 1.08 -50.12 -4.65
C ILE D 197 0.44 -50.82 -5.85
N ASP D 198 0.66 -52.13 -5.95
CA ASP D 198 0.15 -52.93 -7.10
C ASP D 198 -1.37 -52.94 -7.12
N TYR D 199 -2.00 -52.91 -5.93
CA TYR D 199 -3.47 -52.98 -5.79
C TYR D 199 -4.11 -51.69 -6.29
N HIS D 200 -3.56 -50.52 -5.93
CA HIS D 200 -4.00 -49.22 -6.48
C HIS D 200 -3.82 -49.19 -8.00
N ASN D 201 -2.65 -49.62 -8.49
CA ASN D 201 -2.35 -49.68 -9.94
C ASN D 201 -3.43 -50.52 -10.63
N TRP D 202 -3.72 -51.68 -10.06
CA TRP D 202 -4.71 -52.62 -10.66
C TRP D 202 -6.10 -51.98 -10.72
N TYR D 203 -6.61 -51.44 -9.61
CA TYR D 203 -8.01 -50.94 -9.55
C TYR D 203 -8.18 -49.73 -10.45
N LEU D 204 -7.23 -48.76 -10.39
CA LEU D 204 -7.34 -47.54 -11.25
C LEU D 204 -7.28 -47.96 -12.73
N ASN D 205 -6.40 -48.91 -13.09
CA ASN D 205 -6.22 -49.34 -14.50
C ASN D 205 -7.50 -50.08 -14.94
N TRP D 206 -8.11 -50.86 -14.04
CA TRP D 206 -9.39 -51.58 -14.29
C TRP D 206 -10.51 -50.56 -14.52
N LEU D 207 -10.57 -49.50 -13.72
CA LEU D 207 -11.60 -48.44 -13.89
C LEU D 207 -11.40 -47.77 -15.27
N ALA D 208 -10.15 -47.46 -15.66
CA ALA D 208 -9.82 -46.86 -16.97
C ALA D 208 -10.32 -47.78 -18.09
N ASN D 209 -10.02 -49.08 -17.99
CA ASN D 209 -10.40 -50.10 -19.01
C ASN D 209 -11.93 -50.16 -19.10
N GLN D 210 -12.64 -50.08 -17.96
CA GLN D 210 -14.14 -50.09 -17.96
C GLN D 210 -14.69 -48.86 -18.69
N VAL D 211 -14.20 -47.67 -18.38
CA VAL D 211 -14.63 -46.43 -19.08
C VAL D 211 -14.38 -46.59 -20.59
N ARG D 212 -13.23 -47.14 -20.97
CA ARG D 212 -12.76 -47.19 -22.38
C ARG D 212 -13.60 -48.20 -23.17
N LEU D 213 -14.29 -49.13 -22.51
CA LEU D 213 -15.27 -50.03 -23.18
C LEU D 213 -16.40 -49.19 -23.80
N TYR D 214 -16.72 -48.00 -23.26
CA TYR D 214 -17.92 -47.23 -23.65
C TYR D 214 -17.56 -45.84 -24.15
N ASP D 215 -16.37 -45.33 -23.88
CA ASP D 215 -15.98 -43.96 -24.30
C ASP D 215 -14.47 -43.91 -24.50
N LYS D 216 -14.03 -43.75 -25.74
CA LYS D 216 -12.59 -43.65 -26.10
C LYS D 216 -12.23 -42.18 -26.39
N GLN D 217 -13.17 -41.26 -26.20
CA GLN D 217 -13.03 -39.87 -26.70
C GLN D 217 -12.57 -38.94 -25.57
N HIS D 218 -13.03 -39.12 -24.35
CA HIS D 218 -12.82 -38.11 -23.27
C HIS D 218 -11.61 -38.46 -22.42
N ASP D 219 -10.93 -37.43 -21.91
CA ASP D 219 -9.77 -37.56 -20.99
C ASP D 219 -10.16 -38.38 -19.75
N LEU D 220 -9.23 -39.20 -19.28
CA LEU D 220 -9.29 -39.87 -17.95
C LEU D 220 -8.40 -39.12 -16.95
N HIS D 221 -8.95 -38.87 -15.78
CA HIS D 221 -8.31 -38.08 -14.67
C HIS D 221 -8.44 -38.80 -13.33
N VAL D 222 -7.57 -38.53 -12.37
CA VAL D 222 -7.74 -38.99 -10.97
C VAL D 222 -7.04 -37.99 -10.03
N ASN D 223 -7.53 -37.87 -8.79
CA ASN D 223 -7.05 -36.86 -7.79
C ASN D 223 -6.49 -37.55 -6.54
N PRO D 224 -5.19 -37.93 -6.52
CA PRO D 224 -4.54 -38.35 -5.28
C PRO D 224 -4.61 -37.20 -4.25
N HIS D 225 -4.54 -37.52 -2.96
CA HIS D 225 -4.93 -36.60 -1.88
C HIS D 225 -4.05 -36.83 -0.68
N ASN D 226 -3.96 -35.85 0.22
CA ASN D 226 -3.21 -36.01 1.48
C ASN D 226 -1.84 -36.55 1.14
N VAL D 227 -1.20 -35.97 0.13
CA VAL D 227 0.01 -36.57 -0.51
C VAL D 227 1.17 -36.64 0.46
N PHE D 228 1.28 -35.76 1.45
CA PHE D 228 2.41 -35.81 2.40
C PHE D 228 2.31 -37.03 3.33
N LYS D 229 1.14 -37.67 3.41
CA LYS D 229 0.93 -38.89 4.22
C LYS D 229 0.71 -40.10 3.30
N LEU D 230 0.07 -39.93 2.13
CA LEU D 230 -0.38 -41.12 1.34
C LEU D 230 0.50 -41.36 0.11
N SER D 231 1.60 -40.61 -0.06
CA SER D 231 2.50 -40.77 -1.24
C SER D 231 3.02 -42.19 -1.33
N GLY D 232 3.16 -42.89 -0.19
CA GLY D 232 3.62 -44.28 -0.12
C GLY D 232 2.63 -45.29 -0.71
N LEU D 233 1.42 -44.85 -1.09
CA LEU D 233 0.36 -45.68 -1.75
C LEU D 233 0.42 -45.49 -3.26
N TYR D 234 1.14 -44.48 -3.75
CA TYR D 234 0.95 -43.97 -5.14
C TYR D 234 2.16 -44.22 -6.03
N ASP D 235 1.93 -44.98 -7.12
CA ASP D 235 2.94 -45.25 -8.17
C ASP D 235 2.60 -44.40 -9.39
N PHE D 236 2.94 -43.10 -9.39
CA PHE D 236 2.46 -42.19 -10.46
C PHE D 236 3.00 -42.61 -11.83
N PRO D 237 4.28 -43.06 -11.98
CA PRO D 237 4.78 -43.45 -13.30
C PRO D 237 3.92 -44.56 -13.93
N THR D 238 3.45 -45.54 -13.16
CA THR D 238 2.51 -46.56 -13.70
C THR D 238 1.18 -45.90 -14.11
N TRP D 239 0.68 -44.95 -13.34
CA TRP D 239 -0.67 -44.36 -13.60
C TRP D 239 -0.65 -43.60 -14.93
N ARG D 240 0.50 -43.04 -15.32
CA ARG D 240 0.69 -42.31 -16.60
C ARG D 240 0.26 -43.19 -17.77
N THR D 241 0.39 -44.50 -17.66
CA THR D 241 0.06 -45.46 -18.76
C THR D 241 -1.44 -45.43 -19.08
N PHE D 242 -2.33 -45.04 -18.16
CA PHE D 242 -3.79 -45.13 -18.43
C PHE D 242 -4.50 -43.77 -18.23
N LEU D 243 -3.80 -42.73 -17.76
CA LEU D 243 -4.43 -41.40 -17.56
C LEU D 243 -4.11 -40.50 -18.74
N ASN D 244 -4.93 -39.46 -18.95
CA ASN D 244 -4.63 -38.34 -19.86
C ASN D 244 -4.13 -37.14 -19.03
N SER D 245 -4.52 -37.05 -17.76
CA SER D 245 -4.06 -35.97 -16.84
C SER D 245 -4.03 -36.50 -15.41
N LEU D 246 -3.13 -35.95 -14.59
CA LEU D 246 -3.06 -36.24 -13.16
C LEU D 246 -3.63 -35.02 -12.44
N GLY D 247 -4.43 -35.28 -11.40
CA GLY D 247 -5.01 -34.24 -10.55
C GLY D 247 -4.47 -34.33 -9.15
N GLY D 248 -5.22 -33.80 -8.20
CA GLY D 248 -4.82 -33.72 -6.79
C GLY D 248 -5.87 -32.97 -6.01
N SER D 249 -6.10 -33.40 -4.78
CA SER D 249 -6.83 -32.63 -3.75
C SER D 249 -5.77 -32.06 -2.83
N ALA D 250 -5.79 -30.75 -2.65
CA ALA D 250 -4.85 -30.04 -1.76
C ALA D 250 -5.71 -29.09 -0.91
N HIS D 251 -6.31 -29.62 0.14
CA HIS D 251 -7.21 -28.87 1.05
C HIS D 251 -6.45 -28.42 2.30
N ALA D 252 -6.45 -27.12 2.54
CA ALA D 252 -5.73 -26.51 3.68
C ALA D 252 -6.19 -27.14 4.99
N SER D 253 -7.46 -27.51 5.14
CA SER D 253 -8.01 -28.04 6.41
C SER D 253 -7.76 -29.54 6.62
N TRP D 254 -7.38 -30.30 5.58
CA TRP D 254 -7.13 -31.76 5.71
C TRP D 254 -5.64 -32.14 5.52
N HIS D 255 -4.92 -31.47 4.64
CA HIS D 255 -3.69 -32.02 4.01
C HIS D 255 -2.41 -31.32 4.45
N PHE D 256 -2.51 -30.20 5.15
CA PHE D 256 -1.35 -29.34 5.44
C PHE D 256 -1.04 -29.33 6.94
N GLY D 257 -1.43 -30.38 7.66
CA GLY D 257 -1.17 -30.53 9.11
C GLY D 257 0.30 -30.40 9.49
N TYR D 258 1.23 -30.66 8.57
CA TYR D 258 2.70 -30.54 8.89
C TYR D 258 3.16 -29.08 8.92
N PHE D 259 2.30 -28.13 8.56
CA PHE D 259 2.64 -26.69 8.42
C PHE D 259 1.72 -25.82 9.27
N PRO D 260 2.22 -24.68 9.77
CA PRO D 260 1.34 -23.61 10.22
C PRO D 260 0.68 -22.91 9.01
N ARG D 261 -0.45 -22.25 9.25
CA ARG D 261 -1.25 -21.56 8.22
C ARG D 261 -0.39 -20.57 7.41
N LYS D 262 0.51 -19.82 8.03
CA LYS D 262 1.34 -18.82 7.32
C LYS D 262 2.30 -19.49 6.33
N ALA D 263 2.48 -20.81 6.37
CA ALA D 263 3.34 -21.57 5.43
C ALA D 263 2.50 -22.46 4.52
N TYR D 264 1.19 -22.24 4.41
CA TYR D 264 0.35 -23.00 3.43
C TYR D 264 0.74 -22.63 2.00
N THR D 265 1.44 -21.50 1.79
CA THR D 265 2.10 -21.17 0.49
C THR D 265 3.13 -22.24 0.13
N VAL D 266 3.98 -22.59 1.08
CA VAL D 266 5.02 -23.62 0.94
C VAL D 266 4.34 -24.97 0.74
N ALA D 267 3.31 -25.27 1.56
CA ALA D 267 2.62 -26.56 1.47
C ALA D 267 2.03 -26.72 0.06
N MET D 268 1.33 -25.70 -0.43
CA MET D 268 0.69 -25.76 -1.76
C MET D 268 1.75 -25.88 -2.86
N SER D 269 2.86 -25.18 -2.74
CA SER D 269 3.96 -25.27 -3.71
C SER D 269 4.55 -26.68 -3.74
N ALA D 270 4.79 -27.27 -2.56
CA ALA D 270 5.34 -28.65 -2.45
C ALA D 270 4.30 -29.62 -3.04
N ASN D 271 3.02 -29.45 -2.71
CA ASN D 271 1.95 -30.35 -3.20
C ASN D 271 1.91 -30.27 -4.73
N ALA D 272 1.99 -29.06 -5.29
CA ALA D 272 2.00 -28.84 -6.75
C ALA D 272 3.23 -29.49 -7.37
N GLU D 273 4.39 -29.32 -6.77
CA GLU D 273 5.67 -29.92 -7.27
C GLU D 273 5.54 -31.45 -7.24
N LEU D 274 4.93 -32.00 -6.17
CA LEU D 274 4.81 -33.48 -6.02
C LEU D 274 3.94 -34.02 -7.15
N ILE D 275 2.81 -33.37 -7.42
CA ILE D 275 1.87 -33.80 -8.50
C ILE D 275 2.55 -33.58 -9.85
N ARG D 276 3.18 -32.43 -10.06
CA ARG D 276 3.89 -32.14 -11.33
C ARG D 276 4.88 -33.26 -11.63
N SER D 277 5.67 -33.69 -10.65
CA SER D 277 6.64 -34.79 -10.79
C SER D 277 5.89 -36.10 -11.16
N GLY D 278 4.81 -36.43 -10.44
CA GLY D 278 4.04 -37.65 -10.73
C GLY D 278 3.52 -37.64 -12.16
N ALA D 279 3.07 -36.47 -12.65
CA ALA D 279 2.46 -36.33 -13.98
C ALA D 279 3.48 -36.64 -15.09
N GLY D 280 4.75 -36.31 -14.89
CA GLY D 280 5.82 -36.48 -15.91
C GLY D 280 5.41 -35.76 -17.19
N GLU D 281 5.19 -36.49 -18.30
CA GLU D 281 4.87 -35.86 -19.61
C GLU D 281 3.38 -35.50 -19.70
N LEU D 282 2.53 -36.00 -18.81
CA LEU D 282 1.07 -35.66 -18.82
C LEU D 282 0.88 -34.25 -18.25
N PRO D 283 -0.12 -33.49 -18.71
CA PRO D 283 -0.58 -32.31 -18.01
C PRO D 283 -1.19 -32.67 -16.65
N TRP D 284 -1.12 -31.73 -15.69
CA TRP D 284 -1.74 -31.89 -14.36
C TRP D 284 -2.61 -30.68 -14.06
N LEU D 285 -3.55 -30.84 -13.15
CA LEU D 285 -4.32 -29.70 -12.59
C LEU D 285 -4.75 -30.06 -11.17
N MET D 286 -5.08 -29.06 -10.35
CA MET D 286 -5.55 -29.29 -8.97
C MET D 286 -7.09 -29.43 -9.00
N THR D 287 -7.53 -30.68 -8.91
CA THR D 287 -8.94 -31.13 -8.97
C THR D 287 -9.74 -30.58 -7.78
N GLU D 288 -9.10 -30.40 -6.61
CA GLU D 288 -9.78 -29.88 -5.41
C GLU D 288 -8.87 -28.91 -4.65
N LEU D 289 -9.35 -27.69 -4.47
CA LEU D 289 -8.84 -26.66 -3.53
C LEU D 289 -9.96 -26.27 -2.59
N GLN D 290 -9.64 -25.82 -1.37
CA GLN D 290 -10.67 -25.49 -0.38
C GLN D 290 -11.31 -24.16 -0.78
N GLY D 291 -12.62 -24.15 -0.98
CA GLY D 291 -13.37 -22.99 -1.49
C GLY D 291 -14.08 -22.20 -0.40
N GLY D 292 -14.09 -22.70 0.83
CA GLY D 292 -14.95 -22.12 1.87
C GLY D 292 -14.71 -22.66 3.27
N ASN D 293 -15.71 -22.41 4.10
CA ASN D 293 -15.61 -22.43 5.58
C ASN D 293 -15.77 -23.86 6.10
N ASN D 294 -15.01 -24.19 7.12
CA ASN D 294 -15.19 -25.35 8.02
C ASN D 294 -16.04 -24.89 9.20
N LEU D 295 -17.18 -25.51 9.38
CA LEU D 295 -18.01 -25.31 10.58
C LEU D 295 -17.64 -26.43 11.55
N TYR D 296 -18.10 -27.65 11.31
CA TYR D 296 -17.74 -28.86 12.10
C TYR D 296 -16.65 -29.70 11.41
N SER D 297 -16.39 -29.54 10.11
CA SER D 297 -15.53 -30.47 9.32
C SER D 297 -14.07 -30.00 9.36
N GLY D 298 -13.17 -30.83 8.82
CA GLY D 298 -11.74 -30.48 8.69
C GLY D 298 -10.96 -30.88 9.92
N ALA D 299 -9.67 -31.15 9.77
CA ALA D 299 -8.73 -31.43 10.88
C ALA D 299 -8.16 -30.10 11.40
N ASN D 300 -7.81 -29.17 10.50
CA ASN D 300 -7.19 -27.87 10.83
C ASN D 300 -8.10 -26.80 10.24
N PRO D 301 -9.31 -26.57 10.83
CA PRO D 301 -10.33 -25.79 10.17
C PRO D 301 -9.96 -24.32 9.91
N LEU D 302 -10.43 -23.80 8.79
CA LEU D 302 -10.31 -22.36 8.45
C LEU D 302 -11.42 -21.98 7.48
N CYS D 303 -11.51 -20.70 7.21
CA CYS D 303 -12.20 -20.13 6.04
C CYS D 303 -11.10 -19.41 5.26
N PRO D 304 -10.69 -19.92 4.07
CA PRO D 304 -9.65 -19.25 3.29
C PRO D 304 -9.97 -17.77 3.10
N THR D 305 -8.94 -16.92 3.25
CA THR D 305 -9.06 -15.48 2.92
C THR D 305 -9.07 -15.32 1.40
N ALA D 306 -9.64 -14.23 0.90
CA ALA D 306 -9.52 -13.86 -0.55
C ALA D 306 -8.02 -13.87 -0.92
N GLU D 307 -7.12 -13.43 -0.04
CA GLU D 307 -5.64 -13.39 -0.34
C GLU D 307 -5.10 -14.82 -0.55
N GLU D 308 -5.57 -15.79 0.24
CA GLU D 308 -5.13 -17.20 0.19
C GLU D 308 -5.59 -17.83 -1.13
N ILE D 309 -6.83 -17.51 -1.57
CA ILE D 309 -7.39 -18.01 -2.87
C ILE D 309 -6.45 -17.60 -4.01
N ILE D 310 -6.02 -16.36 -4.00
CA ILE D 310 -5.13 -15.79 -5.07
C ILE D 310 -3.77 -16.47 -5.00
N GLN D 311 -3.21 -16.63 -3.79
CA GLN D 311 -1.90 -17.26 -3.55
C GLN D 311 -1.93 -18.69 -4.13
N TRP D 312 -2.96 -19.45 -3.81
CA TRP D 312 -3.06 -20.88 -4.22
C TRP D 312 -3.19 -21.02 -5.72
N LEU D 313 -4.03 -20.22 -6.36
CA LEU D 313 -4.22 -20.31 -7.83
C LEU D 313 -2.89 -19.96 -8.52
N TRP D 314 -2.21 -18.90 -8.11
CA TRP D 314 -0.92 -18.50 -8.77
C TRP D 314 0.17 -19.55 -8.51
N ILE D 315 0.28 -20.09 -7.29
CA ILE D 315 1.33 -21.09 -6.98
C ILE D 315 1.12 -22.28 -7.95
N ASN D 316 -0.11 -22.74 -8.09
CA ASN D 316 -0.42 -23.93 -8.94
C ASN D 316 -0.11 -23.61 -10.41
N PHE D 317 -0.58 -22.48 -10.96
CA PHE D 317 -0.36 -22.12 -12.39
C PHE D 317 1.16 -21.95 -12.63
N ALA D 318 1.90 -21.38 -11.68
CA ALA D 318 3.36 -21.19 -11.77
C ALA D 318 4.08 -22.54 -11.76
N THR D 319 3.40 -23.59 -11.31
CA THR D 319 3.95 -24.98 -11.20
C THR D 319 3.30 -25.83 -12.30
N GLU D 320 2.80 -25.20 -13.37
CA GLU D 320 2.32 -25.82 -14.65
C GLU D 320 0.91 -26.38 -14.54
N ALA D 321 0.15 -26.09 -13.49
CA ALA D 321 -1.24 -26.57 -13.38
C ALA D 321 -2.06 -26.06 -14.58
N LYS D 322 -2.88 -26.91 -15.16
CA LYS D 322 -3.79 -26.51 -16.27
C LYS D 322 -5.17 -26.16 -15.74
N GLY D 323 -5.33 -26.17 -14.42
CA GLY D 323 -6.61 -25.82 -13.81
C GLY D 323 -6.53 -25.81 -12.32
N GLY D 324 -7.48 -25.11 -11.70
CA GLY D 324 -7.73 -25.13 -10.25
C GLY D 324 -9.21 -25.20 -10.05
N ILE D 325 -9.69 -26.29 -9.46
CA ILE D 325 -11.14 -26.52 -9.21
C ILE D 325 -11.36 -26.47 -7.70
N PHE D 326 -12.28 -25.61 -7.25
CA PHE D 326 -12.58 -25.43 -5.82
C PHE D 326 -13.69 -26.40 -5.39
N TRP D 327 -13.45 -27.11 -4.30
CA TRP D 327 -14.51 -27.75 -3.48
C TRP D 327 -14.94 -26.73 -2.44
N SER D 328 -16.10 -26.10 -2.59
CA SER D 328 -17.13 -26.36 -3.61
C SER D 328 -17.76 -25.04 -4.01
N PHE D 329 -18.46 -24.96 -5.15
CA PHE D 329 -19.21 -23.74 -5.52
C PHE D 329 -20.34 -23.53 -4.50
N ASN D 330 -21.21 -24.54 -4.38
CA ASN D 330 -22.37 -24.57 -3.47
C ASN D 330 -22.17 -25.67 -2.42
N ALA D 331 -22.95 -25.68 -1.35
CA ALA D 331 -22.78 -26.58 -0.19
C ALA D 331 -23.75 -27.76 -0.28
N ARG D 332 -23.34 -28.88 0.31
CA ARG D 332 -24.26 -29.97 0.73
C ARG D 332 -25.27 -29.39 1.72
N SER D 333 -26.44 -30.00 1.85
CA SER D 333 -27.55 -29.44 2.68
C SER D 333 -27.76 -30.23 3.97
N THR D 334 -27.30 -31.48 4.06
CA THR D 334 -27.70 -32.39 5.16
C THR D 334 -26.49 -33.05 5.80
N ALA D 335 -26.44 -33.06 7.13
CA ALA D 335 -25.45 -33.80 7.96
C ALA D 335 -24.02 -33.33 7.60
N ALA D 336 -23.09 -34.24 7.34
CA ALA D 336 -21.66 -33.91 7.16
C ALA D 336 -21.50 -32.81 6.11
N GLU D 337 -20.88 -31.70 6.52
CA GLU D 337 -20.45 -30.57 5.66
C GLU D 337 -21.66 -29.80 5.14
N ALA D 338 -22.80 -29.88 5.81
CA ALA D 338 -24.00 -29.11 5.42
C ALA D 338 -23.69 -27.60 5.58
N GLY D 339 -23.80 -26.82 4.51
CA GLY D 339 -23.53 -25.37 4.50
C GLY D 339 -22.05 -25.03 4.69
N GLU D 340 -21.15 -26.02 4.48
CA GLU D 340 -19.69 -25.84 4.61
C GLU D 340 -19.03 -25.86 3.22
N TRP D 341 -17.84 -25.30 3.10
CA TRP D 341 -16.90 -25.43 1.94
C TRP D 341 -17.28 -24.53 0.74
N ALA D 342 -18.40 -23.81 0.76
CA ALA D 342 -18.97 -23.15 -0.43
C ALA D 342 -18.28 -21.81 -0.71
N MET D 343 -18.10 -21.51 -2.00
CA MET D 343 -17.59 -20.22 -2.49
C MET D 343 -18.71 -19.18 -2.54
N ILE D 344 -19.95 -19.62 -2.67
CA ILE D 344 -21.14 -18.72 -2.64
C ILE D 344 -21.62 -18.66 -1.20
N ASN D 345 -22.32 -17.57 -0.85
CA ASN D 345 -22.87 -17.35 0.50
C ASN D 345 -24.27 -17.99 0.51
N PHE D 346 -24.98 -17.90 1.62
CA PHE D 346 -26.29 -18.60 1.79
C PHE D 346 -27.39 -17.93 0.97
N LYS D 347 -27.15 -16.74 0.41
CA LYS D 347 -28.06 -16.08 -0.58
C LYS D 347 -27.64 -16.43 -2.01
N ASN D 348 -26.68 -17.35 -2.20
CA ASN D 348 -26.22 -17.80 -3.54
C ASN D 348 -25.54 -16.65 -4.29
N LYS D 349 -24.96 -15.69 -3.57
CA LYS D 349 -24.18 -14.59 -4.15
C LYS D 349 -22.69 -14.80 -3.82
N SER D 350 -21.81 -14.04 -4.47
CA SER D 350 -20.34 -14.22 -4.38
C SER D 350 -19.84 -13.89 -2.97
N SER D 351 -19.07 -14.78 -2.37
CA SER D 351 -18.19 -14.44 -1.22
C SER D 351 -16.95 -13.70 -1.77
N ASP D 352 -16.14 -13.14 -0.88
CA ASP D 352 -14.86 -12.49 -1.24
C ASP D 352 -13.91 -13.53 -1.87
N ARG D 353 -14.10 -14.82 -1.58
CA ARG D 353 -13.29 -15.92 -2.18
C ARG D 353 -13.67 -16.11 -3.66
N LEU D 354 -14.94 -16.07 -4.00
CA LEU D 354 -15.39 -16.19 -5.41
C LEU D 354 -14.99 -14.92 -6.19
N ILE D 355 -15.09 -13.74 -5.58
CA ILE D 355 -14.67 -12.47 -6.23
C ILE D 355 -13.17 -12.57 -6.54
N ALA D 356 -12.36 -13.08 -5.60
CA ALA D 356 -10.90 -13.25 -5.78
C ALA D 356 -10.64 -14.24 -6.92
N ALA D 357 -11.27 -15.42 -6.90
CA ALA D 357 -11.06 -16.44 -7.95
C ALA D 357 -11.40 -15.85 -9.33
N ALA D 358 -12.47 -15.06 -9.40
CA ALA D 358 -12.95 -14.42 -10.65
C ALA D 358 -11.87 -13.50 -11.24
N THR D 359 -11.08 -12.81 -10.42
CA THR D 359 -9.99 -11.94 -10.91
C THR D 359 -8.95 -12.79 -11.64
N ILE D 360 -8.73 -14.03 -11.20
CA ILE D 360 -7.69 -14.90 -11.81
C ILE D 360 -8.24 -15.45 -13.14
N GLY D 361 -9.50 -15.87 -13.19
CA GLY D 361 -10.15 -16.28 -14.46
C GLY D 361 -10.12 -15.15 -15.50
N LYS D 362 -10.36 -13.91 -15.05
CA LYS D 362 -10.31 -12.69 -15.90
C LYS D 362 -8.86 -12.47 -16.38
N PHE D 363 -7.88 -12.58 -15.49
CA PHE D 363 -6.44 -12.41 -15.83
C PHE D 363 -6.08 -13.40 -16.96
N ILE D 364 -6.53 -14.64 -16.85
CA ILE D 364 -6.20 -15.68 -17.86
C ILE D 364 -6.76 -15.25 -19.23
N THR D 365 -8.03 -14.84 -19.29
CA THR D 365 -8.69 -14.44 -20.57
C THR D 365 -7.95 -13.25 -21.21
N GLU D 366 -7.37 -12.35 -20.42
CA GLU D 366 -6.66 -11.14 -20.91
C GLU D 366 -5.19 -11.45 -21.20
N ASN D 367 -4.69 -12.64 -20.85
CA ASN D 367 -3.26 -12.99 -20.98
C ASN D 367 -3.12 -14.42 -21.50
N VAL D 368 -3.91 -14.79 -22.50
CA VAL D 368 -4.09 -16.23 -22.93
C VAL D 368 -2.76 -16.84 -23.33
N LYS D 369 -1.97 -16.16 -24.16
CA LYS D 369 -0.74 -16.74 -24.76
C LYS D 369 0.26 -17.03 -23.62
N MET D 370 0.51 -16.06 -22.74
CA MET D 370 1.39 -16.26 -21.56
C MET D 370 0.86 -17.45 -20.73
N MET D 371 -0.40 -17.43 -20.33
CA MET D 371 -0.91 -18.37 -19.30
C MET D 371 -1.03 -19.80 -19.88
N SER D 372 -1.11 -19.97 -21.20
CA SER D 372 -1.29 -21.30 -21.85
C SER D 372 0.03 -22.04 -22.01
N ASN D 373 1.17 -21.37 -21.84
CA ASN D 373 2.49 -21.94 -22.23
C ASN D 373 3.47 -21.92 -21.05
N ILE D 374 2.97 -21.92 -19.83
CA ILE D 374 3.83 -21.86 -18.62
C ILE D 374 4.66 -23.13 -18.52
N LYS D 375 5.96 -22.95 -18.32
CA LYS D 375 6.94 -24.00 -17.98
C LYS D 375 7.65 -23.53 -16.71
N THR D 376 7.61 -24.33 -15.65
CA THR D 376 8.33 -23.97 -14.41
C THR D 376 9.81 -23.81 -14.76
N LEU D 377 10.47 -22.80 -14.21
CA LEU D 377 11.93 -22.63 -14.36
C LEU D 377 12.60 -23.54 -13.35
N ASN D 378 13.02 -24.74 -13.78
CA ASN D 378 13.74 -25.70 -12.92
C ASN D 378 15.09 -25.10 -12.55
N SER D 379 15.33 -24.89 -11.26
CA SER D 379 16.64 -24.44 -10.71
C SER D 379 17.71 -25.50 -11.03
N GLY D 380 17.32 -26.77 -11.21
CA GLY D 380 18.25 -27.93 -11.17
C GLY D 380 18.37 -28.57 -9.78
N ILE D 381 17.64 -28.08 -8.79
CA ILE D 381 17.54 -28.69 -7.44
C ILE D 381 16.35 -29.64 -7.43
N SER D 382 16.59 -30.89 -7.06
CA SER D 382 15.53 -31.91 -6.84
C SER D 382 15.60 -32.43 -5.41
N ILE D 383 14.52 -32.26 -4.64
CA ILE D 383 14.36 -32.89 -3.30
C ILE D 383 13.66 -34.22 -3.53
N LEU D 384 14.30 -35.33 -3.20
CA LEU D 384 13.78 -36.70 -3.51
C LEU D 384 13.29 -37.36 -2.22
N TYR D 385 12.14 -38.02 -2.32
CA TYR D 385 11.57 -38.88 -1.26
C TYR D 385 11.42 -40.27 -1.89
N ASN D 386 11.39 -41.32 -1.09
CA ASN D 386 11.06 -42.65 -1.66
C ASN D 386 10.03 -43.35 -0.77
N HIS D 387 9.22 -44.18 -1.40
CA HIS D 387 8.18 -44.97 -0.68
C HIS D 387 8.85 -45.73 0.46
N GLU D 388 10.03 -46.33 0.22
CA GLU D 388 10.63 -47.32 1.12
C GLU D 388 11.07 -46.64 2.43
N SER D 389 11.51 -45.39 2.39
CA SER D 389 11.86 -44.63 3.62
C SER D 389 10.58 -44.50 4.48
N MET D 390 9.45 -44.20 3.86
CA MET D 390 8.17 -44.10 4.60
C MET D 390 7.78 -45.46 5.19
N TRP D 391 7.94 -46.54 4.43
CA TRP D 391 7.56 -47.89 4.92
C TRP D 391 8.45 -48.35 6.06
N VAL D 392 9.75 -48.13 5.95
CA VAL D 392 10.71 -48.55 7.00
C VAL D 392 10.44 -47.71 8.23
N GLU D 393 10.21 -46.39 8.08
CA GLU D 393 9.92 -45.51 9.23
C GLU D 393 8.66 -46.05 9.96
N ALA D 394 7.63 -46.48 9.24
CA ALA D 394 6.38 -47.00 9.86
C ALA D 394 6.68 -48.26 10.67
N ALA D 395 7.61 -49.10 10.22
CA ALA D 395 8.03 -50.33 10.95
C ALA D 395 8.81 -49.95 12.20
N GLN D 396 9.72 -48.97 12.11
CA GLN D 396 10.66 -48.65 13.21
C GLN D 396 9.97 -47.82 14.29
N THR D 397 9.03 -46.95 13.93
CA THR D 397 8.43 -46.04 14.93
C THR D 397 7.12 -46.62 15.45
N ARG D 398 6.78 -47.83 15.01
CA ARG D 398 5.59 -48.62 15.49
C ARG D 398 4.39 -47.68 15.63
N GLY D 399 4.19 -46.78 14.66
CA GLY D 399 2.98 -45.94 14.51
C GLY D 399 2.88 -44.79 15.51
N LYS D 400 3.97 -44.40 16.19
CA LYS D 400 3.98 -43.27 17.16
C LYS D 400 3.76 -41.93 16.44
N LEU D 401 2.93 -41.04 17.02
CA LEU D 401 2.38 -39.83 16.34
C LEU D 401 2.76 -38.59 17.15
N ASN D 402 3.97 -38.58 17.70
CA ASN D 402 4.47 -37.57 18.67
C ASN D 402 5.13 -36.42 17.91
N ASN D 404 7.92 -35.97 16.14
CA ASN D 404 9.39 -35.79 16.06
C ASN D 404 10.03 -36.83 15.11
N GLY D 405 11.36 -36.96 15.14
CA GLY D 405 12.08 -37.97 14.35
C GLY D 405 11.62 -39.39 14.68
N ARG D 406 11.15 -39.62 15.91
CA ARG D 406 10.71 -40.97 16.38
C ARG D 406 9.21 -41.14 16.16
N SER D 407 8.64 -40.49 15.15
CA SER D 407 7.20 -40.52 14.82
C SER D 407 7.02 -40.68 13.32
N ILE D 408 5.85 -41.17 12.93
CA ILE D 408 5.39 -41.22 11.52
C ILE D 408 5.43 -39.79 10.98
N GLY D 409 6.04 -39.59 9.82
CA GLY D 409 5.99 -38.29 9.12
C GLY D 409 7.35 -37.61 9.04
N ALA D 410 8.35 -38.01 9.85
CA ALA D 410 9.68 -37.35 9.83
C ALA D 410 10.31 -37.47 8.44
N VAL D 411 10.12 -38.60 7.74
CA VAL D 411 10.74 -38.80 6.42
C VAL D 411 10.09 -37.90 5.36
N MET D 412 8.91 -37.35 5.60
CA MET D 412 8.32 -36.35 4.68
C MET D 412 8.53 -34.92 5.22
N CYS D 413 8.47 -34.70 6.53
CA CYS D 413 8.69 -33.36 7.14
C CYS D 413 10.14 -32.90 6.87
N SER D 414 11.11 -33.80 6.85
CA SER D 414 12.53 -33.47 6.60
C SER D 414 12.69 -32.84 5.22
N PRO D 415 12.35 -33.53 4.10
CA PRO D 415 12.45 -32.92 2.78
C PRO D 415 11.54 -31.70 2.59
N LEU D 416 10.39 -31.62 3.27
CA LEU D 416 9.52 -30.43 3.19
C LEU D 416 10.20 -29.22 3.85
N SER D 417 11.02 -29.46 4.86
CA SER D 417 11.73 -28.41 5.60
C SER D 417 12.82 -27.83 4.68
N TYR D 418 13.55 -28.68 3.94
CA TYR D 418 14.55 -28.21 2.96
C TYR D 418 13.83 -27.39 1.89
N PHE D 419 12.67 -27.88 1.46
CA PHE D 419 11.81 -27.20 0.45
C PHE D 419 11.47 -25.79 0.93
N GLU D 420 11.09 -25.67 2.21
CA GLU D 420 10.71 -24.39 2.85
C GLU D 420 11.93 -23.48 2.86
N ALA D 421 13.11 -24.00 3.24
CA ALA D 421 14.35 -23.22 3.34
C ALA D 421 14.67 -22.62 1.96
N LEU D 422 14.55 -23.43 0.90
CA LEU D 422 14.84 -22.98 -0.48
C LEU D 422 13.77 -21.98 -0.95
N SER D 423 12.48 -22.17 -0.62
CA SER D 423 11.40 -21.22 -0.94
C SER D 423 11.70 -19.84 -0.32
N GLU D 424 12.18 -19.81 0.90
CA GLU D 424 12.52 -18.57 1.66
C GLU D 424 13.84 -17.98 1.13
N THR D 425 14.51 -18.67 0.21
CA THR D 425 15.70 -18.15 -0.53
C THR D 425 15.27 -17.74 -1.95
N GLY D 426 14.00 -17.93 -2.29
CA GLY D 426 13.40 -17.61 -3.59
C GLY D 426 13.81 -18.57 -4.70
N LEU D 427 14.23 -19.77 -4.35
CA LEU D 427 14.70 -20.81 -5.32
C LEU D 427 13.61 -21.87 -5.50
N GLN D 428 13.29 -22.17 -6.74
CA GLN D 428 12.49 -23.34 -7.15
C GLN D 428 13.22 -24.63 -6.74
N ALA D 429 12.48 -25.65 -6.36
CA ALA D 429 13.01 -27.01 -6.18
C ALA D 429 11.94 -28.00 -6.59
N ASN D 430 12.36 -29.04 -7.30
CA ASN D 430 11.49 -30.20 -7.61
C ASN D 430 11.27 -30.97 -6.30
N PHE D 431 10.16 -31.67 -6.20
CA PHE D 431 9.81 -32.55 -5.08
C PHE D 431 9.27 -33.81 -5.74
N LYS D 432 10.06 -34.88 -5.72
CA LYS D 432 9.92 -36.02 -6.64
C LYS D 432 10.15 -37.31 -5.88
N GLU D 433 9.36 -38.34 -6.20
CA GLU D 433 9.69 -39.73 -5.81
C GLU D 433 10.96 -40.10 -6.57
N ILE D 434 11.86 -40.85 -5.94
CA ILE D 434 13.18 -41.18 -6.52
C ILE D 434 13.01 -41.86 -7.90
N LYS D 435 11.95 -42.66 -8.10
CA LYS D 435 11.74 -43.34 -9.41
C LYS D 435 11.29 -42.33 -10.48
N GLU D 436 10.90 -41.11 -10.11
CA GLU D 436 10.46 -40.08 -11.10
C GLU D 436 11.66 -39.25 -11.56
N PHE D 437 12.81 -39.39 -10.91
CA PHE D 437 14.06 -38.66 -11.30
C PHE D 437 14.71 -39.42 -12.46
N ASP D 438 15.14 -38.70 -13.50
CA ASP D 438 15.79 -39.30 -14.69
C ASP D 438 17.29 -39.51 -14.38
N PHE D 439 17.71 -40.74 -14.07
CA PHE D 439 19.11 -41.11 -13.76
C PHE D 439 19.87 -41.60 -15.02
N SER D 440 19.35 -41.38 -16.22
CA SER D 440 19.86 -42.01 -17.47
C SER D 440 20.74 -41.05 -18.29
N LEU D 441 20.94 -39.80 -17.84
CA LEU D 441 21.66 -38.76 -18.62
C LEU D 441 23.18 -38.99 -18.51
N ASN D 442 23.94 -38.33 -19.38
CA ASN D 442 25.42 -38.50 -19.50
C ASN D 442 26.12 -37.40 -18.71
N ASP D 443 25.41 -36.32 -18.36
CA ASP D 443 26.00 -35.12 -17.70
C ASP D 443 25.00 -34.57 -16.68
N TYR D 444 25.44 -34.30 -15.44
CA TYR D 444 24.59 -33.76 -14.33
C TYR D 444 25.27 -32.54 -13.71
N THR D 445 26.22 -31.94 -14.44
CA THR D 445 26.84 -30.64 -14.09
C THR D 445 25.73 -29.67 -13.70
N ASP D 446 25.89 -28.96 -12.59
CA ASP D 446 24.95 -27.92 -12.14
C ASP D 446 23.56 -28.50 -11.79
N GLN D 447 23.42 -29.82 -11.64
CA GLN D 447 22.19 -30.44 -11.04
C GLN D 447 22.48 -30.75 -9.57
N VAL D 448 21.45 -30.70 -8.70
CA VAL D 448 21.59 -30.97 -7.24
C VAL D 448 20.44 -31.89 -6.81
N ILE D 449 20.78 -32.96 -6.10
CA ILE D 449 19.81 -33.83 -5.38
C ILE D 449 19.98 -33.61 -3.88
N ILE D 450 18.88 -33.41 -3.18
CA ILE D 450 18.83 -33.36 -1.69
C ILE D 450 18.09 -34.60 -1.23
N LEU D 451 18.78 -35.45 -0.46
CA LEU D 451 18.20 -36.64 0.24
C LEU D 451 18.20 -36.32 1.73
N SER D 452 17.05 -35.89 2.25
CA SER D 452 16.92 -35.42 3.66
C SER D 452 16.15 -36.47 4.45
N HIS D 453 16.87 -37.21 5.30
CA HIS D 453 16.29 -38.22 6.21
C HIS D 453 15.57 -39.27 5.39
N GLN D 454 16.11 -39.66 4.24
CA GLN D 454 15.54 -40.77 3.41
C GLN D 454 16.22 -42.04 3.92
N ILE D 455 15.66 -42.60 4.99
CA ILE D 455 16.35 -43.58 5.88
C ILE D 455 16.55 -44.92 5.15
N ALA D 456 15.87 -45.17 4.05
CA ALA D 456 15.97 -46.46 3.30
C ALA D 456 16.45 -46.23 1.87
N LEU D 457 17.64 -46.77 1.53
CA LEU D 457 18.19 -46.73 0.15
C LEU D 457 18.74 -48.12 -0.18
N ASP D 458 18.44 -48.66 -1.38
CA ASP D 458 18.97 -49.99 -1.78
C ASP D 458 20.20 -49.83 -2.69
N ASN D 459 20.87 -50.94 -3.00
CA ASN D 459 22.10 -50.98 -3.82
C ASN D 459 21.81 -50.36 -5.20
N LYS D 460 20.67 -50.65 -5.81
CA LYS D 460 20.32 -50.14 -7.16
C LYS D 460 20.29 -48.60 -7.13
N VAL D 461 19.63 -47.99 -6.15
CA VAL D 461 19.51 -46.52 -6.08
C VAL D 461 20.87 -45.92 -5.74
N ILE D 462 21.68 -46.57 -4.90
CA ILE D 462 23.03 -46.07 -4.55
C ILE D 462 23.89 -46.04 -5.84
N LYS D 463 23.77 -47.04 -6.73
CA LYS D 463 24.51 -47.04 -8.02
C LYS D 463 24.05 -45.86 -8.88
N GLN D 464 22.75 -45.56 -8.90
CA GLN D 464 22.22 -44.39 -9.66
C GLN D 464 22.79 -43.09 -9.07
N LEU D 465 22.87 -42.96 -7.74
CA LEU D 465 23.42 -41.74 -7.09
C LEU D 465 24.93 -41.62 -7.39
N GLU D 466 25.68 -42.73 -7.35
CA GLU D 466 27.13 -42.79 -7.73
C GLU D 466 27.29 -42.24 -9.15
N SER D 467 26.50 -42.73 -10.10
CA SER D 467 26.52 -42.30 -11.51
C SER D 467 26.20 -40.80 -11.60
N PHE D 468 25.17 -40.34 -10.90
CA PHE D 468 24.73 -38.93 -10.88
C PHE D 468 25.89 -38.04 -10.42
N VAL D 469 26.54 -38.39 -9.32
CA VAL D 469 27.62 -37.54 -8.73
C VAL D 469 28.85 -37.62 -9.64
N GLU D 470 29.21 -38.82 -10.10
CA GLU D 470 30.39 -39.09 -10.97
C GLU D 470 30.32 -38.18 -12.20
N LYS D 471 29.12 -37.98 -12.73
CA LYS D 471 28.85 -37.20 -13.96
C LYS D 471 28.61 -35.74 -13.62
N GLY D 472 28.95 -35.26 -12.42
CA GLY D 472 28.99 -33.82 -12.10
C GLY D 472 27.89 -33.34 -11.16
N GLY D 473 26.98 -34.23 -10.76
CA GLY D 473 25.92 -33.93 -9.78
C GLY D 473 26.46 -33.56 -8.42
N THR D 474 25.73 -32.71 -7.69
CA THR D 474 25.95 -32.40 -6.25
C THR D 474 24.87 -33.13 -5.44
N LEU D 475 25.29 -33.93 -4.47
CA LEU D 475 24.37 -34.67 -3.55
C LEU D 475 24.50 -34.09 -2.15
N ILE D 476 23.39 -33.64 -1.57
CA ILE D 476 23.32 -33.18 -0.16
C ILE D 476 22.48 -34.22 0.60
N ALA D 477 23.04 -34.81 1.65
CA ALA D 477 22.39 -35.86 2.46
C ALA D 477 22.47 -35.45 3.92
N ASP D 478 21.32 -35.41 4.62
CA ASP D 478 21.30 -35.10 6.08
C ASP D 478 20.41 -36.13 6.79
N GLY D 479 20.40 -36.10 8.11
CA GLY D 479 19.61 -37.04 8.95
C GLY D 479 20.08 -38.47 8.75
N LEU D 480 19.20 -39.44 8.92
CA LEU D 480 19.55 -40.88 8.86
C LEU D 480 19.46 -41.40 7.42
N THR D 481 19.65 -40.56 6.42
CA THR D 481 19.71 -40.99 5.00
C THR D 481 20.60 -42.24 4.85
N GLY D 482 20.05 -43.32 4.28
CA GLY D 482 20.76 -44.56 3.95
C GLY D 482 21.13 -45.42 5.14
N TYR D 483 20.52 -45.20 6.31
CA TYR D 483 20.80 -46.01 7.53
C TYR D 483 20.35 -47.46 7.30
N TYR D 484 19.25 -47.61 6.58
CA TYR D 484 18.64 -48.91 6.23
C TYR D 484 18.62 -49.09 4.72
N ASP D 485 18.51 -50.35 4.30
CA ASP D 485 18.17 -50.72 2.91
C ASP D 485 16.65 -50.97 2.83
N TYR D 486 16.16 -51.46 1.69
CA TYR D 486 14.69 -51.62 1.43
C TYR D 486 14.13 -52.80 2.23
N GLN D 487 14.98 -53.61 2.88
CA GLN D 487 14.54 -54.72 3.75
C GLN D 487 14.72 -54.39 5.24
N ALA D 488 14.90 -53.10 5.58
CA ALA D 488 15.11 -52.61 6.97
C ALA D 488 16.36 -53.22 7.58
N HIS D 489 17.30 -53.67 6.73
CA HIS D 489 18.63 -54.14 7.16
C HIS D 489 19.56 -52.92 7.16
N SER D 490 20.22 -52.67 8.28
CA SER D 490 21.15 -51.52 8.37
C SER D 490 22.54 -51.93 7.88
N THR D 491 22.95 -51.43 6.71
CA THR D 491 24.34 -51.63 6.23
C THR D 491 25.28 -50.81 7.10
N VAL D 492 24.79 -49.82 7.86
CA VAL D 492 25.65 -49.10 8.83
C VAL D 492 26.25 -50.12 9.80
N VAL D 493 25.50 -51.17 10.13
CA VAL D 493 25.95 -52.26 11.05
C VAL D 493 26.75 -53.30 10.27
N SER D 494 26.25 -53.79 9.12
CA SER D 494 26.86 -54.95 8.43
C SER D 494 28.03 -54.55 7.49
N GLY D 495 28.17 -53.27 7.10
CA GLY D 495 29.12 -52.81 6.05
C GLY D 495 28.51 -51.76 5.13
N PHE D 496 28.81 -50.49 5.36
CA PHE D 496 28.00 -49.33 4.92
C PHE D 496 28.00 -49.20 3.39
N ALA D 497 26.82 -49.28 2.78
CA ALA D 497 26.66 -49.33 1.31
C ALA D 497 27.02 -47.97 0.67
N LEU D 498 26.95 -46.87 1.44
CA LEU D 498 27.28 -45.53 0.92
C LEU D 498 28.72 -45.11 1.23
N GLU D 499 29.57 -46.00 1.76
CA GLU D 499 30.97 -45.66 2.10
C GLU D 499 31.70 -45.10 0.87
N ASN D 500 31.58 -45.79 -0.27
CA ASN D 500 32.22 -45.43 -1.55
C ASN D 500 31.83 -44.00 -1.94
N LEU D 501 30.53 -43.69 -2.01
CA LEU D 501 30.03 -42.37 -2.47
C LEU D 501 30.37 -41.28 -1.44
N PHE D 502 30.23 -41.54 -0.15
CA PHE D 502 30.40 -40.52 0.91
C PHE D 502 31.88 -40.37 1.28
N GLY D 503 32.72 -41.34 0.91
CA GLY D 503 34.16 -41.37 1.26
C GLY D 503 34.35 -41.30 2.76
N SER D 504 33.44 -41.92 3.51
CA SER D 504 33.36 -41.82 4.98
C SER D 504 32.41 -42.90 5.53
N TYR D 505 32.38 -43.04 6.84
CA TYR D 505 31.70 -44.15 7.57
C TYR D 505 31.09 -43.56 8.83
N PRO D 506 29.83 -43.92 9.18
CA PRO D 506 29.25 -43.49 10.44
C PRO D 506 30.03 -44.13 11.59
N ILE D 507 30.15 -43.41 12.70
CA ILE D 507 30.78 -43.89 13.97
C ILE D 507 29.69 -44.13 15.01
N GLU D 508 28.90 -43.11 15.34
CA GLU D 508 27.82 -43.20 16.36
C GLU D 508 26.69 -42.23 16.01
N TYR D 509 25.48 -42.56 16.43
CA TYR D 509 24.38 -41.62 16.72
C TYR D 509 24.23 -41.59 18.25
N LYS D 510 24.11 -40.37 18.79
CA LYS D 510 23.76 -40.17 20.21
C LYS D 510 22.50 -39.33 20.24
N ILE D 511 21.45 -39.87 20.87
CA ILE D 511 20.21 -39.07 21.09
C ILE D 511 20.53 -37.89 22.01
N LYS D 512 19.94 -36.74 21.69
CA LYS D 512 20.02 -35.45 22.44
C LYS D 512 18.56 -35.00 22.68
N GLU D 513 18.36 -33.72 22.91
CA GLU D 513 17.02 -33.11 23.09
C GLU D 513 16.39 -32.92 21.70
N ASN D 514 15.11 -32.54 21.66
CA ASN D 514 14.36 -32.27 20.42
C ASN D 514 15.09 -31.20 19.60
N LEU D 515 15.70 -30.22 20.25
CA LEU D 515 16.47 -29.15 19.59
C LEU D 515 17.83 -29.00 20.27
N PHE D 516 18.90 -29.15 19.49
CA PHE D 516 20.30 -28.89 19.95
C PHE D 516 20.99 -28.13 18.82
N SER D 517 22.20 -27.67 19.07
CA SER D 517 23.00 -26.88 18.11
C SER D 517 24.22 -27.69 17.67
N LEU D 518 24.46 -27.79 16.37
CA LEU D 518 25.76 -28.27 15.79
C LEU D 518 26.63 -27.04 15.55
N ASP D 519 27.69 -26.86 16.32
CA ASP D 519 28.56 -25.64 16.26
C ASP D 519 29.85 -26.04 15.52
N PHE D 520 29.98 -25.65 14.24
CA PHE D 520 31.16 -26.02 13.42
C PHE D 520 32.40 -25.29 13.98
N GLU D 521 33.57 -25.95 13.87
CA GLU D 521 34.92 -25.36 14.08
C GLU D 521 35.04 -24.05 13.28
N LYS D 522 35.63 -23.04 13.90
CA LYS D 522 35.88 -21.71 13.27
C LYS D 522 34.56 -20.96 13.07
N ASP D 523 33.48 -21.38 13.73
CA ASP D 523 32.21 -20.62 13.90
C ASP D 523 31.50 -20.43 12.55
N ASN D 524 31.93 -21.14 11.48
CA ASN D 524 31.38 -21.07 10.10
C ASN D 524 29.85 -21.27 10.08
N TYR D 525 29.29 -22.07 11.00
CA TYR D 525 27.84 -22.37 11.11
C TYR D 525 27.52 -22.75 12.57
N LYS D 526 26.33 -22.35 13.03
CA LYS D 526 25.64 -22.95 14.20
C LYS D 526 24.27 -23.40 13.69
N LEU D 527 24.18 -24.69 13.36
CA LEU D 527 23.00 -25.30 12.72
C LEU D 527 22.10 -25.88 13.80
N PRO D 528 20.83 -25.47 13.86
CA PRO D 528 19.86 -26.20 14.67
C PRO D 528 19.78 -27.64 14.15
N ALA D 529 19.70 -28.58 15.08
CA ALA D 529 19.60 -30.03 14.77
C ALA D 529 18.56 -30.66 15.70
N HIS D 530 17.96 -31.74 15.23
CA HIS D 530 16.84 -32.41 15.94
C HIS D 530 17.26 -33.82 16.37
N LEU D 531 17.21 -34.08 17.68
CA LEU D 531 17.07 -35.41 18.29
C LEU D 531 18.38 -36.21 18.31
N TRP D 532 19.07 -36.40 17.16
CA TRP D 532 20.22 -37.31 17.08
C TRP D 532 21.44 -36.55 16.53
N LYS D 533 22.59 -36.71 17.18
CA LYS D 533 23.88 -36.19 16.69
C LYS D 533 24.68 -37.35 16.11
N GLY D 534 24.93 -37.28 14.80
CA GLY D 534 25.77 -38.25 14.07
C GLY D 534 27.23 -37.82 14.09
N THR D 535 28.12 -38.76 14.33
CA THR D 535 29.57 -38.58 14.14
C THR D 535 30.06 -39.60 13.10
N ILE D 536 31.11 -39.23 12.37
CA ILE D 536 31.63 -40.03 11.23
C ILE D 536 33.14 -40.08 11.31
N GLU D 537 33.72 -40.97 10.51
CA GLU D 537 35.17 -41.05 10.22
C GLU D 537 35.36 -40.93 8.71
N THR D 538 36.21 -40.01 8.26
CA THR D 538 36.47 -39.80 6.82
C THR D 538 37.62 -40.73 6.39
N SER D 539 37.55 -41.27 5.16
CA SER D 539 38.70 -41.85 4.43
C SER D 539 39.06 -40.85 3.33
N LYS D 540 38.35 -40.86 2.21
CA LYS D 540 38.63 -39.98 1.04
C LYS D 540 37.98 -38.60 1.20
N ALA D 541 36.93 -38.44 2.02
CA ALA D 541 36.23 -37.15 2.18
C ALA D 541 37.04 -36.22 3.07
N THR D 542 36.77 -34.92 2.98
CA THR D 542 37.32 -33.87 3.86
C THR D 542 36.44 -33.75 5.09
N PRO D 543 36.97 -33.96 6.31
CA PRO D 543 36.16 -33.88 7.52
C PRO D 543 35.82 -32.43 7.89
N ILE D 544 34.64 -32.24 8.50
CA ILE D 544 34.19 -30.96 9.11
C ILE D 544 33.96 -31.26 10.58
N MET D 545 34.68 -30.55 11.45
CA MET D 545 34.71 -30.84 12.90
C MET D 545 33.79 -29.83 13.60
N ASP D 546 33.29 -30.20 14.77
CA ASP D 546 32.51 -29.27 15.63
C ASP D 546 33.42 -28.78 16.74
N LYS D 547 32.95 -27.87 17.57
CA LYS D 547 33.79 -27.22 18.61
C LYS D 547 34.17 -28.25 19.69
N GLU D 548 33.47 -29.38 19.80
CA GLU D 548 33.79 -30.46 20.78
C GLU D 548 34.86 -31.40 20.21
N GLY D 549 35.35 -31.13 19.00
CA GLY D 549 36.40 -31.94 18.34
C GLY D 549 35.87 -33.23 17.73
N GLU D 550 34.56 -33.32 17.48
CA GLU D 550 33.95 -34.52 16.83
C GLU D 550 33.73 -34.24 15.34
N CYS D 551 33.81 -35.25 14.48
CA CYS D 551 33.59 -35.09 13.03
C CYS D 551 32.08 -35.25 12.74
N ILE D 552 31.41 -34.18 12.34
CA ILE D 552 29.91 -34.14 12.24
C ILE D 552 29.47 -34.03 10.79
N ALA D 553 30.40 -33.89 9.83
CA ALA D 553 30.02 -33.75 8.41
C ALA D 553 31.26 -33.92 7.53
N CYS D 554 31.06 -34.07 6.23
CA CYS D 554 32.18 -34.15 5.27
C CYS D 554 31.73 -33.75 3.87
N ILE D 555 32.69 -33.43 3.03
CA ILE D 555 32.54 -33.18 1.57
C ILE D 555 33.44 -34.18 0.85
N ASN D 556 32.85 -34.99 -0.01
CA ASN D 556 33.57 -35.96 -0.84
C ASN D 556 33.56 -35.45 -2.27
N GLN D 557 34.73 -35.38 -2.91
CA GLN D 557 34.85 -35.19 -4.38
C GLN D 557 34.79 -36.58 -4.98
N TYR D 558 33.79 -36.84 -5.81
CA TYR D 558 33.53 -38.16 -6.41
C TYR D 558 33.36 -37.96 -7.91
N GLY D 559 34.36 -38.36 -8.71
CA GLY D 559 34.40 -38.02 -10.15
C GLY D 559 34.28 -36.51 -10.33
N LYS D 560 33.36 -36.04 -11.17
CA LYS D 560 33.22 -34.59 -11.45
C LYS D 560 32.32 -33.91 -10.42
N GLY D 561 31.61 -34.66 -9.58
CA GLY D 561 30.62 -34.08 -8.65
C GLY D 561 31.11 -34.04 -7.21
N LYS D 562 30.21 -33.66 -6.29
CA LYS D 562 30.49 -33.53 -4.85
C LYS D 562 29.33 -34.11 -4.02
N VAL D 563 29.68 -34.57 -2.83
CA VAL D 563 28.71 -35.02 -1.80
C VAL D 563 28.96 -34.18 -0.56
N PHE D 564 27.90 -33.58 0.00
CA PHE D 564 27.91 -33.04 1.37
C PHE D 564 27.04 -33.96 2.23
N TRP D 565 27.62 -34.55 3.27
CA TRP D 565 26.95 -35.48 4.21
C TRP D 565 27.04 -34.90 5.62
N ILE D 566 25.89 -34.72 6.25
CA ILE D 566 25.78 -34.31 7.67
C ILE D 566 24.71 -35.19 8.33
N PRO D 567 25.11 -36.29 8.99
CA PRO D 567 24.17 -37.29 9.49
C PRO D 567 23.33 -36.91 10.71
N SER D 568 23.33 -35.64 11.13
CA SER D 568 22.36 -35.09 12.08
C SER D 568 21.18 -34.52 11.30
N PRO D 569 19.93 -34.60 11.82
CA PRO D 569 18.79 -34.01 11.14
C PRO D 569 18.72 -32.48 11.24
N ILE D 570 19.29 -31.79 10.25
CA ILE D 570 19.39 -30.30 10.28
C ILE D 570 18.15 -29.69 9.65
N ALA D 571 17.49 -30.36 8.69
CA ALA D 571 16.21 -29.88 8.14
C ALA D 571 15.12 -30.00 9.23
N LEU D 572 15.09 -31.10 9.99
CA LEU D 572 14.13 -31.23 11.12
C LEU D 572 14.54 -30.26 12.25
N GLY D 573 15.83 -29.94 12.36
CA GLY D 573 16.34 -28.94 13.33
C GLY D 573 15.80 -27.56 12.99
N ALA D 574 15.82 -27.21 11.71
CA ALA D 574 15.20 -25.97 11.19
C ALA D 574 13.71 -25.97 11.53
N ARG D 575 13.01 -27.06 11.27
CA ARG D 575 11.57 -27.20 11.57
C ARG D 575 11.29 -26.97 13.07
N GLU D 576 12.02 -27.66 13.93
CA GLU D 576 11.80 -27.61 15.40
C GLU D 576 12.12 -26.20 15.92
N SER D 577 13.14 -25.53 15.39
CA SER D 577 13.55 -24.18 15.86
C SER D 577 12.66 -23.11 15.20
N LYS D 578 11.86 -23.48 14.19
CA LYS D 578 11.06 -22.51 13.38
C LYS D 578 11.97 -21.45 12.75
N ASP D 579 13.18 -21.84 12.38
CA ASP D 579 14.21 -20.94 11.79
C ASP D 579 14.96 -21.69 10.70
N PHE D 580 14.72 -21.33 9.44
CA PHE D 580 15.30 -21.98 8.24
C PHE D 580 16.52 -21.18 7.73
N SER D 581 16.92 -20.10 8.40
CA SER D 581 17.94 -19.17 7.85
C SER D 581 19.28 -19.88 7.70
N GLU D 582 19.75 -20.60 8.71
CA GLU D 582 21.08 -21.26 8.67
C GLU D 582 21.06 -22.37 7.61
N LEU D 583 19.98 -23.15 7.56
CA LEU D 583 19.87 -24.23 6.54
C LEU D 583 19.95 -23.59 5.15
N SER D 584 19.29 -22.44 4.94
CA SER D 584 19.31 -21.67 3.67
C SER D 584 20.75 -21.28 3.32
N LYS D 585 21.46 -20.62 4.25
CA LYS D 585 22.84 -20.13 4.04
C LYS D 585 23.77 -21.29 3.69
N LEU D 586 23.72 -22.38 4.46
CA LEU D 586 24.58 -23.57 4.19
C LEU D 586 24.25 -24.14 2.80
N THR D 587 22.98 -24.31 2.48
CA THR D 587 22.57 -24.95 1.19
C THR D 587 23.07 -24.08 0.01
N VAL D 588 22.87 -22.76 0.09
CA VAL D 588 23.32 -21.80 -0.96
C VAL D 588 24.84 -21.96 -1.18
N SER D 589 25.61 -22.10 -0.12
CA SER D 589 27.09 -22.24 -0.17
C SER D 589 27.48 -23.52 -0.93
N LEU D 590 26.58 -24.51 -1.03
CA LEU D 590 26.89 -25.83 -1.65
C LEU D 590 26.41 -25.87 -3.09
N LEU D 591 25.61 -24.89 -3.54
CA LEU D 591 24.97 -24.93 -4.89
C LEU D 591 26.01 -24.57 -5.95
N PRO D 592 25.98 -25.21 -7.13
CA PRO D 592 26.80 -24.78 -8.26
C PRO D 592 26.52 -23.31 -8.63
N ASN D 593 27.55 -22.57 -9.01
CA ASN D 593 27.47 -21.13 -9.36
C ASN D 593 26.41 -20.91 -10.44
N LYS D 594 26.29 -21.84 -11.40
CA LYS D 594 25.38 -21.66 -12.55
C LYS D 594 23.95 -21.47 -12.03
N ILE D 595 23.56 -22.21 -10.98
CA ILE D 595 22.16 -22.14 -10.47
C ILE D 595 21.92 -20.70 -9.98
N LEU D 596 22.83 -20.14 -9.21
CA LEU D 596 22.65 -18.79 -8.61
C LEU D 596 22.78 -17.70 -9.68
N ASN D 597 23.55 -17.94 -10.74
CA ASN D 597 23.74 -16.94 -11.84
C ASN D 597 22.51 -16.89 -12.74
N ASP D 598 21.87 -18.03 -13.05
CA ASP D 598 20.85 -18.15 -14.11
C ASP D 598 19.42 -18.02 -13.56
N ASN D 599 19.21 -18.22 -12.26
CA ASN D 599 17.85 -18.26 -11.67
C ASN D 599 17.64 -17.04 -10.79
N PRO D 600 16.56 -16.26 -10.98
CA PRO D 600 16.23 -15.21 -10.02
C PRO D 600 16.01 -15.88 -8.65
N HIS D 601 16.52 -15.25 -7.60
CA HIS D 601 16.43 -15.72 -6.20
C HIS D 601 16.61 -14.49 -5.32
N PHE D 602 16.49 -14.65 -4.02
CA PHE D 602 16.66 -13.55 -3.03
C PHE D 602 18.15 -13.42 -2.74
N ASP D 603 18.62 -12.19 -2.51
CA ASP D 603 20.05 -11.91 -2.21
C ASP D 603 20.39 -12.53 -0.85
N LYS D 604 19.39 -12.82 -0.02
CA LYS D 604 19.56 -13.49 1.29
C LYS D 604 18.25 -14.19 1.68
N HIS D 605 18.27 -14.91 2.80
CA HIS D 605 17.09 -15.59 3.36
C HIS D 605 16.05 -14.56 3.83
N TYR D 606 14.79 -14.76 3.48
CA TYR D 606 13.64 -13.96 3.98
C TYR D 606 12.62 -14.90 4.62
N LYS D 607 12.47 -14.79 5.93
CA LYS D 607 11.47 -15.53 6.72
C LYS D 607 10.07 -15.21 6.17
N ASP D 608 9.30 -16.25 5.81
CA ASP D 608 7.86 -16.15 5.48
C ASP D 608 7.66 -15.39 4.17
N VAL D 609 8.66 -15.41 3.28
CA VAL D 609 8.50 -14.94 1.88
C VAL D 609 8.82 -16.12 0.96
N MET D 610 8.15 -16.20 -0.16
CA MET D 610 8.45 -17.23 -1.18
C MET D 610 8.52 -16.60 -2.56
N MET D 611 9.38 -17.16 -3.39
CA MET D 611 9.42 -16.86 -4.84
C MET D 611 9.67 -18.17 -5.61
N LYS D 612 9.07 -18.25 -6.76
CA LYS D 612 9.22 -19.34 -7.75
C LYS D 612 9.11 -18.68 -9.12
N SER D 613 9.98 -19.09 -10.07
CA SER D 613 10.00 -18.46 -11.40
C SER D 613 9.51 -19.48 -12.43
N PHE D 614 9.04 -18.98 -13.55
CA PHE D 614 8.54 -19.80 -14.69
C PHE D 614 8.82 -19.03 -15.98
N LYS D 615 8.68 -19.74 -17.09
CA LYS D 615 8.89 -19.19 -18.44
C LYS D 615 7.62 -19.45 -19.25
N SER D 616 7.30 -18.53 -20.14
CA SER D 616 6.24 -18.73 -21.16
C SER D 616 6.68 -18.04 -22.46
N ASN D 617 6.81 -18.84 -23.53
CA ASN D 617 7.19 -18.37 -24.90
C ASN D 617 8.46 -17.53 -24.80
N GLY D 618 9.48 -18.00 -24.10
CA GLY D 618 10.81 -17.37 -24.01
C GLY D 618 10.90 -16.25 -22.99
N THR D 619 9.79 -15.74 -22.43
CA THR D 619 9.83 -14.67 -21.38
C THR D 619 9.83 -15.32 -19.99
N MET D 620 10.64 -14.79 -19.08
CA MET D 620 10.78 -15.27 -17.69
C MET D 620 9.86 -14.42 -16.80
N TYR D 621 9.23 -15.07 -15.83
CA TYR D 621 8.35 -14.44 -14.81
C TYR D 621 8.76 -14.97 -13.44
N SER D 622 8.46 -14.20 -12.40
CA SER D 622 8.62 -14.63 -10.99
C SER D 622 7.30 -14.41 -10.24
N LEU D 623 6.98 -15.37 -9.38
CA LEU D 623 5.83 -15.27 -8.43
C LEU D 623 6.42 -15.00 -7.05
N ILE D 624 6.00 -13.92 -6.41
CA ILE D 624 6.47 -13.58 -5.03
C ILE D 624 5.24 -13.44 -4.13
N ILE D 625 5.31 -14.05 -2.96
CA ILE D 625 4.23 -13.99 -1.94
C ILE D 625 4.87 -13.68 -0.60
N ASN D 626 4.34 -12.67 0.08
CA ASN D 626 4.79 -12.26 1.44
C ASN D 626 3.76 -12.80 2.43
N LYS D 627 4.19 -13.69 3.32
CA LYS D 627 3.33 -14.30 4.38
C LYS D 627 3.75 -13.79 5.76
N SER D 628 4.69 -12.86 5.82
CA SER D 628 5.10 -12.21 7.08
C SER D 628 4.04 -11.18 7.50
N ALA D 629 4.12 -10.72 8.75
CA ALA D 629 3.20 -9.72 9.34
C ALA D 629 3.60 -8.31 8.89
N SER D 630 4.75 -8.13 8.25
CA SER D 630 5.29 -6.80 7.88
C SER D 630 5.53 -6.68 6.36
N VAL D 631 5.45 -5.45 5.86
CA VAL D 631 5.95 -5.06 4.51
C VAL D 631 7.42 -5.50 4.44
N GLN D 632 7.84 -6.07 3.31
CA GLN D 632 9.19 -6.60 3.10
C GLN D 632 9.73 -5.96 1.84
N THR D 633 11.02 -5.66 1.82
CA THR D 633 11.77 -5.26 0.60
C THR D 633 12.67 -6.42 0.24
N VAL D 634 12.34 -7.13 -0.82
CA VAL D 634 13.08 -8.35 -1.25
C VAL D 634 14.00 -7.94 -2.41
N ASP D 635 15.29 -8.16 -2.28
CA ASP D 635 16.30 -7.86 -3.33
C ASP D 635 16.43 -9.12 -4.19
N ILE D 636 15.97 -9.06 -5.43
CA ILE D 636 16.02 -10.19 -6.39
C ILE D 636 17.32 -10.05 -7.21
N VAL D 637 18.12 -11.11 -7.26
CA VAL D 637 19.37 -11.22 -8.03
C VAL D 637 19.30 -12.51 -8.86
N GLY D 638 20.17 -12.62 -9.87
CA GLY D 638 20.24 -13.79 -10.76
C GLY D 638 19.33 -13.66 -11.94
N GLY D 639 19.60 -14.44 -12.98
CA GLY D 639 18.98 -14.29 -14.32
C GLY D 639 19.21 -12.90 -14.89
N LYS D 640 18.33 -12.49 -15.78
CA LYS D 640 18.50 -11.28 -16.64
C LYS D 640 17.15 -10.58 -16.73
N GLY D 641 17.19 -9.25 -16.83
CA GLY D 641 16.01 -8.43 -17.18
C GLY D 641 15.68 -7.45 -16.10
N LYS D 642 14.72 -6.56 -16.41
CA LYS D 642 14.22 -5.53 -15.46
C LYS D 642 12.79 -5.89 -15.07
N ALA D 643 12.44 -5.68 -13.82
CA ALA D 643 11.13 -6.02 -13.25
C ALA D 643 10.05 -5.14 -13.91
N PHE D 644 9.05 -5.77 -14.50
CA PHE D 644 7.74 -5.15 -14.79
C PHE D 644 6.67 -5.88 -13.96
N ILE D 645 5.99 -5.16 -13.07
CA ILE D 645 4.92 -5.76 -12.19
C ILE D 645 3.65 -5.97 -13.03
N LEU D 646 3.33 -7.22 -13.38
CA LEU D 646 2.20 -7.61 -14.24
C LEU D 646 0.95 -7.84 -13.38
N PHE D 647 1.12 -8.35 -12.16
CA PHE D 647 0.02 -8.64 -11.20
C PHE D 647 0.50 -8.29 -9.80
N ALA D 648 -0.33 -7.61 -9.06
CA ALA D 648 -0.08 -7.25 -7.64
C ALA D 648 -1.35 -6.77 -6.97
N ASN D 649 -1.91 -7.53 -6.04
CA ASN D 649 -3.27 -7.30 -5.54
C ASN D 649 -3.25 -6.31 -4.35
N LYS D 650 -2.08 -5.80 -3.97
CA LYS D 650 -1.99 -4.71 -2.95
C LYS D 650 -0.98 -3.63 -3.39
N ASN D 651 -0.80 -3.40 -4.69
CA ASN D 651 -0.03 -2.25 -5.21
C ASN D 651 1.44 -2.29 -4.78
N ALA D 652 2.05 -3.47 -4.81
CA ALA D 652 3.52 -3.64 -4.73
C ALA D 652 4.20 -2.68 -5.72
N HIS D 653 5.43 -2.27 -5.41
CA HIS D 653 6.28 -1.44 -6.30
C HIS D 653 7.72 -1.95 -6.23
N SER D 654 8.49 -1.78 -7.30
CA SER D 654 9.93 -2.16 -7.34
C SER D 654 10.76 -0.91 -7.66
N THR D 655 11.96 -0.87 -7.08
CA THR D 655 13.04 0.11 -7.35
C THR D 655 14.28 -0.71 -7.74
N ALA D 656 14.68 -0.62 -9.00
CA ALA D 656 15.63 -1.55 -9.66
C ALA D 656 14.94 -2.92 -9.51
N ASN D 657 15.60 -3.90 -8.92
CA ASN D 657 14.95 -5.24 -8.71
C ASN D 657 14.81 -5.49 -7.21
N LYS D 658 14.49 -4.43 -6.45
CA LYS D 658 14.12 -4.50 -5.01
C LYS D 658 12.59 -4.34 -4.93
N LEU D 659 11.87 -5.40 -4.58
CA LEU D 659 10.38 -5.44 -4.60
C LEU D 659 9.89 -5.16 -3.17
N THR D 660 9.03 -4.16 -3.05
CA THR D 660 8.34 -3.80 -1.78
C THR D 660 6.96 -4.43 -1.84
N ILE D 661 6.70 -5.42 -0.97
CA ILE D 661 5.50 -6.30 -1.08
C ILE D 661 4.85 -6.35 0.30
N SER D 662 3.54 -6.12 0.34
CA SER D 662 2.73 -6.07 1.58
C SER D 662 2.40 -7.48 2.08
N PRO D 663 2.06 -7.59 3.39
CA PRO D 663 1.54 -8.85 3.94
C PRO D 663 0.36 -9.40 3.13
N GLU D 664 0.49 -10.66 2.75
CA GLU D 664 -0.56 -11.48 2.10
C GLU D 664 -0.66 -11.15 0.61
N GLU D 665 0.20 -10.27 0.10
CA GLU D 665 0.19 -9.86 -1.33
C GLU D 665 0.81 -10.97 -2.19
N THR D 666 0.23 -11.17 -3.38
CA THR D 666 0.78 -12.00 -4.46
C THR D 666 1.23 -11.08 -5.60
N VAL D 667 2.47 -11.24 -6.04
CA VAL D 667 3.07 -10.42 -7.13
C VAL D 667 3.55 -11.34 -8.25
N ILE D 668 3.21 -10.99 -9.50
CA ILE D 668 3.87 -11.54 -10.70
C ILE D 668 4.73 -10.45 -11.35
N ILE D 669 6.03 -10.72 -11.48
CA ILE D 669 6.99 -9.88 -12.24
C ILE D 669 7.20 -10.53 -13.60
N LYS D 670 7.08 -9.74 -14.66
CA LYS D 670 7.60 -10.04 -16.02
C LYS D 670 9.01 -9.44 -16.13
N TRP D 671 10.00 -10.25 -16.47
CA TRP D 671 11.42 -9.83 -16.65
C TRP D 671 11.60 -9.37 -18.10
N LYS D 672 11.78 -8.06 -18.30
CA LYS D 672 11.89 -7.44 -19.65
C LYS D 672 13.37 -7.40 -20.07
N ASN D 673 13.63 -7.97 -21.25
CA ASN D 673 14.88 -8.00 -22.04
C ASN D 673 16.10 -8.18 -21.12
N GLN E 19 54.09 12.43 -41.62
CA GLN E 19 55.20 12.92 -42.47
C GLN E 19 55.85 14.18 -41.86
N GLY E 20 55.17 14.90 -40.96
CA GLY E 20 55.75 15.97 -40.12
C GLY E 20 55.26 15.87 -38.67
N PRO E 21 55.99 16.46 -37.69
CA PRO E 21 55.61 16.37 -36.27
C PRO E 21 54.62 17.44 -35.74
N ALA E 22 53.45 17.01 -35.27
CA ALA E 22 52.40 17.90 -34.69
C ALA E 22 52.85 18.36 -33.31
N GLU E 23 52.68 19.63 -32.96
CA GLU E 23 52.75 20.11 -31.54
C GLU E 23 51.52 19.53 -30.82
N ARG E 24 51.68 19.02 -29.60
CA ARG E 24 50.58 18.60 -28.68
C ARG E 24 50.44 19.68 -27.61
N ILE E 25 49.25 20.29 -27.44
CA ILE E 25 49.03 21.30 -26.40
C ILE E 25 49.25 20.67 -25.03
N SER E 26 49.73 21.46 -24.06
CA SER E 26 49.93 21.02 -22.67
C SER E 26 49.72 22.24 -21.75
N LYS E 27 49.76 22.03 -20.45
CA LYS E 27 49.61 23.11 -19.43
C LYS E 27 50.86 23.99 -19.44
N GLN E 28 51.92 23.63 -20.17
CA GLN E 28 53.15 24.45 -20.34
C GLN E 28 53.22 25.11 -21.70
N SER E 29 52.21 24.97 -22.57
CA SER E 29 52.21 25.62 -23.91
C SER E 29 52.25 27.14 -23.73
N THR E 30 52.91 27.81 -24.67
CA THR E 30 52.87 29.27 -24.81
C THR E 30 51.47 29.61 -25.32
N PRO E 31 50.71 30.47 -24.63
CA PRO E 31 49.37 30.84 -25.10
C PRO E 31 49.48 31.62 -26.41
N PHE E 32 48.41 31.58 -27.22
CA PHE E 32 48.35 32.30 -28.51
C PHE E 32 47.08 33.14 -28.57
N VAL E 33 47.12 34.12 -29.47
CA VAL E 33 45.94 34.87 -29.93
C VAL E 33 45.72 34.44 -31.38
N GLY E 34 44.48 34.22 -31.75
CA GLY E 34 44.11 33.67 -33.07
C GLY E 34 42.77 34.21 -33.52
N ALA E 35 42.32 33.79 -34.70
CA ALA E 35 41.04 34.25 -35.26
C ALA E 35 40.56 33.21 -36.28
N GLN E 36 39.24 33.09 -36.39
CA GLN E 36 38.58 32.35 -37.46
C GLN E 36 38.99 32.97 -38.79
N ILE E 37 39.36 32.14 -39.76
CA ILE E 37 39.50 32.57 -41.17
C ILE E 37 38.31 31.94 -41.90
N PHE E 38 37.39 32.78 -42.35
CA PHE E 38 36.14 32.32 -42.96
C PHE E 38 36.38 32.09 -44.46
N ILE E 39 36.32 30.82 -44.85
CA ILE E 39 36.58 30.36 -46.24
C ILE E 39 35.26 29.89 -46.85
N GLU E 40 34.91 30.49 -47.99
CA GLU E 40 33.72 30.12 -48.79
C GLU E 40 34.06 30.35 -50.25
N PRO E 41 33.33 29.73 -51.20
CA PRO E 41 33.56 29.95 -52.62
C PRO E 41 33.30 31.42 -52.99
N GLY E 42 34.03 31.89 -53.99
CA GLY E 42 33.93 33.26 -54.51
C GLY E 42 35.09 34.11 -54.10
N GLN E 43 35.75 33.79 -52.97
CA GLN E 43 36.92 34.57 -52.49
C GLN E 43 38.07 34.39 -53.51
N THR E 44 38.93 35.38 -53.65
CA THR E 44 40.13 35.33 -54.54
C THR E 44 41.37 34.95 -53.72
N GLN E 45 42.36 34.32 -54.38
CA GLN E 45 43.71 34.03 -53.82
C GLN E 45 44.27 35.29 -53.14
N GLU E 46 44.12 36.46 -53.77
CA GLU E 46 44.70 37.74 -53.32
C GLU E 46 44.04 38.17 -52.00
N GLN E 47 42.71 38.03 -51.88
CA GLN E 47 41.95 38.36 -50.64
C GLN E 47 42.46 37.48 -49.51
N ILE E 48 42.58 36.18 -49.74
CA ILE E 48 42.92 35.20 -48.67
C ILE E 48 44.35 35.46 -48.20
N GLU E 49 45.25 35.77 -49.13
CA GLU E 49 46.66 36.06 -48.79
C GLU E 49 46.73 37.33 -47.93
N GLN E 50 45.97 38.37 -48.29
CA GLN E 50 45.84 39.62 -47.50
C GLN E 50 45.46 39.31 -46.04
N TRP E 51 44.51 38.37 -45.82
CA TRP E 51 44.04 38.01 -44.45
C TRP E 51 45.20 37.36 -43.68
N PHE E 52 45.81 36.31 -44.21
CA PHE E 52 46.91 35.59 -43.51
C PHE E 52 48.10 36.54 -43.26
N LYS E 53 48.42 37.42 -44.20
CA LYS E 53 49.55 38.38 -44.05
C LYS E 53 49.25 39.30 -42.85
N LEU E 54 48.05 39.88 -42.77
CA LEU E 54 47.66 40.82 -41.68
C LEU E 54 47.54 40.04 -40.36
N LEU E 55 47.08 38.79 -40.43
CA LEU E 55 46.93 37.93 -39.22
C LEU E 55 48.32 37.72 -38.62
N ALA E 56 49.31 37.28 -39.42
CA ALA E 56 50.73 37.15 -38.98
C ALA E 56 51.27 38.49 -38.46
N GLU E 57 51.02 39.61 -39.15
CA GLU E 57 51.52 40.96 -38.73
C GLU E 57 50.85 41.43 -37.44
N SER E 58 49.72 40.83 -37.05
CA SER E 58 48.97 41.20 -35.82
C SER E 58 49.36 40.31 -34.65
N ASN E 59 50.51 39.62 -34.74
CA ASN E 59 51.08 38.75 -33.66
C ASN E 59 50.12 37.60 -33.32
N MET E 60 49.29 37.19 -34.27
CA MET E 60 48.41 36.01 -34.14
C MET E 60 49.15 34.83 -34.79
N THR E 61 49.10 33.66 -34.19
CA THR E 61 49.89 32.49 -34.64
C THR E 61 48.96 31.38 -35.13
N THR E 62 47.65 31.56 -34.95
CA THR E 62 46.67 30.44 -35.08
C THR E 62 45.41 30.97 -35.78
N CYS E 63 44.83 30.14 -36.62
CA CYS E 63 43.51 30.43 -37.20
C CYS E 63 42.62 29.20 -36.97
N ARG E 64 41.32 29.39 -37.15
CA ARG E 64 40.35 28.28 -37.11
C ARG E 64 39.57 28.35 -38.43
N ILE E 65 39.34 27.20 -39.03
CA ILE E 65 38.68 27.11 -40.35
C ILE E 65 37.60 26.05 -40.25
N ARG E 66 36.40 26.46 -40.67
CA ARG E 66 35.23 25.56 -40.76
C ARG E 66 35.37 24.75 -42.06
N MET E 67 35.55 23.45 -41.95
CA MET E 67 35.84 22.56 -43.10
C MET E 67 34.53 22.14 -43.76
N PHE E 68 33.77 23.12 -44.27
CA PHE E 68 32.41 22.92 -44.84
C PHE E 68 32.38 21.74 -45.83
N GLY E 69 31.67 20.67 -45.51
CA GLY E 69 31.39 19.55 -46.45
C GLY E 69 30.68 20.09 -47.70
N LYS E 70 29.80 21.09 -47.57
CA LYS E 70 29.09 21.69 -48.71
C LYS E 70 30.09 22.19 -49.76
N TYR E 71 31.26 22.70 -49.37
CA TYR E 71 32.21 23.36 -50.30
C TYR E 71 33.33 22.40 -50.71
N MET E 72 33.16 21.11 -50.44
CA MET E 72 34.08 20.04 -50.92
C MET E 72 33.32 19.01 -51.75
N LYS E 73 32.00 18.93 -51.63
CA LYS E 73 31.18 17.88 -52.30
C LYS E 73 31.10 18.24 -53.79
N THR E 74 31.38 17.28 -54.67
CA THR E 74 31.19 17.42 -56.14
C THR E 74 29.85 16.79 -56.50
N PRO E 75 29.27 17.13 -57.67
CA PRO E 75 28.01 16.52 -58.11
C PRO E 75 27.97 14.98 -58.00
N SER E 76 29.07 14.30 -58.33
CA SER E 76 29.17 12.82 -58.38
C SER E 76 29.31 12.22 -56.97
N GLY E 77 29.63 13.03 -55.96
CA GLY E 77 29.71 12.61 -54.54
C GLY E 77 31.13 12.44 -54.04
N THR E 78 32.14 12.62 -54.91
CA THR E 78 33.58 12.59 -54.55
C THR E 78 33.93 13.90 -53.82
N TYR E 79 35.10 13.96 -53.17
CA TYR E 79 35.57 15.13 -52.37
C TYR E 79 36.59 15.90 -53.19
N ASP E 80 36.38 17.21 -53.36
CA ASP E 80 37.36 18.16 -53.96
C ASP E 80 37.84 19.11 -52.85
N PHE E 81 39.12 19.09 -52.53
CA PHE E 81 39.72 19.73 -51.34
C PHE E 81 40.29 21.10 -51.69
N THR E 82 40.20 21.52 -52.95
CA THR E 82 40.93 22.67 -53.55
C THR E 82 40.74 23.95 -52.73
N LEU E 83 39.49 24.26 -52.36
CA LEU E 83 39.14 25.53 -51.68
C LEU E 83 39.90 25.56 -50.35
N PHE E 84 39.95 24.44 -49.64
CA PHE E 84 40.61 24.37 -48.31
C PHE E 84 42.13 24.22 -48.45
N ASP E 85 42.60 23.49 -49.47
CA ASP E 85 44.06 23.40 -49.79
C ASP E 85 44.63 24.82 -49.93
N ARG E 86 43.96 25.67 -50.70
CA ARG E 86 44.41 27.06 -50.98
C ARG E 86 44.63 27.78 -49.65
N ALA E 87 43.70 27.62 -48.70
CA ALA E 87 43.74 28.32 -47.39
C ALA E 87 44.85 27.71 -46.52
N PHE E 88 44.94 26.38 -46.43
CA PHE E 88 45.97 25.69 -45.60
C PHE E 88 47.37 26.07 -46.10
N LYS E 89 47.55 26.17 -47.42
CA LYS E 89 48.87 26.49 -48.05
C LYS E 89 49.24 27.94 -47.72
N LEU E 90 48.27 28.87 -47.74
CA LEU E 90 48.55 30.28 -47.37
C LEU E 90 48.82 30.37 -45.87
N ALA E 91 48.08 29.67 -45.02
CA ALA E 91 48.37 29.63 -43.57
C ALA E 91 49.83 29.18 -43.38
N ASP E 92 50.22 28.09 -44.03
CA ASP E 92 51.57 27.47 -43.89
C ASP E 92 52.64 28.49 -44.33
N LYS E 93 52.42 29.16 -45.45
CA LYS E 93 53.32 30.20 -45.99
C LYS E 93 53.59 31.28 -44.94
N TYR E 94 52.57 31.66 -44.14
CA TYR E 94 52.69 32.73 -43.13
C TYR E 94 52.91 32.15 -41.72
N HIS E 95 53.21 30.85 -41.62
CA HIS E 95 53.58 30.15 -40.36
C HIS E 95 52.41 30.18 -39.37
N ILE E 96 51.19 30.10 -39.88
CA ILE E 96 49.93 30.08 -39.08
C ILE E 96 49.46 28.63 -38.95
N LYS E 97 49.27 28.17 -37.71
CA LYS E 97 48.71 26.82 -37.45
C LYS E 97 47.17 26.90 -37.52
N VAL E 98 46.54 25.77 -37.82
CA VAL E 98 45.09 25.69 -38.11
C VAL E 98 44.39 24.77 -37.10
N TYR E 99 43.30 25.27 -36.51
CA TYR E 99 42.25 24.45 -35.85
C TYR E 99 41.20 24.16 -36.92
N ALA E 100 41.07 22.90 -37.33
CA ALA E 100 40.15 22.47 -38.41
C ALA E 100 38.87 21.91 -37.76
N THR E 101 37.75 22.57 -37.99
CA THR E 101 36.44 22.16 -37.45
C THR E 101 35.78 21.20 -38.44
N LEU E 102 35.46 20.01 -37.98
CA LEU E 102 34.66 19.01 -38.75
C LEU E 102 33.22 19.53 -38.83
N PHE E 103 32.79 19.85 -40.04
CA PHE E 103 31.49 20.51 -40.32
C PHE E 103 30.91 19.88 -41.57
N PRO E 104 30.21 18.74 -41.46
CA PRO E 104 29.69 18.04 -42.64
C PRO E 104 28.62 18.90 -43.33
N ASP E 105 28.26 18.49 -44.54
CA ASP E 105 27.28 19.19 -45.40
C ASP E 105 26.02 19.45 -44.56
N THR E 106 25.46 20.65 -44.69
CA THR E 106 24.19 21.06 -44.04
C THR E 106 23.64 22.25 -44.84
N GLU E 107 22.39 22.64 -44.60
CA GLU E 107 21.74 23.78 -45.32
C GLU E 107 22.61 25.02 -45.16
N PHE E 108 22.71 25.84 -46.20
CA PHE E 108 23.41 27.15 -46.17
C PHE E 108 22.85 28.02 -45.03
N THR E 109 21.56 27.91 -44.70
CA THR E 109 20.90 28.74 -43.65
C THR E 109 21.19 28.19 -42.24
N ASP E 110 21.78 27.00 -42.11
CA ASP E 110 22.16 26.43 -40.80
C ASP E 110 23.52 27.00 -40.36
N VAL E 111 23.51 28.11 -39.62
CA VAL E 111 24.72 28.87 -39.24
C VAL E 111 25.62 28.00 -38.32
N GLY E 112 25.06 27.34 -37.30
CA GLY E 112 25.84 26.72 -36.21
C GLY E 112 26.23 25.27 -36.47
N GLY E 113 25.52 24.61 -37.38
CA GLY E 113 25.70 23.19 -37.72
C GLY E 113 24.76 22.28 -36.95
N PHE E 114 24.42 21.12 -37.50
CA PHE E 114 23.59 20.11 -36.80
C PHE E 114 24.40 19.54 -35.63
N LYS E 115 23.69 19.10 -34.59
CA LYS E 115 24.29 18.67 -33.29
C LYS E 115 24.34 17.15 -33.18
N PHE E 116 23.52 16.45 -33.96
CA PHE E 116 23.47 14.97 -34.00
C PHE E 116 23.07 14.51 -35.39
N PRO E 117 23.42 13.28 -35.80
CA PRO E 117 22.94 12.77 -37.09
C PRO E 117 21.40 12.74 -37.15
N HIS E 118 20.83 13.04 -38.31
CA HIS E 118 19.37 13.06 -38.58
C HIS E 118 18.87 11.60 -38.70
N SER E 119 19.72 10.68 -39.15
CA SER E 119 19.36 9.27 -39.51
C SER E 119 20.60 8.39 -39.54
N ARG E 120 20.42 7.06 -39.59
CA ARG E 120 21.54 6.09 -39.73
C ARG E 120 22.28 6.39 -41.04
N GLU E 121 21.55 6.74 -42.09
CA GLU E 121 22.14 7.04 -43.41
C GLU E 121 22.98 8.30 -43.31
N HIS E 122 22.47 9.31 -42.62
CA HIS E 122 23.25 10.56 -42.37
C HIS E 122 24.51 10.21 -41.57
N GLN E 123 24.43 9.35 -40.58
CA GLN E 123 25.63 8.97 -39.77
C GLN E 123 26.70 8.40 -40.72
N LYS E 124 26.30 7.61 -41.73
CA LYS E 124 27.25 7.01 -42.69
C LYS E 124 27.86 8.11 -43.57
N GLU E 125 27.09 9.14 -43.94
CA GLU E 125 27.63 10.29 -44.71
C GLU E 125 28.66 11.03 -43.86
N VAL E 126 28.41 11.15 -42.55
CA VAL E 126 29.37 11.82 -41.62
C VAL E 126 30.63 10.96 -41.52
N GLU E 127 30.51 9.63 -41.44
CA GLU E 127 31.67 8.70 -41.42
C GLU E 127 32.56 8.95 -42.62
N ASP E 128 31.93 9.09 -43.80
CA ASP E 128 32.60 9.27 -45.11
C ASP E 128 33.29 10.63 -45.14
N TYR E 129 32.60 11.66 -44.68
CA TYR E 129 33.14 13.04 -44.54
C TYR E 129 34.42 12.97 -43.70
N ILE E 130 34.37 12.35 -42.53
CA ILE E 130 35.54 12.33 -41.58
C ILE E 130 36.70 11.58 -42.27
N LYS E 131 36.43 10.41 -42.86
CA LYS E 131 37.48 9.60 -43.55
C LYS E 131 38.22 10.50 -44.55
N ASN E 132 37.48 11.20 -45.40
CA ASN E 132 38.03 11.97 -46.54
C ASN E 132 38.79 13.19 -46.00
N VAL E 133 38.16 13.95 -45.12
CA VAL E 133 38.74 15.23 -44.65
C VAL E 133 39.96 14.95 -43.76
N VAL E 134 39.84 14.05 -42.79
CA VAL E 134 40.96 13.80 -41.83
C VAL E 134 42.13 13.15 -42.60
N SER E 135 41.88 12.20 -43.51
CA SER E 135 42.96 11.52 -44.27
C SER E 135 43.76 12.55 -45.06
N HIS E 136 43.08 13.53 -45.65
CA HIS E 136 43.72 14.56 -46.52
C HIS E 136 44.42 15.59 -45.63
N PHE E 137 43.70 16.28 -44.74
CA PHE E 137 44.24 17.50 -44.08
C PHE E 137 45.20 17.12 -42.96
N SER E 138 45.18 15.90 -42.45
CA SER E 138 46.13 15.42 -41.40
C SER E 138 47.57 15.49 -41.94
N GLN E 139 47.76 15.58 -43.26
CA GLN E 139 49.09 15.58 -43.93
C GLN E 139 49.70 16.97 -43.92
N TYR E 140 48.96 18.03 -43.59
CA TYR E 140 49.53 19.40 -43.51
C TYR E 140 50.27 19.55 -42.19
N LYS E 141 51.50 20.06 -42.25
CA LYS E 141 52.39 20.17 -41.08
C LYS E 141 51.91 21.32 -40.19
N ASN E 142 51.03 22.22 -40.67
CA ASN E 142 50.54 23.36 -39.87
C ASN E 142 49.14 23.09 -39.28
N LEU E 143 48.61 21.87 -39.37
CA LEU E 143 47.38 21.48 -38.64
C LEU E 143 47.69 21.33 -37.15
N ALA E 144 46.98 22.05 -36.28
CA ALA E 144 47.26 22.04 -34.82
C ALA E 144 46.20 21.21 -34.09
N ALA E 145 44.97 21.17 -34.58
CA ALA E 145 43.88 20.46 -33.86
C ALA E 145 42.69 20.19 -34.79
N TRP E 146 41.96 19.14 -34.47
CA TRP E 146 40.61 18.83 -34.98
C TRP E 146 39.60 19.31 -33.95
N VAL E 147 38.67 20.15 -34.36
CA VAL E 147 37.48 20.48 -33.54
C VAL E 147 36.38 19.51 -33.96
N LEU E 148 36.02 18.58 -33.07
CA LEU E 148 35.19 17.39 -33.37
C LEU E 148 33.83 17.80 -33.94
N ILE E 149 33.28 18.88 -33.40
CA ILE E 149 31.96 19.43 -33.83
C ILE E 149 31.94 20.89 -33.38
N ASN E 150 31.35 21.77 -34.17
CA ASN E 150 31.15 23.17 -33.72
C ASN E 150 30.02 23.20 -32.69
N GLU E 151 30.29 23.69 -31.47
CA GLU E 151 29.24 24.05 -30.50
C GLU E 151 28.27 22.90 -30.26
N PRO E 152 28.74 21.80 -29.63
CA PRO E 152 27.84 20.71 -29.25
C PRO E 152 26.78 21.28 -28.32
N GLY E 153 25.59 20.73 -28.40
CA GLY E 153 24.46 21.13 -27.55
C GLY E 153 23.59 22.18 -28.23
N THR E 154 22.32 22.16 -27.90
CA THR E 154 21.33 23.15 -28.39
C THR E 154 20.16 23.14 -27.40
N PRO E 155 19.46 24.28 -27.22
CA PRO E 155 18.21 24.28 -26.44
C PRO E 155 17.08 23.49 -27.13
N ASN E 156 17.17 23.24 -28.43
CA ASN E 156 16.10 22.61 -29.26
C ASN E 156 16.58 21.25 -29.77
N LEU E 157 16.61 20.24 -28.90
CA LEU E 157 17.20 18.93 -29.25
C LEU E 157 16.24 18.19 -30.20
N PRO E 158 16.75 17.47 -31.22
CA PRO E 158 15.90 16.97 -32.30
C PRO E 158 15.22 15.64 -31.98
N PHE E 159 14.33 15.63 -30.98
CA PHE E 159 13.56 14.42 -30.57
C PHE E 159 12.57 13.99 -31.66
N ASN E 160 12.27 14.85 -32.64
CA ASN E 160 11.37 14.53 -33.79
C ASN E 160 12.05 13.59 -34.79
N GLU E 161 13.40 13.61 -34.89
CA GLU E 161 14.16 12.92 -35.97
C GLU E 161 14.36 11.45 -35.64
N PRO E 162 14.38 10.55 -36.65
CA PRO E 162 14.46 9.11 -36.42
C PRO E 162 15.67 8.63 -35.63
N PHE E 163 16.86 9.17 -35.90
CA PHE E 163 18.11 8.74 -35.22
C PHE E 163 17.99 9.00 -33.71
N THR E 164 17.61 10.21 -33.33
CA THR E 164 17.50 10.60 -31.90
C THR E 164 16.33 9.83 -31.26
N LYS E 165 15.18 9.75 -31.91
CA LYS E 165 14.00 8.99 -31.38
C LYS E 165 14.40 7.56 -31.04
N GLU E 166 15.08 6.87 -31.95
CA GLU E 166 15.50 5.46 -31.78
C GLU E 166 16.49 5.37 -30.63
N ARG E 167 17.48 6.25 -30.60
CA ARG E 167 18.52 6.26 -29.53
C ARG E 167 17.83 6.44 -28.16
N PHE E 168 16.83 7.30 -28.06
CA PHE E 168 16.12 7.58 -26.77
C PHE E 168 15.29 6.35 -26.38
N SER E 169 14.57 5.73 -27.33
CA SER E 169 13.82 4.46 -27.10
C SER E 169 14.75 3.38 -26.53
N ASP E 170 15.89 3.13 -27.18
CA ASP E 170 16.89 2.11 -26.77
C ASP E 170 17.42 2.45 -25.37
N TRP E 171 17.76 3.71 -25.13
CA TRP E 171 18.31 4.15 -23.83
C TRP E 171 17.30 3.83 -22.70
N LYS E 172 16.03 4.13 -22.91
CA LYS E 172 14.94 3.90 -21.92
C LYS E 172 14.81 2.40 -21.63
N LYS E 173 14.88 1.56 -22.65
CA LYS E 173 14.77 0.09 -22.49
C LYS E 173 15.98 -0.45 -21.70
N GLU E 174 17.15 0.18 -21.80
CA GLU E 174 18.37 -0.31 -21.08
C GLU E 174 18.43 0.28 -19.66
N HIS E 175 17.52 1.18 -19.29
CA HIS E 175 17.45 1.77 -17.93
C HIS E 175 16.16 1.32 -17.25
N ASN E 176 16.18 1.18 -15.93
CA ASN E 176 15.09 0.58 -15.13
C ASN E 176 14.61 1.65 -14.14
N PHE E 177 13.63 2.46 -14.53
CA PHE E 177 13.04 3.54 -13.68
C PHE E 177 11.67 3.11 -13.17
N SER E 178 11.34 3.46 -11.93
CA SER E 178 10.04 3.20 -11.27
C SER E 178 9.32 4.54 -11.05
N GLU E 179 7.99 4.52 -10.94
CA GLU E 179 7.19 5.75 -10.71
C GLU E 179 7.21 6.14 -9.20
N TYR E 180 7.82 5.31 -8.33
CA TYR E 180 7.85 5.51 -6.85
C TYR E 180 9.27 5.25 -6.34
N ASN E 181 9.70 5.93 -5.27
CA ASN E 181 11.02 5.72 -4.62
C ASN E 181 10.86 4.58 -3.59
N GLU E 182 11.94 4.21 -2.92
CA GLU E 182 11.94 3.01 -2.04
C GLU E 182 10.90 3.18 -0.92
N LYS E 183 10.76 4.39 -0.35
CA LYS E 183 9.79 4.66 0.75
C LYS E 183 8.34 4.65 0.23
N GLY E 184 8.14 4.82 -1.07
CA GLY E 184 6.83 4.64 -1.74
C GLY E 184 6.28 5.94 -2.31
N TYR E 185 6.98 7.08 -2.14
CA TYR E 185 6.56 8.39 -2.66
C TYR E 185 6.69 8.42 -4.18
N PRO E 186 5.79 9.15 -4.89
CA PRO E 186 5.94 9.41 -6.32
C PRO E 186 7.27 10.11 -6.57
N VAL E 187 7.84 9.87 -7.76
CA VAL E 187 9.11 10.49 -8.21
C VAL E 187 8.99 10.93 -9.67
N LEU E 188 9.83 11.89 -10.07
CA LEU E 188 10.19 12.16 -11.49
C LEU E 188 11.58 11.54 -11.70
N ASN E 189 11.85 11.00 -12.91
CA ASN E 189 13.11 10.31 -13.21
C ASN E 189 13.99 11.07 -14.20
N PHE E 190 13.47 12.12 -14.84
CA PHE E 190 14.26 12.99 -15.74
C PHE E 190 14.97 12.14 -16.82
N GLU E 191 14.22 11.22 -17.42
CA GLU E 191 14.77 10.31 -18.45
C GLU E 191 15.35 11.14 -19.61
N LYS E 192 14.59 12.12 -20.11
CA LYS E 192 15.01 12.97 -21.26
C LYS E 192 16.38 13.61 -20.93
N GLU E 193 16.52 14.24 -19.75
CA GLU E 193 17.73 15.00 -19.39
C GLU E 193 18.91 14.05 -19.23
N ASN E 194 18.71 12.90 -18.58
CA ASN E 194 19.77 11.89 -18.37
C ASN E 194 20.18 11.28 -19.72
N PHE E 195 19.24 11.02 -20.61
CA PHE E 195 19.54 10.54 -21.99
C PHE E 195 20.42 11.57 -22.70
N ILE E 196 20.06 12.86 -22.61
CA ILE E 196 20.78 13.92 -23.39
C ILE E 196 22.24 13.98 -22.96
N ILE E 197 22.54 13.85 -21.67
CA ILE E 197 23.93 13.76 -21.17
C ILE E 197 24.64 12.61 -21.88
N ASP E 198 24.07 11.42 -21.78
CA ASP E 198 24.69 10.18 -22.35
C ASP E 198 24.81 10.29 -23.87
N TYR E 199 23.85 10.98 -24.50
CA TYR E 199 23.79 11.11 -25.99
C TYR E 199 24.91 12.03 -26.47
N HIS E 200 25.15 13.16 -25.80
CA HIS E 200 26.30 14.05 -26.10
C HIS E 200 27.59 13.28 -25.90
N ASN E 201 27.72 12.57 -24.78
CA ASN E 201 28.93 11.77 -24.47
C ASN E 201 29.17 10.78 -25.62
N TRP E 202 28.12 10.09 -26.02
CA TRP E 202 28.20 9.05 -27.09
C TRP E 202 28.67 9.68 -28.42
N TYR E 203 28.02 10.75 -28.89
CA TYR E 203 28.29 11.32 -30.24
C TYR E 203 29.67 11.93 -30.28
N LEU E 204 30.06 12.71 -29.25
CA LEU E 204 31.40 13.33 -29.26
C LEU E 204 32.46 12.21 -29.21
N ASN E 205 32.25 11.16 -28.43
CA ASN E 205 33.24 10.05 -28.28
C ASN E 205 33.32 9.30 -29.62
N TRP E 206 32.20 9.15 -30.30
CA TRP E 206 32.12 8.50 -31.64
C TRP E 206 32.89 9.34 -32.66
N LEU E 207 32.74 10.67 -32.62
CA LEU E 207 33.47 11.57 -33.55
C LEU E 207 34.98 11.42 -33.30
N ALA E 208 35.40 11.43 -32.01
CA ALA E 208 36.80 11.24 -31.63
C ALA E 208 37.34 9.91 -32.20
N ASN E 209 36.62 8.83 -32.00
CA ASN E 209 36.98 7.47 -32.48
C ASN E 209 37.10 7.48 -34.01
N GLN E 210 36.21 8.17 -34.72
CA GLN E 210 36.28 8.27 -36.20
C GLN E 210 37.56 8.99 -36.64
N VAL E 211 37.89 10.14 -36.04
CA VAL E 211 39.12 10.87 -36.36
C VAL E 211 40.34 9.96 -36.08
N ARG E 212 40.30 9.21 -34.98
CA ARG E 212 41.45 8.41 -34.49
C ARG E 212 41.68 7.20 -35.41
N LEU E 213 40.68 6.80 -36.21
CA LEU E 213 40.88 5.76 -37.27
C LEU E 213 41.93 6.24 -38.28
N TYR E 214 42.09 7.55 -38.47
CA TYR E 214 42.93 8.11 -39.58
C TYR E 214 44.06 8.99 -39.05
N ASP E 215 43.97 9.48 -37.83
CA ASP E 215 44.95 10.47 -37.30
C ASP E 215 45.06 10.28 -35.79
N LYS E 216 46.22 9.78 -35.32
CA LYS E 216 46.49 9.61 -33.87
C LYS E 216 47.42 10.72 -33.39
N GLN E 217 47.78 11.67 -34.26
CA GLN E 217 48.86 12.64 -34.02
C GLN E 217 48.30 13.96 -33.47
N HIS E 218 47.18 14.44 -34.00
CA HIS E 218 46.70 15.81 -33.73
C HIS E 218 45.75 15.85 -32.54
N ASP E 219 45.80 16.96 -31.81
CA ASP E 219 44.88 17.23 -30.68
C ASP E 219 43.42 17.16 -31.15
N LEU E 220 42.58 16.60 -30.29
CA LEU E 220 41.10 16.68 -30.41
C LEU E 220 40.61 17.73 -29.43
N HIS E 221 39.72 18.59 -29.93
CA HIS E 221 39.19 19.78 -29.24
C HIS E 221 37.67 19.85 -29.45
N VAL E 222 36.94 20.48 -28.54
CA VAL E 222 35.51 20.80 -28.74
C VAL E 222 35.16 22.09 -27.98
N ASN E 223 34.18 22.86 -28.45
CA ASN E 223 33.79 24.18 -27.89
C ASN E 223 32.35 24.16 -27.39
N PRO E 224 32.07 23.74 -26.15
CA PRO E 224 30.77 23.98 -25.53
C PRO E 224 30.46 25.48 -25.46
N HIS E 225 29.18 25.85 -25.46
CA HIS E 225 28.75 27.23 -25.73
C HIS E 225 27.56 27.56 -24.86
N ASN E 226 27.28 28.85 -24.68
CA ASN E 226 26.08 29.30 -23.94
C ASN E 226 26.03 28.55 -22.62
N VAL E 227 27.16 28.43 -21.93
CA VAL E 227 27.33 27.50 -20.81
C VAL E 227 26.41 27.85 -19.63
N PHE E 228 26.03 29.11 -19.43
CA PHE E 228 25.13 29.44 -18.29
C PHE E 228 23.71 28.91 -18.54
N LYS E 229 23.38 28.49 -19.77
CA LYS E 229 22.08 27.86 -20.09
C LYS E 229 22.25 26.38 -20.44
N LEU E 230 23.36 25.98 -21.04
CA LEU E 230 23.45 24.60 -21.63
C LEU E 230 24.34 23.67 -20.78
N SER E 231 24.81 24.13 -19.61
N SER E 231 24.82 24.13 -19.62
CA SER E 231 25.71 23.31 -18.76
CA SER E 231 25.71 23.33 -18.73
C SER E 231 25.03 22.01 -18.34
C SER E 231 25.02 22.01 -18.34
N GLY E 232 23.69 21.99 -18.27
CA GLY E 232 22.89 20.80 -17.96
C GLY E 232 22.96 19.71 -19.05
N LEU E 233 23.54 20.01 -20.20
CA LEU E 233 23.75 19.07 -21.36
C LEU E 233 25.16 18.46 -21.29
N TYR E 234 26.06 19.01 -20.46
CA TYR E 234 27.51 18.77 -20.62
C TYR E 234 28.12 17.99 -19.44
N ASP E 235 28.65 16.81 -19.75
CA ASP E 235 29.38 15.95 -18.78
C ASP E 235 30.90 16.07 -19.03
N PHE E 236 31.54 17.15 -18.53
CA PHE E 236 32.93 17.44 -18.93
C PHE E 236 33.87 16.32 -18.44
N PRO E 237 33.71 15.75 -17.24
CA PRO E 237 34.64 14.70 -16.78
C PRO E 237 34.67 13.51 -17.76
N THR E 238 33.54 13.10 -18.33
CA THR E 238 33.52 12.04 -19.39
C THR E 238 34.26 12.53 -20.63
N TRP E 239 34.10 13.80 -21.03
CA TRP E 239 34.69 14.31 -22.30
C TRP E 239 36.21 14.25 -22.21
N ARG E 240 36.79 14.47 -21.02
CA ARG E 240 38.25 14.42 -20.77
C ARG E 240 38.82 13.10 -21.30
N THR E 241 38.05 12.01 -21.29
CA THR E 241 38.52 10.67 -21.70
C THR E 241 38.88 10.64 -23.20
N PHE E 242 38.34 11.53 -24.04
CA PHE E 242 38.63 11.48 -25.49
C PHE E 242 39.20 12.79 -26.04
N LEU E 243 39.31 13.86 -25.24
CA LEU E 243 39.86 15.15 -25.69
C LEU E 243 41.33 15.28 -25.31
N ASN E 244 42.08 16.12 -26.03
CA ASN E 244 43.41 16.61 -25.62
C ASN E 244 43.27 18.01 -25.00
N SER E 245 42.23 18.77 -25.38
CA SER E 245 41.96 20.12 -24.80
C SER E 245 40.45 20.39 -24.82
N LEU E 246 39.96 21.19 -23.87
CA LEU E 246 38.56 21.66 -23.83
C LEU E 246 38.57 23.10 -24.29
N GLY E 247 37.59 23.47 -25.10
CA GLY E 247 37.42 24.84 -25.57
C GLY E 247 36.11 25.40 -25.06
N GLY E 248 35.62 26.42 -25.74
CA GLY E 248 34.42 27.16 -25.35
C GLY E 248 34.19 28.28 -26.31
N SER E 249 32.94 28.59 -26.54
CA SER E 249 32.48 29.84 -27.18
C SER E 249 31.92 30.68 -26.04
N ALA E 250 32.42 31.90 -25.94
CA ALA E 250 31.97 32.89 -24.95
C ALA E 250 31.76 34.20 -25.72
N HIS E 251 30.61 34.34 -26.35
CA HIS E 251 30.24 35.52 -27.17
C HIS E 251 29.38 36.48 -26.37
N ALA E 252 29.83 37.72 -26.25
CA ALA E 252 29.13 38.77 -25.48
C ALA E 252 27.71 38.95 -26.01
N SER E 253 27.47 38.76 -27.32
CA SER E 253 26.14 39.05 -27.92
C SER E 253 25.16 37.85 -27.79
N TRP E 254 25.61 36.65 -27.45
CA TRP E 254 24.76 35.45 -27.35
C TRP E 254 24.67 34.89 -25.94
N HIS E 255 25.75 34.92 -25.16
CA HIS E 255 25.90 34.02 -24.00
C HIS E 255 25.82 34.73 -22.63
N PHE E 256 25.80 36.06 -22.63
CA PHE E 256 25.96 36.84 -21.38
C PHE E 256 24.65 37.57 -21.02
N GLY E 257 23.50 37.07 -21.51
CA GLY E 257 22.17 37.69 -21.27
C GLY E 257 21.84 37.88 -19.79
N TYR E 258 22.46 37.12 -18.87
CA TYR E 258 22.19 37.20 -17.43
C TYR E 258 22.90 38.43 -16.82
N PHE E 259 23.72 39.13 -17.58
CA PHE E 259 24.56 40.24 -17.10
C PHE E 259 24.31 41.50 -17.92
N PRO E 260 24.46 42.69 -17.30
CA PRO E 260 24.64 43.92 -18.09
C PRO E 260 26.05 43.95 -18.69
N ARG E 261 26.24 44.75 -19.72
CA ARG E 261 27.54 44.88 -20.45
C ARG E 261 28.67 45.24 -19.48
N LYS E 262 28.44 46.10 -18.48
CA LYS E 262 29.51 46.54 -17.55
C LYS E 262 30.00 45.37 -16.68
N ALA E 263 29.27 44.25 -16.62
CA ALA E 263 29.69 43.05 -15.88
C ALA E 263 30.05 41.89 -16.82
N TYR E 264 30.32 42.13 -18.10
CA TYR E 264 30.84 41.09 -19.04
C TYR E 264 32.23 40.64 -18.59
N THR E 265 32.93 41.41 -17.75
CA THR E 265 34.18 40.98 -17.09
C THR E 265 33.90 39.79 -16.19
N VAL E 266 32.86 39.91 -15.38
CA VAL E 266 32.40 38.86 -14.46
C VAL E 266 31.91 37.66 -15.27
N ALA E 267 31.13 37.91 -16.32
CA ALA E 267 30.59 36.83 -17.18
C ALA E 267 31.75 36.03 -17.76
N MET E 268 32.74 36.71 -18.36
CA MET E 268 33.88 36.05 -19.00
C MET E 268 34.71 35.28 -17.96
N SER E 269 34.90 35.85 -16.78
CA SER E 269 35.67 35.17 -15.70
C SER E 269 34.94 33.90 -15.25
N ALA E 270 33.61 33.98 -15.07
CA ALA E 270 32.79 32.82 -14.67
C ALA E 270 32.85 31.77 -15.82
N ASN E 271 32.72 32.20 -17.06
CA ASN E 271 32.72 31.27 -18.24
C ASN E 271 34.09 30.55 -18.28
N ALA E 272 35.17 31.31 -18.06
CA ALA E 272 36.54 30.76 -18.03
C ALA E 272 36.68 29.75 -16.87
N GLU E 273 36.18 30.09 -15.69
CA GLU E 273 36.27 29.22 -14.51
C GLU E 273 35.45 27.93 -14.80
N LEU E 274 34.29 28.06 -15.41
CA LEU E 274 33.40 26.90 -15.71
C LEU E 274 34.13 25.94 -16.66
N ILE E 275 34.77 26.46 -17.70
CA ILE E 275 35.51 25.63 -18.70
C ILE E 275 36.78 25.06 -18.01
N ARG E 276 37.48 25.87 -17.26
CA ARG E 276 38.71 25.42 -16.55
C ARG E 276 38.36 24.22 -15.64
N SER E 277 37.25 24.28 -14.90
CA SER E 277 36.78 23.18 -14.04
C SER E 277 36.45 21.96 -14.91
N GLY E 278 35.73 22.14 -16.00
CA GLY E 278 35.41 21.02 -16.92
C GLY E 278 36.67 20.34 -17.42
N ALA E 279 37.69 21.14 -17.75
CA ALA E 279 38.96 20.65 -18.34
C ALA E 279 39.68 19.73 -17.35
N GLY E 280 39.62 20.00 -16.05
CA GLY E 280 40.37 19.22 -15.04
C GLY E 280 41.86 19.25 -15.36
N GLU E 281 42.45 18.09 -15.63
CA GLU E 281 43.90 17.96 -15.94
C GLU E 281 44.21 18.34 -17.39
N LEU E 282 43.24 18.43 -18.27
CA LEU E 282 43.47 18.89 -19.67
C LEU E 282 43.72 20.39 -19.70
N PRO E 283 44.56 20.91 -20.62
CA PRO E 283 44.58 22.33 -20.92
C PRO E 283 43.24 22.74 -21.60
N TRP E 284 42.89 24.01 -21.48
CA TRP E 284 41.72 24.64 -22.11
C TRP E 284 42.14 25.89 -22.86
N LEU E 285 41.32 26.33 -23.81
CA LEU E 285 41.44 27.66 -24.43
C LEU E 285 40.04 28.09 -24.89
N MET E 286 39.86 29.38 -25.14
CA MET E 286 38.58 29.94 -25.62
C MET E 286 38.62 29.93 -27.15
N THR E 287 37.93 28.93 -27.72
CA THR E 287 37.84 28.65 -29.18
C THR E 287 37.13 29.82 -29.91
N GLU E 288 36.18 30.49 -29.26
CA GLU E 288 35.41 31.61 -29.86
C GLU E 288 35.20 32.75 -28.85
N LEU E 289 35.73 33.92 -29.19
CA LEU E 289 35.41 35.24 -28.58
C LEU E 289 34.85 36.15 -29.66
N GLN E 290 33.98 37.10 -29.31
CA GLN E 290 33.37 38.00 -30.30
C GLN E 290 34.42 39.00 -30.80
N GLY E 291 34.67 39.02 -32.11
CA GLY E 291 35.75 39.82 -32.73
C GLY E 291 35.24 41.11 -33.37
N GLY E 292 33.91 41.29 -33.43
CA GLY E 292 33.36 42.39 -34.23
C GLY E 292 31.90 42.63 -34.05
N ASN E 293 31.36 43.38 -35.02
CA ASN E 293 30.08 44.08 -34.94
C ASN E 293 28.90 43.15 -35.22
N ASN E 294 27.82 43.35 -34.47
CA ASN E 294 26.47 42.83 -34.78
C ASN E 294 25.71 43.89 -35.59
N LEU E 295 25.31 43.54 -36.80
CA LEU E 295 24.42 44.39 -37.60
C LEU E 295 23.00 43.89 -37.32
N TYR E 296 22.60 42.76 -37.92
CA TYR E 296 21.29 42.10 -37.67
C TYR E 296 21.39 40.91 -36.70
N SER E 297 22.58 40.34 -36.45
CA SER E 297 22.76 39.10 -35.63
C SER E 297 22.89 39.44 -34.14
N GLY E 298 22.88 38.40 -33.30
CA GLY E 298 23.12 38.51 -31.85
C GLY E 298 21.84 38.75 -31.10
N ALA E 299 21.76 38.33 -29.84
CA ALA E 299 20.62 38.56 -28.93
C ALA E 299 20.82 39.90 -28.21
N ASN E 300 22.04 40.19 -27.78
CA ASN E 300 22.40 41.43 -27.03
C ASN E 300 23.50 42.11 -27.86
N PRO E 301 23.15 42.74 -28.99
CA PRO E 301 24.15 43.10 -29.99
C PRO E 301 25.10 44.20 -29.49
N LEU E 302 26.38 44.09 -29.90
CA LEU E 302 27.40 45.10 -29.60
C LEU E 302 28.46 45.07 -30.71
N CYS E 303 29.33 46.06 -30.66
CA CYS E 303 30.66 46.00 -31.29
C CYS E 303 31.64 46.12 -30.14
N PRO E 304 32.39 45.04 -29.80
CA PRO E 304 33.33 45.10 -28.68
C PRO E 304 34.25 46.32 -28.85
N THR E 305 34.51 47.01 -27.74
CA THR E 305 35.52 48.09 -27.71
C THR E 305 36.91 47.44 -27.71
N ALA E 306 37.93 48.19 -28.14
CA ALA E 306 39.34 47.79 -27.99
C ALA E 306 39.58 47.41 -26.51
N GLU E 307 39.00 48.15 -25.56
CA GLU E 307 39.21 47.91 -24.09
C GLU E 307 38.65 46.53 -23.70
N GLU E 308 37.51 46.14 -24.26
CA GLU E 308 36.82 44.85 -23.97
C GLU E 308 37.64 43.69 -24.52
N ILE E 309 38.24 43.85 -25.71
CA ILE E 309 39.13 42.83 -26.33
C ILE E 309 40.26 42.51 -25.35
N ILE E 310 40.89 43.54 -24.78
CA ILE E 310 42.04 43.38 -23.84
C ILE E 310 41.55 42.71 -22.56
N GLN E 311 40.42 43.15 -22.02
CA GLN E 311 39.82 42.62 -20.78
C GLN E 311 39.59 41.12 -20.96
N TRP E 312 38.98 40.71 -22.07
CA TRP E 312 38.60 39.29 -22.28
C TRP E 312 39.84 38.41 -22.41
N LEU E 313 40.85 38.84 -23.20
CA LEU E 313 42.07 38.04 -23.41
C LEU E 313 42.77 37.87 -22.05
N TRP E 314 42.92 38.93 -21.24
CA TRP E 314 43.63 38.81 -19.94
C TRP E 314 42.83 37.97 -18.96
N ILE E 315 41.51 38.12 -18.90
CA ILE E 315 40.67 37.32 -17.97
C ILE E 315 40.91 35.83 -18.27
N ASN E 316 40.86 35.48 -19.56
CA ASN E 316 41.01 34.06 -19.97
C ASN E 316 42.42 33.54 -19.64
N PHE E 317 43.48 34.28 -19.99
CA PHE E 317 44.88 33.85 -19.74
C PHE E 317 45.10 33.73 -18.24
N ALA E 318 44.54 34.64 -17.44
CA ALA E 318 44.68 34.63 -15.96
C ALA E 318 43.96 33.43 -15.37
N THR E 319 43.06 32.80 -16.13
CA THR E 319 42.26 31.62 -15.72
C THR E 319 42.80 30.38 -16.45
N GLU E 320 44.07 30.45 -16.91
CA GLU E 320 44.87 29.32 -17.46
C GLU E 320 44.55 29.00 -18.93
N ALA E 321 43.81 29.84 -19.63
CA ALA E 321 43.53 29.61 -21.07
C ALA E 321 44.86 29.53 -21.83
N LYS E 322 44.98 28.58 -22.76
CA LYS E 322 46.18 28.43 -23.63
C LYS E 322 45.95 29.11 -24.97
N GLY E 323 44.84 29.81 -25.13
CA GLY E 323 44.57 30.56 -26.36
C GLY E 323 43.27 31.32 -26.26
N GLY E 324 43.16 32.33 -27.12
CA GLY E 324 41.91 33.06 -27.39
C GLY E 324 41.79 33.22 -28.89
N ILE E 325 40.77 32.58 -29.47
CA ILE E 325 40.48 32.69 -30.92
C ILE E 325 39.21 33.53 -31.11
N PHE E 326 39.30 34.56 -31.93
CA PHE E 326 38.17 35.46 -32.23
C PHE E 326 37.36 34.93 -33.41
N TRP E 327 36.04 34.84 -33.23
CA TRP E 327 35.07 34.82 -34.36
C TRP E 327 34.74 36.28 -34.68
N SER E 328 35.25 36.85 -35.77
CA SER E 328 36.03 36.21 -36.82
C SER E 328 37.07 37.19 -37.34
N PHE E 329 38.12 36.73 -38.03
CA PHE E 329 39.09 37.64 -38.67
C PHE E 329 38.38 38.44 -39.76
N ASN E 330 37.81 37.71 -40.73
CA ASN E 330 37.06 38.26 -41.90
C ASN E 330 35.59 37.81 -41.80
N ALA E 331 34.69 38.43 -42.57
CA ALA E 331 33.23 38.21 -42.48
C ALA E 331 32.77 37.25 -43.58
N ARG E 332 31.67 36.56 -43.32
CA ARG E 332 30.80 35.92 -44.34
C ARG E 332 30.31 37.03 -45.28
N SER E 333 29.95 36.67 -46.51
CA SER E 333 29.56 37.65 -47.55
C SER E 333 28.05 37.63 -47.86
N THR E 334 27.31 36.59 -47.51
CA THR E 334 25.91 36.42 -47.97
C THR E 334 24.99 36.07 -46.81
N ALA E 335 23.83 36.76 -46.74
CA ALA E 335 22.71 36.44 -45.84
C ALA E 335 23.18 36.55 -44.38
N ALA E 336 22.88 35.56 -43.54
CA ALA E 336 23.15 35.61 -42.08
C ALA E 336 24.61 35.98 -41.83
N GLU E 337 24.82 37.09 -41.11
CA GLU E 337 26.09 37.59 -40.58
C GLU E 337 26.99 38.10 -41.70
N ALA E 338 26.45 38.44 -42.87
CA ALA E 338 27.22 39.05 -43.98
C ALA E 338 27.81 40.38 -43.49
N GLY E 339 29.15 40.50 -43.51
CA GLY E 339 29.86 41.72 -43.09
C GLY E 339 29.80 41.97 -41.59
N GLU E 340 29.46 40.95 -40.81
CA GLU E 340 29.35 41.03 -39.33
C GLU E 340 30.50 40.23 -38.69
N TRP E 341 30.85 40.58 -37.44
CA TRP E 341 31.72 39.79 -36.51
C TRP E 341 33.22 39.99 -36.81
N ALA E 342 33.61 40.72 -37.84
CA ALA E 342 35.01 40.72 -38.34
C ALA E 342 35.89 41.67 -37.54
N MET E 343 37.15 41.26 -37.33
CA MET E 343 38.20 42.09 -36.69
C MET E 343 38.80 43.05 -37.71
N ILE E 344 38.78 42.68 -38.99
CA ILE E 344 39.25 43.57 -40.08
C ILE E 344 38.06 44.40 -40.56
N ASN E 345 38.33 45.55 -41.14
CA ASN E 345 37.31 46.48 -41.70
C ASN E 345 37.07 46.07 -43.14
N PHE E 346 36.17 46.75 -43.85
CA PHE E 346 35.75 46.33 -45.21
C PHE E 346 36.86 46.62 -46.24
N LYS E 347 37.93 47.33 -45.87
CA LYS E 347 39.15 47.48 -46.71
C LYS E 347 40.21 46.42 -46.32
N ASN E 348 39.85 45.46 -45.47
CA ASN E 348 40.76 44.35 -45.06
C ASN E 348 41.94 44.90 -44.25
N LYS E 349 41.76 46.02 -43.56
CA LYS E 349 42.79 46.60 -42.65
C LYS E 349 42.31 46.46 -41.21
N SER E 350 43.20 46.74 -40.25
CA SER E 350 42.98 46.52 -38.80
C SER E 350 41.92 47.47 -38.26
N SER E 351 40.90 46.95 -37.57
CA SER E 351 40.04 47.74 -36.66
C SER E 351 40.82 48.00 -35.36
N ASP E 352 40.29 48.84 -34.49
CA ASP E 352 40.88 49.10 -33.14
C ASP E 352 40.86 47.80 -32.32
N ARG E 353 39.97 46.83 -32.66
CA ARG E 353 39.91 45.52 -31.97
C ARG E 353 41.12 44.67 -32.34
N LEU E 354 41.49 44.64 -33.63
CA LEU E 354 42.67 43.87 -34.09
C LEU E 354 43.95 44.53 -33.55
N ILE E 355 44.02 45.86 -33.52
CA ILE E 355 45.20 46.59 -32.97
C ILE E 355 45.35 46.22 -31.49
N ALA E 356 44.25 46.18 -30.74
CA ALA E 356 44.24 45.79 -29.31
C ALA E 356 44.71 44.33 -29.15
N ALA E 357 44.14 43.41 -29.90
CA ALA E 357 44.51 41.97 -29.80
C ALA E 357 46.01 41.81 -30.11
N ALA E 358 46.53 42.55 -31.09
CA ALA E 358 47.95 42.49 -31.50
C ALA E 358 48.86 42.89 -30.32
N THR E 359 48.46 43.81 -29.46
CA THR E 359 49.27 44.21 -28.28
C THR E 359 49.41 43.00 -27.34
N ILE E 360 48.40 42.13 -27.27
CA ILE E 360 48.43 40.98 -26.35
C ILE E 360 49.33 39.89 -26.94
N GLY E 361 49.23 39.63 -28.24
CA GLY E 361 50.15 38.70 -28.95
C GLY E 361 51.60 39.15 -28.79
N LYS E 362 51.86 40.46 -28.90
CA LYS E 362 53.21 41.05 -28.73
C LYS E 362 53.67 40.86 -27.27
N PHE E 363 52.81 41.13 -26.30
CA PHE E 363 53.13 40.95 -24.86
C PHE E 363 53.56 39.50 -24.61
N ILE E 364 52.86 38.53 -25.21
CA ILE E 364 53.18 37.10 -25.02
C ILE E 364 54.60 36.83 -25.53
N THR E 365 54.93 37.28 -26.74
CA THR E 365 56.27 37.02 -27.36
C THR E 365 57.38 37.62 -26.49
N GLU E 366 57.14 38.74 -25.80
CA GLU E 366 58.14 39.44 -24.95
C GLU E 366 58.16 38.87 -23.53
N ASN E 367 57.24 37.97 -23.17
CA ASN E 367 57.08 37.47 -21.78
C ASN E 367 56.77 35.98 -21.81
N VAL E 368 57.47 35.22 -22.64
CA VAL E 368 57.12 33.80 -22.96
C VAL E 368 57.11 32.95 -21.69
N LYS E 369 58.15 33.05 -20.85
CA LYS E 369 58.31 32.14 -19.68
C LYS E 369 57.13 32.38 -18.71
N MET E 370 56.88 33.64 -18.34
CA MET E 370 55.71 34.01 -17.49
C MET E 370 54.41 33.45 -18.12
N MET E 371 54.14 33.77 -19.38
CA MET E 371 52.81 33.54 -19.98
C MET E 371 52.58 32.04 -20.24
N SER E 372 53.64 31.22 -20.32
CA SER E 372 53.53 29.77 -20.65
C SER E 372 53.21 28.94 -19.39
N ASN E 373 53.35 29.51 -18.19
CA ASN E 373 53.33 28.71 -16.93
C ASN E 373 52.29 29.24 -15.96
N ILE E 374 51.27 29.93 -16.45
CA ILE E 374 50.21 30.52 -15.58
C ILE E 374 49.44 29.40 -14.87
N LYS E 375 49.29 29.55 -13.56
CA LYS E 375 48.43 28.73 -12.69
C LYS E 375 47.56 29.70 -11.91
N THR E 376 46.23 29.57 -12.02
CA THR E 376 45.33 30.47 -11.26
C THR E 376 45.63 30.28 -9.78
N LEU E 377 45.67 31.36 -9.01
CA LEU E 377 45.80 31.29 -7.54
C LEU E 377 44.42 30.95 -6.96
N ASN E 378 44.19 29.67 -6.66
CA ASN E 378 42.91 29.20 -6.05
C ASN E 378 42.82 29.77 -4.65
N SER E 379 41.80 30.57 -4.37
CA SER E 379 41.51 31.12 -3.03
C SER E 379 41.20 29.96 -2.07
N GLY E 380 40.71 28.83 -2.59
CA GLY E 380 40.06 27.76 -1.81
C GLY E 380 38.55 27.89 -1.72
N ILE E 381 37.96 28.91 -2.38
CA ILE E 381 36.49 29.08 -2.52
C ILE E 381 36.06 28.38 -3.83
N SER E 382 35.11 27.46 -3.73
CA SER E 382 34.45 26.82 -4.89
C SER E 382 32.96 27.09 -4.84
N ILE E 383 32.41 27.72 -5.90
CA ILE E 383 30.96 27.87 -6.09
C ILE E 383 30.50 26.68 -6.95
N LEU E 384 29.61 25.84 -6.42
CA LEU E 384 29.21 24.57 -7.08
C LEU E 384 27.79 24.68 -7.64
N TYR E 385 27.58 24.13 -8.84
CA TYR E 385 26.27 24.03 -9.51
C TYR E 385 26.12 22.54 -9.81
N ASN E 386 24.90 22.05 -9.94
CA ASN E 386 24.71 20.66 -10.45
C ASN E 386 23.66 20.66 -11.55
N HIS E 387 23.78 19.68 -12.44
CA HIS E 387 22.81 19.47 -13.53
C HIS E 387 21.40 19.36 -12.95
N GLU E 388 21.26 18.62 -11.85
CA GLU E 388 19.94 18.20 -11.32
C GLU E 388 19.13 19.40 -10.83
N SER E 389 19.79 20.41 -10.25
CA SER E 389 19.10 21.64 -9.83
C SER E 389 18.49 22.31 -11.07
N MET E 390 19.25 22.38 -12.17
CA MET E 390 18.71 22.96 -13.43
C MET E 390 17.52 22.13 -13.95
N TRP E 391 17.62 20.79 -13.89
CA TRP E 391 16.53 19.92 -14.43
C TRP E 391 15.26 20.05 -13.58
N VAL E 392 15.41 20.06 -12.27
CA VAL E 392 14.25 20.15 -11.34
C VAL E 392 13.62 21.53 -11.52
N GLU E 393 14.44 22.58 -11.62
CA GLU E 393 13.94 23.97 -11.83
C GLU E 393 13.10 23.99 -13.10
N ALA E 394 13.55 23.37 -14.19
CA ALA E 394 12.81 23.38 -15.47
C ALA E 394 11.44 22.70 -15.29
N ALA E 395 11.34 21.66 -14.47
CA ALA E 395 10.06 20.97 -14.19
C ALA E 395 9.14 21.88 -13.34
N GLN E 396 9.68 22.56 -12.33
CA GLN E 396 8.89 23.35 -11.36
C GLN E 396 8.43 24.68 -11.97
N THR E 397 9.21 25.31 -12.84
CA THR E 397 8.87 26.66 -13.38
C THR E 397 8.10 26.50 -14.69
N ARG E 398 7.88 25.26 -15.15
CA ARG E 398 7.17 24.93 -16.42
C ARG E 398 7.62 25.91 -17.53
N GLY E 399 8.92 26.21 -17.61
CA GLY E 399 9.55 26.97 -18.72
C GLY E 399 9.29 28.47 -18.70
N LYS E 400 8.86 29.04 -17.57
CA LYS E 400 8.62 30.52 -17.40
C LYS E 400 9.94 31.30 -17.50
N LEU E 401 9.92 32.44 -18.20
CA LEU E 401 11.13 33.20 -18.63
C LEU E 401 11.05 34.62 -18.09
N ASN E 402 10.53 34.78 -16.87
CA ASN E 402 10.20 36.10 -16.25
C ASN E 402 11.41 36.62 -15.48
N GLY E 403 12.60 35.98 -15.57
CA GLY E 403 13.87 36.45 -14.98
C GLY E 403 14.14 35.97 -13.55
N ASN E 404 13.09 35.81 -12.72
CA ASN E 404 13.20 35.79 -11.22
C ASN E 404 13.40 34.34 -10.70
N GLY E 405 13.23 34.15 -9.39
CA GLY E 405 13.31 32.81 -8.77
C GLY E 405 12.33 31.82 -9.38
N ARG E 406 11.19 32.30 -9.89
CA ARG E 406 10.11 31.43 -10.45
C ARG E 406 10.29 31.27 -11.98
N SER E 407 11.51 31.39 -12.47
CA SER E 407 11.84 31.31 -13.91
C SER E 407 13.07 30.43 -14.13
N ILE E 408 13.20 29.91 -15.34
CA ILE E 408 14.42 29.21 -15.81
C ILE E 408 15.59 30.16 -15.61
N GLY E 409 16.68 29.67 -15.00
CA GLY E 409 17.94 30.43 -14.91
C GLY E 409 18.29 30.86 -13.49
N ALA E 410 17.37 30.82 -12.54
CA ALA E 410 17.64 31.25 -11.14
C ALA E 410 18.74 30.35 -10.53
N VAL E 411 18.79 29.06 -10.87
CA VAL E 411 19.78 28.14 -10.27
C VAL E 411 21.18 28.42 -10.85
N MET E 412 21.30 29.14 -11.96
CA MET E 412 22.63 29.59 -12.44
C MET E 412 22.90 31.05 -12.05
N CYS E 413 21.89 31.91 -12.07
CA CYS E 413 22.04 33.35 -11.71
C CYS E 413 22.43 33.47 -10.23
N SER E 414 21.92 32.61 -9.35
CA SER E 414 22.26 32.63 -7.91
C SER E 414 23.75 32.42 -7.70
N PRO E 415 24.37 31.29 -8.14
CA PRO E 415 25.80 31.12 -7.99
C PRO E 415 26.64 32.17 -8.74
N LEU E 416 26.17 32.68 -9.88
CA LEU E 416 26.90 33.74 -10.64
C LEU E 416 26.89 35.04 -9.81
N SER E 417 25.86 35.27 -9.00
CA SER E 417 25.74 36.47 -8.14
C SER E 417 26.76 36.41 -7.00
N TYR E 418 26.93 35.23 -6.37
CA TYR E 418 28.00 35.02 -5.37
C TYR E 418 29.37 35.27 -6.02
N PHE E 419 29.53 34.74 -7.23
CA PHE E 419 30.78 34.89 -8.02
C PHE E 419 31.09 36.38 -8.22
N GLU E 420 30.08 37.17 -8.59
CA GLU E 420 30.22 38.62 -8.83
C GLU E 420 30.57 39.32 -7.50
N ALA E 421 29.94 38.95 -6.40
CA ALA E 421 30.20 39.55 -5.07
C ALA E 421 31.66 39.32 -4.70
N LEU E 422 32.18 38.11 -4.91
CA LEU E 422 33.59 37.76 -4.61
C LEU E 422 34.53 38.49 -5.58
N SER E 423 34.18 38.62 -6.87
CA SER E 423 34.99 39.38 -7.86
C SER E 423 35.16 40.83 -7.40
N GLU E 424 34.11 41.44 -6.89
CA GLU E 424 34.09 42.85 -6.42
C GLU E 424 34.79 42.98 -5.05
N THR E 425 35.18 41.86 -4.46
CA THR E 425 36.04 41.79 -3.24
C THR E 425 37.49 41.48 -3.64
N GLY E 426 37.73 41.24 -4.93
CA GLY E 426 39.04 40.91 -5.52
C GLY E 426 39.49 39.50 -5.18
N LEU E 427 38.56 38.59 -4.88
CA LEU E 427 38.85 37.19 -4.52
C LEU E 427 38.50 36.28 -5.71
N GLN E 428 39.43 35.41 -6.08
CA GLN E 428 39.21 34.30 -7.02
C GLN E 428 38.18 33.34 -6.42
N ALA E 429 37.36 32.72 -7.27
CA ALA E 429 36.50 31.60 -6.85
C ALA E 429 36.39 30.63 -8.03
N ASN E 430 36.45 29.35 -7.72
CA ASN E 430 36.17 28.29 -8.72
C ASN E 430 34.67 28.32 -9.00
N PHE E 431 34.28 27.85 -10.19
CA PHE E 431 32.87 27.72 -10.60
C PHE E 431 32.81 26.33 -11.26
N LYS E 432 32.22 25.36 -10.60
CA LYS E 432 32.41 23.92 -10.88
C LYS E 432 31.10 23.19 -10.79
N GLU E 433 30.88 22.22 -11.69
CA GLU E 433 29.83 21.21 -11.51
C GLU E 433 30.23 20.36 -10.31
N ILE E 434 29.27 19.95 -9.49
CA ILE E 434 29.54 19.25 -8.22
C ILE E 434 30.40 17.99 -8.47
N LYS E 435 30.23 17.29 -9.59
CA LYS E 435 31.02 16.07 -9.90
C LYS E 435 32.48 16.43 -10.25
N GLU E 436 32.80 17.70 -10.50
CA GLU E 436 34.18 18.14 -10.82
C GLU E 436 34.94 18.48 -9.52
N PHE E 437 34.26 18.56 -8.39
CA PHE E 437 34.91 18.85 -7.08
C PHE E 437 35.47 17.54 -6.51
N ASP E 438 36.72 17.55 -6.05
CA ASP E 438 37.38 16.35 -5.45
C ASP E 438 36.95 16.21 -3.98
N PHE E 439 36.04 15.28 -3.69
CA PHE E 439 35.52 15.01 -2.32
C PHE E 439 36.29 13.87 -1.61
N SER E 440 37.47 13.48 -2.11
CA SER E 440 38.19 12.26 -1.67
C SER E 440 39.36 12.59 -0.73
N LEU E 441 39.60 13.87 -0.42
CA LEU E 441 40.75 14.29 0.44
C LEU E 441 40.45 14.02 1.91
N ASN E 442 41.50 14.05 2.74
CA ASN E 442 41.43 13.75 4.20
C ASN E 442 41.29 15.03 4.99
N ASP E 443 41.60 16.17 4.40
CA ASP E 443 41.66 17.48 5.09
C ASP E 443 41.11 18.58 4.15
N TYR E 444 40.17 19.41 4.63
CA TYR E 444 39.54 20.52 3.86
C TYR E 444 39.61 21.81 4.68
N THR E 445 40.49 21.86 5.68
CA THR E 445 40.82 23.10 6.43
C THR E 445 41.04 24.25 5.45
N ASP E 446 40.43 25.39 5.72
CA ASP E 446 40.60 26.63 4.89
C ASP E 446 40.07 26.43 3.45
N GLN E 447 39.29 25.38 3.15
CA GLN E 447 38.52 25.29 1.87
C GLN E 447 37.07 25.72 2.12
N VAL E 448 36.41 26.33 1.12
CA VAL E 448 34.99 26.79 1.24
C VAL E 448 34.21 26.33 0.02
N ILE E 449 33.04 25.74 0.25
CA ILE E 449 32.03 25.47 -0.81
C ILE E 449 30.82 26.39 -0.59
N ILE E 450 30.40 27.03 -1.66
CA ILE E 450 29.16 27.86 -1.69
C ILE E 450 28.15 27.11 -2.57
N LEU E 451 27.01 26.74 -1.99
CA LEU E 451 25.84 26.11 -2.65
C LEU E 451 24.70 27.13 -2.62
N SER E 452 24.51 27.86 -3.71
CA SER E 452 23.56 28.99 -3.80
C SER E 452 22.38 28.57 -4.66
N HIS E 453 21.24 28.30 -4.02
CA HIS E 453 19.96 27.98 -4.68
C HIS E 453 20.17 26.73 -5.55
N GLN E 454 20.95 25.76 -5.07
CA GLN E 454 21.12 24.45 -5.74
C GLN E 454 20.01 23.57 -5.19
N ILE E 455 18.82 23.71 -5.76
CA ILE E 455 17.53 23.26 -5.18
C ILE E 455 17.45 21.73 -5.12
N ALA E 456 18.30 21.01 -5.86
CA ALA E 456 18.28 19.53 -5.90
C ALA E 456 19.61 18.94 -5.42
N LEU E 457 19.57 18.19 -4.33
CA LEU E 457 20.73 17.45 -3.76
C LEU E 457 20.26 16.03 -3.38
N ASP E 458 21.01 14.99 -3.73
CA ASP E 458 20.67 13.59 -3.35
C ASP E 458 21.50 13.16 -2.12
N ASN E 459 21.17 12.00 -1.56
CA ASN E 459 21.82 11.42 -0.36
C ASN E 459 23.32 11.27 -0.60
N LYS E 460 23.75 10.83 -1.78
CA LYS E 460 25.19 10.61 -2.08
C LYS E 460 25.95 11.94 -1.94
N VAL E 461 25.44 13.02 -2.53
CA VAL E 461 26.14 14.33 -2.50
C VAL E 461 26.08 14.91 -1.07
N ILE E 462 24.98 14.69 -0.34
CA ILE E 462 24.88 15.17 1.07
C ILE E 462 25.98 14.46 1.91
N LYS E 463 26.23 13.16 1.69
CA LYS E 463 27.31 12.42 2.40
C LYS E 463 28.66 13.02 2.07
N GLN E 464 28.89 13.42 0.81
CA GLN E 464 30.16 14.07 0.39
C GLN E 464 30.31 15.42 1.10
N LEU E 465 29.22 16.20 1.22
CA LEU E 465 29.27 17.52 1.91
C LEU E 465 29.52 17.32 3.42
N GLU E 466 28.89 16.33 4.04
CA GLU E 466 29.10 15.97 5.47
C GLU E 466 30.59 15.67 5.69
N SER E 467 31.19 14.84 4.82
CA SER E 467 32.62 14.47 4.89
C SER E 467 33.48 15.73 4.74
N PHE E 468 33.16 16.58 3.76
CA PHE E 468 33.90 17.84 3.48
C PHE E 468 33.91 18.71 4.74
N VAL E 469 32.75 18.92 5.36
CA VAL E 469 32.64 19.83 6.55
C VAL E 469 33.34 19.18 7.75
N GLU E 470 33.08 17.90 7.98
CA GLU E 470 33.63 17.10 9.11
C GLU E 470 35.16 17.24 9.13
N LYS E 471 35.77 17.24 7.95
CA LYS E 471 37.24 17.31 7.76
C LYS E 471 37.72 18.75 7.65
N GLY E 472 36.91 19.75 8.05
CA GLY E 472 37.40 21.13 8.25
C GLY E 472 36.88 22.14 7.22
N GLY E 473 36.12 21.68 6.24
CA GLY E 473 35.48 22.54 5.23
C GLY E 473 34.46 23.49 5.81
N THR E 474 34.31 24.66 5.18
CA THR E 474 33.24 25.65 5.45
C THR E 474 32.21 25.57 4.31
N LEU E 475 30.95 25.35 4.64
CA LEU E 475 29.84 25.26 3.67
C LEU E 475 28.91 26.46 3.87
N ILE E 476 28.70 27.24 2.81
CA ILE E 476 27.69 28.35 2.79
C ILE E 476 26.56 27.92 1.84
N ALA E 477 25.34 27.85 2.35
CA ALA E 477 24.14 27.46 1.61
C ALA E 477 23.09 28.55 1.76
N ASP E 478 22.60 29.11 0.65
CA ASP E 478 21.49 30.11 0.64
C ASP E 478 20.41 29.66 -0.34
N GLY E 479 19.28 30.36 -0.33
CA GLY E 479 18.12 30.07 -1.19
C GLY E 479 17.54 28.71 -0.88
N LEU E 480 16.94 28.05 -1.87
CA LEU E 480 16.20 26.79 -1.67
C LEU E 480 17.17 25.61 -1.83
N THR E 481 18.46 25.78 -1.55
CA THR E 481 19.45 24.67 -1.60
C THR E 481 18.91 23.44 -0.83
N GLY E 482 18.84 22.29 -1.50
CA GLY E 482 18.45 21.00 -0.90
C GLY E 482 16.97 20.86 -0.60
N TYR E 483 16.12 21.70 -1.17
CA TYR E 483 14.65 21.61 -0.99
C TYR E 483 14.14 20.29 -1.61
N TYR E 484 14.74 19.92 -2.74
CA TYR E 484 14.38 18.68 -3.49
C TYR E 484 15.58 17.75 -3.55
N ASP E 485 15.28 16.48 -3.83
CA ASP E 485 16.30 15.48 -4.23
C ASP E 485 16.32 15.39 -5.77
N TYR E 486 17.06 14.43 -6.31
CA TYR E 486 17.30 14.30 -7.77
C TYR E 486 16.04 13.78 -8.47
N GLN E 487 15.00 13.34 -7.73
CA GLN E 487 13.72 12.89 -8.31
C GLN E 487 12.61 13.93 -8.07
N ALA E 488 12.96 15.17 -7.73
CA ALA E 488 12.04 16.29 -7.45
C ALA E 488 11.15 15.97 -6.24
N HIS E 489 11.58 15.06 -5.39
CA HIS E 489 10.88 14.73 -4.11
C HIS E 489 11.44 15.65 -3.03
N SER E 490 10.59 16.36 -2.32
CA SER E 490 11.07 17.30 -1.26
C SER E 490 11.23 16.56 0.07
N THR E 491 12.45 16.35 0.53
CA THR E 491 12.70 15.79 1.87
C THR E 491 12.35 16.86 2.92
N VAL E 492 12.24 18.13 2.54
CA VAL E 492 11.74 19.18 3.49
C VAL E 492 10.35 18.76 3.98
N VAL E 493 9.58 18.11 3.12
CA VAL E 493 8.20 17.63 3.45
C VAL E 493 8.27 16.27 4.12
N SER E 494 9.03 15.31 3.57
CA SER E 494 8.98 13.89 4.04
C SER E 494 9.94 13.64 5.21
N GLY E 495 10.92 14.49 5.49
CA GLY E 495 11.99 14.25 6.50
C GLY E 495 13.35 14.72 6.01
N PHE E 496 13.80 15.90 6.46
CA PHE E 496 14.83 16.73 5.78
C PHE E 496 16.20 16.04 5.79
N ALA E 497 16.76 15.78 4.60
CA ALA E 497 18.01 15.00 4.43
C ALA E 497 19.22 15.78 4.93
N LEU E 498 19.15 17.12 4.99
CA LEU E 498 20.27 17.97 5.45
C LEU E 498 20.15 18.34 6.93
N GLU E 499 19.19 17.77 7.68
CA GLU E 499 19.02 18.11 9.12
C GLU E 499 20.33 17.89 9.88
N ASN E 500 20.96 16.74 9.70
CA ASN E 500 22.23 16.34 10.39
C ASN E 500 23.30 17.41 10.10
N LEU E 501 23.56 17.75 8.85
CA LEU E 501 24.66 18.69 8.47
C LEU E 501 24.33 20.11 8.94
N PHE E 502 23.07 20.55 8.80
CA PHE E 502 22.67 21.95 9.08
C PHE E 502 22.40 22.14 10.59
N GLY E 503 22.18 21.04 11.32
CA GLY E 503 21.82 21.04 12.75
C GLY E 503 20.57 21.87 12.98
N SER E 504 19.64 21.80 12.04
CA SER E 504 18.42 22.66 12.00
C SER E 504 17.45 22.08 10.98
N TYR E 505 16.23 22.62 10.96
CA TYR E 505 15.09 22.14 10.17
C TYR E 505 14.35 23.35 9.62
N PRO E 506 13.93 23.35 8.34
CA PRO E 506 13.10 24.43 7.81
C PRO E 506 11.74 24.40 8.52
N ILE E 507 11.15 25.55 8.73
CA ILE E 507 9.79 25.74 9.32
C ILE E 507 8.81 26.17 8.21
N GLU E 508 9.09 27.29 7.55
CA GLU E 508 8.22 27.87 6.50
C GLU E 508 9.07 28.59 5.46
N TYR E 509 8.58 28.62 4.22
CA TYR E 509 8.88 29.66 3.21
C TYR E 509 7.60 30.49 3.07
N LYS E 510 7.76 31.81 3.02
CA LYS E 510 6.66 32.76 2.77
C LYS E 510 7.10 33.64 1.61
N ILE E 511 6.33 33.64 0.53
CA ILE E 511 6.64 34.52 -0.63
C ILE E 511 6.44 35.97 -0.17
N LYS E 512 7.33 36.84 -0.63
CA LYS E 512 7.34 38.32 -0.43
C LYS E 512 7.43 38.98 -1.81
N GLU E 513 7.89 40.22 -1.88
CA GLU E 513 8.12 40.94 -3.16
C GLU E 513 9.44 40.46 -3.77
N ASN E 514 9.72 40.88 -4.99
CA ASN E 514 10.98 40.57 -5.74
C ASN E 514 12.18 41.00 -4.89
N LEU E 515 12.05 42.10 -4.14
CA LEU E 515 13.14 42.60 -3.26
C LEU E 515 12.57 42.91 -1.88
N PHE E 516 13.12 42.28 -0.86
CA PHE E 516 12.86 42.59 0.57
C PHE E 516 14.20 42.57 1.28
N SER E 517 14.20 42.97 2.55
CA SER E 517 15.42 43.10 3.38
C SER E 517 15.36 42.08 4.51
N LEU E 518 16.44 41.31 4.73
CA LEU E 518 16.64 40.48 5.94
C LEU E 518 17.49 41.28 6.91
N ASP E 519 16.92 41.80 7.99
CA ASP E 519 17.65 42.69 8.95
C ASP E 519 18.03 41.86 10.19
N PHE E 520 19.30 41.50 10.34
CA PHE E 520 19.76 40.66 11.46
C PHE E 520 19.62 41.43 12.80
N GLU E 521 19.30 40.70 13.86
CA GLU E 521 19.26 41.18 15.27
C GLU E 521 20.67 41.65 15.67
N LYS E 522 21.72 40.90 15.30
CA LYS E 522 23.14 41.14 15.70
C LYS E 522 23.98 41.56 14.49
N ASP E 523 25.06 42.31 14.74
CA ASP E 523 26.12 42.63 13.74
C ASP E 523 25.58 43.50 12.60
N ASN E 524 24.29 43.90 12.66
CA ASN E 524 23.57 44.86 11.81
C ASN E 524 23.84 44.62 10.32
N TYR E 525 23.94 43.36 9.86
CA TYR E 525 23.74 42.98 8.42
C TYR E 525 22.28 43.28 8.02
N LYS E 526 22.11 43.88 6.84
CA LYS E 526 20.78 44.11 6.21
C LYS E 526 20.94 43.61 4.79
N LEU E 527 20.59 42.35 4.58
CA LEU E 527 20.84 41.61 3.32
C LEU E 527 19.62 41.76 2.41
N PRO E 528 19.80 42.31 1.19
CA PRO E 528 18.77 42.22 0.17
C PRO E 528 18.46 40.72 -0.06
N ALA E 529 17.19 40.39 -0.17
CA ALA E 529 16.72 39.01 -0.44
C ALA E 529 15.62 39.05 -1.50
N HIS E 530 15.48 37.95 -2.23
CA HIS E 530 14.58 37.85 -3.40
C HIS E 530 13.48 36.84 -3.13
N LEU E 531 12.23 37.30 -3.18
CA LEU E 531 11.01 36.50 -3.43
C LEU E 531 10.55 35.70 -2.21
N TRP E 532 11.40 34.88 -1.58
CA TRP E 532 10.94 33.95 -0.51
C TRP E 532 11.76 34.18 0.77
N LYS E 533 11.09 34.25 1.91
CA LYS E 533 11.72 34.32 3.24
C LYS E 533 11.59 32.94 3.89
N GLY E 534 12.73 32.29 4.14
CA GLY E 534 12.80 31.03 4.88
C GLY E 534 12.95 31.27 6.38
N THR E 535 12.21 30.53 7.20
CA THR E 535 12.44 30.47 8.66
C THR E 535 12.77 29.03 9.04
N ILE E 536 13.56 28.87 10.10
CA ILE E 536 14.10 27.56 10.52
C ILE E 536 13.95 27.43 12.04
N GLU E 537 14.16 26.20 12.51
CA GLU E 537 14.29 25.85 13.95
C GLU E 537 15.63 25.15 14.13
N THR E 538 16.47 25.64 15.04
CA THR E 538 17.82 25.05 15.32
C THR E 538 17.67 23.96 16.37
N SER E 539 18.45 22.88 16.22
CA SER E 539 18.71 21.88 17.29
C SER E 539 20.14 22.09 17.76
N LYS E 540 21.13 21.57 17.02
CA LYS E 540 22.56 21.71 17.38
C LYS E 540 23.15 23.03 16.87
N ALA E 541 22.56 23.68 15.86
CA ALA E 541 23.13 24.93 15.28
C ALA E 541 22.85 26.11 16.21
N THR E 542 23.64 27.17 16.08
CA THR E 542 23.41 28.47 16.75
C THR E 542 22.46 29.29 15.88
N PRO E 543 21.28 29.69 16.38
CA PRO E 543 20.33 30.46 15.58
C PRO E 543 20.77 31.91 15.37
N ILE E 544 20.42 32.47 14.21
CA ILE E 544 20.59 33.89 13.87
C ILE E 544 19.18 34.46 13.65
N MET E 545 18.82 35.46 14.44
CA MET E 545 17.45 35.99 14.46
C MET E 545 17.45 37.28 13.63
N ASP E 546 16.28 37.64 13.10
CA ASP E 546 16.08 38.95 12.44
C ASP E 546 15.36 39.87 13.44
N LYS E 547 15.16 41.12 13.06
CA LYS E 547 14.58 42.16 13.95
C LYS E 547 13.12 41.83 14.25
N GLU E 548 12.46 41.01 13.43
CA GLU E 548 11.04 40.59 13.65
C GLU E 548 10.98 39.40 14.61
N GLY E 549 12.13 38.95 15.12
CA GLY E 549 12.22 37.84 16.09
C GLY E 549 12.06 36.47 15.44
N GLU E 550 12.25 36.36 14.12
CA GLU E 550 12.20 35.05 13.40
C GLU E 550 13.61 34.50 13.22
N CYS E 551 13.78 33.18 13.24
CA CYS E 551 15.08 32.54 13.00
C CYS E 551 15.26 32.36 11.48
N ILE E 552 16.22 33.08 10.89
CA ILE E 552 16.34 33.19 9.41
C ILE E 552 17.64 32.53 8.93
N ALA E 553 18.52 32.12 9.85
CA ALA E 553 19.82 31.55 9.49
C ALA E 553 20.42 30.83 10.70
N CYS E 554 21.48 30.08 10.48
CA CYS E 554 22.22 29.42 11.57
C CYS E 554 23.64 29.10 11.14
N ILE E 555 24.49 28.88 12.15
CA ILE E 555 25.87 28.36 12.02
C ILE E 555 25.93 27.04 12.81
N ASN E 556 26.24 25.96 12.11
CA ASN E 556 26.41 24.62 12.71
C ASN E 556 27.91 24.32 12.74
N GLN E 557 28.41 23.94 13.91
CA GLN E 557 29.78 23.38 14.07
C GLN E 557 29.62 21.88 13.86
N TYR E 558 30.24 21.35 12.81
CA TYR E 558 30.10 19.94 12.40
C TYR E 558 31.50 19.36 12.22
N GLY E 559 31.93 18.52 13.17
CA GLY E 559 33.33 18.07 13.21
C GLY E 559 34.28 19.26 13.26
N LYS E 560 35.27 19.31 12.38
CA LYS E 560 36.28 20.39 12.38
C LYS E 560 35.78 21.60 11.57
N GLY E 561 34.69 21.46 10.80
CA GLY E 561 34.24 22.53 9.88
C GLY E 561 33.02 23.27 10.39
N LYS E 562 32.49 24.17 9.56
CA LYS E 562 31.22 24.88 9.90
C LYS E 562 30.31 24.99 8.67
N VAL E 563 29.02 25.14 8.96
CA VAL E 563 27.97 25.43 7.95
C VAL E 563 27.34 26.75 8.31
N PHE E 564 27.21 27.65 7.34
CA PHE E 564 26.29 28.81 7.39
C PHE E 564 25.12 28.53 6.44
N TRP E 565 23.91 28.48 6.97
CA TRP E 565 22.66 28.23 6.20
C TRP E 565 21.74 29.43 6.37
N ILE E 566 21.33 30.02 5.25
CA ILE E 566 20.31 31.10 5.19
C ILE E 566 19.34 30.78 4.05
N PRO E 567 18.19 30.16 4.34
CA PRO E 567 17.29 29.66 3.32
C PRO E 567 16.48 30.70 2.53
N SER E 568 16.79 31.99 2.67
CA SER E 568 16.30 33.06 1.78
C SER E 568 17.31 33.26 0.66
N PRO E 569 16.87 33.59 -0.58
CA PRO E 569 17.80 33.85 -1.68
C PRO E 569 18.51 35.20 -1.58
N ILE E 570 19.68 35.23 -0.97
CA ILE E 570 20.40 36.52 -0.73
C ILE E 570 21.32 36.82 -1.90
N ALA E 571 21.81 35.82 -2.64
CA ALA E 571 22.57 36.05 -3.88
C ALA E 571 21.62 36.62 -4.96
N LEU E 572 20.42 36.07 -5.09
CA LEU E 572 19.42 36.64 -6.04
C LEU E 572 18.93 38.01 -5.55
N GLY E 573 18.94 38.22 -4.22
CA GLY E 573 18.62 39.52 -3.60
C GLY E 573 19.62 40.58 -4.02
N ALA E 574 20.91 40.23 -3.95
CA ALA E 574 22.03 41.07 -4.43
C ALA E 574 21.81 41.39 -5.92
N ARG E 575 21.51 40.36 -6.73
CA ARG E 575 21.28 40.57 -8.18
C ARG E 575 20.11 41.55 -8.43
N GLU E 576 18.98 41.33 -7.78
CA GLU E 576 17.74 42.14 -7.97
C GLU E 576 18.01 43.59 -7.52
N SER E 577 18.74 43.78 -6.44
CA SER E 577 19.00 45.13 -5.89
C SER E 577 20.16 45.79 -6.65
N LYS E 578 20.89 45.05 -7.51
CA LYS E 578 22.11 45.51 -8.21
C LYS E 578 23.15 46.01 -7.21
N ASP E 579 23.23 45.38 -6.04
CA ASP E 579 24.13 45.78 -4.94
C ASP E 579 24.67 44.52 -4.26
N PHE E 580 25.95 44.21 -4.48
CA PHE E 580 26.62 43.00 -3.96
C PHE E 580 27.40 43.30 -2.68
N SER E 581 27.37 44.54 -2.17
CA SER E 581 28.26 44.97 -1.05
C SER E 581 27.96 44.15 0.19
N GLU E 582 26.69 44.01 0.60
CA GLU E 582 26.34 43.30 1.85
C GLU E 582 26.67 41.81 1.69
N LEU E 583 26.38 41.21 0.54
CA LEU E 583 26.71 39.79 0.32
C LEU E 583 28.22 39.60 0.45
N SER E 584 29.02 40.53 -0.09
CA SER E 584 30.50 40.55 0.02
C SER E 584 30.92 40.56 1.49
N LYS E 585 30.41 41.53 2.27
CA LYS E 585 30.77 41.71 3.70
C LYS E 585 30.42 40.45 4.49
N LEU E 586 29.22 39.91 4.32
CA LEU E 586 28.78 38.70 5.05
C LEU E 586 29.70 37.53 4.68
N THR E 587 29.97 37.32 3.39
CA THR E 587 30.77 36.16 2.93
C THR E 587 32.19 36.26 3.53
N VAL E 588 32.81 37.44 3.46
CA VAL E 588 34.18 37.68 4.00
C VAL E 588 34.21 37.30 5.49
N SER E 589 33.18 37.66 6.25
CA SER E 589 33.09 37.38 7.70
C SER E 589 33.07 35.87 7.96
N LEU E 590 32.69 35.05 6.98
CA LEU E 590 32.55 33.57 7.14
C LEU E 590 33.81 32.84 6.66
N LEU E 591 34.71 33.51 5.94
CA LEU E 591 35.88 32.87 5.30
C LEU E 591 36.94 32.55 6.36
N PRO E 592 37.65 31.41 6.25
CA PRO E 592 38.81 31.13 7.09
C PRO E 592 39.88 32.22 6.95
N ASN E 593 40.54 32.60 8.07
CA ASN E 593 41.54 33.71 8.08
C ASN E 593 42.62 33.45 7.04
N LYS E 594 43.02 32.19 6.86
CA LYS E 594 44.12 31.81 5.94
C LYS E 594 43.83 32.37 4.53
N ILE E 595 42.59 32.32 4.08
CA ILE E 595 42.24 32.77 2.70
C ILE E 595 42.55 34.28 2.60
N LEU E 596 42.14 35.07 3.58
CA LEU E 596 42.32 36.55 3.53
C LEU E 596 43.79 36.93 3.76
N ASN E 597 44.55 36.11 4.49
CA ASN E 597 45.99 36.38 4.75
C ASN E 597 46.84 36.06 3.52
N ASP E 598 46.54 34.98 2.79
CA ASP E 598 47.43 34.42 1.74
C ASP E 598 47.10 34.95 0.34
N ASN E 599 45.88 35.46 0.11
CA ASN E 599 45.43 35.85 -1.24
C ASN E 599 45.32 37.37 -1.32
N PRO E 600 45.93 38.03 -2.32
CA PRO E 600 45.65 39.44 -2.54
C PRO E 600 44.15 39.58 -2.79
N HIS E 601 43.55 40.62 -2.22
CA HIS E 601 42.11 40.95 -2.34
C HIS E 601 41.99 42.44 -2.04
N PHE E 602 40.78 42.98 -2.15
CA PHE E 602 40.53 44.41 -1.89
C PHE E 602 40.31 44.58 -0.38
N ASP E 603 40.74 45.72 0.18
CA ASP E 603 40.57 46.01 1.62
C ASP E 603 39.08 46.16 1.93
N LYS E 604 38.25 46.42 0.92
CA LYS E 604 36.77 46.49 1.07
C LYS E 604 36.13 46.16 -0.28
N HIS E 605 34.81 46.10 -0.33
CA HIS E 605 34.01 45.90 -1.56
C HIS E 605 34.17 47.10 -2.49
N TYR E 606 34.42 46.86 -3.77
CA TYR E 606 34.46 47.90 -4.84
C TYR E 606 33.45 47.53 -5.93
N LYS E 607 32.38 48.30 -6.04
CA LYS E 607 31.36 48.14 -7.11
C LYS E 607 32.03 48.26 -8.49
N ASP E 608 31.83 47.26 -9.35
CA ASP E 608 32.21 47.32 -10.79
C ASP E 608 33.72 47.32 -10.94
N VAL E 609 34.45 46.73 -9.98
CA VAL E 609 35.89 46.46 -10.13
C VAL E 609 36.10 44.95 -9.91
N MET E 610 37.04 44.37 -10.62
CA MET E 610 37.36 42.94 -10.40
C MET E 610 38.87 42.77 -10.29
N MET E 611 39.25 41.77 -9.51
CA MET E 611 40.65 41.28 -9.44
C MET E 611 40.64 39.76 -9.29
N LYS E 612 41.59 39.13 -9.94
CA LYS E 612 41.90 37.70 -9.86
C LYS E 612 43.42 37.58 -9.93
N SER E 613 44.00 36.71 -9.13
CA SER E 613 45.46 36.54 -9.04
C SER E 613 45.86 35.19 -9.64
N PHE E 614 47.11 35.10 -10.06
CA PHE E 614 47.69 33.87 -10.64
C PHE E 614 49.17 33.83 -10.29
N LYS E 615 49.79 32.67 -10.50
CA LYS E 615 51.23 32.47 -10.29
C LYS E 615 51.82 31.97 -11.60
N SER E 616 53.10 32.31 -11.84
CA SER E 616 53.90 31.69 -12.90
C SER E 616 55.34 31.56 -12.40
N ASN E 617 55.84 30.32 -12.34
CA ASN E 617 57.24 29.99 -11.94
C ASN E 617 57.57 30.70 -10.61
N GLY E 618 56.70 30.58 -9.61
CA GLY E 618 56.93 31.09 -8.25
C GLY E 618 56.63 32.57 -8.07
N THR E 619 56.43 33.35 -9.13
CA THR E 619 56.05 34.79 -9.01
C THR E 619 54.53 34.93 -9.02
N MET E 620 54.00 35.80 -8.15
CA MET E 620 52.55 36.06 -8.05
C MET E 620 52.21 37.29 -8.88
N TYR E 621 51.05 37.27 -9.55
CA TYR E 621 50.51 38.39 -10.36
C TYR E 621 49.05 38.61 -9.99
N SER E 622 48.55 39.82 -10.24
CA SER E 622 47.11 40.14 -10.10
C SER E 622 46.62 40.82 -11.38
N LEU E 623 45.40 40.46 -11.78
CA LEU E 623 44.67 41.12 -12.90
C LEU E 623 43.60 42.01 -12.29
N ILE E 624 43.61 43.30 -12.61
CA ILE E 624 42.59 44.24 -12.10
C ILE E 624 41.94 44.93 -13.29
N ILE E 625 40.61 45.02 -13.26
CA ILE E 625 39.83 45.68 -14.33
C ILE E 625 38.81 46.58 -13.66
N ASN E 626 38.76 47.83 -14.12
CA ASN E 626 37.81 48.85 -13.60
C ASN E 626 36.70 49.02 -14.64
N LYS E 627 35.47 48.66 -14.27
CA LYS E 627 34.28 48.76 -15.16
C LYS E 627 33.34 49.86 -14.63
N SER E 628 33.75 50.60 -13.59
CA SER E 628 33.00 51.77 -13.10
C SER E 628 33.21 52.95 -14.04
N ALA E 629 32.38 53.99 -13.89
CA ALA E 629 32.42 55.23 -14.70
C ALA E 629 33.54 56.15 -14.20
N SER E 630 34.17 55.85 -13.06
CA SER E 630 35.16 56.76 -12.41
C SER E 630 36.51 56.06 -12.21
N VAL E 631 37.58 56.85 -12.20
CA VAL E 631 38.92 56.44 -11.71
C VAL E 631 38.73 55.91 -10.29
N GLN E 632 39.41 54.81 -9.95
CA GLN E 632 39.27 54.13 -8.64
C GLN E 632 40.67 54.02 -8.07
N THR E 633 40.80 54.18 -6.76
CA THR E 633 42.03 53.82 -6.01
C THR E 633 41.70 52.57 -5.20
N VAL E 634 42.26 51.44 -5.61
CA VAL E 634 41.94 50.14 -4.96
C VAL E 634 43.11 49.79 -4.04
N ASP E 635 42.81 49.54 -2.77
CA ASP E 635 43.81 49.15 -1.73
C ASP E 635 43.86 47.63 -1.74
N ILE E 636 44.97 47.08 -2.20
CA ILE E 636 45.17 45.60 -2.29
C ILE E 636 45.91 45.17 -1.01
N VAL E 637 45.35 44.17 -0.33
CA VAL E 637 45.90 43.59 0.93
C VAL E 637 45.95 42.08 0.77
N GLY E 638 46.71 41.39 1.60
CA GLY E 638 46.86 39.92 1.57
C GLY E 638 47.99 39.51 0.65
N GLY E 639 48.47 38.26 0.84
CA GLY E 639 49.73 37.79 0.24
C GLY E 639 50.91 38.69 0.59
N LYS E 640 51.94 38.73 -0.26
CA LYS E 640 53.24 39.39 0.04
C LYS E 640 53.74 40.09 -1.23
N GLY E 641 54.53 41.15 -1.09
CA GLY E 641 55.34 41.75 -2.18
C GLY E 641 54.91 43.16 -2.47
N LYS E 642 55.63 43.83 -3.38
CA LYS E 642 55.39 45.24 -3.78
C LYS E 642 54.87 45.25 -5.21
N ALA E 643 53.86 46.07 -5.49
CA ALA E 643 53.21 46.18 -6.80
C ALA E 643 54.20 46.74 -7.81
N PHE E 644 54.45 46.01 -8.90
CA PHE E 644 55.09 46.53 -10.13
C PHE E 644 54.06 46.35 -11.27
N ILE E 645 53.68 47.45 -11.92
CA ILE E 645 52.71 47.43 -13.06
C ILE E 645 53.44 46.91 -14.31
N LEU E 646 53.12 45.68 -14.72
CA LEU E 646 53.73 44.98 -15.88
C LEU E 646 52.93 45.29 -17.14
N PHE E 647 51.60 45.45 -17.02
CA PHE E 647 50.69 45.78 -18.14
C PHE E 647 49.65 46.77 -17.67
N ALA E 648 49.41 47.81 -18.47
CA ALA E 648 48.35 48.83 -18.26
C ALA E 648 48.12 49.55 -19.58
N ASN E 649 46.87 49.65 -20.01
CA ASN E 649 46.54 50.23 -21.34
C ASN E 649 46.08 51.67 -21.18
N LYS E 650 46.03 52.23 -19.95
CA LYS E 650 45.65 53.65 -19.75
C LYS E 650 46.51 54.30 -18.65
N ASN E 651 47.77 53.90 -18.50
CA ASN E 651 48.75 54.60 -17.64
C ASN E 651 48.35 54.55 -16.16
N ALA E 652 47.83 53.41 -15.70
CA ALA E 652 47.64 53.14 -14.25
C ALA E 652 48.95 53.43 -13.52
N HIS E 653 48.87 53.78 -12.23
CA HIS E 653 50.06 53.90 -11.34
C HIS E 653 49.69 53.34 -9.96
N SER E 654 50.66 52.81 -9.23
CA SER E 654 50.48 52.31 -7.84
C SER E 654 51.42 53.07 -6.90
N THR E 655 50.96 53.31 -5.67
CA THR E 655 51.73 53.84 -4.53
C THR E 655 51.51 52.86 -3.39
N ALA E 656 52.54 52.07 -3.04
CA ALA E 656 52.49 51.05 -1.96
C ALA E 656 51.19 50.23 -2.02
N ASN E 657 50.91 49.53 -3.12
CA ASN E 657 49.79 48.54 -3.19
C ASN E 657 48.42 49.22 -3.16
N LYS E 658 48.36 50.55 -3.39
CA LYS E 658 47.13 51.29 -3.75
C LYS E 658 47.21 51.56 -5.25
N LEU E 659 46.36 50.89 -6.05
CA LEU E 659 46.37 51.01 -7.53
C LEU E 659 45.35 52.08 -7.95
N THR E 660 45.80 53.04 -8.74
CA THR E 660 44.93 54.06 -9.38
C THR E 660 44.67 53.57 -10.81
N ILE E 661 43.41 53.24 -11.12
CA ILE E 661 43.03 52.55 -12.39
C ILE E 661 41.85 53.28 -13.02
N SER E 662 41.98 53.60 -14.30
CA SER E 662 40.97 54.38 -15.09
C SER E 662 39.82 53.48 -15.53
N PRO E 663 38.65 54.08 -15.86
CA PRO E 663 37.54 53.35 -16.45
C PRO E 663 37.96 52.55 -17.69
N GLU E 664 37.64 51.26 -17.68
CA GLU E 664 37.82 50.31 -18.81
C GLU E 664 39.28 49.85 -18.90
N GLU E 665 40.13 50.27 -17.97
CA GLU E 665 41.57 49.89 -17.97
C GLU E 665 41.73 48.46 -17.44
N THR E 666 42.67 47.74 -18.05
CA THR E 666 43.13 46.41 -17.61
C THR E 666 44.55 46.55 -17.11
N VAL E 667 44.81 46.06 -15.90
CA VAL E 667 46.15 46.16 -15.27
C VAL E 667 46.61 44.77 -14.86
N ILE E 668 47.86 44.44 -15.17
CA ILE E 668 48.58 43.31 -14.53
C ILE E 668 49.66 43.87 -13.59
N ILE E 669 49.55 43.50 -12.32
CA ILE E 669 50.60 43.74 -11.29
C ILE E 669 51.45 42.48 -11.16
N LYS E 670 52.78 42.65 -11.20
CA LYS E 670 53.77 41.66 -10.75
C LYS E 670 54.14 42.01 -9.30
N TRP E 671 54.02 41.04 -8.39
CA TRP E 671 54.34 41.19 -6.96
C TRP E 671 55.82 40.85 -6.76
N LYS E 672 56.65 41.85 -6.45
CA LYS E 672 58.13 41.68 -6.28
C LYS E 672 58.45 41.44 -4.80
N ALA F 22 -21.50 54.11 -71.19
CA ALA F 22 -20.97 54.18 -69.79
C ALA F 22 -19.79 55.17 -69.73
N GLU F 23 -19.79 56.07 -68.74
CA GLU F 23 -18.72 57.08 -68.60
C GLU F 23 -17.43 56.38 -68.17
N ARG F 24 -16.30 56.72 -68.80
CA ARG F 24 -14.96 56.13 -68.58
C ARG F 24 -14.15 57.16 -67.80
N ILE F 25 -13.57 56.76 -66.66
CA ILE F 25 -12.71 57.67 -65.86
C ILE F 25 -11.49 58.07 -66.70
N SER F 26 -10.97 59.26 -66.49
CA SER F 26 -9.73 59.77 -67.12
C SER F 26 -9.07 60.75 -66.15
N LYS F 27 -7.87 61.22 -66.47
CA LYS F 27 -7.13 62.22 -65.67
C LYS F 27 -7.86 63.59 -65.71
N GLN F 28 -8.88 63.75 -66.56
CA GLN F 28 -9.69 65.00 -66.65
C GLN F 28 -11.08 64.82 -66.01
N SER F 29 -11.39 63.67 -65.42
CA SER F 29 -12.70 63.45 -64.75
C SER F 29 -12.86 64.43 -63.57
N THR F 30 -14.10 64.83 -63.30
CA THR F 30 -14.46 65.59 -62.09
C THR F 30 -14.33 64.66 -60.90
N PRO F 31 -13.54 64.99 -59.88
CA PRO F 31 -13.42 64.14 -58.70
C PRO F 31 -14.77 64.09 -57.95
N PHE F 32 -14.97 63.00 -57.22
CA PHE F 32 -16.21 62.78 -56.43
C PHE F 32 -15.84 62.43 -54.99
N VAL F 33 -16.82 62.62 -54.12
CA VAL F 33 -16.83 62.08 -52.75
C VAL F 33 -17.93 61.02 -52.74
N GLY F 34 -17.63 59.87 -52.15
CA GLY F 34 -18.53 58.71 -52.14
C GLY F 34 -18.46 57.97 -50.83
N ALA F 35 -19.23 56.90 -50.71
CA ALA F 35 -19.27 56.06 -49.50
C ALA F 35 -19.75 54.67 -49.88
N GLN F 36 -19.25 53.69 -49.15
CA GLN F 36 -19.77 52.31 -49.19
C GLN F 36 -21.23 52.35 -48.75
N ILE F 37 -22.09 51.67 -49.48
CA ILE F 37 -23.49 51.38 -49.05
C ILE F 37 -23.50 49.89 -48.73
N PHE F 38 -23.64 49.58 -47.44
CA PHE F 38 -23.52 48.19 -46.95
C PHE F 38 -24.88 47.53 -47.07
N ILE F 39 -24.98 46.55 -47.96
CA ILE F 39 -26.23 45.83 -48.29
C ILE F 39 -26.12 44.40 -47.79
N GLU F 40 -27.07 43.99 -46.96
CA GLU F 40 -27.16 42.63 -46.41
C GLU F 40 -28.65 42.34 -46.23
N PRO F 41 -29.04 41.05 -46.14
CA PRO F 41 -30.42 40.68 -45.91
C PRO F 41 -30.94 41.23 -44.58
N GLY F 42 -32.24 41.55 -44.55
CA GLY F 42 -32.93 42.01 -43.34
C GLY F 42 -33.19 43.51 -43.36
N GLN F 43 -32.41 44.27 -44.13
CA GLN F 43 -32.64 45.73 -44.31
C GLN F 43 -33.99 45.92 -45.03
N THR F 44 -34.69 47.01 -44.77
CA THR F 44 -35.99 47.37 -45.41
C THR F 44 -35.76 48.35 -46.56
N GLN F 45 -36.67 48.34 -47.55
CA GLN F 45 -36.73 49.32 -48.65
C GLN F 45 -36.59 50.75 -48.11
N GLU F 46 -37.29 51.05 -47.02
CA GLU F 46 -37.37 52.42 -46.41
C GLU F 46 -35.98 52.82 -45.86
N GLN F 47 -35.28 51.91 -45.19
CA GLN F 47 -33.93 52.15 -44.64
C GLN F 47 -32.98 52.48 -45.81
N ILE F 48 -33.01 51.68 -46.87
CA ILE F 48 -32.03 51.81 -48.00
C ILE F 48 -32.30 53.12 -48.73
N GLU F 49 -33.58 53.49 -48.89
CA GLU F 49 -33.94 54.75 -49.57
C GLU F 49 -33.45 55.93 -48.74
N GLN F 50 -33.64 55.90 -47.42
CA GLN F 50 -33.10 56.92 -46.46
C GLN F 50 -31.60 57.12 -46.69
N TRP F 51 -30.82 56.04 -46.89
CA TRP F 51 -29.35 56.12 -47.08
C TRP F 51 -29.04 56.85 -48.39
N PHE F 52 -29.61 56.40 -49.51
CA PHE F 52 -29.34 57.02 -50.84
C PHE F 52 -29.80 58.48 -50.86
N LYS F 53 -30.93 58.79 -50.21
CA LYS F 53 -31.46 60.18 -50.16
C LYS F 53 -30.45 61.07 -49.42
N LEU F 54 -29.96 60.65 -48.25
CA LEU F 54 -29.00 61.45 -47.44
C LEU F 54 -27.64 61.49 -48.18
N LEU F 55 -27.27 60.41 -48.87
CA LEU F 55 -25.99 60.35 -49.62
C LEU F 55 -26.03 61.42 -50.72
N ALA F 56 -27.09 61.46 -51.54
CA ALA F 56 -27.31 62.51 -52.58
C ALA F 56 -27.33 63.90 -51.94
N GLU F 57 -28.02 64.10 -50.81
CA GLU F 57 -28.11 65.42 -50.13
C GLU F 57 -26.77 65.84 -49.52
N SER F 58 -25.82 64.90 -49.36
CA SER F 58 -24.49 65.17 -48.79
C SER F 58 -23.46 65.45 -49.90
N ASN F 59 -23.92 65.73 -51.12
CA ASN F 59 -23.12 66.09 -52.31
C ASN F 59 -22.18 64.94 -52.68
N MET F 60 -22.56 63.71 -52.35
CA MET F 60 -21.83 62.50 -52.76
C MET F 60 -22.49 61.99 -54.04
N THR F 61 -21.71 61.55 -55.02
CA THR F 61 -22.23 61.16 -56.36
C THR F 61 -22.04 59.68 -56.59
N THR F 62 -21.35 58.99 -55.69
CA THR F 62 -20.85 57.62 -55.93
C THR F 62 -21.03 56.78 -54.67
N CYS F 63 -21.33 55.51 -54.85
CA CYS F 63 -21.32 54.55 -53.74
C CYS F 63 -20.51 53.34 -54.19
N ARG F 64 -20.12 52.52 -53.22
CA ARG F 64 -19.48 51.23 -53.50
C ARG F 64 -20.30 50.17 -52.78
N ILE F 65 -20.53 49.04 -53.46
CA ILE F 65 -21.39 47.96 -52.93
C ILE F 65 -20.63 46.64 -53.11
N ARG F 66 -20.56 45.91 -52.00
CA ARG F 66 -19.93 44.56 -51.97
C ARG F 66 -20.98 43.57 -52.50
N MET F 67 -20.71 42.96 -53.64
CA MET F 67 -21.69 42.10 -54.35
C MET F 67 -21.61 40.69 -53.77
N PHE F 68 -21.91 40.55 -52.47
CA PHE F 68 -21.76 39.27 -51.72
C PHE F 68 -22.41 38.11 -52.49
N GLY F 69 -21.64 37.15 -52.95
CA GLY F 69 -22.12 35.85 -53.48
C GLY F 69 -23.03 35.15 -52.48
N LYS F 70 -22.70 35.21 -51.19
CA LYS F 70 -23.50 34.58 -50.12
C LYS F 70 -24.96 35.04 -50.20
N TYR F 71 -25.21 36.31 -50.55
CA TYR F 71 -26.58 36.90 -50.47
C TYR F 71 -27.26 36.90 -51.85
N MET F 72 -26.72 36.16 -52.80
CA MET F 72 -27.38 35.93 -54.11
C MET F 72 -27.59 34.43 -54.36
N LYS F 73 -26.85 33.56 -53.66
CA LYS F 73 -26.90 32.08 -53.87
C LYS F 73 -28.21 31.57 -53.28
N THR F 74 -28.97 30.77 -54.03
CA THR F 74 -30.22 30.11 -53.57
C THR F 74 -29.88 28.68 -53.16
N PRO F 75 -30.73 28.00 -52.37
CA PRO F 75 -30.50 26.60 -52.00
C PRO F 75 -30.14 25.69 -53.19
N SER F 76 -30.80 25.86 -54.35
CA SER F 76 -30.64 25.00 -55.55
C SER F 76 -29.35 25.33 -56.32
N GLY F 77 -28.72 26.48 -56.04
CA GLY F 77 -27.44 26.90 -56.63
C GLY F 77 -27.58 27.95 -57.72
N THR F 78 -28.81 28.34 -58.06
CA THR F 78 -29.11 29.45 -59.02
C THR F 78 -28.81 30.80 -58.35
N TYR F 79 -28.74 31.88 -59.12
CA TYR F 79 -28.44 33.26 -58.61
C TYR F 79 -29.74 34.07 -58.55
N ASP F 80 -30.03 34.64 -57.39
CA ASP F 80 -31.17 35.57 -57.18
C ASP F 80 -30.57 36.95 -56.86
N PHE F 81 -30.83 37.93 -57.72
CA PHE F 81 -30.16 39.24 -57.75
C PHE F 81 -30.96 40.30 -56.98
N THR F 82 -32.11 39.92 -56.40
CA THR F 82 -33.17 40.83 -55.89
C THR F 82 -32.61 41.83 -54.89
N LEU F 83 -31.81 41.35 -53.93
CA LEU F 83 -31.29 42.21 -52.84
C LEU F 83 -30.45 43.33 -53.47
N PHE F 84 -29.64 43.00 -54.47
CA PHE F 84 -28.73 44.00 -55.11
C PHE F 84 -29.48 44.85 -56.14
N ASP F 85 -30.46 44.26 -56.85
CA ASP F 85 -31.37 45.03 -57.77
C ASP F 85 -31.99 46.20 -57.00
N ARG F 86 -32.54 45.92 -55.82
CA ARG F 86 -33.22 46.92 -54.97
C ARG F 86 -32.27 48.11 -54.73
N ALA F 87 -30.99 47.82 -54.43
CA ALA F 87 -29.99 48.85 -54.09
C ALA F 87 -29.58 49.62 -55.35
N PHE F 88 -29.32 48.92 -56.45
CA PHE F 88 -28.90 49.56 -57.73
C PHE F 88 -30.03 50.49 -58.22
N LYS F 89 -31.29 50.07 -58.07
CA LYS F 89 -32.47 50.85 -58.53
C LYS F 89 -32.61 52.11 -57.67
N LEU F 90 -32.37 52.02 -56.36
CA LEU F 90 -32.44 53.21 -55.48
C LEU F 90 -31.27 54.14 -55.80
N ALA F 91 -30.06 53.60 -56.01
CA ALA F 91 -28.89 54.43 -56.43
C ALA F 91 -29.28 55.21 -57.69
N ASP F 92 -29.83 54.52 -58.70
CA ASP F 92 -30.18 55.11 -60.02
C ASP F 92 -31.21 56.23 -59.81
N LYS F 93 -32.23 55.98 -58.99
CA LYS F 93 -33.29 56.96 -58.67
C LYS F 93 -32.66 58.26 -58.12
N TYR F 94 -31.59 58.16 -57.32
CA TYR F 94 -30.93 59.34 -56.69
C TYR F 94 -29.69 59.77 -57.48
N HIS F 95 -29.50 59.25 -58.70
CA HIS F 95 -28.43 59.64 -59.66
C HIS F 95 -27.05 59.33 -59.07
N ILE F 96 -26.95 58.23 -58.33
CA ILE F 96 -25.70 57.75 -57.69
C ILE F 96 -25.11 56.64 -58.55
N LYS F 97 -23.87 56.79 -58.96
CA LYS F 97 -23.08 55.77 -59.70
C LYS F 97 -22.54 54.72 -58.71
N VAL F 98 -22.34 53.49 -59.17
CA VAL F 98 -21.95 52.35 -58.30
C VAL F 98 -20.60 51.79 -58.74
N TYR F 99 -19.68 51.67 -57.77
CA TYR F 99 -18.50 50.77 -57.84
C TYR F 99 -18.94 49.42 -57.27
N ALA F 100 -19.03 48.38 -58.11
CA ALA F 100 -19.49 47.03 -57.72
C ALA F 100 -18.27 46.14 -57.46
N THR F 101 -18.08 45.70 -56.22
CA THR F 101 -16.94 44.83 -55.85
C THR F 101 -17.34 43.37 -56.05
N LEU F 102 -16.59 42.64 -56.85
CA LEU F 102 -16.74 41.18 -57.03
C LEU F 102 -16.24 40.50 -55.75
N PHE F 103 -17.16 39.85 -55.05
CA PHE F 103 -16.96 39.28 -53.70
C PHE F 103 -17.70 37.96 -53.65
N PRO F 104 -17.08 36.85 -54.15
CA PRO F 104 -17.76 35.56 -54.19
C PRO F 104 -18.06 35.06 -52.76
N ASP F 105 -18.88 34.02 -52.71
CA ASP F 105 -19.32 33.37 -51.44
C ASP F 105 -18.06 33.08 -50.58
N THR F 106 -18.15 33.34 -49.28
CA THR F 106 -17.09 33.07 -48.28
C THR F 106 -17.76 33.05 -46.91
N GLU F 107 -17.06 32.55 -45.88
CA GLU F 107 -17.58 32.49 -44.49
C GLU F 107 -18.07 33.88 -44.08
N PHE F 108 -19.16 33.93 -43.33
CA PHE F 108 -19.72 35.17 -42.75
C PHE F 108 -18.64 35.87 -41.89
N THR F 109 -17.77 35.10 -41.23
CA THR F 109 -16.70 35.65 -40.34
C THR F 109 -15.50 36.16 -41.16
N ASP F 110 -15.41 35.89 -42.45
CA ASP F 110 -14.31 36.39 -43.33
C ASP F 110 -14.65 37.82 -43.78
N VAL F 111 -14.22 38.83 -43.02
CA VAL F 111 -14.58 40.25 -43.24
C VAL F 111 -14.03 40.74 -44.60
N GLY F 112 -12.76 40.46 -44.92
CA GLY F 112 -12.05 41.12 -46.04
C GLY F 112 -12.15 40.37 -47.37
N GLY F 113 -12.50 39.08 -47.30
CA GLY F 113 -12.62 38.19 -48.48
C GLY F 113 -11.35 37.40 -48.74
N PHE F 114 -11.47 36.23 -49.37
CA PHE F 114 -10.30 35.41 -49.75
C PHE F 114 -9.53 36.14 -50.86
N LYS F 115 -8.22 35.90 -50.94
CA LYS F 115 -7.28 36.64 -51.81
C LYS F 115 -6.90 35.82 -53.06
N PHE F 116 -7.11 34.52 -53.02
CA PHE F 116 -6.83 33.58 -54.13
C PHE F 116 -7.78 32.41 -54.03
N PRO F 117 -8.06 31.68 -55.14
CA PRO F 117 -8.87 30.48 -55.06
C PRO F 117 -8.24 29.44 -54.12
N HIS F 118 -9.06 28.71 -53.37
CA HIS F 118 -8.65 27.63 -52.42
C HIS F 118 -8.27 26.38 -53.23
N SER F 119 -8.87 26.17 -54.40
CA SER F 119 -8.81 24.91 -55.20
C SER F 119 -9.24 25.17 -56.65
N ARG F 120 -8.98 24.22 -57.55
CA ARG F 120 -9.47 24.29 -58.95
C ARG F 120 -11.00 24.36 -58.96
N GLU F 121 -11.65 23.63 -58.06
CA GLU F 121 -13.14 23.58 -57.96
C GLU F 121 -13.63 24.97 -57.54
N HIS F 122 -12.95 25.57 -56.56
CA HIS F 122 -13.30 26.93 -56.09
C HIS F 122 -13.13 27.91 -57.26
N GLN F 123 -12.06 27.79 -58.05
CA GLN F 123 -11.84 28.69 -59.20
C GLN F 123 -13.06 28.64 -60.12
N LYS F 124 -13.63 27.45 -60.34
CA LYS F 124 -14.80 27.28 -61.24
C LYS F 124 -16.04 27.91 -60.60
N GLU F 125 -16.20 27.86 -59.28
CA GLU F 125 -17.32 28.56 -58.58
C GLU F 125 -17.16 30.07 -58.78
N VAL F 126 -15.92 30.58 -58.75
CA VAL F 126 -15.64 32.03 -58.94
C VAL F 126 -15.97 32.39 -60.39
N GLU F 127 -15.62 31.54 -61.37
CA GLU F 127 -15.94 31.77 -62.81
C GLU F 127 -17.44 31.95 -62.96
N ASP F 128 -18.22 31.09 -62.30
CA ASP F 128 -19.70 31.04 -62.37
C ASP F 128 -20.26 32.32 -61.72
N TYR F 129 -19.71 32.70 -60.57
CA TYR F 129 -20.10 33.95 -59.87
C TYR F 129 -19.91 35.13 -60.82
N ILE F 130 -18.73 35.25 -61.45
CA ILE F 130 -18.42 36.42 -62.32
C ILE F 130 -19.40 36.42 -63.50
N LYS F 131 -19.59 35.26 -64.15
CA LYS F 131 -20.51 35.15 -65.31
C LYS F 131 -21.89 35.74 -64.93
N ASN F 132 -22.44 35.30 -63.81
CA ASN F 132 -23.81 35.62 -63.36
C ASN F 132 -23.90 37.11 -62.99
N VAL F 133 -22.98 37.56 -62.15
CA VAL F 133 -23.06 38.92 -61.57
C VAL F 133 -22.76 39.95 -62.67
N VAL F 134 -21.69 39.77 -63.43
CA VAL F 134 -21.29 40.78 -64.45
C VAL F 134 -22.36 40.81 -65.56
N SER F 135 -22.86 39.65 -66.02
CA SER F 135 -23.88 39.61 -67.11
C SER F 135 -25.12 40.39 -66.68
N HIS F 136 -25.52 40.28 -65.41
CA HIS F 136 -26.74 40.94 -64.89
C HIS F 136 -26.45 42.42 -64.66
N PHE F 137 -25.49 42.78 -63.82
CA PHE F 137 -25.39 44.17 -63.29
C PHE F 137 -24.73 45.10 -64.33
N SER F 138 -24.05 44.57 -65.34
CA SER F 138 -23.48 45.36 -66.46
C SER F 138 -24.60 46.12 -67.21
N GLN F 139 -25.85 45.69 -67.06
CA GLN F 139 -27.02 46.26 -67.78
C GLN F 139 -27.56 47.50 -67.06
N TYR F 140 -27.11 47.80 -65.83
CA TYR F 140 -27.53 49.04 -65.12
C TYR F 140 -26.75 50.23 -65.66
N LYS F 141 -27.45 51.30 -66.00
CA LYS F 141 -26.83 52.49 -66.62
C LYS F 141 -26.03 53.27 -65.57
N ASN F 142 -26.21 53.02 -64.27
CA ASN F 142 -25.48 53.77 -63.21
C ASN F 142 -24.30 52.95 -62.65
N LEU F 143 -23.91 51.84 -63.29
CA LEU F 143 -22.67 51.11 -62.94
C LEU F 143 -21.46 51.90 -63.46
N ALA F 144 -20.51 52.24 -62.58
CA ALA F 144 -19.35 53.09 -62.95
C ALA F 144 -18.11 52.21 -63.08
N ALA F 145 -18.01 51.13 -62.32
CA ALA F 145 -16.76 50.36 -62.24
C ALA F 145 -16.99 49.02 -61.58
N TRP F 146 -16.20 48.03 -62.03
CA TRP F 146 -16.03 46.71 -61.39
C TRP F 146 -14.77 46.78 -60.53
N VAL F 147 -14.89 46.46 -59.25
CA VAL F 147 -13.68 46.26 -58.39
C VAL F 147 -13.39 44.76 -58.42
N LEU F 148 -12.28 44.39 -59.04
CA LEU F 148 -11.97 42.98 -59.44
C LEU F 148 -11.92 42.07 -58.20
N ILE F 149 -11.40 42.61 -57.09
CA ILE F 149 -11.30 41.90 -55.80
C ILE F 149 -11.15 42.95 -54.72
N ASN F 150 -11.74 42.74 -53.55
CA ASN F 150 -11.51 43.64 -52.39
C ASN F 150 -10.11 43.37 -51.84
N GLU F 151 -9.25 44.40 -51.81
CA GLU F 151 -7.98 44.38 -51.03
C GLU F 151 -7.13 43.16 -51.38
N PRO F 152 -6.59 43.09 -52.62
CA PRO F 152 -5.66 42.04 -52.99
C PRO F 152 -4.47 42.08 -52.04
N GLY F 153 -3.93 40.91 -51.75
CA GLY F 153 -2.76 40.78 -50.86
C GLY F 153 -3.15 40.54 -49.43
N THR F 154 -2.29 39.82 -48.72
CA THR F 154 -2.45 39.55 -47.27
C THR F 154 -1.07 39.27 -46.70
N PRO F 155 -0.81 39.57 -45.42
CA PRO F 155 0.43 39.13 -44.77
C PRO F 155 0.49 37.60 -44.59
N ASN F 156 -0.64 36.91 -44.64
CA ASN F 156 -0.78 35.45 -44.33
C ASN F 156 -1.19 34.70 -45.60
N LEU F 157 -0.27 34.50 -46.53
CA LEU F 157 -0.58 33.95 -47.87
C LEU F 157 -0.87 32.46 -47.72
N PRO F 158 -1.87 31.91 -48.44
CA PRO F 158 -2.33 30.54 -48.20
C PRO F 158 -1.48 29.47 -48.90
N PHE F 159 -0.20 29.36 -48.54
CA PHE F 159 0.75 28.34 -49.07
C PHE F 159 0.33 26.93 -48.65
N ASN F 160 -0.55 26.79 -47.64
CA ASN F 160 -1.08 25.47 -47.17
C ASN F 160 -2.09 24.89 -48.18
N GLU F 161 -2.78 25.73 -48.95
CA GLU F 161 -3.94 25.32 -49.80
C GLU F 161 -3.48 24.73 -51.12
N PRO F 162 -4.22 23.75 -51.68
CA PRO F 162 -3.77 23.04 -52.89
C PRO F 162 -3.58 23.92 -54.13
N PHE F 163 -4.44 24.91 -54.36
CA PHE F 163 -4.35 25.79 -55.55
C PHE F 163 -3.03 26.56 -55.53
N THR F 164 -2.72 27.20 -54.41
CA THR F 164 -1.47 28.00 -54.23
C THR F 164 -0.26 27.08 -54.26
N LYS F 165 -0.29 25.96 -53.54
CA LYS F 165 0.83 24.97 -53.49
C LYS F 165 1.21 24.55 -54.93
N GLU F 166 0.22 24.19 -55.74
CA GLU F 166 0.43 23.71 -57.14
C GLU F 166 1.00 24.86 -57.97
N ARG F 167 0.42 26.05 -57.87
CA ARG F 167 0.90 27.24 -58.63
C ARG F 167 2.37 27.51 -58.29
N PHE F 168 2.78 27.38 -57.03
CA PHE F 168 4.17 27.66 -56.58
C PHE F 168 5.09 26.56 -57.12
N SER F 169 4.68 25.30 -57.07
CA SER F 169 5.45 24.16 -57.64
C SER F 169 5.71 24.39 -59.13
N ASP F 170 4.68 24.71 -59.91
CA ASP F 170 4.76 24.98 -61.37
C ASP F 170 5.70 26.16 -61.63
N TRP F 171 5.57 27.23 -60.85
CA TRP F 171 6.40 28.45 -61.04
C TRP F 171 7.89 28.08 -60.86
N LYS F 172 8.21 27.31 -59.83
CA LYS F 172 9.60 26.87 -59.50
C LYS F 172 10.16 26.01 -60.64
N LYS F 173 9.35 25.12 -61.21
CA LYS F 173 9.76 24.26 -62.35
C LYS F 173 10.04 25.10 -63.60
N GLU F 174 9.37 26.24 -63.79
CA GLU F 174 9.57 27.11 -64.98
C GLU F 174 10.75 28.07 -64.73
N HIS F 175 11.30 28.16 -63.52
CA HIS F 175 12.44 29.09 -63.18
C HIS F 175 13.67 28.26 -62.83
N ASN F 176 14.86 28.68 -63.27
CA ASN F 176 16.11 27.92 -63.07
C ASN F 176 17.06 28.81 -62.26
N PHE F 177 17.12 28.58 -60.95
CA PHE F 177 17.99 29.35 -60.01
C PHE F 177 19.25 28.55 -59.67
N SER F 178 20.39 29.22 -59.55
CA SER F 178 21.67 28.65 -59.05
C SER F 178 21.91 29.06 -57.60
N GLU F 179 22.56 28.20 -56.81
CA GLU F 179 22.87 28.52 -55.38
C GLU F 179 24.15 29.37 -55.31
N TYR F 180 24.80 29.71 -56.43
CA TYR F 180 26.03 30.57 -56.48
C TYR F 180 25.87 31.63 -57.56
N ASN F 181 26.48 32.80 -57.36
CA ASN F 181 26.46 33.92 -58.33
C ASN F 181 27.64 33.76 -59.29
N GLU F 182 27.78 34.67 -60.24
CA GLU F 182 28.80 34.60 -61.33
C GLU F 182 30.20 34.48 -60.72
N LYS F 183 30.52 35.25 -59.68
CA LYS F 183 31.86 35.24 -59.04
C LYS F 183 32.07 33.95 -58.23
N GLY F 184 31.00 33.25 -57.85
CA GLY F 184 31.06 31.94 -57.17
C GLY F 184 30.55 31.97 -55.73
N TYR F 185 30.15 33.14 -55.22
CA TYR F 185 29.62 33.30 -53.84
C TYR F 185 28.25 32.67 -53.70
N PRO F 186 27.92 32.12 -52.50
CA PRO F 186 26.56 31.69 -52.20
C PRO F 186 25.57 32.84 -52.35
N VAL F 187 24.34 32.53 -52.73
CA VAL F 187 23.23 33.52 -52.91
C VAL F 187 21.94 32.98 -52.31
N LEU F 188 21.02 33.88 -51.97
CA LEU F 188 19.58 33.60 -51.78
C LEU F 188 18.85 34.05 -53.05
N ASN F 189 17.79 33.35 -53.47
CA ASN F 189 17.07 33.65 -54.75
C ASN F 189 15.65 34.19 -54.52
N PHE F 190 15.15 34.16 -53.30
CA PHE F 190 13.82 34.75 -52.96
C PHE F 190 12.74 34.20 -53.89
N GLU F 191 12.71 32.89 -54.08
CA GLU F 191 11.72 32.22 -54.95
C GLU F 191 10.29 32.55 -54.48
N LYS F 192 10.02 32.41 -53.19
CA LYS F 192 8.68 32.65 -52.59
C LYS F 192 8.24 34.09 -52.93
N GLU F 193 9.11 35.08 -52.70
CA GLU F 193 8.74 36.51 -52.88
C GLU F 193 8.47 36.80 -54.35
N ASN F 194 9.32 36.29 -55.25
CA ASN F 194 9.17 36.50 -56.72
C ASN F 194 7.92 35.76 -57.23
N PHE F 195 7.61 34.58 -56.72
CA PHE F 195 6.35 33.86 -57.04
C PHE F 195 5.15 34.72 -56.64
N ILE F 196 5.17 35.27 -55.42
CA ILE F 196 3.99 36.02 -54.88
C ILE F 196 3.68 37.22 -55.78
N ILE F 197 4.69 37.93 -56.28
CA ILE F 197 4.51 39.04 -57.25
C ILE F 197 3.76 38.50 -58.47
N ASP F 198 4.29 37.44 -59.07
CA ASP F 198 3.73 36.84 -60.32
C ASP F 198 2.32 36.30 -60.05
N TYR F 199 2.09 35.78 -58.84
CA TYR F 199 0.81 35.15 -58.46
C TYR F 199 -0.30 36.21 -58.35
N HIS F 200 -0.01 37.35 -57.70
CA HIS F 200 -0.95 38.50 -57.67
C HIS F 200 -1.23 38.99 -59.09
N ASN F 201 -0.19 39.17 -59.90
CA ASN F 201 -0.31 39.63 -61.31
C ASN F 201 -1.25 38.68 -62.04
N TRP F 202 -1.02 37.38 -61.89
CA TRP F 202 -1.80 36.33 -62.61
C TRP F 202 -3.27 36.41 -62.19
N TYR F 203 -3.59 36.40 -60.90
CA TYR F 203 -4.99 36.30 -60.42
C TYR F 203 -5.76 37.57 -60.78
N LEU F 204 -5.18 38.75 -60.58
CA LEU F 204 -5.86 40.02 -60.92
C LEU F 204 -6.11 40.06 -62.45
N ASN F 205 -5.14 39.64 -63.26
CA ASN F 205 -5.24 39.67 -64.74
C ASN F 205 -6.32 38.66 -65.17
N TRP F 206 -6.39 37.52 -64.51
CA TRP F 206 -7.42 36.46 -64.74
C TRP F 206 -8.81 37.02 -64.40
N LEU F 207 -8.94 37.74 -63.29
CA LEU F 207 -10.24 38.36 -62.90
C LEU F 207 -10.65 39.39 -63.97
N ALA F 208 -9.72 40.22 -64.44
CA ALA F 208 -9.96 41.22 -65.50
C ALA F 208 -10.49 40.50 -66.77
N ASN F 209 -9.80 39.43 -67.18
CA ASN F 209 -10.15 38.63 -68.39
C ASN F 209 -11.55 38.03 -68.20
N GLN F 210 -11.89 37.55 -67.00
CA GLN F 210 -13.22 36.97 -66.72
C GLN F 210 -14.33 38.03 -66.87
N VAL F 211 -14.15 39.21 -66.27
CA VAL F 211 -15.14 40.31 -66.42
C VAL F 211 -15.29 40.65 -67.91
N ARG F 212 -14.18 40.69 -68.65
CA ARG F 212 -14.14 41.19 -70.06
C ARG F 212 -14.85 40.17 -70.98
N LEU F 213 -15.00 38.91 -70.56
CA LEU F 213 -15.84 37.93 -71.30
C LEU F 213 -17.28 38.42 -71.39
N TYR F 214 -17.76 39.22 -70.42
CA TYR F 214 -19.20 39.58 -70.30
C TYR F 214 -19.44 41.08 -70.36
N ASP F 215 -18.41 41.91 -70.16
CA ASP F 215 -18.59 43.38 -70.12
C ASP F 215 -17.29 44.03 -70.57
N LYS F 216 -17.29 44.69 -71.74
CA LYS F 216 -16.10 45.41 -72.28
C LYS F 216 -16.32 46.91 -72.11
N GLN F 217 -17.38 47.34 -71.43
CA GLN F 217 -17.80 48.76 -71.41
C GLN F 217 -17.28 49.44 -70.14
N HIS F 218 -17.29 48.78 -68.99
CA HIS F 218 -17.08 49.46 -67.69
C HIS F 218 -15.62 49.40 -67.25
N ASP F 219 -15.18 50.44 -66.55
CA ASP F 219 -13.84 50.53 -65.92
C ASP F 219 -13.60 49.33 -64.99
N LEU F 220 -12.37 48.82 -65.01
CA LEU F 220 -11.84 47.85 -64.03
C LEU F 220 -10.96 48.57 -63.01
N HIS F 221 -11.17 48.27 -61.75
CA HIS F 221 -10.53 48.93 -60.58
C HIS F 221 -10.07 47.87 -59.57
N VAL F 222 -9.06 48.19 -58.75
CA VAL F 222 -8.67 47.34 -57.59
C VAL F 222 -8.06 48.24 -56.51
N ASN F 223 -8.18 47.83 -55.23
CA ASN F 223 -7.75 48.64 -54.04
C ASN F 223 -6.67 47.91 -53.25
N PRO F 224 -5.37 48.04 -53.61
CA PRO F 224 -4.29 47.58 -52.74
C PRO F 224 -4.36 48.32 -51.38
N HIS F 225 -3.85 47.69 -50.32
CA HIS F 225 -4.16 48.10 -48.93
C HIS F 225 -2.92 47.91 -48.06
N ASN F 226 -2.87 48.58 -46.91
CA ASN F 226 -1.77 48.39 -45.94
C ASN F 226 -0.44 48.48 -46.70
N VAL F 227 -0.33 49.48 -47.55
CA VAL F 227 0.76 49.56 -48.55
C VAL F 227 2.12 49.71 -47.88
N PHE F 228 2.24 50.29 -46.69
CA PHE F 228 3.55 50.44 -46.04
C PHE F 228 4.10 49.06 -45.59
N LYS F 229 3.26 48.03 -45.53
CA LYS F 229 3.68 46.65 -45.19
C LYS F 229 3.57 45.73 -46.41
N LEU F 230 2.62 45.94 -47.31
CA LEU F 230 2.31 44.93 -48.38
C LEU F 230 2.82 45.38 -49.75
N SER F 231 3.55 46.49 -49.85
CA SER F 231 4.08 47.00 -51.14
C SER F 231 4.96 45.94 -51.83
N GLY F 232 5.60 45.06 -51.05
CA GLY F 232 6.46 43.98 -51.57
C GLY F 232 5.68 42.86 -52.25
N LEU F 233 4.34 42.90 -52.21
CA LEU F 233 3.41 41.97 -52.91
C LEU F 233 2.97 42.56 -54.26
N TYR F 234 3.19 43.86 -54.48
CA TYR F 234 2.45 44.62 -55.53
C TYR F 234 3.37 45.09 -56.67
N ASP F 235 3.09 44.60 -57.88
CA ASP F 235 3.78 45.03 -59.13
C ASP F 235 2.84 45.97 -59.91
N PHE F 236 2.75 47.23 -59.52
CA PHE F 236 1.75 48.18 -60.08
C PHE F 236 1.97 48.36 -61.59
N PRO F 237 3.22 48.47 -62.10
CA PRO F 237 3.41 48.64 -63.55
C PRO F 237 2.76 47.52 -64.37
N THR F 238 2.84 46.27 -63.92
CA THR F 238 2.12 45.15 -64.61
C THR F 238 0.59 45.35 -64.51
N TRP F 239 0.09 45.83 -63.37
CA TRP F 239 -1.39 45.93 -63.16
C TRP F 239 -1.98 46.95 -64.14
N ARG F 240 -1.21 47.98 -64.50
CA ARG F 240 -1.62 49.03 -65.46
C ARG F 240 -2.11 48.41 -66.77
N THR F 241 -1.54 47.26 -67.16
CA THR F 241 -1.87 46.57 -68.44
C THR F 241 -3.35 46.12 -68.46
N PHE F 242 -4.01 45.90 -67.32
CA PHE F 242 -5.41 45.36 -67.36
C PHE F 242 -6.38 46.24 -66.55
N LEU F 243 -5.92 47.30 -65.88
CA LEU F 243 -6.84 48.20 -65.12
C LEU F 243 -7.17 49.43 -65.95
N ASN F 244 -8.29 50.08 -65.62
CA ASN F 244 -8.61 51.44 -66.12
C ASN F 244 -8.28 52.47 -65.02
N SER F 245 -8.28 52.06 -63.76
CA SER F 245 -7.90 52.95 -62.62
C SER F 245 -7.30 52.11 -61.48
N LEU F 246 -6.40 52.71 -60.71
CA LEU F 246 -5.82 52.12 -59.50
C LEU F 246 -6.50 52.78 -58.30
N GLY F 247 -6.84 51.98 -57.31
CA GLY F 247 -7.44 52.46 -56.05
C GLY F 247 -6.50 52.19 -54.89
N GLY F 248 -7.06 52.15 -53.70
CA GLY F 248 -6.32 52.00 -52.44
C GLY F 248 -7.29 52.06 -51.28
N SER F 249 -7.02 51.26 -50.25
CA SER F 249 -7.60 51.43 -48.90
C SER F 249 -6.51 52.10 -48.06
N ALA F 250 -6.86 53.22 -47.45
CA ALA F 250 -5.98 53.96 -46.52
C ALA F 250 -6.79 54.25 -45.27
N HIS F 251 -6.85 53.28 -44.36
CA HIS F 251 -7.63 53.34 -43.10
C HIS F 251 -6.73 53.73 -41.94
N ALA F 252 -7.06 54.81 -41.26
CA ALA F 252 -6.27 55.32 -40.12
C ALA F 252 -6.12 54.23 -39.05
N SER F 253 -7.13 53.38 -38.86
CA SER F 253 -7.12 52.37 -37.75
C SER F 253 -6.36 51.08 -38.13
N TRP F 254 -6.06 50.83 -39.41
CA TRP F 254 -5.36 49.59 -39.86
C TRP F 254 -3.96 49.88 -40.41
N HIS F 255 -3.76 50.97 -41.13
CA HIS F 255 -2.64 51.10 -42.11
C HIS F 255 -1.57 52.09 -41.68
N PHE F 256 -1.80 52.86 -40.63
CA PHE F 256 -0.92 54.01 -40.28
C PHE F 256 -0.15 53.76 -38.97
N GLY F 257 0.04 52.50 -38.62
CA GLY F 257 0.74 52.07 -37.38
C GLY F 257 2.14 52.63 -37.26
N TYR F 258 2.80 53.01 -38.36
CA TYR F 258 4.18 53.57 -38.32
C TYR F 258 4.16 55.02 -37.85
N PHE F 259 3.00 55.62 -37.67
CA PHE F 259 2.84 57.07 -37.36
C PHE F 259 1.99 57.26 -36.11
N PRO F 260 2.22 58.35 -35.36
CA PRO F 260 1.23 58.82 -34.40
C PRO F 260 0.07 59.51 -35.15
N ARG F 261 -1.08 59.63 -34.50
CA ARG F 261 -2.30 60.24 -35.04
C ARG F 261 -2.04 61.65 -35.60
N LYS F 262 -1.24 62.47 -34.94
CA LYS F 262 -0.99 63.87 -35.37
C LYS F 262 -0.21 63.89 -36.71
N ALA F 263 0.37 62.77 -37.15
CA ALA F 263 1.07 62.67 -38.44
C ALA F 263 0.30 61.79 -39.45
N TYR F 264 -0.98 61.53 -39.23
CA TYR F 264 -1.82 60.81 -40.22
C TYR F 264 -1.98 61.66 -41.50
N THR F 265 -1.73 62.97 -41.44
CA THR F 265 -1.63 63.85 -42.62
C THR F 265 -0.49 63.36 -43.51
N VAL F 266 0.67 63.12 -42.92
CA VAL F 266 1.89 62.66 -43.62
C VAL F 266 1.61 61.24 -44.13
N ALA F 267 1.01 60.37 -43.30
CA ALA F 267 0.70 58.99 -43.69
C ALA F 267 -0.19 59.00 -44.94
N MET F 268 -1.26 59.78 -44.92
CA MET F 268 -2.22 59.83 -46.05
C MET F 268 -1.52 60.40 -47.30
N SER F 269 -0.68 61.41 -47.14
CA SER F 269 0.06 62.00 -48.27
C SER F 269 1.01 60.96 -48.89
N ALA F 270 1.74 60.22 -48.06
CA ALA F 270 2.67 59.18 -48.54
C ALA F 270 1.85 58.07 -49.22
N ASN F 271 0.73 57.67 -48.63
CA ASN F 271 -0.11 56.57 -49.19
C ASN F 271 -0.62 57.03 -50.57
N ALA F 272 -1.06 58.27 -50.67
CA ALA F 272 -1.54 58.87 -51.95
C ALA F 272 -0.39 58.90 -52.97
N GLU F 273 0.80 59.34 -52.57
CA GLU F 273 1.97 59.42 -53.47
C GLU F 273 2.33 58.02 -53.96
N LEU F 274 2.29 57.03 -53.06
CA LEU F 274 2.65 55.63 -53.41
C LEU F 274 1.68 55.11 -54.47
N ILE F 275 0.37 55.33 -54.30
CA ILE F 275 -0.67 54.87 -55.26
C ILE F 275 -0.53 55.68 -56.56
N ARG F 276 -0.35 56.98 -56.45
CA ARG F 276 -0.18 57.84 -57.64
C ARG F 276 0.97 57.31 -58.50
N SER F 277 2.09 56.96 -57.90
CA SER F 277 3.28 56.39 -58.61
C SER F 277 2.89 55.06 -59.25
N GLY F 278 2.23 54.17 -58.51
CA GLY F 278 1.77 52.87 -59.05
C GLY F 278 0.89 53.06 -60.27
N ALA F 279 0.01 54.06 -60.23
CA ALA F 279 -1.00 54.29 -61.29
C ALA F 279 -0.30 54.67 -62.61
N GLY F 280 0.80 55.41 -62.56
CA GLY F 280 1.50 55.89 -63.77
C GLY F 280 0.54 56.67 -64.67
N GLU F 281 0.26 56.19 -65.88
CA GLU F 281 -0.62 56.93 -66.84
C GLU F 281 -2.10 56.73 -66.51
N LEU F 282 -2.46 55.76 -65.68
CA LEU F 282 -3.88 55.53 -65.26
C LEU F 282 -4.27 56.58 -64.22
N PRO F 283 -5.55 57.00 -64.19
CA PRO F 283 -6.07 57.75 -63.06
C PRO F 283 -6.13 56.86 -61.81
N TRP F 284 -6.09 57.48 -60.63
CA TRP F 284 -6.23 56.77 -59.33
C TRP F 284 -7.29 57.46 -58.47
N LEU F 285 -7.83 56.74 -57.50
CA LEU F 285 -8.69 57.33 -56.45
C LEU F 285 -8.56 56.46 -55.20
N MET F 286 -8.93 57.00 -54.04
CA MET F 286 -8.90 56.26 -52.76
C MET F 286 -10.26 55.58 -52.57
N THR F 287 -10.28 54.28 -52.84
CA THR F 287 -11.47 53.38 -52.77
C THR F 287 -12.00 53.26 -51.35
N GLU F 288 -11.15 53.35 -50.32
CA GLU F 288 -11.57 53.24 -48.90
C GLU F 288 -10.79 54.22 -48.01
N LEU F 289 -11.54 55.10 -47.35
CA LEU F 289 -11.11 55.98 -46.24
C LEU F 289 -11.98 55.65 -45.02
N GLN F 290 -11.46 55.85 -43.81
CA GLN F 290 -12.22 55.48 -42.58
C GLN F 290 -13.31 56.53 -42.37
N GLY F 291 -14.57 56.10 -42.32
CA GLY F 291 -15.74 57.00 -42.24
C GLY F 291 -16.29 57.15 -40.83
N GLY F 292 -15.79 56.37 -39.86
CA GLY F 292 -16.45 56.29 -38.55
C GLY F 292 -15.67 55.53 -37.50
N ASN F 293 -16.40 55.17 -36.46
CA ASN F 293 -15.90 54.76 -35.14
C ASN F 293 -15.47 53.29 -35.14
N ASN F 294 -14.35 53.03 -34.46
CA ASN F 294 -13.92 51.69 -34.01
C ASN F 294 -14.49 51.43 -32.61
N LEU F 295 -15.33 50.42 -32.45
CA LEU F 295 -15.78 49.96 -31.13
C LEU F 295 -14.82 48.84 -30.71
N TYR F 296 -14.93 47.64 -31.29
CA TYR F 296 -14.04 46.50 -31.05
C TYR F 296 -13.02 46.31 -32.18
N SER F 297 -13.22 46.87 -33.37
CA SER F 297 -12.37 46.61 -34.58
C SER F 297 -11.18 47.56 -34.63
N GLY F 298 -10.25 47.30 -35.55
CA GLY F 298 -9.10 48.18 -35.82
C GLY F 298 -7.90 47.83 -34.96
N ALA F 299 -6.70 48.12 -35.42
CA ALA F 299 -5.42 47.93 -34.69
C ALA F 299 -5.13 49.18 -33.86
N ASN F 300 -5.36 50.37 -34.42
CA ASN F 300 -5.08 51.68 -33.78
C ASN F 300 -6.39 52.44 -33.77
N PRO F 301 -7.36 52.06 -32.92
CA PRO F 301 -8.73 52.50 -33.08
C PRO F 301 -8.92 54.01 -32.85
N LEU F 302 -9.83 54.59 -33.63
CA LEU F 302 -10.22 56.01 -33.50
C LEU F 302 -11.66 56.20 -34.00
N CYS F 303 -12.19 57.38 -33.77
CA CYS F 303 -13.32 57.95 -34.52
C CYS F 303 -12.78 59.22 -35.18
N PRO F 304 -12.60 59.22 -36.52
CA PRO F 304 -12.05 60.40 -37.20
C PRO F 304 -12.83 61.67 -36.80
N THR F 305 -12.10 62.76 -36.57
CA THR F 305 -12.73 64.08 -36.36
C THR F 305 -13.23 64.61 -37.71
N ALA F 306 -14.21 65.51 -37.68
CA ALA F 306 -14.63 66.29 -38.86
C ALA F 306 -13.38 66.89 -39.53
N GLU F 307 -12.42 67.39 -38.75
CA GLU F 307 -11.19 68.06 -39.28
C GLU F 307 -10.36 67.05 -40.07
N GLU F 308 -10.25 65.81 -39.59
CA GLU F 308 -9.45 64.72 -40.22
C GLU F 308 -10.09 64.34 -41.56
N ILE F 309 -11.42 64.27 -41.62
CA ILE F 309 -12.18 63.96 -42.87
C ILE F 309 -11.78 64.98 -43.97
N ILE F 310 -11.75 66.25 -43.63
CA ILE F 310 -11.41 67.34 -44.57
C ILE F 310 -9.95 67.25 -44.98
N GLN F 311 -9.06 66.99 -44.02
CA GLN F 311 -7.59 66.84 -44.26
C GLN F 311 -7.38 65.72 -45.28
N TRP F 312 -8.02 64.58 -45.07
CA TRP F 312 -7.79 63.38 -45.91
C TRP F 312 -8.30 63.60 -47.34
N LEU F 313 -9.50 64.17 -47.49
CA LEU F 313 -10.05 64.41 -48.85
C LEU F 313 -9.14 65.38 -49.61
N TRP F 314 -8.70 66.47 -48.98
CA TRP F 314 -7.86 67.47 -49.69
C TRP F 314 -6.48 66.88 -50.01
N ILE F 315 -5.88 66.11 -49.09
CA ILE F 315 -4.54 65.51 -49.35
C ILE F 315 -4.64 64.64 -50.61
N ASN F 316 -5.70 63.83 -50.69
CA ASN F 316 -5.85 62.88 -51.83
C ASN F 316 -6.08 63.67 -53.13
N PHE F 317 -7.00 64.65 -53.13
CA PHE F 317 -7.31 65.45 -54.36
C PHE F 317 -6.05 66.21 -54.81
N ALA F 318 -5.27 66.74 -53.86
CA ALA F 318 -4.03 67.48 -54.15
C ALA F 318 -2.97 66.57 -54.75
N THR F 319 -3.14 65.25 -54.60
CA THR F 319 -2.21 64.19 -55.07
C THR F 319 -2.85 63.49 -56.27
N GLU F 320 -3.80 64.16 -56.94
CA GLU F 320 -4.41 63.78 -58.25
C GLU F 320 -5.51 62.72 -58.10
N ALA F 321 -5.98 62.42 -56.89
CA ALA F 321 -7.07 61.43 -56.72
C ALA F 321 -8.30 61.91 -57.49
N LYS F 322 -8.99 60.99 -58.16
CA LYS F 322 -10.26 61.27 -58.87
C LYS F 322 -11.46 60.94 -57.97
N GLY F 323 -11.21 60.56 -56.73
CA GLY F 323 -12.30 60.23 -55.80
C GLY F 323 -11.77 59.89 -54.42
N GLY F 324 -12.64 60.04 -53.43
CA GLY F 324 -12.48 59.51 -52.07
C GLY F 324 -13.77 58.84 -51.65
N ILE F 325 -13.72 57.53 -51.43
CA ILE F 325 -14.90 56.73 -50.97
C ILE F 325 -14.67 56.30 -49.52
N PHE F 326 -15.63 56.60 -48.65
CA PHE F 326 -15.55 56.26 -47.21
C PHE F 326 -16.16 54.89 -46.96
N TRP F 327 -15.41 54.05 -46.24
CA TRP F 327 -15.96 52.87 -45.54
C TRP F 327 -16.35 53.34 -44.15
N SER F 328 -17.66 53.49 -43.86
CA SER F 328 -18.80 53.16 -44.69
C SER F 328 -19.89 54.22 -44.46
N PHE F 329 -20.86 54.33 -45.37
CA PHE F 329 -22.01 55.24 -45.15
C PHE F 329 -22.81 54.75 -43.93
N ASN F 330 -23.29 53.50 -44.03
CA ASN F 330 -24.08 52.81 -43.00
C ASN F 330 -23.28 51.62 -42.45
N ALA F 331 -23.68 51.05 -41.32
CA ALA F 331 -22.88 50.01 -40.60
C ALA F 331 -23.45 48.61 -40.93
N ARG F 332 -22.58 47.59 -40.85
CA ARG F 332 -22.97 46.18 -40.68
C ARG F 332 -23.80 46.07 -39.39
N SER F 333 -24.66 45.08 -39.27
CA SER F 333 -25.59 44.94 -38.13
C SER F 333 -25.19 43.79 -37.18
N THR F 334 -24.38 42.83 -37.60
CA THR F 334 -24.18 41.57 -36.83
C THR F 334 -22.70 41.26 -36.71
N ALA F 335 -22.26 40.92 -35.49
CA ALA F 335 -20.91 40.39 -35.20
C ALA F 335 -19.86 41.42 -35.62
N ALA F 336 -18.80 41.02 -36.32
CA ALA F 336 -17.64 41.89 -36.64
C ALA F 336 -18.11 43.22 -37.25
N GLU F 337 -17.78 44.31 -36.58
CA GLU F 337 -17.94 45.71 -37.03
C GLU F 337 -19.41 46.11 -37.01
N ALA F 338 -20.26 45.42 -36.23
CA ALA F 338 -21.69 45.79 -36.09
C ALA F 338 -21.77 47.20 -35.48
N GLY F 339 -22.39 48.15 -36.17
CA GLY F 339 -22.54 49.54 -35.71
C GLY F 339 -21.26 50.32 -35.71
N GLU F 340 -20.22 49.84 -36.39
CA GLU F 340 -18.90 50.50 -36.48
C GLU F 340 -18.70 51.09 -37.89
N TRP F 341 -17.80 52.06 -38.02
CA TRP F 341 -17.24 52.60 -39.29
C TRP F 341 -18.19 53.59 -40.00
N ALA F 342 -19.42 53.79 -39.52
CA ALA F 342 -20.48 54.50 -40.29
C ALA F 342 -20.33 56.02 -40.20
N MET F 343 -20.61 56.70 -41.31
CA MET F 343 -20.66 58.18 -41.40
C MET F 343 -22.00 58.70 -40.87
N ILE F 344 -23.05 57.89 -40.95
CA ILE F 344 -24.38 58.25 -40.37
C ILE F 344 -24.42 57.73 -38.94
N ASN F 345 -25.26 58.34 -38.10
CA ASN F 345 -25.46 57.95 -36.68
C ASN F 345 -26.54 56.87 -36.64
N PHE F 346 -26.90 56.38 -35.46
CA PHE F 346 -27.84 55.24 -35.33
C PHE F 346 -29.28 55.67 -35.66
N LYS F 347 -29.56 56.97 -35.79
CA LYS F 347 -30.85 57.49 -36.31
C LYS F 347 -30.80 57.71 -37.82
N ASN F 348 -29.72 57.28 -38.50
CA ASN F 348 -29.56 57.40 -39.97
C ASN F 348 -29.48 58.88 -40.38
N LYS F 349 -29.01 59.76 -39.49
CA LYS F 349 -28.78 61.19 -39.79
C LYS F 349 -27.28 61.46 -39.81
N SER F 350 -26.88 62.65 -40.29
CA SER F 350 -25.46 63.00 -40.55
C SER F 350 -24.68 63.12 -39.23
N SER F 351 -23.54 62.44 -39.12
CA SER F 351 -22.51 62.77 -38.11
C SER F 351 -21.75 64.03 -38.58
N ASP F 352 -20.92 64.59 -37.70
CA ASP F 352 -20.05 65.74 -38.04
C ASP F 352 -19.07 65.33 -39.17
N ARG F 353 -18.79 64.03 -39.34
CA ARG F 353 -17.92 63.50 -40.41
C ARG F 353 -18.63 63.61 -41.76
N LEU F 354 -19.91 63.26 -41.83
CA LEU F 354 -20.68 63.36 -43.10
C LEU F 354 -20.92 64.85 -43.44
N ILE F 355 -21.19 65.70 -42.46
CA ILE F 355 -21.34 67.18 -42.67
C ILE F 355 -20.03 67.72 -43.27
N ALA F 356 -18.88 67.30 -42.74
CA ALA F 356 -17.56 67.74 -43.24
C ALA F 356 -17.35 67.26 -44.68
N ALA F 357 -17.57 65.97 -44.95
CA ALA F 357 -17.38 65.42 -46.31
C ALA F 357 -18.29 66.18 -47.31
N ALA F 358 -19.52 66.52 -46.91
CA ALA F 358 -20.51 67.23 -47.74
C ALA F 358 -19.97 68.60 -48.18
N THR F 359 -19.19 69.28 -47.33
CA THR F 359 -18.60 70.60 -47.70
C THR F 359 -17.63 70.39 -48.86
N ILE F 360 -16.96 69.25 -48.95
CA ILE F 360 -15.95 68.99 -50.00
C ILE F 360 -16.69 68.67 -51.31
N GLY F 361 -17.74 67.85 -51.26
CA GLY F 361 -18.58 67.59 -52.45
C GLY F 361 -19.19 68.87 -53.00
N LYS F 362 -19.62 69.78 -52.12
CA LYS F 362 -20.18 71.11 -52.49
C LYS F 362 -19.08 71.96 -53.14
N PHE F 363 -17.89 72.00 -52.55
CA PHE F 363 -16.73 72.75 -53.11
C PHE F 363 -16.47 72.29 -54.55
N ILE F 364 -16.49 70.98 -54.79
CA ILE F 364 -16.19 70.42 -56.13
C ILE F 364 -17.22 70.96 -57.14
N THR F 365 -18.52 70.89 -56.81
CA THR F 365 -19.60 71.34 -57.72
C THR F 365 -19.45 72.82 -58.07
N GLU F 366 -18.95 73.65 -57.14
CA GLU F 366 -18.77 75.11 -57.32
C GLU F 366 -17.43 75.43 -57.99
N ASN F 367 -16.54 74.45 -58.18
CA ASN F 367 -15.17 74.70 -58.69
C ASN F 367 -14.77 73.60 -59.68
N VAL F 368 -15.68 73.22 -60.58
CA VAL F 368 -15.55 72.01 -61.43
C VAL F 368 -14.27 72.06 -62.27
N LYS F 369 -14.00 73.18 -62.95
CA LYS F 369 -12.87 73.28 -63.91
C LYS F 369 -11.55 73.08 -63.16
N MET F 370 -11.34 73.81 -62.06
CA MET F 370 -10.14 73.66 -61.20
C MET F 370 -10.03 72.20 -60.74
N MET F 371 -11.08 71.64 -60.14
CA MET F 371 -10.98 70.35 -59.41
C MET F 371 -10.83 69.19 -60.40
N SER F 372 -11.24 69.34 -61.67
CA SER F 372 -11.20 68.25 -62.68
C SER F 372 -9.79 68.11 -63.29
N ASN F 373 -8.91 69.08 -63.12
CA ASN F 373 -7.64 69.15 -63.89
C ASN F 373 -6.41 69.23 -62.96
N ILE F 374 -6.54 68.74 -61.73
CA ILE F 374 -5.42 68.80 -60.75
C ILE F 374 -4.25 67.93 -61.22
N LYS F 375 -3.07 68.53 -61.23
CA LYS F 375 -1.76 67.89 -61.47
C LYS F 375 -0.88 68.25 -60.28
N THR F 376 -0.28 67.28 -59.60
CA THR F 376 0.60 67.59 -58.45
C THR F 376 1.77 68.42 -58.99
N LEU F 377 2.21 69.43 -58.25
CA LEU F 377 3.43 70.19 -58.60
C LEU F 377 4.64 69.37 -58.13
N ASN F 378 5.25 68.60 -59.03
CA ASN F 378 6.44 67.77 -58.69
C ASN F 378 7.61 68.71 -58.38
N SER F 379 8.13 68.65 -57.15
CA SER F 379 9.34 69.39 -56.73
C SER F 379 10.54 68.95 -57.56
N GLY F 380 10.51 67.72 -58.10
CA GLY F 380 11.67 67.01 -58.65
C GLY F 380 12.40 66.13 -57.61
N ILE F 381 11.87 66.04 -56.38
CA ILE F 381 12.38 65.10 -55.33
C ILE F 381 11.56 63.81 -55.44
N SER F 382 12.25 62.69 -55.60
CA SER F 382 11.65 61.34 -55.56
C SER F 382 12.30 60.52 -54.44
N ILE F 383 11.48 60.06 -53.48
CA ILE F 383 11.91 59.08 -52.45
C ILE F 383 11.60 57.70 -53.02
N LEU F 384 12.61 56.85 -53.21
CA LEU F 384 12.45 55.53 -53.87
C LEU F 384 12.56 54.40 -52.83
N TYR F 385 11.72 53.39 -52.96
CA TYR F 385 11.76 52.14 -52.19
C TYR F 385 11.87 51.02 -53.22
N ASN F 386 12.37 49.85 -52.83
CA ASN F 386 12.27 48.68 -53.75
C ASN F 386 11.79 47.46 -53.00
N HIS F 387 11.13 46.55 -53.73
CA HIS F 387 10.67 45.26 -53.18
C HIS F 387 11.83 44.54 -52.51
N GLU F 388 13.00 44.54 -53.15
CA GLU F 388 14.13 43.67 -52.78
C GLU F 388 14.69 44.07 -51.41
N SER F 389 14.71 45.36 -51.09
CA SER F 389 15.13 45.83 -49.76
C SER F 389 14.19 45.24 -48.70
N MET F 390 12.89 45.25 -48.96
CA MET F 390 11.91 44.65 -48.01
C MET F 390 12.15 43.14 -47.88
N TRP F 391 12.41 42.45 -48.99
CA TRP F 391 12.61 40.98 -48.95
C TRP F 391 13.89 40.62 -48.19
N VAL F 392 14.98 41.32 -48.46
CA VAL F 392 16.28 41.05 -47.82
C VAL F 392 16.15 41.37 -46.33
N GLU F 393 15.49 42.49 -45.98
CA GLU F 393 15.26 42.84 -44.56
C GLU F 393 14.52 41.70 -43.86
N ALA F 394 13.50 41.12 -44.48
CA ALA F 394 12.69 40.03 -43.86
C ALA F 394 13.58 38.81 -43.62
N ALA F 395 14.56 38.53 -44.49
CA ALA F 395 15.50 37.41 -44.31
C ALA F 395 16.48 37.72 -43.18
N GLN F 396 16.98 38.94 -43.07
CA GLN F 396 18.05 39.31 -42.11
C GLN F 396 17.47 39.49 -40.70
N THR F 397 16.24 39.97 -40.55
CA THR F 397 15.67 40.28 -39.20
C THR F 397 14.90 39.06 -38.71
N ARG F 398 14.82 37.97 -39.49
CA ARG F 398 14.06 36.73 -39.17
C ARG F 398 12.72 37.07 -38.49
N GLY F 399 12.02 38.09 -39.02
CA GLY F 399 10.63 38.44 -38.63
C GLY F 399 10.50 39.14 -37.27
N LYS F 400 11.58 39.71 -36.73
CA LYS F 400 11.57 40.46 -35.43
C LYS F 400 10.74 41.76 -35.56
N LEU F 401 9.95 42.07 -34.52
CA LEU F 401 8.89 43.11 -34.55
C LEU F 401 9.16 44.12 -33.44
N ASN F 402 10.43 44.47 -33.24
CA ASN F 402 10.92 45.31 -32.11
C ASN F 402 10.87 46.79 -32.48
N GLY F 403 10.33 47.16 -33.66
CA GLY F 403 10.18 48.57 -34.14
C GLY F 403 11.42 49.14 -34.88
N ASN F 404 12.64 48.71 -34.52
CA ASN F 404 13.91 49.45 -34.80
C ASN F 404 14.51 49.02 -36.15
N GLY F 405 15.76 49.40 -36.41
CA GLY F 405 16.51 48.98 -37.62
C GLY F 405 16.60 47.47 -37.72
N ARG F 406 16.59 46.75 -36.59
CA ARG F 406 16.75 45.27 -36.56
C ARG F 406 15.39 44.58 -36.57
N SER F 407 14.37 45.23 -37.12
CA SER F 407 12.98 44.72 -37.18
C SER F 407 12.40 44.93 -38.57
N ILE F 408 11.36 44.17 -38.88
CA ILE F 408 10.55 44.34 -40.11
C ILE F 408 10.02 45.78 -40.10
N GLY F 409 10.17 46.49 -41.21
CA GLY F 409 9.53 47.82 -41.39
C GLY F 409 10.53 48.96 -41.49
N ALA F 410 11.79 48.77 -41.09
CA ALA F 410 12.81 49.86 -41.12
C ALA F 410 13.00 50.35 -42.55
N VAL F 411 12.93 49.47 -43.56
CA VAL F 411 13.20 49.87 -44.96
C VAL F 411 12.03 50.72 -45.49
N MET F 412 10.85 50.70 -44.86
CA MET F 412 9.75 51.62 -45.25
C MET F 412 9.68 52.80 -44.28
N CYS F 413 9.95 52.61 -42.99
CA CYS F 413 9.92 53.73 -41.99
C CYS F 413 11.01 54.77 -42.33
N SER F 414 12.17 54.33 -42.84
CA SER F 414 13.28 55.24 -43.20
C SER F 414 12.83 56.22 -44.29
N PRO F 415 12.40 55.76 -45.49
CA PRO F 415 11.92 56.70 -46.51
C PRO F 415 10.70 57.51 -46.09
N LEU F 416 9.81 56.96 -45.24
CA LEU F 416 8.63 57.71 -44.74
C LEU F 416 9.10 58.86 -43.82
N SER F 417 10.21 58.68 -43.12
CA SER F 417 10.78 59.71 -42.21
C SER F 417 11.35 60.86 -43.05
N TYR F 418 12.05 60.58 -44.15
CA TYR F 418 12.51 61.64 -45.08
C TYR F 418 11.29 62.39 -45.65
N PHE F 419 10.26 61.62 -45.99
CA PHE F 419 8.99 62.16 -46.53
C PHE F 419 8.39 63.14 -45.53
N GLU F 420 8.38 62.79 -44.25
CA GLU F 420 7.85 63.62 -43.15
C GLU F 420 8.71 64.88 -43.02
N ALA F 421 10.02 64.75 -43.09
CA ALA F 421 10.96 65.90 -42.94
C ALA F 421 10.68 66.90 -44.07
N LEU F 422 10.46 66.42 -45.30
CA LEU F 422 10.15 67.27 -46.47
C LEU F 422 8.75 67.89 -46.32
N SER F 423 7.75 67.15 -45.83
CA SER F 423 6.38 67.67 -45.60
C SER F 423 6.44 68.86 -44.61
N GLU F 424 7.24 68.75 -43.57
CA GLU F 424 7.40 69.79 -42.51
C GLU F 424 8.27 70.95 -43.03
N THR F 425 8.83 70.83 -44.24
CA THR F 425 9.54 71.91 -44.98
C THR F 425 8.60 72.48 -46.05
N GLY F 426 7.41 71.92 -46.20
CA GLY F 426 6.40 72.34 -47.18
C GLY F 426 6.74 71.94 -48.60
N LEU F 427 7.59 70.93 -48.78
CA LEU F 427 8.02 70.44 -50.11
C LEU F 427 7.28 69.13 -50.46
N GLN F 428 6.71 69.09 -51.65
CA GLN F 428 6.20 67.86 -52.29
C GLN F 428 7.39 66.92 -52.52
N ALA F 429 7.14 65.62 -52.39
CA ALA F 429 8.09 64.58 -52.78
C ALA F 429 7.29 63.40 -53.32
N ASN F 430 7.78 62.81 -54.40
CA ASN F 430 7.25 61.54 -54.93
C ASN F 430 7.66 60.42 -53.97
N PHE F 431 6.87 59.36 -53.92
CA PHE F 431 7.16 58.14 -53.14
C PHE F 431 6.89 56.98 -54.09
N LYS F 432 7.93 56.34 -54.60
CA LYS F 432 7.86 55.48 -55.81
C LYS F 432 8.65 54.19 -55.60
N GLU F 433 8.14 53.08 -56.12
CA GLU F 433 8.96 51.87 -56.31
C GLU F 433 10.01 52.21 -57.38
N ILE F 434 11.22 51.70 -57.22
CA ILE F 434 12.36 52.07 -58.11
C ILE F 434 12.00 51.78 -59.58
N LYS F 435 11.22 50.73 -59.88
CA LYS F 435 10.84 50.39 -61.27
C LYS F 435 9.83 51.40 -61.83
N GLU F 436 9.23 52.26 -60.98
CA GLU F 436 8.23 53.26 -61.43
C GLU F 436 8.95 54.57 -61.79
N PHE F 437 10.25 54.70 -61.48
CA PHE F 437 11.03 55.91 -61.82
C PHE F 437 11.52 55.78 -63.27
N ASP F 438 11.37 56.83 -64.06
CA ASP F 438 11.83 56.88 -65.47
C ASP F 438 13.33 57.20 -65.50
N PHE F 439 14.18 56.18 -65.74
CA PHE F 439 15.66 56.33 -65.81
C PHE F 439 16.15 56.52 -67.26
N SER F 440 15.27 56.83 -68.21
CA SER F 440 15.57 56.79 -69.67
C SER F 440 15.86 58.20 -70.23
N LEU F 441 15.80 59.26 -69.42
CA LEU F 441 15.95 60.66 -69.89
C LEU F 441 17.43 60.98 -70.15
N ASN F 442 17.68 62.08 -70.85
CA ASN F 442 19.02 62.55 -71.24
C ASN F 442 19.52 63.59 -70.25
N ASP F 443 18.62 64.19 -69.46
CA ASP F 443 18.97 65.30 -68.54
C ASP F 443 18.19 65.13 -67.22
N TYR F 444 18.87 65.20 -66.06
CA TYR F 444 18.26 65.09 -64.71
C TYR F 444 18.68 66.25 -63.84
N THR F 445 19.15 67.34 -64.47
CA THR F 445 19.46 68.63 -63.80
C THR F 445 18.28 68.97 -62.89
N ASP F 446 18.57 69.35 -61.65
CA ASP F 446 17.54 69.81 -60.68
C ASP F 446 16.50 68.70 -60.35
N GLN F 447 16.77 67.42 -60.68
CA GLN F 447 16.04 66.26 -60.09
C GLN F 447 16.84 65.71 -58.90
N VAL F 448 16.14 65.15 -57.90
CA VAL F 448 16.77 64.55 -56.68
C VAL F 448 16.14 63.19 -56.41
N ILE F 449 16.97 62.18 -56.20
CA ILE F 449 16.55 60.84 -55.68
C ILE F 449 17.10 60.71 -54.25
N ILE F 450 16.24 60.27 -53.35
CA ILE F 450 16.58 59.93 -51.95
C ILE F 450 16.42 58.42 -51.82
N LEU F 451 17.52 57.74 -51.49
CA LEU F 451 17.55 56.28 -51.17
C LEU F 451 17.89 56.15 -49.69
N SER F 452 16.87 55.98 -48.86
CA SER F 452 17.00 55.94 -47.39
C SER F 452 16.85 54.50 -46.90
N HIS F 453 17.97 53.90 -46.51
CA HIS F 453 18.01 52.54 -45.93
C HIS F 453 17.42 51.55 -46.93
N GLN F 454 17.70 51.73 -48.22
CA GLN F 454 17.29 50.74 -49.27
C GLN F 454 18.42 49.73 -49.37
N ILE F 455 18.39 48.74 -48.48
CA ILE F 455 19.56 47.88 -48.14
C ILE F 455 19.95 46.97 -49.31
N ALA F 456 19.07 46.77 -50.29
CA ALA F 456 19.33 45.88 -51.44
C ALA F 456 19.27 46.66 -52.77
N LEU F 457 20.40 46.72 -53.48
CA LEU F 457 20.51 47.33 -54.84
C LEU F 457 21.33 46.39 -55.72
N ASP F 458 20.89 46.13 -56.96
CA ASP F 458 21.64 45.26 -57.90
C ASP F 458 22.45 46.12 -58.89
N ASN F 459 23.31 45.46 -59.67
CA ASN F 459 24.22 46.13 -60.64
C ASN F 459 23.39 46.94 -61.65
N LYS F 460 22.26 46.42 -62.12
CA LYS F 460 21.40 47.11 -63.12
C LYS F 460 20.91 48.44 -62.54
N VAL F 461 20.40 48.47 -61.32
CA VAL F 461 19.87 49.71 -60.69
C VAL F 461 21.04 50.67 -60.42
N ILE F 462 22.21 50.16 -60.01
CA ILE F 462 23.39 51.03 -59.76
C ILE F 462 23.79 51.72 -61.09
N LYS F 463 23.74 51.03 -62.22
CA LYS F 463 24.03 51.64 -63.56
C LYS F 463 23.00 52.73 -63.86
N GLN F 464 21.72 52.52 -63.53
CA GLN F 464 20.67 53.54 -63.72
C GLN F 464 20.96 54.76 -62.83
N LEU F 465 21.39 54.56 -61.58
CA LEU F 465 21.72 55.68 -60.65
C LEU F 465 22.96 56.43 -61.17
N GLU F 466 23.99 55.73 -61.65
CA GLU F 466 25.22 56.33 -62.25
C GLU F 466 24.80 57.24 -63.41
N SER F 467 23.95 56.74 -64.31
CA SER F 467 23.42 57.51 -65.47
C SER F 467 22.65 58.74 -64.97
N PHE F 468 21.78 58.56 -63.97
CA PHE F 468 20.96 59.65 -63.38
C PHE F 468 21.88 60.75 -62.86
N VAL F 469 22.91 60.40 -62.08
CA VAL F 469 23.79 61.41 -61.45
C VAL F 469 24.67 62.06 -62.54
N GLU F 470 25.23 61.26 -63.43
CA GLU F 470 26.14 61.69 -64.53
C GLU F 470 25.44 62.79 -65.33
N LYS F 471 24.13 62.63 -65.56
CA LYS F 471 23.30 63.55 -66.36
C LYS F 471 22.71 64.66 -65.48
N GLY F 472 23.23 64.91 -64.26
CA GLY F 472 22.92 66.12 -63.48
C GLY F 472 22.05 65.86 -62.25
N GLY F 473 21.61 64.62 -62.03
CA GLY F 473 20.85 64.22 -60.83
C GLY F 473 21.64 64.39 -59.54
N THR F 474 20.92 64.69 -58.45
CA THR F 474 21.44 64.69 -57.06
C THR F 474 20.92 63.42 -56.38
N LEU F 475 21.82 62.63 -55.81
CA LEU F 475 21.48 61.38 -55.08
C LEU F 475 21.84 61.55 -53.61
N ILE F 476 20.85 61.38 -52.72
CA ILE F 476 21.04 61.39 -51.26
C ILE F 476 20.81 59.95 -50.77
N ALA F 477 21.81 59.37 -50.11
CA ALA F 477 21.78 57.96 -49.63
C ALA F 477 22.17 57.95 -48.16
N ASP F 478 21.29 57.43 -47.29
CA ASP F 478 21.59 57.27 -45.84
C ASP F 478 21.30 55.83 -45.43
N GLY F 479 21.67 55.49 -44.19
CA GLY F 479 21.46 54.14 -43.62
C GLY F 479 22.25 53.11 -44.40
N LEU F 480 21.77 51.86 -44.43
CA LEU F 480 22.52 50.73 -45.03
C LEU F 480 22.20 50.61 -46.53
N THR F 481 21.84 51.71 -47.20
CA THR F 481 21.57 51.70 -48.66
C THR F 481 22.72 50.98 -49.40
N GLY F 482 22.37 49.95 -50.19
CA GLY F 482 23.33 49.24 -51.06
C GLY F 482 24.26 48.28 -50.31
N TYR F 483 23.96 47.93 -49.07
CA TYR F 483 24.80 47.01 -48.27
C TYR F 483 24.78 45.62 -48.92
N TYR F 484 23.62 45.24 -49.44
CA TYR F 484 23.37 43.94 -50.11
C TYR F 484 22.97 44.19 -51.56
N ASP F 485 23.08 43.12 -52.35
CA ASP F 485 22.47 43.03 -53.69
C ASP F 485 21.14 42.27 -53.58
N TYR F 486 20.52 41.96 -54.71
CA TYR F 486 19.17 41.33 -54.77
C TYR F 486 19.22 39.87 -54.33
N GLN F 487 20.40 39.29 -54.17
CA GLN F 487 20.56 37.89 -53.69
C GLN F 487 21.07 37.86 -52.22
N ALA F 488 20.98 38.99 -51.50
CA ALA F 488 21.42 39.13 -50.09
C ALA F 488 22.93 38.89 -49.97
N HIS F 489 23.66 39.06 -51.05
CA HIS F 489 25.14 39.05 -51.07
C HIS F 489 25.63 40.47 -50.81
N SER F 490 26.48 40.66 -49.81
CA SER F 490 27.02 42.01 -49.49
C SER F 490 28.26 42.30 -50.34
N THR F 491 28.14 43.23 -51.29
CA THR F 491 29.32 43.70 -52.07
C THR F 491 30.18 44.57 -51.14
N VAL F 492 29.65 45.06 -50.02
CA VAL F 492 30.50 45.77 -49.01
C VAL F 492 31.63 44.84 -48.58
N VAL F 493 31.37 43.54 -48.53
CA VAL F 493 32.37 42.51 -48.12
C VAL F 493 33.20 42.08 -49.35
N SER F 494 32.55 41.77 -50.48
CA SER F 494 33.24 41.15 -51.64
C SER F 494 33.89 42.18 -52.57
N GLY F 495 33.52 43.48 -52.51
CA GLY F 495 33.97 44.51 -53.49
C GLY F 495 32.83 45.45 -53.86
N PHE F 496 32.80 46.64 -53.26
CA PHE F 496 31.59 47.49 -53.12
C PHE F 496 31.12 48.00 -54.48
N ALA F 497 29.90 47.67 -54.87
CA ALA F 497 29.35 47.96 -56.21
C ALA F 497 29.09 49.46 -56.38
N LEU F 498 28.93 50.21 -55.30
CA LEU F 498 28.66 51.68 -55.34
C LEU F 498 29.94 52.49 -55.15
N GLU F 499 31.13 51.87 -55.13
CA GLU F 499 32.41 52.62 -54.92
C GLU F 499 32.55 53.72 -55.98
N ASN F 500 32.33 53.37 -57.25
CA ASN F 500 32.46 54.29 -58.41
C ASN F 500 31.55 55.52 -58.19
N LEU F 501 30.26 55.29 -57.93
CA LEU F 501 29.27 56.40 -57.79
C LEU F 501 29.55 57.22 -56.53
N PHE F 502 29.87 56.58 -55.40
CA PHE F 502 30.02 57.27 -54.09
C PHE F 502 31.43 57.88 -53.96
N GLY F 503 32.38 57.43 -54.80
CA GLY F 503 33.79 57.87 -54.75
C GLY F 503 34.38 57.62 -53.38
N SER F 504 33.98 56.52 -52.75
CA SER F 504 34.30 56.18 -51.34
C SER F 504 33.93 54.73 -51.06
N TYR F 505 34.30 54.22 -49.89
CA TYR F 505 34.24 52.80 -49.50
C TYR F 505 33.85 52.76 -48.03
N PRO F 506 32.91 51.88 -47.63
CA PRO F 506 32.59 51.70 -46.22
C PRO F 506 33.82 51.11 -45.51
N ILE F 507 34.04 51.49 -44.26
CA ILE F 507 35.11 50.95 -43.37
C ILE F 507 34.47 50.04 -42.31
N GLU F 508 33.55 50.57 -41.51
CA GLU F 508 32.89 49.82 -40.41
C GLU F 508 31.47 50.33 -40.19
N TYR F 509 30.60 49.46 -39.73
CA TYR F 509 29.41 49.79 -38.91
C TYR F 509 29.72 49.36 -37.47
N LYS F 510 29.41 50.24 -36.52
CA LYS F 510 29.44 49.91 -35.09
C LYS F 510 28.05 50.18 -34.53
N ILE F 511 27.43 49.14 -33.97
CA ILE F 511 26.12 49.30 -33.28
C ILE F 511 26.33 50.23 -32.07
N LYS F 512 25.36 51.11 -31.87
CA LYS F 512 25.27 52.07 -30.73
C LYS F 512 23.90 51.87 -30.07
N GLU F 513 23.40 52.87 -29.35
CA GLU F 513 22.03 52.85 -28.77
C GLU F 513 21.01 53.18 -29.88
N ASN F 514 19.73 53.03 -29.54
CA ASN F 514 18.59 53.34 -30.46
C ASN F 514 18.70 54.79 -30.94
N LEU F 515 19.17 55.69 -30.08
CA LEU F 515 19.35 57.13 -30.46
C LEU F 515 20.74 57.58 -30.03
N PHE F 516 21.53 58.06 -30.98
CA PHE F 516 22.84 58.70 -30.72
C PHE F 516 22.92 59.94 -31.63
N SER F 517 23.96 60.73 -31.46
CA SER F 517 24.17 62.01 -32.19
C SER F 517 25.38 61.89 -33.11
N LEU F 518 25.25 62.27 -34.38
CA LEU F 518 26.41 62.51 -35.30
C LEU F 518 26.74 63.99 -35.24
N ASP F 519 27.86 64.37 -34.62
CA ASP F 519 28.24 65.80 -34.44
C ASP F 519 29.31 66.14 -35.47
N PHE F 520 28.95 66.89 -36.52
CA PHE F 520 29.89 67.22 -37.62
C PHE F 520 30.98 68.17 -37.09
N GLU F 521 32.20 68.06 -37.62
CA GLU F 521 33.17 69.20 -37.63
C GLU F 521 32.61 70.32 -38.52
N TYR F 525 26.21 70.82 -37.87
CA TYR F 525 25.06 69.88 -37.75
C TYR F 525 25.31 68.94 -36.56
N LYS F 526 24.24 68.65 -35.83
CA LYS F 526 24.14 67.54 -34.85
C LYS F 526 22.91 66.74 -35.24
N LEU F 527 23.13 65.67 -36.02
CA LEU F 527 22.07 64.84 -36.61
C LEU F 527 21.77 63.69 -35.66
N PRO F 528 20.50 63.55 -35.21
CA PRO F 528 20.09 62.32 -34.56
C PRO F 528 20.31 61.15 -35.52
N ALA F 529 20.83 60.05 -35.01
CA ALA F 529 21.03 58.80 -35.79
C ALA F 529 20.55 57.60 -34.96
N HIS F 530 20.19 56.52 -35.65
CA HIS F 530 19.58 55.32 -35.05
C HIS F 530 20.50 54.12 -35.24
N LEU F 531 20.92 53.52 -34.12
CA LEU F 531 21.37 52.12 -34.00
C LEU F 531 22.80 51.91 -34.51
N TRP F 532 23.14 52.30 -35.73
CA TRP F 532 24.46 51.97 -36.33
C TRP F 532 25.18 53.24 -36.76
N LYS F 533 26.46 53.36 -36.44
CA LYS F 533 27.33 54.44 -36.95
C LYS F 533 28.21 53.87 -38.06
N GLY F 534 28.06 54.39 -39.28
CA GLY F 534 28.89 54.03 -40.43
C GLY F 534 30.09 54.96 -40.52
N THR F 535 31.27 54.40 -40.79
CA THR F 535 32.48 55.17 -41.13
C THR F 535 32.95 54.74 -42.51
N ILE F 536 33.58 55.66 -43.24
CA ILE F 536 33.96 55.45 -44.65
C ILE F 536 35.38 55.97 -44.86
N GLU F 537 35.93 55.62 -46.02
CA GLU F 537 37.20 56.18 -46.55
C GLU F 537 36.90 56.74 -47.94
N THR F 538 37.22 58.00 -48.18
CA THR F 538 37.00 58.69 -49.47
C THR F 538 38.19 58.44 -50.39
N SER F 539 37.93 58.28 -51.69
CA SER F 539 38.90 58.33 -52.81
C SER F 539 38.67 59.66 -53.53
N LYS F 540 37.69 59.70 -54.43
CA LYS F 540 37.35 60.89 -55.25
C LYS F 540 36.41 61.83 -54.49
N ALA F 541 35.64 61.34 -53.50
CA ALA F 541 34.65 62.17 -52.77
C ALA F 541 35.36 63.07 -51.76
N THR F 542 34.71 64.15 -51.37
CA THR F 542 35.16 65.07 -50.29
C THR F 542 34.66 64.52 -48.96
N PRO F 543 35.56 64.21 -48.00
CA PRO F 543 35.14 63.67 -46.71
C PRO F 543 34.48 64.72 -45.81
N ILE F 544 33.52 64.28 -44.99
CA ILE F 544 32.90 65.08 -43.90
C ILE F 544 33.22 64.35 -42.60
N MET F 545 33.92 65.02 -41.69
CA MET F 545 34.43 64.40 -40.45
C MET F 545 33.49 64.76 -39.30
N ASP F 546 33.45 63.92 -38.27
CA ASP F 546 32.71 64.23 -37.02
C ASP F 546 33.73 64.71 -35.99
N LYS F 547 33.27 65.12 -34.81
CA LYS F 547 34.14 65.72 -33.76
C LYS F 547 35.10 64.65 -33.21
N GLU F 548 34.81 63.36 -33.38
CA GLU F 548 35.70 62.26 -32.92
C GLU F 548 36.79 61.99 -33.96
N GLY F 549 36.81 62.73 -35.07
CA GLY F 549 37.82 62.59 -36.13
C GLY F 549 37.57 61.40 -37.04
N GLU F 550 36.34 60.88 -37.07
CA GLU F 550 35.95 59.77 -38.00
C GLU F 550 35.25 60.34 -39.23
N CYS F 551 35.41 59.72 -40.38
CA CYS F 551 34.74 60.13 -41.63
C CYS F 551 33.36 59.48 -41.69
N ILE F 552 32.29 60.28 -41.58
CA ILE F 552 30.91 59.77 -41.39
C ILE F 552 30.05 60.08 -42.61
N ALA F 553 30.56 60.82 -43.60
CA ALA F 553 29.77 61.18 -44.80
C ALA F 553 30.71 61.73 -45.86
N CYS F 554 30.19 61.87 -47.09
CA CYS F 554 30.96 62.47 -48.19
C CYS F 554 30.02 63.02 -49.26
N ILE F 555 30.58 63.91 -50.08
CA ILE F 555 29.96 64.47 -51.31
C ILE F 555 30.86 64.12 -52.48
N ASN F 556 30.31 63.37 -53.44
CA ASN F 556 31.02 63.00 -54.68
C ASN F 556 30.43 63.82 -55.82
N GLN F 557 31.28 64.50 -56.58
CA GLN F 557 30.92 65.14 -57.86
C GLN F 557 31.10 64.07 -58.93
N TYR F 558 30.03 63.67 -59.60
CA TYR F 558 30.03 62.55 -60.58
C TYR F 558 29.37 63.05 -61.86
N GLY F 559 30.15 63.29 -62.91
CA GLY F 559 29.66 63.98 -64.12
C GLY F 559 29.05 65.32 -63.74
N LYS F 560 27.83 65.61 -64.18
CA LYS F 560 27.17 66.91 -63.91
C LYS F 560 26.44 66.88 -62.56
N GLY F 561 26.28 65.72 -61.93
CA GLY F 561 25.48 65.59 -60.70
C GLY F 561 26.32 65.43 -59.44
N LYS F 562 25.66 65.23 -58.30
CA LYS F 562 26.35 64.99 -57.02
C LYS F 562 25.67 63.89 -56.20
N VAL F 563 26.45 63.28 -55.33
CA VAL F 563 26.00 62.24 -54.37
C VAL F 563 26.35 62.75 -52.98
N PHE F 564 25.39 62.73 -52.07
CA PHE F 564 25.61 62.86 -50.62
C PHE F 564 25.35 61.48 -50.01
N TRP F 565 26.38 60.91 -49.36
CA TRP F 565 26.31 59.58 -48.70
C TRP F 565 26.62 59.76 -47.22
N ILE F 566 25.71 59.29 -46.37
CA ILE F 566 25.88 59.22 -44.91
C ILE F 566 25.37 57.86 -44.43
N PRO F 567 26.27 56.87 -44.27
CA PRO F 567 25.85 55.49 -44.01
C PRO F 567 25.32 55.17 -42.61
N SER F 568 25.07 56.16 -41.77
CA SER F 568 24.29 56.04 -40.52
C SER F 568 22.83 56.32 -40.84
N PRO F 569 21.86 55.65 -40.17
CA PRO F 569 20.44 55.92 -40.39
C PRO F 569 19.97 57.23 -39.73
N ILE F 570 20.00 58.32 -40.50
CA ILE F 570 19.66 59.65 -39.96
C ILE F 570 18.16 59.90 -40.11
N ALA F 571 17.47 59.31 -41.10
CA ALA F 571 16.00 59.38 -41.21
C ALA F 571 15.37 58.60 -40.04
N LEU F 572 15.89 57.41 -39.73
CA LEU F 572 15.39 56.64 -38.56
C LEU F 572 15.79 57.35 -37.26
N GLY F 573 16.89 58.09 -37.26
CA GLY F 573 17.35 58.92 -36.12
C GLY F 573 16.34 60.02 -35.84
N ALA F 574 15.90 60.70 -36.90
CA ALA F 574 14.82 61.71 -36.82
C ALA F 574 13.56 61.07 -36.25
N ARG F 575 13.17 59.91 -36.77
CA ARG F 575 11.97 59.17 -36.27
C ARG F 575 12.09 58.87 -34.77
N GLU F 576 13.21 58.29 -34.35
CA GLU F 576 13.43 57.86 -32.94
C GLU F 576 13.43 59.09 -32.01
N SER F 577 14.02 60.20 -32.45
CA SER F 577 14.12 61.44 -31.63
C SER F 577 12.81 62.23 -31.70
N LYS F 578 11.89 61.88 -32.61
CA LYS F 578 10.63 62.62 -32.87
C LYS F 578 10.93 64.07 -33.26
N ASP F 579 12.04 64.29 -33.97
CA ASP F 579 12.52 65.64 -34.36
C ASP F 579 13.12 65.57 -35.76
N PHE F 580 12.42 66.14 -36.75
CA PHE F 580 12.82 66.10 -38.18
C PHE F 580 13.54 67.40 -38.58
N SER F 581 13.76 68.34 -37.65
CA SER F 581 14.25 69.69 -37.99
C SER F 581 15.64 69.60 -38.64
N GLU F 582 16.58 68.86 -38.04
CA GLU F 582 17.98 68.81 -38.53
C GLU F 582 17.99 68.08 -39.89
N LEU F 583 17.22 67.00 -40.03
CA LEU F 583 17.15 66.27 -41.32
C LEU F 583 16.64 67.25 -42.40
N SER F 584 15.62 68.05 -42.08
CA SER F 584 15.03 69.09 -42.98
C SER F 584 16.14 70.07 -43.41
N LYS F 585 16.86 70.66 -42.45
CA LYS F 585 17.89 71.69 -42.73
C LYS F 585 19.00 71.08 -43.61
N LEU F 586 19.50 69.90 -43.26
CA LEU F 586 20.57 69.22 -44.05
C LEU F 586 20.04 68.97 -45.48
N THR F 587 18.83 68.43 -45.63
CA THR F 587 18.30 68.06 -46.97
C THR F 587 18.17 69.33 -47.83
N VAL F 588 17.63 70.41 -47.27
CA VAL F 588 17.46 71.71 -47.98
C VAL F 588 18.83 72.18 -48.48
N SER F 589 19.87 72.07 -47.66
CA SER F 589 21.25 72.50 -48.02
C SER F 589 21.78 71.71 -49.22
N LEU F 590 21.23 70.52 -49.51
CA LEU F 590 21.73 69.64 -50.60
C LEU F 590 20.90 69.79 -51.88
N LEU F 591 19.75 70.46 -51.81
CA LEU F 591 18.79 70.56 -52.95
C LEU F 591 19.35 71.53 -53.99
N PRO F 592 19.18 71.27 -55.30
CA PRO F 592 19.47 72.26 -56.34
C PRO F 592 18.68 73.56 -56.11
N ASN F 593 19.32 74.73 -56.34
CA ASN F 593 18.68 76.06 -56.12
C ASN F 593 17.35 76.15 -56.88
N LYS F 594 17.27 75.56 -58.07
CA LYS F 594 16.07 75.68 -58.92
C LYS F 594 14.85 75.15 -58.16
N ILE F 595 14.99 74.07 -57.40
CA ILE F 595 13.82 73.47 -56.69
C ILE F 595 13.31 74.50 -55.68
N LEU F 596 14.18 75.14 -54.91
CA LEU F 596 13.77 76.07 -53.85
C LEU F 596 13.26 77.38 -54.46
N ASN F 597 13.74 77.77 -55.64
CA ASN F 597 13.30 79.02 -56.31
C ASN F 597 11.91 78.83 -56.94
N ASP F 598 11.61 77.67 -57.54
CA ASP F 598 10.42 77.46 -58.39
C ASP F 598 9.23 76.87 -57.60
N ASN F 599 9.45 76.27 -56.43
CA ASN F 599 8.39 75.55 -55.67
C ASN F 599 8.07 76.31 -54.40
N PRO F 600 6.80 76.64 -54.11
CA PRO F 600 6.45 77.18 -52.82
C PRO F 600 6.85 76.15 -51.74
N HIS F 601 7.42 76.63 -50.65
CA HIS F 601 7.86 75.81 -49.49
C HIS F 601 7.90 76.76 -48.28
N PHE F 602 8.22 76.23 -47.10
CA PHE F 602 8.31 77.03 -45.87
C PHE F 602 9.70 77.67 -45.80
N ASP F 603 9.78 78.89 -45.25
CA ASP F 603 11.05 79.63 -45.10
C ASP F 603 11.96 78.87 -44.13
N LYS F 604 11.39 78.00 -43.29
CA LYS F 604 12.14 77.15 -42.34
C LYS F 604 11.26 75.93 -42.00
N HIS F 605 11.82 75.00 -41.23
CA HIS F 605 11.11 73.78 -40.75
C HIS F 605 9.99 74.18 -39.78
N TYR F 606 8.81 73.63 -39.95
CA TYR F 606 7.66 73.78 -39.02
C TYR F 606 7.21 72.39 -38.53
N LYS F 607 7.44 72.10 -37.26
CA LYS F 607 6.99 70.83 -36.62
C LYS F 607 5.47 70.72 -36.73
N ASP F 608 4.98 69.60 -37.26
CA ASP F 608 3.55 69.25 -37.26
C ASP F 608 2.76 70.19 -38.18
N VAL F 609 3.40 70.77 -39.20
CA VAL F 609 2.68 71.47 -40.30
C VAL F 609 3.06 70.80 -41.61
N MET F 610 2.13 70.72 -42.53
CA MET F 610 2.46 70.19 -43.88
C MET F 610 1.94 71.16 -44.96
N MET F 611 2.66 71.18 -46.06
CA MET F 611 2.20 71.82 -47.32
C MET F 611 2.62 70.94 -48.50
N LYS F 612 1.74 70.87 -49.47
CA LYS F 612 1.98 70.26 -50.80
C LYS F 612 1.31 71.18 -51.83
N SER F 613 1.95 71.40 -52.98
CA SER F 613 1.39 72.29 -54.02
C SER F 613 0.92 71.47 -55.22
N PHE F 614 -0.01 72.01 -55.98
CA PHE F 614 -0.58 71.38 -57.20
C PHE F 614 -0.94 72.47 -58.20
N LYS F 615 -1.23 72.09 -59.43
CA LYS F 615 -1.56 73.01 -60.54
C LYS F 615 -2.86 72.52 -61.16
N SER F 616 -3.64 73.44 -61.71
CA SER F 616 -4.83 73.13 -62.54
C SER F 616 -5.01 74.24 -63.59
N ASN F 617 -4.98 73.87 -64.86
CA ASN F 617 -5.19 74.78 -66.02
C ASN F 617 -4.31 76.03 -65.87
N GLY F 618 -3.02 75.83 -65.62
CA GLY F 618 -2.00 76.90 -65.57
C GLY F 618 -1.99 77.73 -64.30
N THR F 619 -2.88 77.48 -63.33
CA THR F 619 -2.86 78.15 -62.01
C THR F 619 -2.23 77.21 -60.97
N MET F 620 -1.41 77.74 -60.07
CA MET F 620 -0.74 77.00 -58.99
C MET F 620 -1.56 77.18 -57.70
N TYR F 621 -1.64 76.13 -56.89
CA TYR F 621 -2.33 76.11 -55.57
C TYR F 621 -1.41 75.45 -54.54
N SER F 622 -1.63 75.73 -53.26
CA SER F 622 -0.94 75.05 -52.14
C SER F 622 -1.99 74.53 -51.13
N LEU F 623 -1.75 73.34 -50.59
CA LEU F 623 -2.55 72.74 -49.49
C LEU F 623 -1.71 72.86 -48.21
N ILE F 624 -2.24 73.49 -47.18
CA ILE F 624 -1.54 73.64 -45.87
C ILE F 624 -2.45 73.06 -44.79
N ILE F 625 -1.85 72.27 -43.91
CA ILE F 625 -2.57 71.65 -42.75
C ILE F 625 -1.71 71.84 -41.53
N ASN F 626 -2.32 72.35 -40.46
CA ASN F 626 -1.64 72.56 -39.16
C ASN F 626 -2.10 71.44 -38.21
N LYS F 627 -1.16 70.59 -37.79
CA LYS F 627 -1.44 69.46 -36.85
C LYS F 627 -0.80 69.74 -35.49
N SER F 628 -0.24 70.94 -35.30
CA SER F 628 0.32 71.37 -34.00
C SER F 628 -0.84 71.77 -33.07
N ALA F 629 -0.54 71.92 -31.78
CA ALA F 629 -1.50 72.34 -30.74
C ALA F 629 -1.73 73.86 -30.79
N SER F 630 -0.95 74.61 -31.57
CA SER F 630 -0.95 76.10 -31.56
C SER F 630 -1.26 76.66 -32.95
N VAL F 631 -1.85 77.86 -32.98
CA VAL F 631 -1.95 78.71 -34.21
C VAL F 631 -0.51 78.93 -34.69
N GLN F 632 -0.29 78.85 -36.00
CA GLN F 632 1.06 78.97 -36.61
C GLN F 632 0.96 80.06 -37.66
N THR F 633 2.02 80.86 -37.80
CA THR F 633 2.21 81.78 -38.93
C THR F 633 3.31 81.17 -39.80
N VAL F 634 2.93 80.66 -40.96
CA VAL F 634 3.85 79.94 -41.90
C VAL F 634 4.23 80.92 -43.00
N ASP F 635 5.53 81.18 -43.16
CA ASP F 635 6.08 82.08 -44.21
C ASP F 635 6.36 81.20 -45.41
N ILE F 636 5.60 81.40 -46.48
CA ILE F 636 5.74 80.64 -47.74
C ILE F 636 6.64 81.45 -48.67
N VAL F 637 7.69 80.81 -49.19
CA VAL F 637 8.68 81.39 -50.14
C VAL F 637 8.78 80.45 -51.33
N GLY F 638 9.32 80.93 -52.44
CA GLY F 638 9.49 80.14 -53.68
C GLY F 638 8.26 80.25 -54.57
N GLY F 639 8.45 79.93 -55.84
CA GLY F 639 7.50 80.21 -56.93
C GLY F 639 7.22 81.69 -57.03
N LYS F 640 6.07 82.01 -57.59
CA LYS F 640 5.62 83.41 -57.86
C LYS F 640 4.13 83.49 -57.55
N GLY F 641 3.67 84.68 -57.17
CA GLY F 641 2.24 84.97 -57.01
C GLY F 641 1.93 85.42 -55.60
N LYS F 642 0.70 85.88 -55.39
CA LYS F 642 0.19 86.39 -54.10
C LYS F 642 -0.87 85.41 -53.59
N ALA F 643 -0.82 85.11 -52.30
CA ALA F 643 -1.72 84.12 -51.66
C ALA F 643 -3.14 84.66 -51.66
N PHE F 644 -4.08 83.91 -52.24
CA PHE F 644 -5.52 84.10 -52.04
C PHE F 644 -6.08 82.81 -51.41
N ILE F 645 -6.71 82.92 -50.24
CA ILE F 645 -7.34 81.75 -49.55
C ILE F 645 -8.64 81.36 -50.26
N LEU F 646 -8.62 80.22 -50.95
CA LEU F 646 -9.79 79.64 -51.69
C LEU F 646 -10.63 78.76 -50.76
N PHE F 647 -9.99 78.05 -49.82
CA PHE F 647 -10.66 77.13 -48.86
C PHE F 647 -9.96 77.26 -47.50
N ALA F 648 -10.74 77.36 -46.43
CA ALA F 648 -10.29 77.37 -45.03
C ALA F 648 -11.48 77.02 -44.15
N ASN F 649 -11.34 76.03 -43.26
CA ASN F 649 -12.48 75.58 -42.43
C ASN F 649 -12.42 76.22 -41.04
N LYS F 650 -11.46 77.08 -40.74
CA LYS F 650 -11.38 77.78 -39.42
C LYS F 650 -10.90 79.24 -39.58
N ASN F 651 -11.26 79.89 -40.67
CA ASN F 651 -11.04 81.37 -40.85
C ASN F 651 -9.55 81.72 -40.87
N ALA F 652 -8.70 80.91 -41.50
CA ALA F 652 -7.31 81.28 -41.80
C ALA F 652 -7.29 82.63 -42.53
N HIS F 653 -6.19 83.38 -42.39
CA HIS F 653 -5.96 84.67 -43.10
C HIS F 653 -4.49 84.74 -43.48
N SER F 654 -4.19 85.45 -44.58
CA SER F 654 -2.80 85.67 -45.05
C SER F 654 -2.51 87.16 -45.12
N THR F 655 -1.25 87.53 -44.84
CA THR F 655 -0.66 88.87 -45.10
C THR F 655 0.61 88.63 -45.91
N ALA F 656 0.60 88.96 -47.20
CA ALA F 656 1.76 88.83 -48.10
C ALA F 656 2.47 87.46 -47.93
N ASN F 657 1.78 86.35 -48.16
CA ASN F 657 2.39 85.00 -48.21
C ASN F 657 2.85 84.52 -46.83
N LYS F 658 2.42 85.17 -45.75
CA LYS F 658 2.48 84.63 -44.36
C LYS F 658 1.07 84.17 -44.01
N LEU F 659 0.87 82.85 -43.89
CA LEU F 659 -0.46 82.26 -43.60
C LEU F 659 -0.57 82.03 -42.09
N THR F 660 -1.65 82.56 -41.50
CA THR F 660 -2.03 82.28 -40.09
C THR F 660 -3.08 81.17 -40.12
N ILE F 661 -2.74 80.01 -39.57
CA ILE F 661 -3.57 78.77 -39.70
C ILE F 661 -3.74 78.14 -38.31
N SER F 662 -4.98 77.82 -37.96
CA SER F 662 -5.37 77.28 -36.63
C SER F 662 -5.10 75.78 -36.55
N PRO F 663 -5.01 75.24 -35.32
CA PRO F 663 -4.88 73.79 -35.12
C PRO F 663 -6.00 73.01 -35.84
N GLU F 664 -5.59 72.03 -36.64
CA GLU F 664 -6.47 71.04 -37.33
C GLU F 664 -7.13 71.68 -38.56
N GLU F 665 -6.80 72.93 -38.88
CA GLU F 665 -7.34 73.64 -40.07
C GLU F 665 -6.68 73.12 -41.35
N THR F 666 -7.46 73.00 -42.42
CA THR F 666 -7.01 72.73 -43.79
C THR F 666 -7.24 74.00 -44.62
N VAL F 667 -6.20 74.43 -45.33
CA VAL F 667 -6.24 75.66 -46.16
C VAL F 667 -5.81 75.32 -47.59
N ILE F 668 -6.56 75.81 -48.57
CA ILE F 668 -6.09 75.88 -49.98
C ILE F 668 -5.82 77.35 -50.34
N ILE F 669 -4.60 77.63 -50.75
CA ILE F 669 -4.19 78.94 -51.34
C ILE F 669 -4.20 78.81 -52.87
N LYS F 670 -4.81 79.77 -53.54
CA LYS F 670 -4.64 80.05 -55.00
C LYS F 670 -3.58 81.14 -55.14
N TRP F 671 -2.55 80.87 -55.94
CA TRP F 671 -1.45 81.83 -56.22
C TRP F 671 -1.85 82.71 -57.41
N LYS F 672 -2.08 83.99 -57.17
CA LYS F 672 -2.52 84.97 -58.20
C LYS F 672 -1.30 85.67 -58.82
#